data_6OEE
#
_entry.id   6OEE
#
_entity_poly.entity_id   1
_entity_poly.type   'polypeptide(L)'
_entity_poly.pdbx_seq_one_letter_code
;MKLRASVLIGATILCLILSACSNYAKKVVKQKNHVYTPVYNELIEKYSEIPLNDKLKDTPFMVQVKLPNYKDYLLDNKQV
VLTFKLVHHSKKITLIGDANKILQYKNYFQANGARSDIDFYLQPTLNQKGVVMIASNYNDNPNSKEKPQTFDVLQGSQPM
LGANTKNLHGYDVSGANNKQVINEVAREKAQLEKINQYYKTLLQDKEQEYTTRKNNQREILETLSNRAGYQMRQNVISSE
IFKNGNLNMQAKEEEVREKLQEERENEYLRNQIRSLLSGK
;
_entity_poly.pdbx_strand_id   A,B,C,D,E,F,G,H,I,J,K,L,M,N
#
# COMPACT_ATOMS: atom_id res chain seq x y z
N LYS A 26 12.59 15.15 58.47
CA LYS A 26 12.24 16.54 58.72
C LYS A 26 13.48 17.36 59.06
N LYS A 27 13.45 18.64 58.71
CA LYS A 27 14.53 19.56 59.02
C LYS A 27 13.99 20.73 59.82
N VAL A 28 14.72 21.08 60.89
CA VAL A 28 14.35 22.17 61.78
C VAL A 28 14.73 23.51 61.15
N VAL A 29 14.31 24.60 61.77
CA VAL A 29 14.66 25.93 61.30
C VAL A 29 15.43 26.73 62.36
N LYS A 30 16.09 26.02 63.29
CA LYS A 30 16.93 26.56 64.39
C LYS A 30 16.26 27.72 65.13
N GLN A 31 15.21 27.36 65.87
CA GLN A 31 14.17 28.27 66.36
C GLN A 31 14.63 29.47 67.19
N LYS A 32 15.11 29.26 68.41
CA LYS A 32 15.18 30.39 69.33
C LYS A 32 16.40 30.38 70.23
N ASN A 33 17.04 31.55 70.34
CA ASN A 33 18.08 31.83 71.33
C ASN A 33 17.51 32.45 72.61
N HIS A 34 16.30 33.01 72.54
CA HIS A 34 15.38 33.35 73.63
C HIS A 34 15.78 34.53 74.50
N VAL A 35 16.94 35.14 74.30
CA VAL A 35 17.36 36.30 75.09
C VAL A 35 17.43 37.50 74.15
N TYR A 36 16.99 38.66 74.63
CA TYR A 36 16.90 39.84 73.78
C TYR A 36 17.81 40.96 74.29
N THR A 37 18.04 41.93 73.43
CA THR A 37 18.98 43.01 73.70
C THR A 37 18.65 44.17 72.77
N PRO A 38 19.06 45.39 73.11
CA PRO A 38 19.15 46.43 72.10
C PRO A 38 20.24 46.08 71.09
N VAL A 39 20.05 46.56 69.87
CA VAL A 39 20.96 46.20 68.78
C VAL A 39 22.28 46.93 68.94
N TYR A 40 22.25 48.26 68.87
CA TYR A 40 23.39 49.15 69.07
C TYR A 40 24.55 48.82 68.14
N ASN A 41 24.30 49.02 66.84
CA ASN A 41 25.40 49.11 65.88
C ASN A 41 26.27 50.27 66.35
N GLU A 42 27.47 49.96 66.80
CA GLU A 42 28.18 50.75 67.79
C GLU A 42 28.62 52.12 67.27
N LEU A 43 28.41 53.16 68.07
CA LEU A 43 28.69 54.53 67.67
C LEU A 43 30.18 54.86 67.77
N ILE A 44 30.74 54.79 68.98
CA ILE A 44 32.10 55.23 69.21
C ILE A 44 33.07 54.20 68.65
N GLU A 45 33.98 54.65 67.80
CA GLU A 45 34.86 53.78 67.04
C GLU A 45 36.22 53.68 67.69
N LYS A 46 36.83 52.53 67.52
CA LYS A 46 38.16 52.25 68.05
C LYS A 46 39.09 51.89 66.91
N TYR A 47 40.37 52.16 67.09
CA TYR A 47 41.32 51.85 66.03
C TYR A 47 41.61 50.36 66.07
N SER A 48 41.64 49.74 64.90
CA SER A 48 41.61 48.29 64.80
C SER A 48 42.98 47.77 64.38
N GLU A 49 43.86 47.56 65.37
CA GLU A 49 45.19 47.04 65.07
C GLU A 49 45.11 45.60 64.61
N ILE A 50 46.06 45.20 63.77
CA ILE A 50 45.96 43.89 63.14
C ILE A 50 46.73 42.90 64.01
N PRO A 51 46.06 41.89 64.55
CA PRO A 51 46.70 40.97 65.49
C PRO A 51 47.30 39.74 64.83
N LEU A 52 48.02 39.95 63.73
CA LEU A 52 48.64 38.81 63.05
C LEU A 52 50.07 38.65 63.53
N ASN A 53 50.22 38.51 64.84
CA ASN A 53 51.53 38.43 65.47
C ASN A 53 51.64 37.05 66.12
N ASP A 54 52.04 36.09 65.30
CA ASP A 54 51.96 34.69 65.72
C ASP A 54 53.15 34.25 66.56
N LYS A 55 54.35 34.20 65.97
CA LYS A 55 55.50 33.72 66.72
C LYS A 55 56.70 34.62 66.55
N LEU A 56 56.81 35.29 65.40
CA LEU A 56 57.95 36.14 65.16
C LEU A 56 57.85 37.49 65.85
N LYS A 57 56.78 37.73 66.61
CA LYS A 57 56.78 38.85 67.54
C LYS A 57 57.68 38.59 68.74
N ASP A 58 58.20 37.37 68.89
CA ASP A 58 59.19 37.06 69.91
C ASP A 58 60.56 36.72 69.33
N THR A 59 60.64 36.29 68.08
CA THR A 59 61.93 35.98 67.50
C THR A 59 62.68 37.27 67.19
N PRO A 60 63.93 37.42 67.63
CA PRO A 60 64.62 38.70 67.48
C PRO A 60 65.23 38.88 66.11
N PHE A 61 65.18 40.11 65.62
CA PHE A 61 65.81 40.47 64.36
C PHE A 61 66.09 41.97 64.36
N MET A 62 67.03 42.37 63.52
CA MET A 62 67.34 43.78 63.28
C MET A 62 67.53 44.01 61.80
N VAL A 63 66.57 43.51 61.01
CA VAL A 63 66.75 43.40 59.57
C VAL A 63 66.65 44.77 58.92
N GLN A 64 67.45 44.98 57.88
CA GLN A 64 67.61 46.28 57.24
C GLN A 64 67.05 46.23 55.83
N VAL A 65 66.09 47.10 55.55
CA VAL A 65 65.41 47.16 54.26
C VAL A 65 65.71 48.49 53.61
N LYS A 66 66.20 48.47 52.39
CA LYS A 66 66.41 49.69 51.63
C LYS A 66 65.09 50.12 51.00
N LEU A 67 64.98 51.41 50.72
CA LEU A 67 63.76 51.98 50.16
C LEU A 67 64.13 52.98 49.09
N PRO A 68 63.92 52.64 47.82
CA PRO A 68 64.22 53.58 46.74
C PRO A 68 63.19 54.68 46.60
N ASN A 69 63.31 55.45 45.53
CA ASN A 69 62.73 56.80 45.45
C ASN A 69 61.85 56.96 44.21
N TYR A 70 60.87 56.08 44.05
CA TYR A 70 59.96 56.15 42.89
C TYR A 70 59.09 57.41 42.91
N LYS A 71 58.30 57.55 41.85
CA LYS A 71 57.35 58.67 41.75
C LYS A 71 56.07 58.29 42.47
N ASP A 72 55.87 58.87 43.65
CA ASP A 72 54.58 59.01 44.33
C ASP A 72 53.96 57.70 44.84
N TYR A 73 54.56 56.55 44.52
CA TYR A 73 54.01 55.27 44.97
C TYR A 73 54.73 54.69 46.18
N LEU A 74 56.01 55.03 46.37
CA LEU A 74 56.80 54.88 47.59
C LEU A 74 57.01 53.46 48.11
N LEU A 75 56.50 52.44 47.41
CA LEU A 75 56.82 51.05 47.72
C LEU A 75 56.68 50.25 46.43
N ASP A 76 56.62 48.94 46.57
CA ASP A 76 56.53 48.04 45.44
C ASP A 76 55.56 46.91 45.73
N ASN A 77 54.67 46.64 44.77
CA ASN A 77 53.86 45.43 44.89
C ASN A 77 54.72 44.20 44.66
N LYS A 78 55.89 44.37 44.04
CA LYS A 78 56.94 43.37 44.13
C LYS A 78 57.35 43.14 45.58
N GLN A 79 57.59 44.23 46.32
CA GLN A 79 58.09 44.14 47.68
C GLN A 79 57.24 45.01 48.60
N VAL A 80 56.09 44.48 49.01
CA VAL A 80 55.23 45.14 49.98
C VAL A 80 54.92 44.25 51.17
N VAL A 81 54.64 42.97 50.95
CA VAL A 81 54.29 42.09 52.06
C VAL A 81 55.51 41.76 52.89
N LEU A 82 56.67 41.61 52.23
CA LEU A 82 57.90 41.31 52.94
C LEU A 82 58.35 42.48 53.78
N THR A 83 58.11 43.69 53.32
CA THR A 83 58.49 44.86 54.09
C THR A 83 57.38 45.36 54.98
N PHE A 84 56.21 44.74 54.95
CA PHE A 84 55.23 45.06 55.97
C PHE A 84 55.18 44.04 57.09
N LYS A 85 55.60 42.80 56.83
CA LYS A 85 55.66 41.80 57.90
C LYS A 85 56.61 42.25 59.00
N LEU A 86 57.74 42.84 58.62
CA LEU A 86 58.72 43.29 59.61
C LEU A 86 58.21 44.47 60.41
N VAL A 87 57.51 45.41 59.77
CA VAL A 87 57.02 46.55 60.53
C VAL A 87 55.81 46.19 61.36
N HIS A 88 55.04 45.19 60.95
CA HIS A 88 53.94 44.76 61.80
C HIS A 88 54.47 44.02 63.01
N HIS A 89 55.44 43.14 62.82
CA HIS A 89 55.88 42.29 63.92
C HIS A 89 57.09 42.85 64.65
N SER A 90 57.56 44.04 64.30
CA SER A 90 58.74 44.53 64.96
C SER A 90 58.36 45.28 66.23
N LYS A 91 59.37 45.74 66.95
CA LYS A 91 59.15 46.51 68.16
C LYS A 91 59.83 47.85 68.17
N LYS A 92 60.95 48.03 67.47
CA LYS A 92 61.61 49.33 67.35
C LYS A 92 62.16 49.43 65.95
N ILE A 93 61.68 50.38 65.16
CA ILE A 93 62.26 50.56 63.84
C ILE A 93 62.87 51.95 63.76
N THR A 94 63.86 52.07 62.89
CA THR A 94 64.55 53.34 62.68
C THR A 94 64.63 53.64 61.20
N LEU A 95 64.78 54.92 60.91
CA LEU A 95 64.68 55.46 59.56
C LEU A 95 65.82 56.43 59.31
N ILE A 96 66.58 56.19 58.24
CA ILE A 96 67.73 57.00 57.87
C ILE A 96 67.48 57.52 56.47
N GLY A 97 67.53 58.84 56.31
CA GLY A 97 67.43 59.37 54.97
C GLY A 97 67.04 60.83 54.98
N ASP A 98 66.29 61.21 53.95
CA ASP A 98 65.83 62.58 53.81
C ASP A 98 64.77 62.88 54.87
N ALA A 99 64.61 64.16 55.18
CA ALA A 99 63.80 64.57 56.32
C ALA A 99 62.31 64.30 56.09
N ASN A 100 61.73 64.93 55.08
CA ASN A 100 60.32 64.71 54.81
C ASN A 100 60.03 63.31 54.31
N LYS A 101 61.03 62.65 53.72
CA LYS A 101 60.83 61.27 53.28
C LYS A 101 60.69 60.33 54.46
N ILE A 102 61.55 60.46 55.48
CA ILE A 102 61.36 59.60 56.65
C ILE A 102 60.13 60.03 57.43
N LEU A 103 59.75 61.30 57.34
CA LEU A 103 58.51 61.72 57.98
C LEU A 103 57.30 61.06 57.36
N GLN A 104 57.20 61.11 56.04
CA GLN A 104 56.06 60.48 55.39
C GLN A 104 56.14 58.97 55.42
N TYR A 105 57.33 58.38 55.61
CA TYR A 105 57.36 56.94 55.77
C TYR A 105 56.89 56.53 57.17
N LYS A 106 57.23 57.33 58.18
CA LYS A 106 56.65 57.08 59.50
C LYS A 106 55.14 57.25 59.48
N ASN A 107 54.66 58.28 58.78
CA ASN A 107 53.23 58.51 58.66
C ASN A 107 52.56 57.37 57.93
N TYR A 108 53.19 56.87 56.87
CA TYR A 108 52.60 55.81 56.06
C TYR A 108 52.55 54.51 56.82
N PHE A 109 53.62 54.18 57.54
CA PHE A 109 53.63 52.92 58.27
C PHE A 109 52.67 52.96 59.44
N GLN A 110 52.65 54.06 60.20
CA GLN A 110 51.74 54.16 61.33
C GLN A 110 50.29 54.25 60.88
N ALA A 111 50.04 54.82 59.70
CA ALA A 111 48.68 54.95 59.23
C ALA A 111 48.22 53.73 58.47
N ASN A 112 49.13 52.90 57.99
CA ASN A 112 48.72 51.72 57.25
C ASN A 112 48.71 50.47 58.13
N GLY A 113 49.82 50.15 58.76
CA GLY A 113 49.86 48.86 59.41
C GLY A 113 50.59 48.74 60.72
N ALA A 114 51.18 49.82 61.20
CA ALA A 114 51.97 49.70 62.42
C ALA A 114 51.05 49.73 63.63
N ARG A 115 51.66 49.80 64.80
CA ARG A 115 50.95 49.92 66.05
C ARG A 115 51.53 51.08 66.83
N SER A 116 50.98 51.31 68.02
CA SER A 116 51.20 52.54 68.75
C SER A 116 52.32 52.42 69.78
N ASP A 117 53.24 51.49 69.61
CA ASP A 117 54.33 51.35 70.57
C ASP A 117 55.63 50.98 69.88
N ILE A 118 55.81 51.42 68.65
CA ILE A 118 57.01 51.04 67.90
C ILE A 118 58.18 51.94 68.28
N ASP A 119 57.91 53.19 68.66
CA ASP A 119 58.92 54.19 68.98
C ASP A 119 59.89 54.38 67.80
N PHE A 120 59.33 54.92 66.73
CA PHE A 120 60.05 55.22 65.50
C PHE A 120 61.24 56.10 65.77
N TYR A 121 62.42 55.59 65.48
CA TYR A 121 63.66 56.32 65.70
C TYR A 121 64.08 56.94 64.38
N LEU A 122 64.07 58.26 64.29
CA LEU A 122 64.42 58.94 63.06
C LEU A 122 65.78 59.61 63.20
N GLN A 123 66.68 59.35 62.26
CA GLN A 123 67.95 60.06 62.21
C GLN A 123 68.11 60.52 60.77
N PRO A 124 67.88 61.80 60.49
CA PRO A 124 67.89 62.28 59.10
C PRO A 124 69.29 62.54 58.60
N THR A 125 69.44 62.47 57.28
CA THR A 125 70.70 62.79 56.62
C THR A 125 70.48 63.79 55.50
N LEU A 126 71.53 64.07 54.73
CA LEU A 126 71.45 65.00 53.62
C LEU A 126 71.72 64.30 52.29
N ASN A 127 72.89 63.69 52.14
CA ASN A 127 73.29 63.08 50.88
C ASN A 127 72.95 61.59 50.97
N GLN A 128 71.69 61.28 50.68
CA GLN A 128 71.22 59.91 50.78
C GLN A 128 70.14 59.71 49.72
N LYS A 129 70.53 59.19 48.56
CA LYS A 129 69.58 58.86 47.53
C LYS A 129 68.85 57.59 47.93
N GLY A 130 67.59 57.73 48.34
CA GLY A 130 66.87 56.65 48.97
C GLY A 130 66.81 56.83 50.47
N VAL A 131 66.18 55.86 51.11
CA VAL A 131 65.97 55.91 52.55
C VAL A 131 65.95 54.49 53.09
N VAL A 132 66.73 54.24 54.12
CA VAL A 132 66.94 52.88 54.61
C VAL A 132 66.32 52.75 56.00
N MET A 133 65.66 51.63 56.23
CA MET A 133 64.98 51.38 57.49
C MET A 133 65.57 50.13 58.13
N ILE A 134 65.60 50.13 59.46
CA ILE A 134 66.09 48.99 60.23
C ILE A 134 65.02 48.62 61.24
N ALA A 135 64.46 47.43 61.10
CA ALA A 135 63.41 46.94 61.96
C ALA A 135 63.97 45.93 62.95
N SER A 136 63.77 46.19 64.24
CA SER A 136 64.30 45.35 65.29
C SER A 136 63.17 44.90 66.20
N ASN A 137 63.34 43.72 66.77
CA ASN A 137 62.32 43.10 67.60
C ASN A 137 62.99 42.55 68.86
N TYR A 138 63.00 43.36 69.91
CA TYR A 138 63.32 42.84 71.22
C TYR A 138 62.22 41.89 71.67
N ASN A 139 62.59 40.90 72.47
CA ASN A 139 61.62 39.86 72.82
C ASN A 139 60.60 40.38 73.83
N ASP A 140 61.07 40.74 75.03
CA ASP A 140 60.29 41.40 76.09
C ASP A 140 59.08 40.58 76.54
N ASN A 141 59.08 39.28 76.33
CA ASN A 141 58.04 38.40 76.81
C ASN A 141 58.54 37.62 78.01
N PRO A 142 57.76 37.48 79.07
CA PRO A 142 58.31 37.06 80.37
C PRO A 142 58.37 35.55 80.63
N ASN A 143 58.18 34.67 79.64
CA ASN A 143 58.11 33.25 79.99
C ASN A 143 59.50 32.64 80.14
N SER A 144 60.19 32.38 79.03
CA SER A 144 61.59 31.97 79.14
C SER A 144 62.51 32.86 78.31
N LYS A 145 62.38 32.73 76.98
CA LYS A 145 62.78 33.71 75.97
C LYS A 145 64.28 34.03 76.04
N GLU A 146 65.09 33.01 75.70
CA GLU A 146 66.54 33.15 75.67
C GLU A 146 67.07 33.06 74.24
N LYS A 147 68.25 33.65 74.03
CA LYS A 147 68.86 33.73 72.71
C LYS A 147 69.68 32.48 72.43
N PRO A 148 69.51 31.82 71.29
CA PRO A 148 70.28 30.61 71.02
C PRO A 148 71.71 30.88 70.58
N GLN A 149 72.65 30.68 71.52
CA GLN A 149 74.11 30.69 71.41
C GLN A 149 74.73 31.81 70.58
N THR A 150 74.04 32.95 70.43
CA THR A 150 74.43 34.07 69.54
C THR A 150 74.84 33.63 68.13
N PHE A 151 74.27 32.51 67.68
CA PHE A 151 74.39 31.91 66.33
C PHE A 151 75.80 31.95 65.73
N ASP A 152 76.77 31.35 66.42
CA ASP A 152 78.01 31.03 65.74
C ASP A 152 77.73 29.81 64.87
N VAL A 153 77.26 30.07 63.65
CA VAL A 153 76.79 29.02 62.75
C VAL A 153 77.18 29.41 61.34
N LEU A 154 77.79 28.46 60.63
CA LEU A 154 78.14 28.66 59.23
C LEU A 154 77.00 28.34 58.29
N GLN A 155 76.01 27.57 58.74
CA GLN A 155 74.86 27.29 57.90
C GLN A 155 73.94 28.51 57.82
N GLY A 156 73.51 29.02 58.96
CA GLY A 156 72.56 30.11 59.01
C GLY A 156 73.24 31.46 59.09
N SER A 157 72.53 32.49 58.67
CA SER A 157 72.97 33.85 58.89
C SER A 157 72.49 34.33 60.25
N GLN A 158 73.30 35.14 60.91
CA GLN A 158 72.95 35.60 62.24
C GLN A 158 71.81 36.61 62.16
N PRO A 159 70.86 36.56 63.08
CA PRO A 159 69.63 37.36 62.95
C PRO A 159 69.76 38.74 63.56
N MET A 160 70.85 39.44 63.28
CA MET A 160 70.90 40.87 63.51
C MET A 160 71.02 41.62 62.20
N LEU A 161 72.06 41.40 61.43
CA LEU A 161 72.11 41.90 60.07
C LEU A 161 72.40 40.71 59.18
N GLY A 162 71.45 40.37 58.31
CA GLY A 162 71.44 39.06 57.68
C GLY A 162 72.60 38.85 56.73
N ALA A 163 72.90 39.86 55.90
CA ALA A 163 73.88 39.80 54.82
C ALA A 163 73.64 38.58 53.94
N ASN A 164 72.50 38.60 53.28
CA ASN A 164 71.97 37.44 52.58
C ASN A 164 72.79 37.16 51.34
N THR A 165 73.53 36.05 51.34
CA THR A 165 74.26 35.58 50.19
C THR A 165 73.60 34.27 49.77
N LYS A 166 72.75 34.33 48.75
CA LYS A 166 72.06 33.16 48.25
C LYS A 166 71.58 33.40 46.83
N ASN A 167 71.83 32.42 45.95
CA ASN A 167 70.89 32.11 44.89
C ASN A 167 70.39 30.69 45.02
N LEU A 168 71.30 29.76 45.23
CA LEU A 168 70.99 28.42 45.70
C LEU A 168 71.67 28.11 47.03
N HIS A 169 72.99 28.28 47.13
CA HIS A 169 73.75 27.70 48.22
C HIS A 169 74.72 28.63 48.94
N GLY A 170 74.82 29.90 48.58
CA GLY A 170 75.68 30.78 49.36
C GLY A 170 76.95 31.30 48.70
N TYR A 171 77.02 32.62 48.47
CA TYR A 171 78.10 33.23 47.70
C TYR A 171 79.42 33.21 48.46
N ASP A 172 79.52 34.05 49.49
CA ASP A 172 80.52 33.93 50.58
C ASP A 172 81.97 33.90 50.09
N VAL A 173 82.32 34.79 49.17
CA VAL A 173 83.63 34.73 48.51
C VAL A 173 84.33 36.09 48.55
N SER A 174 85.33 36.20 49.42
CA SER A 174 86.21 37.36 49.53
C SER A 174 87.41 36.97 50.36
N GLY A 175 88.48 37.77 50.25
CA GLY A 175 89.59 37.74 51.17
C GLY A 175 90.57 36.60 51.01
N ALA A 176 90.17 35.48 50.41
CA ALA A 176 91.04 34.34 50.21
C ALA A 176 91.72 34.36 48.85
N ASN A 177 91.89 35.54 48.27
CA ASN A 177 92.49 35.67 46.96
C ASN A 177 93.78 36.45 46.94
N ASN A 178 94.02 37.30 47.94
CA ASN A 178 95.28 38.03 47.99
C ASN A 178 96.44 37.10 48.25
N LYS A 179 96.20 36.02 48.99
CA LYS A 179 97.19 34.98 49.20
C LYS A 179 97.51 34.28 47.89
N GLN A 180 96.49 34.07 47.06
CA GLN A 180 96.69 33.45 45.77
C GLN A 180 97.43 34.37 44.81
N VAL A 181 97.13 35.67 44.86
CA VAL A 181 97.84 36.64 44.05
C VAL A 181 99.30 36.74 44.50
N ILE A 182 99.54 36.61 45.81
CA ILE A 182 100.89 36.54 46.35
C ILE A 182 101.62 35.32 45.79
N ASN A 183 100.91 34.19 45.66
CA ASN A 183 101.49 33.00 45.06
C ASN A 183 101.82 33.23 43.59
N GLU A 184 100.95 33.91 42.86
CA GLU A 184 101.21 34.17 41.45
C GLU A 184 102.39 35.11 41.28
N VAL A 185 102.52 36.11 42.15
CA VAL A 185 103.65 37.01 42.03
C VAL A 185 104.93 36.35 42.53
N ALA A 186 104.83 35.33 43.38
CA ALA A 186 106.03 34.61 43.78
C ALA A 186 106.52 33.72 42.65
N ARG A 187 105.61 33.06 41.92
CA ARG A 187 106.01 32.33 40.72
C ARG A 187 106.53 33.28 39.65
N GLU A 188 105.98 34.49 39.58
CA GLU A 188 106.49 35.50 38.67
C GLU A 188 107.90 35.94 39.05
N LYS A 189 108.15 36.08 40.35
CA LYS A 189 109.48 36.43 40.84
C LYS A 189 110.48 35.32 40.54
N ALA A 190 110.05 34.06 40.65
CA ALA A 190 110.93 32.96 40.32
C ALA A 190 111.27 32.93 38.84
N GLN A 191 110.26 33.22 37.99
CA GLN A 191 110.53 33.28 36.54
C GLN A 191 111.45 34.44 36.20
N LEU A 192 111.30 35.56 36.90
CA LEU A 192 112.17 36.70 36.67
C LEU A 192 113.60 36.41 37.11
N GLU A 193 113.76 35.68 38.21
CA GLU A 193 115.09 35.30 38.65
C GLU A 193 115.72 34.30 37.69
N LYS A 194 114.92 33.41 37.10
CA LYS A 194 115.47 32.50 36.10
C LYS A 194 115.91 33.25 34.85
N ILE A 195 115.10 34.22 34.42
CA ILE A 195 115.43 35.03 33.25
C ILE A 195 116.68 35.86 33.50
N ASN A 196 116.81 36.42 34.71
CA ASN A 196 118.01 37.16 35.08
C ASN A 196 119.23 36.25 35.18
N GLN A 197 119.01 35.01 35.63
CA GLN A 197 120.12 34.07 35.73
C GLN A 197 120.58 33.61 34.37
N TYR A 198 119.69 33.65 33.38
CA TYR A 198 120.11 33.40 32.00
C TYR A 198 120.86 34.63 31.50
N TYR A 199 122.16 34.65 31.77
CA TYR A 199 123.02 35.71 31.29
C TYR A 199 124.38 35.14 30.98
N LYS A 200 125.05 35.73 29.99
CA LYS A 200 126.42 35.40 29.67
C LYS A 200 127.35 36.59 29.80
N THR A 201 126.82 37.77 30.10
CA THR A 201 127.57 39.01 30.01
C THR A 201 127.97 39.60 31.34
N LEU A 202 127.14 39.46 32.38
CA LEU A 202 127.38 40.07 33.68
C LEU A 202 128.40 39.29 34.50
N LEU A 203 128.39 39.51 35.80
CA LEU A 203 129.40 38.96 36.70
C LEU A 203 129.47 37.43 36.68
N GLN A 204 130.68 36.94 36.44
CA GLN A 204 131.02 35.52 36.47
C GLN A 204 132.53 35.47 36.60
N ASP A 205 133.04 34.82 37.64
CA ASP A 205 134.44 34.98 38.02
C ASP A 205 135.35 34.35 36.99
N LYS A 206 136.25 35.16 36.45
CA LYS A 206 137.08 34.82 35.32
C LYS A 206 138.55 34.93 35.69
N GLU A 207 139.41 34.75 34.68
CA GLU A 207 140.85 34.84 34.90
C GLU A 207 141.26 36.29 35.15
N GLN A 208 142.53 36.46 35.51
CA GLN A 208 143.02 37.75 35.98
C GLN A 208 143.03 38.78 34.87
N GLU A 209 143.27 38.35 33.62
CA GLU A 209 143.25 39.27 32.49
C GLU A 209 141.86 39.87 32.27
N TYR A 210 140.81 39.09 32.51
CA TYR A 210 139.48 39.65 32.46
C TYR A 210 139.20 40.51 33.68
N THR A 211 139.52 40.01 34.86
CA THR A 211 139.02 40.63 36.08
C THR A 211 139.73 41.92 36.42
N THR A 212 141.02 42.06 36.08
CA THR A 212 141.69 43.33 36.35
C THR A 212 141.19 44.42 35.43
N ARG A 213 140.93 44.07 34.16
CA ARG A 213 140.29 45.00 33.25
C ARG A 213 138.91 45.38 33.75
N LYS A 214 138.17 44.41 34.31
CA LYS A 214 136.84 44.66 34.86
C LYS A 214 136.89 45.66 36.01
N ASN A 215 137.75 45.40 36.99
CA ASN A 215 137.87 46.25 38.15
C ASN A 215 138.37 47.64 37.77
N ASN A 216 139.25 47.72 36.76
CA ASN A 216 139.67 49.02 36.27
C ASN A 216 138.53 49.77 35.59
N GLN A 217 137.65 49.07 34.86
CA GLN A 217 136.55 49.80 34.22
C GLN A 217 135.56 50.31 35.25
N ARG A 218 135.30 49.50 36.29
CA ARG A 218 134.49 49.95 37.41
C ARG A 218 135.06 51.20 38.06
N GLU A 219 136.37 51.20 38.33
CA GLU A 219 136.96 52.30 39.09
C GLU A 219 137.05 53.58 38.27
N ILE A 220 137.60 53.48 37.05
CA ILE A 220 137.71 54.63 36.16
C ILE A 220 136.33 55.15 35.79
N LEU A 221 135.33 54.28 35.76
CA LEU A 221 133.99 54.69 35.42
C LEU A 221 133.25 55.34 36.58
N GLU A 222 133.51 54.91 37.81
CA GLU A 222 132.91 55.63 38.92
C GLU A 222 133.51 57.02 39.02
N THR A 223 134.80 57.16 38.67
CA THR A 223 135.36 58.50 38.56
C THR A 223 134.76 59.28 37.39
N LEU A 224 134.41 58.59 36.30
CA LEU A 224 133.81 59.28 35.15
C LEU A 224 132.39 59.72 35.45
N SER A 225 131.63 58.88 36.16
CA SER A 225 130.28 59.27 36.56
C SER A 225 130.32 60.43 37.54
N ASN A 226 131.31 60.44 38.44
CA ASN A 226 131.45 61.61 39.30
C ASN A 226 131.91 62.83 38.52
N ARG A 227 132.67 62.65 37.44
CA ARG A 227 133.08 63.80 36.64
C ARG A 227 131.90 64.39 35.86
N ALA A 228 131.05 63.53 35.31
CA ALA A 228 129.84 64.03 34.64
C ALA A 228 128.88 64.65 35.64
N GLY A 229 128.80 64.09 36.85
CA GLY A 229 128.04 64.70 37.90
C GLY A 229 128.60 66.04 38.34
N TYR A 230 129.93 66.19 38.30
CA TYR A 230 130.53 67.48 38.63
C TYR A 230 130.27 68.51 37.54
N GLN A 231 130.31 68.09 36.27
CA GLN A 231 130.00 69.01 35.18
C GLN A 231 128.52 69.38 35.13
N MET A 232 127.64 68.51 35.61
CA MET A 232 126.21 68.80 35.57
C MET A 232 125.72 69.50 36.83
N ARG A 233 126.29 69.16 37.99
CA ARG A 233 125.80 69.63 39.28
C ARG A 233 126.02 71.12 39.48
N GLN A 234 127.14 71.64 38.99
CA GLN A 234 127.43 73.06 39.08
C GLN A 234 127.10 73.71 37.75
N ASN A 235 125.82 73.81 37.46
CA ASN A 235 125.40 74.62 36.35
C ASN A 235 125.29 76.07 36.82
N VAL A 236 125.32 77.00 35.86
CA VAL A 236 125.13 78.41 36.20
C VAL A 236 123.70 78.65 36.64
N ILE A 237 122.75 77.84 36.15
CA ILE A 237 121.35 78.01 36.50
C ILE A 237 121.01 77.40 37.86
N SER A 238 121.84 76.52 38.40
CA SER A 238 121.49 75.78 39.60
C SER A 238 122.59 75.92 40.64
N SER A 239 122.32 75.31 41.81
CA SER A 239 123.28 75.15 42.90
C SER A 239 123.82 76.49 43.41
N GLU A 240 122.90 77.39 43.74
CA GLU A 240 123.29 78.73 44.13
C GLU A 240 122.26 79.26 45.13
N ILE A 241 122.24 80.57 45.32
CA ILE A 241 121.37 81.20 46.31
C ILE A 241 120.03 81.55 45.68
N PHE A 242 119.04 80.68 45.86
CA PHE A 242 117.65 81.00 45.62
C PHE A 242 116.98 81.55 46.85
N LYS A 243 117.76 81.83 47.90
CA LYS A 243 117.20 82.25 49.17
C LYS A 243 116.60 83.65 49.06
N ASN A 244 117.28 84.55 48.34
CA ASN A 244 116.68 85.84 48.05
C ASN A 244 115.54 85.70 47.04
N GLY A 245 115.65 84.73 46.11
CA GLY A 245 114.65 84.57 45.07
C GLY A 245 113.31 84.09 45.60
N ASN A 246 113.33 83.28 46.66
CA ASN A 246 112.07 82.96 47.33
C ASN A 246 111.80 83.85 48.54
N LEU A 247 112.80 84.61 49.01
CA LEU A 247 112.55 85.57 50.07
C LEU A 247 111.70 86.73 49.58
N ASN A 248 111.90 87.15 48.33
CA ASN A 248 111.03 88.18 47.76
C ASN A 248 109.61 87.65 47.55
N MET A 249 109.48 86.37 47.18
CA MET A 249 108.16 85.76 47.07
C MET A 249 107.48 85.67 48.43
N GLN A 250 108.27 85.37 49.47
CA GLN A 250 107.74 85.35 50.83
C GLN A 250 107.31 86.74 51.28
N ALA A 251 108.07 87.77 50.89
CA ALA A 251 107.73 89.14 51.28
C ALA A 251 106.43 89.59 50.61
N LYS A 252 106.27 89.30 49.31
CA LYS A 252 105.03 89.70 48.65
C LYS A 252 103.86 88.83 49.10
N GLU A 253 104.12 87.60 49.55
CA GLU A 253 103.09 86.79 50.18
C GLU A 253 102.63 87.42 51.49
N GLU A 254 103.56 87.88 52.32
CA GLU A 254 103.20 88.53 53.56
C GLU A 254 102.46 89.84 53.31
N GLU A 255 102.82 90.54 52.25
CA GLU A 255 102.13 91.79 51.94
C GLU A 255 100.72 91.56 51.40
N VAL A 256 100.52 90.53 50.58
CA VAL A 256 99.14 90.29 50.13
C VAL A 256 98.31 89.68 51.26
N ARG A 257 98.93 88.99 52.22
CA ARG A 257 98.20 88.56 53.40
C ARG A 257 97.84 89.75 54.28
N GLU A 258 98.74 90.73 54.35
CA GLU A 258 98.49 91.99 55.04
C GLU A 258 97.30 92.73 54.47
N LYS A 259 97.27 92.90 53.15
CA LYS A 259 96.13 93.57 52.51
C LYS A 259 94.87 92.72 52.57
N LEU A 260 95.04 91.39 52.63
CA LEU A 260 93.89 90.50 52.76
C LEU A 260 93.24 90.67 54.11
N GLN A 261 94.04 90.77 55.17
CA GLN A 261 93.46 91.02 56.48
C GLN A 261 92.97 92.45 56.62
N GLU A 262 93.54 93.37 55.84
CA GLU A 262 93.01 94.72 55.75
C GLU A 262 91.58 94.72 55.27
N GLU A 263 91.36 94.14 54.09
CA GLU A 263 90.02 94.01 53.54
C GLU A 263 89.15 93.05 54.34
N ARG A 264 89.74 92.23 55.21
CA ARG A 264 88.96 91.32 56.04
C ARG A 264 88.41 92.03 57.28
N GLU A 265 89.27 92.47 58.17
CA GLU A 265 88.75 93.08 59.39
C GLU A 265 88.60 94.59 59.27
N ASN A 266 88.47 95.10 58.04
CA ASN A 266 87.64 96.28 57.86
C ASN A 266 86.18 95.98 58.20
N GLU A 267 85.75 94.74 57.99
CA GLU A 267 84.36 94.37 58.22
C GLU A 267 84.19 93.19 59.18
N TYR A 268 85.26 92.54 59.60
CA TYR A 268 85.13 91.52 60.63
C TYR A 268 84.87 92.17 61.97
N LYS B 26 31.16 3.75 52.91
CA LYS B 26 31.40 5.14 53.29
C LYS B 26 32.89 5.45 53.30
N LYS B 27 33.23 6.70 53.01
CA LYS B 27 34.61 7.17 53.02
C LYS B 27 34.75 8.34 53.98
N VAL B 28 35.78 8.29 54.82
CA VAL B 28 36.05 9.33 55.80
C VAL B 28 36.72 10.52 55.13
N VAL B 29 36.89 11.62 55.87
CA VAL B 29 37.56 12.80 55.34
C VAL B 29 38.79 13.16 56.18
N LYS B 30 39.37 12.16 56.88
CA LYS B 30 40.58 12.23 57.72
C LYS B 30 40.58 13.46 58.64
N GLN B 31 39.68 13.39 59.64
CA GLN B 31 39.20 14.54 60.41
C GLN B 31 40.23 15.41 61.12
N LYS B 32 40.91 14.89 62.15
CA LYS B 32 41.59 15.81 63.06
C LYS B 32 42.92 15.29 63.58
N ASN B 33 43.94 16.16 63.54
CA ASN B 33 45.21 15.94 64.21
C ASN B 33 45.23 16.56 65.61
N HIS B 34 44.33 17.51 65.89
CA HIS B 34 43.89 18.00 67.20
C HIS B 34 44.89 18.85 67.96
N VAL B 35 46.10 19.06 67.47
CA VAL B 35 47.08 19.92 68.14
C VAL B 35 47.34 21.12 67.25
N TYR B 36 47.47 22.30 67.86
CA TYR B 36 47.60 23.53 67.11
C TYR B 36 48.93 24.20 67.38
N THR B 37 49.29 25.15 66.51
CA THR B 37 50.57 25.81 66.54
C THR B 37 50.46 27.11 65.77
N PRO B 38 51.35 28.07 66.02
CA PRO B 38 51.56 29.14 65.04
C PRO B 38 52.16 28.58 63.77
N VAL B 39 51.85 29.23 62.66
CA VAL B 39 52.28 28.72 61.36
C VAL B 39 53.77 28.94 61.16
N TYR B 40 54.19 30.20 61.14
CA TYR B 40 55.59 30.62 61.05
C TYR B 40 56.29 30.04 59.83
N ASN B 41 55.83 30.47 58.65
CA ASN B 41 56.60 30.30 57.43
C ASN B 41 57.91 31.05 57.67
N GLU B 42 59.00 30.29 57.77
CA GLU B 42 60.17 30.67 58.55
C GLU B 42 60.92 31.87 57.94
N LEU B 43 61.29 32.81 58.82
CA LEU B 43 61.94 34.04 58.39
C LEU B 43 63.42 33.85 58.09
N ILE B 44 64.19 33.45 59.09
CA ILE B 44 65.65 33.37 58.96
C ILE B 44 66.00 32.16 58.12
N GLU B 45 66.78 32.39 57.07
CA GLU B 45 67.07 31.36 56.07
C GLU B 45 68.42 30.73 56.32
N LYS B 46 68.53 29.46 55.96
CA LYS B 46 69.76 28.71 56.10
C LYS B 46 70.18 28.19 54.73
N TYR B 47 71.48 28.00 54.56
CA TYR B 47 71.96 27.51 53.28
C TYR B 47 71.70 26.02 53.20
N SER B 48 71.22 25.57 52.05
CA SER B 48 70.66 24.23 51.93
C SER B 48 71.61 23.34 51.14
N GLU B 49 72.57 22.74 51.83
CA GLU B 49 73.51 21.85 51.16
C GLU B 49 72.81 20.57 50.71
N ILE B 50 73.31 19.98 49.63
CA ILE B 50 72.60 18.87 49.02
C ILE B 50 73.17 17.58 49.62
N PRO B 51 72.33 16.80 50.29
CA PRO B 51 72.81 15.61 51.00
C PRO B 51 72.76 14.34 50.16
N LEU B 52 73.21 14.43 48.91
CA LEU B 52 73.20 13.24 48.07
C LEU B 52 74.55 12.55 48.14
N ASN B 53 74.96 12.22 49.35
CA ASN B 53 76.27 11.63 49.59
C ASN B 53 76.03 10.22 50.14
N ASP B 54 75.85 9.28 49.23
CA ASP B 54 75.38 7.95 49.61
C ASP B 54 76.51 7.04 50.08
N LYS B 55 77.42 6.67 49.18
CA LYS B 55 78.47 5.74 49.58
C LYS B 55 79.84 6.20 49.11
N LEU B 56 79.88 6.92 48.00
CA LEU B 56 81.17 7.37 47.47
C LEU B 56 81.72 8.58 48.21
N LYS B 57 81.03 9.07 49.23
CA LYS B 57 81.67 10.00 50.15
C LYS B 57 82.68 9.32 51.05
N ASP B 58 82.75 7.99 51.02
CA ASP B 58 83.77 7.24 51.72
C ASP B 58 84.75 6.53 50.78
N THR B 59 84.37 6.27 49.54
CA THR B 59 85.28 5.60 48.62
C THR B 59 86.33 6.61 48.16
N PRO B 60 87.61 6.27 48.24
CA PRO B 60 88.65 7.26 47.95
C PRO B 60 88.93 7.37 46.47
N PHE B 61 89.20 8.60 46.03
CA PHE B 61 89.59 8.88 44.66
C PHE B 61 90.37 10.18 44.63
N MET B 62 91.16 10.35 43.57
CA MET B 62 91.87 11.58 43.30
C MET B 62 91.75 11.93 41.82
N VAL B 63 90.53 11.87 41.32
CA VAL B 63 90.29 11.88 39.88
C VAL B 63 90.53 13.28 39.32
N GLN B 64 91.07 13.34 38.10
CA GLN B 64 91.51 14.57 37.48
C GLN B 64 90.64 14.87 36.28
N VAL B 65 90.02 16.05 36.29
CA VAL B 65 89.10 16.48 35.24
C VAL B 65 89.69 17.72 34.57
N LYS B 66 89.82 17.68 33.26
CA LYS B 66 90.25 18.84 32.51
C LYS B 66 89.07 19.77 32.27
N LEU B 67 89.36 21.04 32.08
CA LEU B 67 88.31 22.03 31.88
C LEU B 67 88.74 22.99 30.76
N PRO B 68 88.13 22.88 29.61
CA PRO B 68 88.46 23.79 28.50
C PRO B 68 87.88 25.19 28.68
N ASN B 69 88.00 26.01 27.64
CA ASN B 69 87.94 27.46 27.76
C ASN B 69 86.90 28.06 26.82
N TYR B 70 85.65 27.59 26.90
CA TYR B 70 84.58 28.09 26.05
C TYR B 70 84.24 29.55 26.33
N LYS B 71 83.31 30.09 25.54
CA LYS B 71 82.84 31.45 25.73
C LYS B 71 81.71 31.44 26.75
N ASP B 72 82.03 31.91 27.96
CA ASP B 72 81.10 32.39 28.98
C ASP B 72 80.20 31.32 29.60
N TYR B 73 80.26 30.07 29.10
CA TYR B 73 79.42 29.01 29.65
C TYR B 73 80.15 28.09 30.59
N LEU B 74 81.47 27.95 30.44
CA LEU B 74 82.44 27.39 31.39
C LEU B 74 82.26 25.93 31.79
N LEU B 75 81.25 25.24 31.24
CA LEU B 75 81.13 23.80 31.40
C LEU B 75 80.39 23.25 30.19
N ASP B 76 79.91 22.03 30.31
CA ASP B 76 79.24 21.35 29.21
C ASP B 76 78.03 20.59 29.74
N ASN B 77 76.90 20.75 29.05
CA ASN B 77 75.76 19.88 29.35
C ASN B 77 76.04 18.47 28.85
N LYS B 78 77.00 18.31 27.95
CA LYS B 78 77.61 17.01 27.73
C LYS B 78 78.28 16.49 28.99
N GLN B 79 79.05 17.33 29.66
CA GLN B 79 79.81 16.92 30.85
C GLN B 79 79.57 17.90 31.98
N VAL B 80 78.45 17.74 32.68
CA VAL B 80 78.15 18.53 33.86
C VAL B 80 77.85 17.66 35.07
N VAL B 81 77.09 16.58 34.89
CA VAL B 81 76.73 15.74 36.04
C VAL B 81 77.93 14.91 36.49
N LEU B 82 78.75 14.47 35.54
CA LEU B 82 79.94 13.70 35.87
C LEU B 82 80.96 14.54 36.58
N THR B 83 81.06 15.81 36.24
CA THR B 83 82.01 16.67 36.91
C THR B 83 81.40 17.42 38.08
N PHE B 84 80.12 17.23 38.36
CA PHE B 84 79.60 17.72 39.62
C PHE B 84 79.46 16.66 40.67
N LYS B 85 79.35 15.39 40.28
CA LYS B 85 79.31 14.31 41.27
C LYS B 85 80.60 14.27 42.08
N LEU B 86 81.73 14.49 41.43
CA LEU B 86 83.02 14.47 42.12
C LEU B 86 83.18 15.64 43.06
N VAL B 87 82.73 16.83 42.65
CA VAL B 87 82.88 17.97 43.53
C VAL B 87 81.86 17.94 44.66
N HIS B 88 80.71 17.31 44.46
CA HIS B 88 79.78 17.17 45.56
C HIS B 88 80.29 16.17 46.57
N HIS B 89 80.80 15.04 46.10
CA HIS B 89 81.18 13.96 47.00
C HIS B 89 82.64 13.99 47.40
N SER B 90 83.40 14.99 46.96
CA SER B 90 84.81 14.97 47.29
C SER B 90 85.04 15.65 48.63
N LYS B 91 86.30 15.64 49.06
CA LYS B 91 86.67 16.29 50.30
C LYS B 91 87.76 17.33 50.16
N LYS B 92 88.66 17.20 49.19
CA LYS B 92 89.69 18.20 48.92
C LYS B 92 89.87 18.29 47.42
N ILE B 93 89.58 19.43 46.82
CA ILE B 93 89.84 19.57 45.40
C ILE B 93 90.86 20.66 45.19
N THR B 94 91.59 20.56 44.09
CA THR B 94 92.60 21.53 43.74
C THR B 94 92.42 21.96 42.29
N LEU B 95 92.94 23.15 42.00
CA LEU B 95 92.71 23.84 40.74
C LEU B 95 94.02 24.41 40.22
N ILE B 96 94.35 24.06 38.99
CA ILE B 96 95.59 24.47 38.34
C ILE B 96 95.20 25.21 37.07
N GLY B 97 95.67 26.44 36.93
CA GLY B 97 95.43 27.13 35.69
C GLY B 97 95.61 28.64 35.84
N ASP B 98 94.83 29.37 35.07
CA ASP B 98 94.85 30.81 35.11
C ASP B 98 94.26 31.31 36.42
N ALA B 99 94.65 32.53 36.79
CA ALA B 99 94.34 33.06 38.12
C ALA B 99 92.86 33.33 38.30
N ASN B 100 92.29 34.23 37.50
CA ASN B 100 90.88 34.53 37.63
C ASN B 100 90.01 33.38 37.18
N LYS B 101 90.53 32.49 36.33
CA LYS B 101 89.76 31.32 35.92
C LYS B 101 89.58 30.35 37.07
N ILE B 102 90.66 30.06 37.83
CA ILE B 102 90.46 29.18 38.97
C ILE B 102 89.71 29.89 40.07
N LEU B 103 89.78 31.23 40.13
CA LEU B 103 88.98 31.96 41.10
C LEU B 103 87.49 31.82 40.80
N GLN B 104 87.09 32.05 39.56
CA GLN B 104 85.69 31.93 39.24
C GLN B 104 85.23 30.49 39.21
N TYR B 105 86.13 29.52 39.04
CA TYR B 105 85.69 28.14 39.16
C TYR B 105 85.47 27.75 40.61
N LYS B 106 86.30 28.26 41.52
CA LYS B 106 86.03 28.06 42.94
C LYS B 106 84.73 28.72 43.34
N ASN B 107 84.49 29.94 42.83
CA ASN B 107 83.25 30.65 43.11
C ASN B 107 82.05 29.88 42.56
N TYR B 108 82.18 29.35 41.35
CA TYR B 108 81.07 28.66 40.71
C TYR B 108 80.76 27.35 41.42
N PHE B 109 81.79 26.60 41.81
CA PHE B 109 81.53 25.34 42.47
C PHE B 109 80.97 25.55 43.87
N GLN B 110 81.52 26.49 44.63
CA GLN B 110 81.02 26.75 45.97
C GLN B 110 79.63 27.38 45.93
N ALA B 111 79.32 28.14 44.89
CA ALA B 111 78.02 28.77 44.80
C ALA B 111 76.97 27.88 44.17
N ASN B 112 77.39 26.85 43.44
CA ASN B 112 76.42 25.97 42.81
C ASN B 112 76.18 24.71 43.62
N GLY B 113 77.22 23.95 43.91
CA GLY B 113 76.96 22.66 44.49
C GLY B 113 77.91 22.14 45.55
N ALA B 114 78.94 22.89 45.89
CA ALA B 114 79.90 22.38 46.83
C ALA B 114 79.40 22.57 48.25
N ARG B 115 80.26 22.28 49.22
CA ARG B 115 79.95 22.48 50.61
C ARG B 115 81.10 23.28 51.24
N SER B 116 80.97 23.54 52.53
CA SER B 116 81.79 24.52 53.20
C SER B 116 83.01 23.91 53.89
N ASP B 117 83.47 22.75 53.44
CA ASP B 117 84.63 22.14 54.07
C ASP B 117 85.51 21.45 53.04
N ILE B 118 85.52 21.95 51.81
CA ILE B 118 86.28 21.28 50.76
C ILE B 118 87.75 21.68 50.81
N ASP B 119 88.05 22.89 51.30
CA ASP B 119 89.39 23.45 51.35
C ASP B 119 90.05 23.44 49.97
N PHE B 120 89.46 24.27 49.11
CA PHE B 120 89.91 24.46 47.73
C PHE B 120 91.37 24.85 47.68
N TYR B 121 92.18 24.01 47.07
CA TYR B 121 93.61 24.24 46.96
C TYR B 121 93.89 24.84 45.58
N LEU B 122 94.32 26.10 45.54
CA LEU B 122 94.57 26.77 44.28
C LEU B 122 96.07 26.92 44.05
N GLN B 123 96.56 26.49 42.91
CA GLN B 123 97.94 26.72 42.52
C GLN B 123 97.89 27.28 41.11
N PRO B 124 98.07 28.58 40.94
CA PRO B 124 97.90 29.19 39.62
C PRO B 124 99.15 29.04 38.75
N THR B 125 98.92 29.09 37.44
CA THR B 125 100.00 29.04 36.47
C THR B 125 99.89 30.19 35.48
N LEU B 126 100.75 30.18 34.47
CA LEU B 126 100.73 31.22 33.44
C LEU B 126 100.41 30.63 32.06
N ASN B 127 101.20 29.70 31.58
CA ASN B 127 101.03 29.13 30.26
C ASN B 127 100.21 27.86 30.39
N GLN B 128 98.90 28.01 30.45
CA GLN B 128 98.01 26.88 30.64
C GLN B 128 96.71 27.19 29.91
N LYS B 129 96.59 26.70 28.68
CA LYS B 129 95.35 26.84 27.93
C LYS B 129 94.35 25.85 28.49
N GLY B 130 93.37 26.36 29.23
CA GLY B 130 92.49 25.51 29.99
C GLY B 130 92.86 25.52 31.46
N VAL B 131 92.12 24.74 32.24
CA VAL B 131 92.30 24.69 33.68
C VAL B 131 91.90 23.30 34.17
N VAL B 132 92.78 22.68 34.93
CA VAL B 132 92.61 21.28 35.31
C VAL B 132 92.35 21.21 36.81
N MET B 133 91.40 20.34 37.19
CA MET B 133 91.01 20.18 38.57
C MET B 133 91.26 18.75 39.00
N ILE B 134 91.61 18.57 40.27
CA ILE B 134 91.84 17.25 40.84
C ILE B 134 91.00 17.14 42.10
N ALA B 135 90.04 16.23 42.08
CA ALA B 135 89.12 16.02 43.19
C ALA B 135 89.53 14.78 43.96
N SER B 136 89.76 14.92 45.25
CA SER B 136 90.19 13.83 46.10
C SER B 136 89.24 13.69 47.27
N ASN B 137 89.12 12.46 47.74
CA ASN B 137 88.17 12.11 48.80
C ASN B 137 88.90 11.23 49.82
N TYR B 138 89.46 11.86 50.85
CA TYR B 138 89.89 11.10 52.01
C TYR B 138 88.66 10.53 52.71
N ASN B 139 88.85 9.38 53.35
CA ASN B 139 87.69 8.69 53.93
C ASN B 139 87.20 9.39 55.19
N ASP B 140 88.05 9.43 56.22
CA ASP B 140 87.85 10.17 57.47
C ASP B 140 86.58 9.77 58.22
N ASN B 141 86.05 8.56 57.97
CA ASN B 141 84.92 8.05 58.71
C ASN B 141 85.40 7.00 59.70
N PRO B 142 84.91 7.00 60.94
CA PRO B 142 85.57 6.25 62.01
C PRO B 142 85.16 4.80 62.20
N ASN B 143 84.43 4.17 61.29
CA ASN B 143 83.95 2.83 61.61
C ASN B 143 85.02 1.76 61.36
N SER B 144 85.28 1.42 60.09
CA SER B 144 86.43 0.56 59.80
C SER B 144 87.35 1.18 58.77
N LYS B 145 86.86 1.27 57.53
CA LYS B 145 87.33 2.18 56.47
C LYS B 145 88.81 1.96 56.14
N GLU B 146 89.10 0.79 55.56
CA GLU B 146 90.44 0.42 55.14
C GLU B 146 90.54 0.34 53.62
N LYS B 147 91.76 0.52 53.12
CA LYS B 147 92.00 0.55 51.67
C LYS B 147 92.24 -0.86 51.15
N PRO B 148 91.55 -1.27 50.08
CA PRO B 148 91.76 -2.64 49.57
C PRO B 148 93.03 -2.80 48.77
N GLN B 149 94.04 -3.42 49.41
CA GLN B 149 95.34 -3.89 48.90
C GLN B 149 96.10 -2.96 47.96
N THR B 150 95.83 -1.64 48.04
CA THR B 150 96.36 -0.61 47.12
C THR B 150 96.24 -1.00 45.63
N PHE B 151 95.21 -1.79 45.32
CA PHE B 151 94.77 -2.23 43.98
C PHE B 151 95.90 -2.59 43.02
N ASP B 152 96.74 -3.55 43.40
CA ASP B 152 97.58 -4.19 42.39
C ASP B 152 96.67 -5.13 41.60
N VAL B 153 96.05 -4.58 40.57
CA VAL B 153 95.03 -5.30 39.80
C VAL B 153 95.16 -4.90 38.34
N LEU B 154 95.20 -5.89 37.47
CA LEU B 154 95.24 -5.67 36.04
C LEU B 154 93.87 -5.46 35.44
N GLN B 155 92.81 -5.91 36.12
CA GLN B 155 91.47 -5.68 35.62
C GLN B 155 91.06 -4.23 35.83
N GLY B 156 91.14 -3.74 37.06
CA GLY B 156 90.67 -2.41 37.39
C GLY B 156 91.78 -1.40 37.32
N SER B 157 91.40 -0.14 37.14
CA SER B 157 92.35 0.96 37.26
C SER B 157 92.41 1.40 38.72
N GLN B 158 93.59 1.82 39.15
CA GLN B 158 93.78 2.20 40.54
C GLN B 158 93.09 3.53 40.81
N PRO B 159 92.44 3.70 41.94
CA PRO B 159 91.59 4.86 42.17
C PRO B 159 92.34 6.05 42.77
N MET B 160 93.49 6.36 42.21
CA MET B 160 94.11 7.65 42.46
C MET B 160 94.17 8.47 41.20
N LEU B 161 94.83 8.01 40.15
CA LEU B 161 94.72 8.63 38.85
C LEU B 161 94.34 7.53 37.89
N GLY B 162 93.14 7.64 37.30
CA GLY B 162 92.52 6.49 36.66
C GLY B 162 93.26 6.02 35.42
N ALA B 163 93.67 6.96 34.58
CA ALA B 163 94.28 6.71 33.27
C ALA B 163 93.40 5.75 32.45
N ASN B 164 92.22 6.24 32.12
CA ASN B 164 91.15 5.41 31.58
C ASN B 164 91.49 5.03 30.14
N THR B 165 91.76 3.75 29.93
CA THR B 165 91.96 3.20 28.59
C THR B 165 90.80 2.26 28.34
N LYS B 166 89.80 2.72 27.60
CA LYS B 166 88.64 1.91 27.27
C LYS B 166 87.94 2.47 26.04
N ASN B 167 87.61 1.58 25.11
CA ASN B 167 86.39 1.74 24.34
C ASN B 167 85.47 0.56 24.56
N LEU B 168 86.01 -0.66 24.48
CA LEU B 168 85.37 -1.85 24.99
C LEU B 168 86.20 -2.53 26.06
N HIS B 169 87.48 -2.82 25.80
CA HIS B 169 88.22 -3.76 26.64
C HIS B 169 89.61 -3.30 27.08
N GLY B 170 90.06 -2.09 26.74
CA GLY B 170 91.33 -1.66 27.28
C GLY B 170 92.49 -1.51 26.31
N TYR B 171 92.97 -0.29 26.10
CA TYR B 171 93.98 0.02 25.09
C TYR B 171 95.36 -0.52 25.45
N ASP B 172 96.00 0.09 26.45
CA ASP B 172 97.11 -0.48 27.21
C ASP B 172 98.30 -0.93 26.35
N VAL B 173 98.70 -0.11 25.38
CA VAL B 173 99.70 -0.53 24.39
C VAL B 173 100.82 0.50 24.27
N SER B 174 101.98 0.16 24.84
CA SER B 174 103.20 0.94 24.73
C SER B 174 104.36 0.07 25.19
N GLY B 175 105.57 0.48 24.81
CA GLY B 175 106.80 -0.03 25.40
C GLY B 175 107.24 -1.41 24.94
N ALA B 176 106.33 -2.25 24.45
CA ALA B 176 106.66 -3.58 23.98
C ALA B 176 106.96 -3.63 22.49
N ASN B 177 107.37 -2.51 21.91
CA ASN B 177 107.64 -2.42 20.49
C ASN B 177 109.08 -2.13 20.14
N ASN B 178 109.85 -1.53 21.05
CA ASN B 178 111.25 -1.28 20.78
C ASN B 178 112.03 -2.58 20.69
N LYS B 179 111.60 -3.58 21.44
CA LYS B 179 112.19 -4.92 21.34
C LYS B 179 111.90 -5.52 19.97
N GLN B 180 110.70 -5.28 19.46
CA GLN B 180 110.33 -5.77 18.14
C GLN B 180 111.10 -5.03 17.04
N VAL B 181 111.29 -3.73 17.21
CA VAL B 181 112.09 -2.96 16.25
C VAL B 181 113.55 -3.41 16.29
N ILE B 182 114.04 -3.77 17.48
CA ILE B 182 115.37 -4.36 17.62
C ILE B 182 115.45 -5.68 16.86
N ASN B 183 114.38 -6.47 16.91
CA ASN B 183 114.33 -7.71 16.13
C ASN B 183 114.35 -7.43 14.63
N GLU B 184 113.62 -6.41 14.19
CA GLU B 184 113.60 -6.08 12.77
C GLU B 184 114.96 -5.59 12.31
N VAL B 185 115.64 -4.80 13.14
CA VAL B 185 116.95 -4.32 12.74
C VAL B 185 118.00 -5.43 12.85
N ALA B 186 117.76 -6.45 13.66
CA ALA B 186 118.68 -7.57 13.70
C ALA B 186 118.53 -8.43 12.45
N ARG B 187 117.28 -8.64 12.00
CA ARG B 187 117.10 -9.32 10.72
C ARG B 187 117.64 -8.48 9.57
N GLU B 188 117.55 -7.15 9.68
CA GLU B 188 118.15 -6.28 8.69
C GLU B 188 119.66 -6.38 8.68
N LYS B 189 120.27 -6.49 9.86
CA LYS B 189 121.71 -6.67 9.98
C LYS B 189 122.15 -7.99 9.39
N ALA B 190 121.34 -9.04 9.57
CA ALA B 190 121.66 -10.34 8.99
C ALA B 190 121.58 -10.29 7.47
N GLN B 191 120.57 -9.59 6.93
CA GLN B 191 120.48 -9.45 5.48
C GLN B 191 121.63 -8.62 4.93
N LEU B 192 122.06 -7.60 5.67
CA LEU B 192 123.20 -6.81 5.23
C LEU B 192 124.49 -7.61 5.26
N GLU B 193 124.64 -8.48 6.27
CA GLU B 193 125.82 -9.34 6.30
C GLU B 193 125.80 -10.36 5.19
N LYS B 194 124.62 -10.86 4.81
CA LYS B 194 124.54 -11.77 3.67
C LYS B 194 124.89 -11.07 2.37
N ILE B 195 124.40 -9.84 2.20
CA ILE B 195 124.70 -9.05 1.01
C ILE B 195 126.18 -8.73 0.93
N ASN B 196 126.80 -8.39 2.07
CA ASN B 196 128.23 -8.15 2.12
C ASN B 196 129.03 -9.41 1.86
N GLN B 197 128.52 -10.55 2.32
CA GLN B 197 129.20 -11.81 2.09
C GLN B 197 129.12 -12.23 0.64
N TYR B 198 128.09 -11.78 -0.06
CA TYR B 198 128.04 -11.99 -1.51
C TYR B 198 129.02 -11.02 -2.16
N TYR B 199 130.27 -11.47 -2.26
CA TYR B 199 131.30 -10.71 -2.93
C TYR B 199 132.25 -11.68 -3.62
N LYS B 200 132.81 -11.22 -4.73
CA LYS B 200 133.85 -11.95 -5.43
C LYS B 200 135.14 -11.16 -5.54
N THR B 201 135.16 -9.91 -5.06
CA THR B 201 136.26 -9.00 -5.33
C THR B 201 137.15 -8.74 -4.13
N LEU B 202 136.61 -8.72 -2.92
CA LEU B 202 137.37 -8.38 -1.72
C LEU B 202 138.21 -9.56 -1.23
N LEU B 203 138.61 -9.51 0.04
CA LEU B 203 139.55 -10.47 0.61
C LEU B 203 139.06 -11.92 0.53
N GLN B 204 139.91 -12.76 -0.04
CA GLN B 204 139.72 -14.20 -0.15
C GLN B 204 141.10 -14.77 -0.45
N ASP B 205 141.58 -15.67 0.40
CA ASP B 205 142.99 -16.04 0.39
C ASP B 205 143.34 -16.81 -0.87
N LYS B 206 144.30 -16.28 -1.61
CA LYS B 206 144.65 -16.74 -2.94
C LYS B 206 146.11 -17.18 -2.99
N GLU B 207 146.58 -17.51 -4.19
CA GLU B 207 147.96 -17.93 -4.37
C GLU B 207 148.90 -16.75 -4.21
N GLN B 208 150.20 -17.06 -4.20
CA GLN B 208 151.21 -16.07 -3.85
C GLN B 208 151.32 -14.98 -4.89
N GLU B 209 151.07 -15.32 -6.16
CA GLU B 209 151.09 -14.32 -7.23
C GLU B 209 150.01 -13.26 -7.04
N TYR B 210 148.84 -13.67 -6.55
CA TYR B 210 147.82 -12.69 -6.22
C TYR B 210 148.19 -11.93 -4.95
N THR B 211 148.58 -12.66 -3.90
CA THR B 211 148.65 -12.06 -2.57
C THR B 211 149.84 -11.12 -2.41
N THR B 212 150.97 -11.38 -3.09
CA THR B 212 152.08 -10.46 -2.98
C THR B 212 151.79 -9.16 -3.71
N ARG B 213 151.12 -9.25 -4.87
CA ARG B 213 150.65 -8.06 -5.54
C ARG B 213 149.66 -7.30 -4.67
N LYS B 214 148.79 -8.03 -3.96
CA LYS B 214 147.82 -7.41 -3.06
C LYS B 214 148.50 -6.63 -1.94
N ASN B 215 149.43 -7.29 -1.24
CA ASN B 215 150.13 -6.67 -0.13
C ASN B 215 150.98 -5.49 -0.59
N ASN B 216 151.54 -5.59 -1.80
CA ASN B 216 152.27 -4.46 -2.36
C ASN B 216 151.33 -3.30 -2.68
N GLN B 217 150.11 -3.56 -3.16
CA GLN B 217 149.22 -2.45 -3.46
C GLN B 217 148.77 -1.76 -2.17
N ARG B 218 148.51 -2.54 -1.13
CA ARG B 218 148.21 -1.98 0.18
C ARG B 218 149.33 -1.09 0.69
N GLU B 219 150.58 -1.56 0.59
CA GLU B 219 151.69 -0.83 1.19
C GLU B 219 152.02 0.43 0.40
N ILE B 220 152.17 0.31 -0.92
CA ILE B 220 152.47 1.46 -1.78
C ILE B 220 151.32 2.46 -1.74
N LEU B 221 150.11 1.97 -1.52
CA LEU B 221 148.95 2.83 -1.47
C LEU B 221 148.80 3.56 -0.14
N GLU B 222 149.18 2.92 0.97
CA GLU B 222 149.18 3.66 2.22
C GLU B 222 150.23 4.75 2.18
N THR B 223 151.36 4.49 1.50
CA THR B 223 152.32 5.58 1.28
C THR B 223 151.75 6.64 0.34
N LEU B 224 150.94 6.24 -0.63
CA LEU B 224 150.35 7.23 -1.55
C LEU B 224 149.30 8.08 -0.86
N SER B 225 148.49 7.47 0.00
CA SER B 225 147.52 8.22 0.76
C SER B 225 148.20 9.18 1.73
N ASN B 226 149.33 8.76 2.32
CA ASN B 226 150.08 9.70 3.14
C ASN B 226 150.73 10.78 2.30
N ARG B 227 151.09 10.48 1.04
CA ARG B 227 151.67 11.52 0.20
C ARG B 227 150.62 12.55 -0.21
N ALA B 228 149.41 12.11 -0.53
CA ALA B 228 148.34 13.05 -0.84
C ALA B 228 147.94 13.84 0.40
N GLY B 229 147.97 13.19 1.57
CA GLY B 229 147.75 13.90 2.82
C GLY B 229 148.84 14.90 3.11
N TYR B 230 150.07 14.60 2.72
CA TYR B 230 151.17 15.56 2.90
C TYR B 230 151.03 16.75 1.95
N GLN B 231 150.61 16.50 0.72
CA GLN B 231 150.38 17.59 -0.22
C GLN B 231 149.17 18.44 0.14
N MET B 232 148.18 17.86 0.81
CA MET B 232 146.98 18.62 1.19
C MET B 232 147.11 19.29 2.55
N ARG B 233 147.78 18.64 3.50
CA ARG B 233 147.83 19.08 4.89
C ARG B 233 148.60 20.37 5.05
N GLN B 234 149.68 20.55 4.28
CA GLN B 234 150.48 21.77 4.35
C GLN B 234 150.07 22.64 3.16
N ASN B 235 148.87 23.19 3.24
CA ASN B 235 148.51 24.24 2.31
C ASN B 235 149.05 25.57 2.83
N VAL B 236 149.16 26.55 1.93
CA VAL B 236 149.57 27.88 2.33
C VAL B 236 148.47 28.53 3.16
N ILE B 237 147.22 28.15 2.93
CA ILE B 237 146.11 28.74 3.66
C ILE B 237 145.92 28.13 5.04
N SER B 238 146.49 26.96 5.30
CA SER B 238 146.21 26.23 6.53
C SER B 238 147.50 25.86 7.24
N SER B 239 147.34 25.25 8.42
CA SER B 239 148.41 24.64 9.21
C SER B 239 149.49 25.66 9.58
N GLU B 240 149.07 26.76 10.18
CA GLU B 240 150.00 27.85 10.48
C GLU B 240 149.50 28.56 11.73
N ILE B 241 149.99 29.77 11.96
CA ILE B 241 149.67 30.52 13.16
C ILE B 241 148.44 31.38 12.92
N PHE B 242 147.29 30.87 13.35
CA PHE B 242 146.08 31.67 13.51
C PHE B 242 145.99 32.26 14.90
N LYS B 243 147.05 32.13 15.69
CA LYS B 243 147.00 32.56 17.08
C LYS B 243 146.93 34.08 17.17
N ASN B 244 147.69 34.77 16.33
CA ASN B 244 147.52 36.22 16.24
C ASN B 244 146.20 36.59 15.58
N GLY B 245 145.74 35.77 14.63
CA GLY B 245 144.52 36.07 13.91
C GLY B 245 143.27 36.02 14.77
N ASN B 246 143.26 35.12 15.76
CA ASN B 246 142.18 35.16 16.74
C ASN B 246 142.55 35.94 17.99
N LEU B 247 143.82 36.26 18.20
CA LEU B 247 144.22 37.10 19.31
C LEU B 247 143.74 38.54 19.09
N ASN B 248 143.76 39.02 17.85
CA ASN B 248 143.20 40.33 17.58
C ASN B 248 141.68 40.35 17.75
N MET B 249 141.02 39.24 17.39
CA MET B 249 139.58 39.12 17.63
C MET B 249 139.27 39.10 19.12
N GLN B 250 140.12 38.43 19.90
CA GLN B 250 139.99 38.42 21.35
C GLN B 250 140.21 39.81 21.94
N ALA B 251 141.15 40.56 21.39
CA ALA B 251 141.42 41.90 21.88
C ALA B 251 140.25 42.85 21.61
N LYS B 252 139.69 42.78 20.40
CA LYS B 252 138.54 43.65 20.11
C LYS B 252 137.29 43.17 20.84
N GLU B 253 137.20 41.88 21.17
CA GLU B 253 136.14 41.40 22.04
C GLU B 253 136.27 42.00 23.44
N GLU B 254 137.48 42.00 23.99
CA GLU B 254 137.69 42.59 25.31
C GLU B 254 137.43 44.08 25.31
N GLU B 255 137.74 44.75 24.20
CA GLU B 255 137.48 46.18 24.12
C GLU B 255 136.01 46.50 23.99
N VAL B 256 135.25 45.71 23.23
CA VAL B 256 133.82 46.00 23.17
C VAL B 256 133.13 45.58 24.47
N ARG B 257 133.67 44.60 25.19
CA ARG B 257 133.15 44.30 26.53
C ARG B 257 133.47 45.43 27.50
N GLU B 258 134.65 46.04 27.34
CA GLU B 258 135.05 47.21 28.12
C GLU B 258 134.08 48.37 27.91
N LYS B 259 133.80 48.70 26.65
CA LYS B 259 132.85 49.79 26.37
C LYS B 259 131.43 49.39 26.75
N LEU B 260 131.12 48.10 26.72
CA LEU B 260 129.81 47.63 27.13
C LEU B 260 129.60 47.85 28.62
N GLN B 261 130.62 47.55 29.42
CA GLN B 261 130.52 47.81 30.85
C GLN B 261 130.62 49.30 31.15
N GLU B 262 131.26 50.06 30.27
CA GLU B 262 131.26 51.51 30.37
C GLU B 262 129.83 52.05 30.29
N GLU B 263 129.15 51.73 29.21
CA GLU B 263 127.75 52.12 29.04
C GLU B 263 126.83 51.41 30.03
N ARG B 264 127.29 50.34 30.68
CA ARG B 264 126.45 49.66 31.67
C ARG B 264 126.52 50.35 33.02
N GLU B 265 127.68 50.37 33.66
CA GLU B 265 127.72 50.97 34.98
C GLU B 265 128.10 52.44 34.95
N ASN B 266 127.86 53.12 33.82
CA ASN B 266 127.48 54.52 33.92
C ASN B 266 126.15 54.67 34.63
N GLU B 267 125.26 53.69 34.50
CA GLU B 267 123.94 53.77 35.10
C GLU B 267 123.61 52.62 36.04
N TYR B 268 124.44 51.61 36.13
CA TYR B 268 124.22 50.57 37.13
C TYR B 268 124.54 51.09 38.52
N LYS C 26 43.35 -13.38 42.63
CA LYS C 26 44.13 -12.20 42.94
C LYS C 26 45.59 -12.41 42.55
N LYS C 27 46.27 -11.31 42.19
CA LYS C 27 47.68 -11.34 41.84
C LYS C 27 48.44 -10.38 42.73
N VAL C 28 49.57 -10.85 43.26
CA VAL C 28 50.43 -10.07 44.14
C VAL C 28 51.28 -9.11 43.32
N VAL C 29 51.99 -8.21 43.99
CA VAL C 29 52.87 -7.27 43.33
C VAL C 29 54.33 -7.43 43.79
N LYS C 30 54.68 -8.63 44.31
CA LYS C 30 56.01 -9.04 44.78
C LYS C 30 56.66 -7.98 45.69
N GLN C 31 56.08 -7.85 46.89
CA GLN C 31 56.23 -6.70 47.77
C GLN C 31 57.64 -6.31 48.18
N LYS C 32 58.34 -7.11 48.99
CA LYS C 32 59.49 -6.56 49.69
C LYS C 32 60.65 -7.55 49.81
N ASN C 33 61.85 -7.07 49.52
CA ASN C 33 63.11 -7.76 49.82
C ASN C 33 63.69 -7.34 51.17
N HIS C 34 63.28 -6.18 51.69
CA HIS C 34 63.37 -5.70 53.07
C HIS C 34 64.77 -5.31 53.54
N VAL C 35 65.81 -5.46 52.74
CA VAL C 35 67.16 -5.06 53.14
C VAL C 35 67.60 -3.92 52.22
N TYR C 36 68.28 -2.93 52.77
CA TYR C 36 68.63 -1.74 52.02
C TYR C 36 70.14 -1.58 51.94
N THR C 37 70.55 -0.72 51.00
CA THR C 37 71.96 -0.53 50.70
C THR C 37 72.12 0.80 49.99
N PRO C 38 73.32 1.39 50.00
CA PRO C 38 73.63 2.41 49.01
C PRO C 38 73.67 1.81 47.62
N VAL C 39 73.33 2.64 46.63
CA VAL C 39 73.21 2.16 45.26
C VAL C 39 74.59 1.88 44.67
N TYR C 40 75.40 2.93 44.54
CA TYR C 40 76.79 2.87 44.09
C TYR C 40 76.91 2.21 42.73
N ASN C 41 76.34 2.89 41.72
CA ASN C 41 76.68 2.60 40.33
C ASN C 41 78.19 2.83 40.22
N GLU C 42 78.94 1.75 40.00
CA GLU C 42 80.32 1.64 40.44
C GLU C 42 81.26 2.58 39.68
N LEU C 43 82.14 3.25 40.42
CA LEU C 43 83.05 4.24 39.84
C LEU C 43 84.24 3.59 39.15
N ILE C 44 85.06 2.85 39.91
CA ILE C 44 86.31 2.32 39.38
C ILE C 44 86.01 1.15 38.47
N GLU C 45 86.52 1.19 37.25
CA GLU C 45 86.18 0.26 36.20
C GLU C 45 87.25 -0.81 36.07
N LYS C 46 86.80 -2.00 35.69
CA LYS C 46 87.68 -3.14 35.48
C LYS C 46 87.55 -3.63 34.05
N TYR C 47 88.62 -4.21 33.53
CA TYR C 47 88.56 -4.71 32.17
C TYR C 47 87.79 -6.02 32.14
N SER C 48 86.91 -6.15 31.17
CA SER C 48 85.91 -7.21 31.19
C SER C 48 86.26 -8.28 30.16
N GLU C 49 87.08 -9.24 30.56
CA GLU C 49 87.46 -10.32 29.66
C GLU C 49 86.27 -11.23 29.40
N ILE C 50 86.25 -11.85 28.23
CA ILE C 50 85.07 -12.59 27.82
C ILE C 50 85.28 -14.04 28.23
N PRO C 51 84.43 -14.57 29.10
CA PRO C 51 84.62 -15.92 29.64
C PRO C 51 83.92 -17.01 28.84
N LEU C 52 84.04 -16.94 27.53
CA LEU C 52 83.41 -17.97 26.70
C LEU C 52 84.41 -19.07 26.39
N ASN C 53 84.97 -19.64 27.44
CA ASN C 53 86.01 -20.66 27.33
C ASN C 53 85.45 -21.95 27.91
N ASP C 54 84.72 -22.68 27.07
CA ASP C 54 83.94 -23.81 27.55
C ASP C 54 84.76 -25.09 27.69
N LYS C 55 85.22 -25.65 26.58
CA LYS C 55 85.95 -26.91 26.66
C LYS C 55 87.23 -26.88 25.85
N LEU C 56 87.24 -26.10 24.78
CA LEU C 56 88.43 -26.07 23.93
C LEU C 56 89.52 -25.19 24.49
N LYS C 57 89.33 -24.60 25.67
CA LYS C 57 90.45 -24.03 26.38
C LYS C 57 91.36 -25.10 26.97
N ASP C 58 90.96 -26.37 26.92
CA ASP C 58 91.80 -27.49 27.30
C ASP C 58 92.21 -28.38 26.14
N THR C 59 91.45 -28.38 25.04
CA THR C 59 91.82 -29.20 23.90
C THR C 59 93.00 -28.57 23.18
N PRO C 60 94.06 -29.32 22.91
CA PRO C 60 95.27 -28.71 22.36
C PRO C 60 95.19 -28.55 20.85
N PHE C 61 95.76 -27.44 20.38
CA PHE C 61 95.86 -27.17 18.95
C PHE C 61 97.01 -26.20 18.73
N MET C 62 97.51 -26.20 17.50
CA MET C 62 98.52 -25.25 17.05
C MET C 62 98.16 -24.75 15.66
N VAL C 63 96.91 -24.33 15.50
CA VAL C 63 96.34 -24.10 14.19
C VAL C 63 96.90 -22.81 13.58
N GLN C 64 97.09 -22.82 12.28
CA GLN C 64 97.77 -21.73 11.57
C GLN C 64 96.79 -21.04 10.65
N VAL C 65 96.64 -19.74 10.83
CA VAL C 65 95.70 -18.92 10.07
C VAL C 65 96.49 -17.89 9.29
N LYS C 66 96.26 -17.85 7.98
CA LYS C 66 96.87 -16.81 7.16
C LYS C 66 96.06 -15.54 7.25
N LEU C 67 96.72 -14.41 6.99
CA LEU C 67 96.07 -13.12 7.09
C LEU C 67 96.51 -12.25 5.92
N PRO C 68 95.62 -12.02 4.96
CA PRO C 68 95.97 -11.16 3.82
C PRO C 68 95.98 -9.69 4.16
N ASN C 69 96.10 -8.85 3.13
CA ASN C 69 96.58 -7.48 3.28
C ASN C 69 95.62 -6.48 2.66
N TYR C 70 94.35 -6.51 3.07
CA TYR C 70 93.34 -5.61 2.54
C TYR C 70 93.61 -4.15 2.91
N LYS C 71 92.76 -3.26 2.41
CA LYS C 71 92.85 -1.83 2.74
C LYS C 71 92.09 -1.58 4.02
N ASP C 72 92.85 -1.37 5.10
CA ASP C 72 92.42 -0.71 6.34
C ASP C 72 91.39 -1.48 7.16
N TYR C 73 90.89 -2.62 6.67
CA TYR C 73 89.90 -3.39 7.41
C TYR C 73 90.49 -4.60 8.12
N LEU C 74 91.58 -5.15 7.60
CA LEU C 74 92.50 -6.09 8.26
C LEU C 74 91.92 -7.44 8.68
N LEU C 75 90.65 -7.70 8.42
CA LEU C 75 90.07 -9.03 8.59
C LEU C 75 88.92 -9.17 7.62
N ASP C 76 88.08 -10.18 7.85
CA ASP C 76 86.96 -10.46 6.98
C ASP C 76 85.74 -10.82 7.80
N ASN C 77 84.60 -10.24 7.45
CA ASN C 77 83.35 -10.71 8.04
C ASN C 77 82.99 -12.08 7.47
N LYS C 78 83.57 -12.45 6.33
CA LYS C 78 83.62 -13.86 5.95
C LYS C 78 84.35 -14.68 6.98
N GLN C 79 85.51 -14.22 7.44
CA GLN C 79 86.35 -14.98 8.36
C GLN C 79 86.76 -14.09 9.52
N VAL C 80 85.87 -13.94 10.50
CA VAL C 80 86.17 -13.23 11.72
C VAL C 80 85.90 -14.06 12.96
N VAL C 81 84.79 -14.80 12.99
CA VAL C 81 84.46 -15.59 14.18
C VAL C 81 85.37 -16.80 14.28
N LEU C 82 85.72 -17.39 13.14
CA LEU C 82 86.60 -18.55 13.14
C LEU C 82 88.00 -18.17 13.56
N THR C 83 88.45 -16.98 13.22
CA THR C 83 89.78 -16.55 13.60
C THR C 83 89.78 -15.78 14.89
N PHE C 84 88.62 -15.56 15.51
CA PHE C 84 88.65 -15.04 16.86
C PHE C 84 88.41 -16.10 17.91
N LYS C 85 87.77 -17.22 17.55
CA LYS C 85 87.61 -18.32 18.50
C LYS C 85 88.96 -18.86 18.94
N LEU C 86 89.90 -18.96 18.00
CA LEU C 86 91.22 -19.49 18.32
C LEU C 86 92.01 -18.53 19.20
N VAL C 87 91.92 -17.23 18.94
CA VAL C 87 92.67 -16.29 19.76
C VAL C 87 92.02 -16.10 21.12
N HIS C 88 90.71 -16.28 21.22
CA HIS C 88 90.10 -16.22 22.54
C HIS C 88 90.47 -17.44 23.37
N HIS C 89 90.42 -18.62 22.76
CA HIS C 89 90.61 -19.84 23.52
C HIS C 89 92.04 -20.34 23.51
N SER C 90 92.96 -19.62 22.90
CA SER C 90 94.31 -20.14 22.83
C SER C 90 95.09 -19.70 24.05
N LYS C 91 96.33 -20.17 24.13
CA LYS C 91 97.21 -19.81 25.23
C LYS C 91 98.52 -19.19 24.82
N LYS C 92 99.04 -19.51 23.63
CA LYS C 92 100.26 -18.89 23.11
C LYS C 92 100.07 -18.72 21.61
N ILE C 93 100.06 -17.49 21.13
CA ILE C 93 99.98 -17.30 19.69
C ILE C 93 101.24 -16.60 19.22
N THR C 94 101.58 -16.83 17.96
CA THR C 94 102.74 -16.21 17.36
C THR C 94 102.36 -15.61 16.01
N LEU C 95 103.18 -14.64 15.60
CA LEU C 95 102.89 -13.78 14.46
C LEU C 95 104.15 -13.63 13.62
N ILE C 96 104.01 -13.94 12.33
CA ILE C 96 105.10 -13.90 11.37
C ILE C 96 104.70 -12.96 10.26
N GLY C 97 105.52 -11.95 10.02
CA GLY C 97 105.23 -11.09 8.88
C GLY C 97 105.95 -9.75 9.00
N ASP C 98 105.30 -8.73 8.47
CA ASP C 98 105.83 -7.38 8.51
C ASP C 98 105.81 -6.85 9.93
N ALA C 99 106.67 -5.87 10.21
CA ALA C 99 106.91 -5.41 11.57
C ALA C 99 105.71 -4.69 12.15
N ASN C 100 105.32 -3.57 11.53
CA ASN C 100 104.17 -2.83 12.05
C ASN C 100 102.87 -3.58 11.83
N LYS C 101 102.82 -4.49 10.87
CA LYS C 101 101.62 -5.28 10.68
C LYS C 101 101.41 -6.26 11.83
N ILE C 102 102.46 -6.96 12.25
CA ILE C 102 102.27 -7.84 13.40
C ILE C 102 102.11 -7.04 14.67
N LEU C 103 102.65 -5.81 14.72
CA LEU C 103 102.43 -4.95 15.88
C LEU C 103 100.96 -4.57 16.00
N GLN C 104 100.38 -4.09 14.91
CA GLN C 104 98.99 -3.70 14.97
C GLN C 104 98.06 -4.90 15.06
N TYR C 105 98.50 -6.09 14.64
CA TYR C 105 97.65 -7.25 14.87
C TYR C 105 97.68 -7.70 16.32
N LYS C 106 98.83 -7.58 16.98
CA LYS C 106 98.87 -7.82 18.42
C LYS C 106 98.02 -6.80 19.15
N ASN C 107 98.11 -5.54 18.73
CA ASN C 107 97.30 -4.49 19.34
C ASN C 107 95.82 -4.75 19.14
N TYR C 108 95.44 -5.17 17.93
CA TYR C 108 94.04 -5.39 17.61
C TYR C 108 93.48 -6.58 18.36
N PHE C 109 94.25 -7.67 18.46
CA PHE C 109 93.74 -8.84 19.16
C PHE C 109 93.65 -8.59 20.65
N GLN C 110 94.68 -7.97 21.24
CA GLN C 110 94.64 -7.69 22.67
C GLN C 110 93.60 -6.64 23.01
N ALA C 111 93.32 -5.71 22.10
CA ALA C 111 92.35 -4.68 22.38
C ALA C 111 90.94 -5.10 22.04
N ASN C 112 90.77 -6.13 21.23
CA ASN C 112 89.43 -6.57 20.87
C ASN C 112 88.99 -7.75 21.70
N GLY C 113 89.74 -8.84 21.69
CA GLY C 113 89.19 -10.03 22.32
C GLY C 113 90.13 -10.93 23.08
N ALA C 114 91.41 -10.60 23.12
CA ALA C 114 92.34 -11.51 23.77
C ALA C 114 92.29 -11.31 25.28
N ARG C 115 93.23 -11.95 25.96
CA ARG C 115 93.37 -11.81 27.40
C ARG C 115 94.83 -11.51 27.69
N SER C 116 95.12 -11.35 28.99
CA SER C 116 96.39 -10.77 29.42
C SER C 116 97.45 -11.81 29.74
N ASP C 117 97.34 -13.01 29.18
CA ASP C 117 98.34 -14.03 29.45
C ASP C 117 98.63 -14.87 28.23
N ILE C 118 98.51 -14.29 27.04
CA ILE C 118 98.70 -15.06 25.82
C ILE C 118 100.18 -15.18 25.48
N ASP C 119 100.99 -14.18 25.87
CA ASP C 119 102.42 -14.11 25.57
C ASP C 119 102.66 -14.20 24.06
N PHE C 120 102.20 -13.14 23.39
CA PHE C 120 102.33 -12.97 21.95
C PHE C 120 103.77 -13.09 21.50
N TYR C 121 104.06 -14.08 20.69
CA TYR C 121 105.41 -14.32 20.20
C TYR C 121 105.51 -13.71 18.81
N LEU C 122 106.33 -12.69 18.66
CA LEU C 122 106.48 -12.01 17.38
C LEU C 122 107.83 -12.34 16.78
N GLN C 123 107.82 -12.79 15.52
CA GLN C 123 109.07 -12.99 14.78
C GLN C 123 108.86 -12.31 13.44
N PRO C 124 109.44 -11.13 13.24
CA PRO C 124 109.17 -10.37 12.01
C PRO C 124 110.01 -10.84 10.85
N THR C 125 109.50 -10.59 9.65
CA THR C 125 110.22 -10.90 8.42
C THR C 125 110.27 -9.68 7.50
N LEU C 126 110.78 -9.86 6.30
CA LEU C 126 110.87 -8.78 5.31
C LEU C 126 110.03 -9.08 4.08
N ASN C 127 110.30 -10.18 3.40
CA ASN C 127 109.62 -10.52 2.15
C ASN C 127 108.48 -11.46 2.49
N GLN C 128 107.36 -10.88 2.92
CA GLN C 128 106.20 -11.67 3.32
C GLN C 128 104.95 -10.87 2.98
N LYS C 129 104.37 -11.16 1.82
CA LYS C 129 103.11 -10.54 1.43
C LYS C 129 102.01 -11.20 2.24
N GLY C 130 101.48 -10.47 3.22
CA GLY C 130 100.58 -11.05 4.18
C GLY C 130 101.30 -11.32 5.50
N VAL C 131 100.54 -11.88 6.43
CA VAL C 131 101.04 -12.13 7.77
C VAL C 131 100.33 -13.35 8.33
N VAL C 132 101.10 -14.31 8.84
CA VAL C 132 100.55 -15.59 9.24
C VAL C 132 100.66 -15.73 10.75
N MET C 133 99.61 -16.27 11.35
CA MET C 133 99.55 -16.42 12.80
C MET C 133 99.38 -17.90 13.14
N ILE C 134 99.95 -18.30 14.26
CA ILE C 134 99.84 -19.67 14.74
C ILE C 134 99.37 -19.63 16.17
N ALA C 135 98.17 -20.16 16.40
CA ALA C 135 97.55 -20.16 17.72
C ALA C 135 97.68 -21.54 18.34
N SER C 136 98.26 -21.61 19.52
CA SER C 136 98.48 -22.87 20.22
C SER C 136 97.87 -22.81 21.60
N ASN C 137 97.44 -23.97 22.07
CA ASN C 137 96.74 -24.08 23.36
C ASN C 137 97.34 -25.25 24.13
N TYR C 138 98.32 -24.96 24.97
CA TYR C 138 98.73 -25.93 25.97
C TYR C 138 97.60 -26.13 26.97
N ASN C 139 97.53 -27.33 27.53
CA ASN C 139 96.40 -27.65 28.39
C ASN C 139 96.52 -26.96 29.74
N ASP C 140 97.55 -27.31 30.51
CA ASP C 140 97.93 -26.66 31.77
C ASP C 140 96.83 -26.70 32.83
N ASN C 141 95.90 -27.63 32.73
CA ASN C 141 94.87 -27.81 33.73
C ASN C 141 95.18 -29.07 34.55
N PRO C 142 95.05 -29.02 35.87
CA PRO C 142 95.67 -30.04 36.72
C PRO C 142 94.83 -31.28 37.01
N ASN C 143 93.73 -31.55 36.32
CA ASN C 143 92.91 -32.68 36.74
C ASN C 143 93.44 -34.00 36.20
N SER C 144 93.24 -34.28 34.91
CA SER C 144 93.90 -35.44 34.32
C SER C 144 94.70 -35.06 33.09
N LYS C 145 93.98 -34.69 32.03
CA LYS C 145 94.45 -33.90 30.89
C LYS C 145 95.62 -34.56 30.16
N GLU C 146 95.33 -35.69 29.52
CA GLU C 146 96.31 -36.44 28.75
C GLU C 146 95.99 -36.40 27.26
N LYS C 147 97.03 -36.57 26.44
CA LYS C 147 96.90 -36.49 24.99
C LYS C 147 96.50 -37.84 24.41
N PRO C 148 95.46 -37.89 23.56
CA PRO C 148 95.04 -39.19 23.00
C PRO C 148 95.94 -39.69 21.88
N GLN C 149 96.79 -40.66 22.23
CA GLN C 149 97.68 -41.49 21.38
C GLN C 149 98.45 -40.76 20.29
N THR C 150 98.69 -39.45 20.43
CA THR C 150 99.30 -38.57 19.41
C THR C 150 98.69 -38.73 18.01
N PHE C 151 97.40 -39.11 17.98
CA PHE C 151 96.51 -39.24 16.81
C PHE C 151 97.17 -39.85 15.58
N ASP C 152 97.68 -41.07 15.71
CA ASP C 152 97.97 -41.84 14.50
C ASP C 152 96.62 -42.35 13.99
N VAL C 153 95.98 -41.53 13.16
CA VAL C 153 94.64 -41.78 12.69
C VAL C 153 94.52 -41.30 11.26
N LEU C 154 93.99 -42.15 10.40
CA LEU C 154 93.75 -41.80 9.01
C LEU C 154 92.42 -41.09 8.81
N GLN C 155 91.49 -41.25 9.74
CA GLN C 155 90.24 -40.52 9.62
C GLN C 155 90.42 -39.05 9.96
N GLY C 156 90.97 -38.75 11.11
CA GLY C 156 91.09 -37.38 11.58
C GLY C 156 92.43 -36.79 11.21
N SER C 157 92.48 -35.47 11.16
CA SER C 157 93.74 -34.76 11.03
C SER C 157 94.33 -34.52 12.42
N GLN C 158 95.65 -34.56 12.51
CA GLN C 158 96.29 -34.40 13.80
C GLN C 158 96.20 -32.96 14.25
N PRO C 159 95.95 -32.70 15.53
CA PRO C 159 95.64 -31.35 15.99
C PRO C 159 96.88 -30.54 16.37
N MET C 160 97.90 -30.58 15.52
CA MET C 160 98.96 -29.60 15.61
C MET C 160 98.98 -28.71 14.37
N LEU C 161 99.17 -29.27 13.19
CA LEU C 161 98.95 -28.52 11.97
C LEU C 161 97.98 -29.33 11.14
N GLY C 162 96.79 -28.77 10.89
CA GLY C 162 95.67 -29.57 10.44
C GLY C 162 95.86 -30.13 9.05
N ALA C 163 96.35 -29.30 8.13
CA ALA C 163 96.47 -29.60 6.70
C ALA C 163 95.16 -30.13 6.14
N ASN C 164 94.17 -29.24 6.15
CA ASN C 164 92.79 -29.62 5.90
C ASN C 164 92.60 -29.94 4.42
N THR C 165 92.34 -31.20 4.13
CA THR C 165 92.00 -31.65 2.80
C THR C 165 90.56 -32.13 2.87
N LYS C 166 89.63 -31.29 2.42
CA LYS C 166 88.22 -31.62 2.41
C LYS C 166 87.47 -30.75 1.41
N ASN C 167 86.63 -31.37 0.60
CA ASN C 167 85.38 -30.75 0.18
C ASN C 167 84.20 -31.57 0.65
N LEU C 168 84.26 -32.87 0.41
CA LEU C 168 83.38 -33.84 1.06
C LEU C 168 84.17 -34.85 1.88
N HIS C 169 85.15 -35.53 1.27
CA HIS C 169 85.71 -36.74 1.86
C HIS C 169 87.23 -36.82 1.92
N GLY C 170 87.97 -35.80 1.49
CA GLY C 170 89.42 -35.86 1.66
C GLY C 170 90.28 -36.02 0.42
N TYR C 171 91.08 -35.01 0.10
CA TYR C 171 91.83 -34.96 -1.14
C TYR C 171 92.99 -35.96 -1.17
N ASP C 172 94.04 -35.70 -0.38
CA ASP C 172 95.03 -36.68 0.04
C ASP C 172 95.73 -37.41 -1.11
N VAL C 173 96.13 -36.68 -2.14
CA VAL C 173 96.65 -37.30 -3.36
C VAL C 173 97.99 -36.69 -3.78
N SER C 174 99.06 -37.45 -3.55
CA SER C 174 100.41 -37.12 -3.97
C SER C 174 101.28 -38.37 -3.86
N GLY C 175 102.42 -38.35 -4.55
CA GLY C 175 103.48 -39.29 -4.31
C GLY C 175 103.29 -40.68 -4.88
N ALA C 176 102.05 -41.12 -5.11
CA ALA C 176 101.77 -42.44 -5.67
C ALA C 176 101.65 -42.42 -7.18
N ASN C 177 102.26 -41.45 -7.85
CA ASN C 177 102.18 -41.33 -9.28
C ASN C 177 103.50 -41.49 -10.00
N ASN C 178 104.63 -41.27 -9.32
CA ASN C 178 105.92 -41.48 -9.96
C ASN C 178 106.15 -42.95 -10.28
N LYS C 179 105.61 -43.83 -9.45
CA LYS C 179 105.65 -45.26 -9.72
C LYS C 179 104.83 -45.59 -10.96
N GLN C 180 103.70 -44.91 -11.13
CA GLN C 180 102.87 -45.12 -12.30
C GLN C 180 103.54 -44.57 -13.57
N VAL C 181 104.22 -43.43 -13.45
CA VAL C 181 104.96 -42.88 -14.57
C VAL C 181 106.14 -43.78 -14.92
N ILE C 182 106.75 -44.41 -13.91
CA ILE C 182 107.78 -45.41 -14.14
C ILE C 182 107.21 -46.60 -14.92
N ASN C 183 105.98 -46.99 -14.58
CA ASN C 183 105.31 -48.07 -15.32
C ASN C 183 105.05 -47.66 -16.78
N GLU C 184 104.63 -46.41 -17.00
CA GLU C 184 104.37 -45.95 -18.36
C GLU C 184 105.65 -45.90 -19.16
N VAL C 185 106.76 -45.47 -18.54
CA VAL C 185 108.00 -45.41 -19.28
C VAL C 185 108.59 -46.80 -19.46
N ALA C 186 108.22 -47.76 -18.62
CA ALA C 186 108.67 -49.13 -18.84
C ALA C 186 107.92 -49.77 -20.01
N ARG C 187 106.62 -49.50 -20.12
CA ARG C 187 105.88 -49.94 -21.30
C ARG C 187 106.38 -49.23 -22.55
N GLU C 188 106.79 -47.96 -22.41
CA GLU C 188 107.39 -47.23 -23.52
C GLU C 188 108.72 -47.83 -23.94
N LYS C 189 109.53 -48.25 -22.96
CA LYS C 189 110.79 -48.91 -23.23
C LYS C 189 110.58 -50.24 -23.93
N ALA C 190 109.53 -50.98 -23.54
CA ALA C 190 109.23 -52.24 -24.21
C ALA C 190 108.79 -52.01 -25.65
N GLN C 191 107.99 -50.97 -25.88
CA GLN C 191 107.58 -50.65 -27.26
C GLN C 191 108.77 -50.21 -28.10
N LEU C 192 109.71 -49.48 -27.49
CA LEU C 192 110.91 -49.07 -28.21
C LEU C 192 111.80 -50.25 -28.53
N GLU C 193 111.88 -51.21 -27.62
CA GLU C 193 112.66 -52.41 -27.91
C GLU C 193 112.01 -53.26 -28.99
N LYS C 194 110.68 -53.29 -29.03
CA LYS C 194 110.00 -54.01 -30.11
C LYS C 194 110.23 -53.33 -31.45
N ILE C 195 110.18 -52.00 -31.48
CA ILE C 195 110.43 -51.24 -32.70
C ILE C 195 111.86 -51.42 -33.17
N ASN C 196 112.81 -51.43 -32.24
CA ASN C 196 114.20 -51.67 -32.59
C ASN C 196 114.42 -53.10 -33.05
N GLN C 197 113.68 -54.05 -32.48
CA GLN C 197 113.80 -55.44 -32.90
C GLN C 197 113.21 -55.65 -34.27
N TYR C 198 112.26 -54.81 -34.68
CA TYR C 198 111.79 -54.84 -36.05
C TYR C 198 112.85 -54.20 -36.94
N TYR C 199 113.79 -55.03 -37.37
CA TYR C 199 114.81 -54.59 -38.29
C TYR C 199 115.16 -55.74 -39.22
N LYS C 200 115.56 -55.38 -40.44
CA LYS C 200 116.07 -56.34 -41.39
C LYS C 200 117.48 -56.02 -41.84
N THR C 201 118.05 -54.91 -41.38
CA THR C 201 119.29 -54.39 -41.92
C THR C 201 120.50 -54.57 -41.01
N LEU C 202 120.31 -54.49 -39.70
CA LEU C 202 121.42 -54.55 -38.74
C LEU C 202 121.89 -55.98 -38.52
N LEU C 203 122.58 -56.19 -37.40
CA LEU C 203 123.24 -57.46 -37.11
C LEU C 203 122.28 -58.65 -37.06
N GLN C 204 122.61 -59.66 -37.85
CA GLN C 204 121.92 -60.94 -37.91
C GLN C 204 122.89 -61.90 -38.58
N ASP C 205 123.23 -63.00 -37.89
CA ASP C 205 124.37 -63.81 -38.29
C ASP C 205 124.10 -64.51 -39.61
N LYS C 206 124.97 -64.27 -40.58
CA LYS C 206 124.79 -64.68 -41.96
C LYS C 206 125.95 -65.57 -42.39
N GLU C 207 125.95 -65.91 -43.68
CA GLU C 207 127.01 -66.75 -44.23
C GLU C 207 128.31 -65.97 -44.32
N GLN C 208 129.37 -66.70 -44.66
CA GLN C 208 130.72 -66.15 -44.59
C GLN C 208 130.93 -65.05 -45.62
N GLU C 209 130.29 -65.15 -46.78
CA GLU C 209 130.39 -64.11 -47.80
C GLU C 209 129.81 -62.78 -47.33
N TYR C 210 128.74 -62.83 -46.54
CA TYR C 210 128.24 -61.60 -45.93
C TYR C 210 129.14 -61.14 -44.80
N THR C 211 129.52 -62.06 -43.90
CA THR C 211 130.12 -61.66 -42.65
C THR C 211 131.56 -61.19 -42.80
N THR C 212 132.31 -61.74 -43.76
CA THR C 212 133.68 -61.26 -43.95
C THR C 212 133.68 -59.87 -44.56
N ARG C 213 132.76 -59.62 -45.49
CA ARG C 213 132.58 -58.27 -46.01
C ARG C 213 132.16 -57.32 -44.89
N LYS C 214 131.30 -57.78 -43.98
CA LYS C 214 130.86 -56.97 -42.84
C LYS C 214 132.03 -56.58 -41.95
N ASN C 215 132.82 -57.58 -41.53
CA ASN C 215 133.94 -57.35 -40.65
C ASN C 215 135.01 -56.48 -41.31
N ASN C 216 135.17 -56.63 -42.63
CA ASN C 216 136.08 -55.75 -43.36
C ASN C 216 135.57 -54.32 -43.40
N GLN C 217 134.24 -54.12 -43.53
CA GLN C 217 133.75 -52.74 -43.56
C GLN C 217 133.91 -52.08 -42.21
N ARG C 218 133.66 -52.84 -41.14
CA ARG C 218 133.91 -52.34 -39.78
C ARG C 218 135.36 -51.93 -39.59
N GLU C 219 136.30 -52.78 -40.04
CA GLU C 219 137.71 -52.51 -39.75
C GLU C 219 138.25 -51.36 -40.59
N ILE C 220 138.01 -51.39 -41.91
CA ILE C 220 138.46 -50.33 -42.79
C ILE C 220 137.78 -49.02 -42.44
N LEU C 221 136.57 -49.09 -41.91
CA LEU C 221 135.84 -47.90 -41.53
C LEU C 221 136.29 -47.31 -40.21
N GLU C 222 136.69 -48.15 -39.26
CA GLU C 222 137.26 -47.59 -38.04
C GLU C 222 138.58 -46.90 -38.35
N THR C 223 139.34 -47.45 -39.32
CA THR C 223 140.53 -46.73 -39.78
C THR C 223 140.15 -45.46 -40.52
N LEU C 224 139.02 -45.45 -41.25
CA LEU C 224 138.61 -44.25 -41.96
C LEU C 224 138.14 -43.17 -41.01
N SER C 225 137.41 -43.55 -39.96
CA SER C 225 136.98 -42.60 -38.95
C SER C 225 138.17 -42.03 -38.21
N ASN C 226 139.18 -42.86 -37.94
CA ASN C 226 140.40 -42.31 -37.35
C ASN C 226 141.16 -41.43 -38.33
N ARG C 227 141.06 -41.70 -39.63
CA ARG C 227 141.73 -40.83 -40.60
C ARG C 227 141.04 -39.47 -40.71
N ALA C 228 139.71 -39.45 -40.69
CA ALA C 228 138.99 -38.19 -40.68
C ALA C 228 139.22 -37.44 -39.37
N GLY C 229 139.32 -38.18 -38.26
CA GLY C 229 139.67 -37.56 -37.00
C GLY C 229 141.09 -37.01 -37.00
N TYR C 230 142.00 -37.66 -37.72
CA TYR C 230 143.36 -37.15 -37.83
C TYR C 230 143.41 -35.90 -38.69
N GLN C 231 142.63 -35.86 -39.77
CA GLN C 231 142.58 -34.67 -40.60
C GLN C 231 141.86 -33.50 -39.92
N MET C 232 140.93 -33.78 -39.01
CA MET C 232 140.22 -32.72 -38.32
C MET C 232 140.89 -32.27 -37.04
N ARG C 233 141.53 -33.20 -36.31
CA ARG C 233 142.06 -32.94 -34.98
C ARG C 233 143.26 -32.00 -35.02
N GLN C 234 144.09 -32.12 -36.05
CA GLN C 234 145.25 -31.24 -36.21
C GLN C 234 144.89 -30.17 -37.22
N ASN C 235 144.02 -29.26 -36.82
CA ASN C 235 143.83 -28.06 -37.62
C ASN C 235 144.91 -27.05 -37.24
N VAL C 236 145.12 -26.09 -38.14
CA VAL C 236 146.07 -25.01 -37.84
C VAL C 236 145.50 -24.11 -36.74
N ILE C 237 144.17 -24.04 -36.64
CA ILE C 237 143.56 -23.19 -35.62
C ILE C 237 143.51 -23.84 -34.26
N SER C 238 143.70 -25.15 -34.16
CA SER C 238 143.49 -25.86 -32.90
C SER C 238 144.71 -26.71 -32.57
N SER C 239 144.64 -27.34 -31.41
CA SER C 239 145.60 -28.36 -30.93
C SER C 239 147.03 -27.80 -30.87
N GLU C 240 147.18 -26.68 -30.16
CA GLU C 240 148.47 -26.01 -30.12
C GLU C 240 148.58 -25.30 -28.77
N ILE C 241 149.51 -24.35 -28.67
CA ILE C 241 149.78 -23.67 -27.42
C ILE C 241 148.90 -22.43 -27.31
N PHE C 242 147.79 -22.56 -26.59
CA PHE C 242 147.02 -21.42 -26.11
C PHE C 242 147.48 -20.98 -24.75
N LYS C 243 148.59 -21.54 -24.26
CA LYS C 243 149.05 -21.26 -22.91
C LYS C 243 149.54 -19.83 -22.79
N ASN C 244 150.25 -19.34 -23.80
CA ASN C 244 150.58 -17.92 -23.84
C ASN C 244 149.35 -17.06 -24.11
N GLY C 245 148.41 -17.59 -24.90
CA GLY C 245 147.23 -16.81 -25.27
C GLY C 245 146.30 -16.55 -24.11
N ASN C 246 146.23 -17.47 -23.15
CA ASN C 246 145.51 -17.18 -21.92
C ASN C 246 146.43 -16.71 -20.80
N LEU C 247 147.75 -16.85 -20.95
CA LEU C 247 148.68 -16.30 -19.98
C LEU C 247 148.68 -14.77 -20.03
N ASN C 248 148.56 -14.21 -21.24
CA ASN C 248 148.44 -12.75 -21.35
C ASN C 248 147.12 -12.26 -20.77
N MET C 249 146.04 -13.04 -20.94
CA MET C 249 144.76 -12.70 -20.32
C MET C 249 144.85 -12.77 -18.81
N GLN C 250 145.58 -13.76 -18.30
CA GLN C 250 145.81 -13.86 -16.86
C GLN C 250 146.64 -12.69 -16.34
N ALA C 251 147.63 -12.25 -17.12
CA ALA C 251 148.46 -11.13 -16.70
C ALA C 251 147.66 -9.83 -16.65
N LYS C 252 146.83 -9.57 -17.66
CA LYS C 252 146.03 -8.35 -17.62
C LYS C 252 144.91 -8.45 -16.58
N GLU C 253 144.47 -9.67 -16.26
CA GLU C 253 143.56 -9.85 -15.13
C GLU C 253 144.23 -9.48 -13.81
N GLU C 254 145.46 -9.94 -13.62
CA GLU C 254 146.19 -9.59 -12.39
C GLU C 254 146.46 -8.10 -12.31
N GLU C 255 146.70 -7.47 -13.46
CA GLU C 255 146.95 -6.04 -13.44
C GLU C 255 145.69 -5.23 -13.18
N VAL C 256 144.54 -5.64 -13.72
CA VAL C 256 143.33 -4.89 -13.38
C VAL C 256 142.89 -5.19 -11.95
N ARG C 257 143.23 -6.36 -11.41
CA ARG C 257 142.98 -6.60 -9.98
C ARG C 257 143.91 -5.75 -9.13
N GLU C 258 145.15 -5.55 -9.59
CA GLU C 258 146.11 -4.66 -8.94
C GLU C 258 145.59 -3.23 -8.87
N LYS C 259 145.13 -2.69 -10.01
CA LYS C 259 144.58 -1.35 -10.01
C LYS C 259 143.25 -1.27 -9.27
N LEU C 260 142.52 -2.39 -9.22
CA LEU C 260 141.27 -2.42 -8.47
C LEU C 260 141.54 -2.31 -6.97
N GLN C 261 142.54 -3.01 -6.48
CA GLN C 261 142.91 -2.87 -5.08
C GLN C 261 143.59 -1.54 -4.81
N GLU C 262 144.21 -0.96 -5.82
CA GLU C 262 144.74 0.41 -5.71
C GLU C 262 143.62 1.39 -5.40
N GLU C 263 142.61 1.42 -6.26
CA GLU C 263 141.46 2.27 -6.04
C GLU C 263 140.62 1.82 -4.84
N ARG C 264 140.82 0.60 -4.35
CA ARG C 264 140.09 0.13 -3.18
C ARG C 264 140.71 0.62 -1.89
N GLU C 265 141.94 0.18 -1.59
CA GLU C 265 142.51 0.60 -0.32
C GLU C 265 143.36 1.86 -0.45
N ASN C 266 143.09 2.68 -1.46
CA ASN C 266 143.26 4.12 -1.26
C ASN C 266 142.29 4.64 -0.21
N GLU C 267 141.11 4.02 -0.09
CA GLU C 267 140.09 4.49 0.84
C GLU C 267 139.63 3.43 1.82
N TYR C 268 140.05 2.18 1.68
CA TYR C 268 139.75 1.18 2.69
C TYR C 268 140.56 1.42 3.94
N LYS D 26 44.71 -30.92 29.14
CA LYS D 26 45.92 -30.12 29.25
C LYS D 26 47.06 -30.75 28.46
N LYS D 27 47.96 -29.92 27.95
CA LYS D 27 49.13 -30.37 27.22
C LYS D 27 50.38 -29.83 27.89
N VAL D 28 51.37 -30.71 28.07
CA VAL D 28 52.64 -30.38 28.70
C VAL D 28 53.54 -29.66 27.70
N VAL D 29 54.67 -29.14 28.17
CA VAL D 29 55.64 -28.48 27.31
C VAL D 29 57.00 -29.17 27.35
N LYS D 30 57.02 -30.46 27.72
CA LYS D 30 58.20 -31.36 27.80
C LYS D 30 59.39 -30.70 28.52
N GLN D 31 59.20 -30.52 29.83
CA GLN D 31 59.97 -29.59 30.65
C GLN D 31 61.49 -29.75 30.68
N LYS D 32 62.03 -30.82 31.24
CA LYS D 32 63.44 -30.78 31.60
C LYS D 32 64.16 -32.11 31.39
N ASN D 33 65.35 -32.03 30.77
CA ASN D 33 66.31 -33.12 30.71
C ASN D 33 67.32 -33.08 31.85
N HIS D 34 67.49 -31.92 32.49
CA HIS D 34 68.10 -31.68 33.80
C HIS D 34 69.60 -31.83 33.88
N VAL D 35 70.29 -32.23 32.82
CA VAL D 35 71.74 -32.35 32.84
C VAL D 35 72.31 -31.33 31.86
N TYR D 36 73.42 -30.69 32.23
CA TYR D 36 73.97 -29.60 31.44
C TYR D 36 75.36 -29.95 30.93
N THR D 37 75.81 -29.18 29.95
CA THR D 37 77.06 -29.43 29.26
C THR D 37 77.51 -28.14 28.58
N PRO D 38 78.79 -28.01 28.27
CA PRO D 38 79.19 -27.04 27.25
C PRO D 38 78.66 -27.45 25.90
N VAL D 39 78.41 -26.44 25.06
CA VAL D 39 77.78 -26.70 23.77
C VAL D 39 78.78 -27.34 22.81
N TYR D 40 79.85 -26.61 22.48
CA TYR D 40 80.97 -27.08 21.66
C TYR D 40 80.50 -27.57 20.30
N ASN D 41 79.98 -26.64 19.51
CA ASN D 41 79.84 -26.86 18.07
C ASN D 41 81.24 -27.13 17.55
N GLU D 42 81.48 -28.36 17.11
CA GLU D 42 82.80 -28.98 17.16
C GLU D 42 83.78 -28.33 16.18
N LEU D 43 85.00 -28.08 16.66
CA LEU D 43 86.02 -27.39 15.88
C LEU D 43 86.69 -28.32 14.88
N ILE D 44 87.35 -29.37 15.35
CA ILE D 44 88.17 -30.22 14.50
C ILE D 44 87.25 -31.12 13.68
N GLU D 45 87.42 -31.09 12.36
CA GLU D 45 86.51 -31.74 11.43
C GLU D 45 87.08 -33.08 10.98
N LYS D 46 86.15 -34.00 10.71
CA LYS D 46 86.50 -35.33 10.25
C LYS D 46 85.84 -35.57 8.90
N TYR D 47 86.47 -36.41 8.09
CA TYR D 47 85.91 -36.70 6.78
C TYR D 47 84.74 -37.66 6.95
N SER D 48 83.65 -37.38 6.25
CA SER D 48 82.37 -38.03 6.52
C SER D 48 82.06 -39.03 5.41
N GLU D 49 82.56 -40.25 5.54
CA GLU D 49 82.29 -41.27 4.55
C GLU D 49 80.83 -41.70 4.61
N ILE D 50 80.30 -42.13 3.47
CA ILE D 50 78.87 -42.38 3.39
C ILE D 50 78.65 -43.86 3.69
N PRO D 51 77.92 -44.17 4.76
CA PRO D 51 77.75 -45.56 5.19
C PRO D 51 76.53 -46.24 4.58
N LEU D 52 76.33 -46.07 3.29
CA LEU D 52 75.19 -46.72 2.66
C LEU D 52 75.62 -48.06 2.05
N ASN D 53 76.19 -48.90 2.90
CA ASN D 53 76.74 -50.19 2.47
C ASN D 53 75.92 -51.26 3.15
N ASP D 54 74.80 -51.61 2.54
CA ASP D 54 73.81 -52.46 3.19
C ASP D 54 74.13 -53.95 3.07
N LYS D 55 74.08 -54.49 1.86
CA LYS D 55 74.31 -55.93 1.70
C LYS D 55 75.27 -56.23 0.57
N LEU D 56 75.28 -55.39 -0.45
CA LEU D 56 76.15 -55.64 -1.59
C LEU D 56 77.59 -55.25 -1.33
N LYS D 57 77.91 -54.78 -0.13
CA LYS D 57 79.31 -54.71 0.26
C LYS D 57 79.90 -56.09 0.55
N ASP D 58 79.07 -57.12 0.59
CA ASP D 58 79.53 -58.50 0.69
C ASP D 58 79.29 -59.33 -0.56
N THR D 59 78.34 -58.95 -1.40
CA THR D 59 78.09 -59.71 -2.61
C THR D 59 79.19 -59.43 -3.62
N PRO D 60 79.82 -60.45 -4.19
CA PRO D 60 80.99 -60.21 -5.04
C PRO D 60 80.60 -59.86 -6.46
N PHE D 61 81.38 -58.96 -7.05
CA PHE D 61 81.21 -58.57 -8.44
C PHE D 61 82.53 -58.02 -8.96
N MET D 62 82.68 -58.04 -10.28
CA MET D 62 83.81 -57.44 -10.97
C MET D 62 83.32 -56.68 -12.19
N VAL D 63 82.29 -55.86 -11.98
CA VAL D 63 81.54 -55.29 -13.09
C VAL D 63 82.35 -54.21 -13.79
N GLN D 64 82.19 -54.12 -15.10
CA GLN D 64 83.01 -53.26 -15.94
C GLN D 64 82.14 -52.17 -16.54
N VAL D 65 82.51 -50.92 -16.29
CA VAL D 65 81.76 -49.75 -16.74
C VAL D 65 82.63 -48.96 -17.69
N LYS D 66 82.12 -48.68 -18.88
CA LYS D 66 82.82 -47.83 -19.82
C LYS D 66 82.57 -46.37 -19.48
N LEU D 67 83.50 -45.51 -19.88
CA LEU D 67 83.40 -44.10 -19.57
C LEU D 67 83.80 -43.30 -20.81
N PRO D 68 82.85 -42.67 -21.47
CA PRO D 68 83.18 -41.86 -22.64
C PRO D 68 83.80 -40.52 -22.29
N ASN D 69 83.95 -39.66 -23.29
CA ASN D 69 84.90 -38.55 -23.26
C ASN D 69 84.23 -37.22 -23.56
N TYR D 70 83.18 -36.87 -22.81
CA TYR D 70 82.46 -35.62 -23.03
C TYR D 70 83.32 -34.40 -22.71
N LYS D 71 82.74 -33.22 -22.94
CA LYS D 71 83.41 -31.96 -22.62
C LYS D 71 83.13 -31.62 -21.17
N ASP D 72 84.16 -31.80 -20.33
CA ASP D 72 84.32 -31.19 -19.01
C ASP D 72 83.32 -31.67 -17.95
N TYR D 73 82.34 -32.50 -18.31
CA TYR D 73 81.36 -32.98 -17.34
C TYR D 73 81.64 -34.39 -16.85
N LEU D 74 82.31 -35.20 -17.66
CA LEU D 74 82.97 -36.47 -17.31
C LEU D 74 82.08 -37.59 -16.78
N LEU D 75 80.77 -37.38 -16.68
CA LEU D 75 79.82 -38.44 -16.39
C LEU D 75 78.48 -38.08 -17.01
N ASP D 76 77.43 -38.77 -16.57
CA ASP D 76 76.10 -38.56 -17.11
C ASP D 76 75.08 -38.59 -16.00
N ASN D 77 74.17 -37.62 -16.00
CA ASN D 77 73.04 -37.71 -15.10
C ASN D 77 72.07 -38.80 -15.57
N LYS D 78 72.19 -39.21 -16.83
CA LYS D 78 71.63 -40.48 -17.25
C LYS D 78 72.26 -41.63 -16.48
N GLN D 79 73.58 -41.64 -16.35
CA GLN D 79 74.30 -42.74 -15.71
C GLN D 79 75.28 -42.18 -14.70
N VAL D 80 74.78 -41.85 -13.51
CA VAL D 80 75.60 -41.43 -12.40
C VAL D 80 75.37 -42.27 -11.15
N VAL D 81 74.12 -42.60 -10.83
CA VAL D 81 73.85 -43.36 -9.62
C VAL D 81 74.25 -44.82 -9.79
N LEU D 82 74.08 -45.35 -11.01
CA LEU D 82 74.47 -46.73 -11.28
C LEU D 82 75.97 -46.89 -11.25
N THR D 83 76.70 -45.89 -11.68
CA THR D 83 78.14 -45.97 -11.66
C THR D 83 78.75 -45.40 -10.40
N PHE D 84 77.94 -44.88 -9.49
CA PHE D 84 78.48 -44.57 -8.18
C PHE D 84 78.16 -45.61 -7.13
N LYS D 85 77.09 -46.39 -7.32
CA LYS D 85 76.80 -47.49 -6.39
C LYS D 85 77.93 -48.49 -6.35
N LEU D 86 78.51 -48.79 -7.51
CA LEU D 86 79.59 -49.76 -7.59
C LEU D 86 80.86 -49.24 -6.95
N VAL D 87 81.17 -47.95 -7.14
CA VAL D 87 82.39 -47.43 -6.54
C VAL D 87 82.21 -47.20 -5.05
N HIS D 88 81.00 -46.93 -4.59
CA HIS D 88 80.80 -46.83 -3.15
C HIS D 88 80.90 -48.19 -2.49
N HIS D 89 80.29 -49.21 -3.09
CA HIS D 89 80.22 -50.51 -2.44
C HIS D 89 81.33 -51.44 -2.86
N SER D 90 82.27 -51.00 -3.68
CA SER D 90 83.28 -51.93 -4.13
C SER D 90 84.44 -51.94 -3.16
N LYS D 91 85.42 -52.80 -3.44
CA LYS D 91 86.60 -52.88 -2.61
C LYS D 91 87.89 -52.69 -3.37
N LYS D 92 87.95 -53.03 -4.66
CA LYS D 92 89.15 -52.79 -5.47
C LYS D 92 88.66 -52.39 -6.86
N ILE D 93 88.96 -51.18 -7.29
CA ILE D 93 88.60 -50.81 -8.65
C ILE D 93 89.86 -50.51 -9.44
N THR D 94 89.77 -50.69 -10.74
CA THR D 94 90.89 -50.44 -11.63
C THR D 94 90.43 -49.59 -12.80
N LEU D 95 91.39 -48.90 -13.39
CA LEU D 95 91.17 -47.87 -14.39
C LEU D 95 92.13 -48.05 -15.55
N ILE D 96 91.57 -48.15 -16.76
CA ILE D 96 92.33 -48.36 -17.98
C ILE D 96 92.03 -47.21 -18.91
N GLY D 97 93.06 -46.51 -19.35
CA GLY D 97 92.82 -45.47 -20.34
C GLY D 97 93.98 -44.48 -20.40
N ASP D 98 93.61 -43.24 -20.70
CA ASP D 98 94.58 -42.17 -20.78
C ASP D 98 95.10 -41.84 -19.39
N ALA D 99 96.30 -41.23 -19.35
CA ALA D 99 97.02 -41.06 -18.10
C ALA D 99 96.34 -40.03 -17.19
N ASN D 100 96.23 -38.79 -17.65
CA ASN D 100 95.59 -37.78 -16.82
C ASN D 100 94.10 -38.01 -16.68
N LYS D 101 93.49 -38.74 -17.61
CA LYS D 101 92.07 -39.06 -17.49
C LYS D 101 91.82 -40.04 -16.35
N ILE D 102 92.64 -41.09 -16.24
CA ILE D 102 92.44 -41.98 -15.11
C ILE D 102 92.90 -41.33 -13.82
N LEU D 103 93.83 -40.38 -13.90
CA LEU D 103 94.22 -39.63 -12.70
C LEU D 103 93.07 -38.79 -12.18
N GLN D 104 92.43 -38.02 -13.05
CA GLN D 104 91.33 -37.20 -12.59
C GLN D 104 90.10 -38.03 -12.29
N TYR D 105 89.97 -39.24 -12.83
CA TYR D 105 88.85 -40.06 -12.41
C TYR D 105 89.08 -40.67 -11.03
N LYS D 106 90.33 -41.03 -10.71
CA LYS D 106 90.64 -41.43 -9.35
C LYS D 106 90.42 -40.28 -8.39
N ASN D 107 90.84 -39.07 -8.77
CA ASN D 107 90.64 -37.90 -7.94
C ASN D 107 89.16 -37.62 -7.75
N TYR D 108 88.36 -37.75 -8.81
CA TYR D 108 86.94 -37.44 -8.73
C TYR D 108 86.21 -38.46 -7.88
N PHE D 109 86.54 -39.73 -8.02
CA PHE D 109 85.85 -40.74 -7.24
C PHE D 109 86.23 -40.66 -5.77
N GLN D 110 87.52 -40.49 -5.47
CA GLN D 110 87.94 -40.38 -4.09
C GLN D 110 87.46 -39.10 -3.45
N ALA D 111 87.30 -38.04 -4.23
CA ALA D 111 86.87 -36.77 -3.67
C ALA D 111 85.36 -36.66 -3.61
N ASN D 112 84.63 -37.47 -4.37
CA ASN D 112 83.19 -37.39 -4.35
C ASN D 112 82.57 -38.44 -3.46
N GLY D 113 82.86 -39.71 -3.70
CA GLY D 113 82.11 -40.71 -2.97
C GLY D 113 82.83 -41.96 -2.52
N ALA D 114 84.11 -42.09 -2.83
CA ALA D 114 84.78 -43.32 -2.48
C ALA D 114 85.20 -43.30 -1.02
N ARG D 115 85.98 -44.29 -0.63
CA ARG D 115 86.52 -44.38 0.71
C ARG D 115 88.02 -44.62 0.61
N SER D 116 88.66 -44.72 1.76
CA SER D 116 90.11 -44.65 1.84
C SER D 116 90.78 -46.02 1.83
N ASP D 117 90.13 -47.04 1.30
CA ASP D 117 90.73 -48.35 1.26
C ASP D 117 90.39 -49.09 -0.02
N ILE D 118 90.19 -48.36 -1.11
CA ILE D 118 89.78 -49.01 -2.35
C ILE D 118 90.98 -49.57 -3.09
N ASP D 119 92.17 -48.96 -2.91
CA ASP D 119 93.41 -49.34 -3.61
C ASP D 119 93.20 -49.31 -5.12
N PHE D 120 93.00 -48.10 -5.61
CA PHE D 120 92.81 -47.81 -7.03
C PHE D 120 93.96 -48.35 -7.85
N TYR D 121 93.66 -49.28 -8.73
CA TYR D 121 94.67 -49.89 -9.58
C TYR D 121 94.63 -49.20 -10.94
N LEU D 122 95.70 -48.50 -11.27
CA LEU D 122 95.75 -47.76 -12.54
C LEU D 122 96.70 -48.45 -13.51
N GLN D 123 96.22 -48.73 -14.72
CA GLN D 123 97.09 -49.24 -15.78
C GLN D 123 96.80 -48.37 -16.99
N PRO D 124 97.68 -47.44 -17.32
CA PRO D 124 97.41 -46.50 -18.40
C PRO D 124 97.70 -47.08 -19.76
N THR D 125 97.04 -46.52 -20.78
CA THR D 125 97.27 -46.91 -22.16
C THR D 125 97.51 -45.68 -23.02
N LEU D 126 97.62 -45.88 -24.33
CA LEU D 126 97.82 -44.79 -25.27
C LEU D 126 96.65 -44.64 -26.23
N ASN D 127 96.34 -45.68 -26.99
CA ASN D 127 95.29 -45.62 -28.01
C ASN D 127 94.02 -46.15 -27.38
N GLN D 128 93.32 -45.29 -26.66
CA GLN D 128 92.10 -45.69 -25.95
C GLN D 128 91.16 -44.48 -25.93
N LYS D 129 90.25 -44.42 -26.88
CA LYS D 129 89.24 -43.38 -26.90
C LYS D 129 88.22 -43.71 -25.83
N GLY D 130 88.24 -42.98 -24.73
CA GLY D 130 87.47 -43.33 -23.57
C GLY D 130 88.34 -43.97 -22.51
N VAL D 131 87.70 -44.35 -21.42
CA VAL D 131 88.41 -44.93 -20.27
C VAL D 131 87.46 -45.89 -19.56
N VAL D 132 87.95 -47.10 -19.31
CA VAL D 132 87.11 -48.17 -18.81
C VAL D 132 87.52 -48.51 -17.39
N MET D 133 86.55 -48.73 -16.53
CA MET D 133 86.79 -49.04 -15.13
C MET D 133 86.21 -50.39 -14.80
N ILE D 134 86.87 -51.09 -13.88
CA ILE D 134 86.40 -52.39 -13.42
C ILE D 134 86.34 -52.36 -11.91
N ALA D 135 85.13 -52.49 -11.37
CA ALA D 135 84.90 -52.44 -9.94
C ALA D 135 84.69 -53.84 -9.41
N SER D 136 85.49 -54.25 -8.42
CA SER D 136 85.41 -55.58 -7.85
C SER D 136 85.22 -55.47 -6.36
N ASN D 137 84.55 -56.47 -5.81
CA ASN D 137 84.20 -56.50 -4.39
C ASN D 137 84.52 -57.88 -3.84
N TYR D 138 85.72 -58.04 -3.29
CA TYR D 138 86.00 -59.20 -2.47
C TYR D 138 85.16 -59.12 -1.20
N ASN D 139 84.81 -60.29 -0.66
CA ASN D 139 83.90 -60.32 0.46
C ASN D 139 84.58 -59.87 1.74
N ASP D 140 85.58 -60.63 2.19
CA ASP D 140 86.47 -60.31 3.31
C ASP D 140 85.74 -60.10 4.63
N ASN D 141 84.53 -60.64 4.77
CA ASN D 141 83.79 -60.59 6.02
C ASN D 141 83.84 -61.96 6.69
N PRO D 142 84.07 -62.03 8.00
CA PRO D 142 84.47 -63.30 8.62
C PRO D 142 83.36 -64.21 9.10
N ASN D 143 82.09 -64.00 8.73
CA ASN D 143 81.05 -64.85 9.34
C ASN D 143 80.93 -66.20 8.64
N SER D 144 80.33 -66.24 7.45
CA SER D 144 80.37 -67.47 6.68
C SER D 144 80.92 -67.24 5.28
N LYS D 145 80.13 -66.53 4.46
CA LYS D 145 80.55 -65.80 3.26
C LYS D 145 81.19 -66.73 2.22
N GLU D 146 80.37 -67.61 1.67
CA GLU D 146 80.80 -68.55 0.63
C GLU D 146 80.14 -68.22 -0.71
N LYS D 147 80.81 -68.64 -1.79
CA LYS D 147 80.36 -68.34 -3.15
C LYS D 147 79.37 -69.40 -3.62
N PRO D 148 78.22 -69.01 -4.15
CA PRO D 148 77.24 -70.01 -4.60
C PRO D 148 77.59 -70.64 -5.94
N GLN D 149 78.10 -71.88 -5.86
CA GLN D 149 78.39 -72.85 -6.94
C GLN D 149 79.07 -72.30 -8.19
N THR D 150 79.79 -71.17 -8.08
CA THR D 150 80.39 -70.42 -9.21
C THR D 150 79.42 -70.21 -10.39
N PHE D 151 78.12 -70.13 -10.06
CA PHE D 151 76.99 -69.81 -10.96
C PHE D 151 77.06 -70.47 -12.34
N ASP D 152 77.11 -71.80 -12.37
CA ASP D 152 76.80 -72.47 -13.63
C ASP D 152 75.28 -72.43 -13.78
N VAL D 153 74.80 -71.35 -14.37
CA VAL D 153 73.37 -71.08 -14.44
C VAL D 153 73.08 -70.42 -15.79
N LEU D 154 72.08 -70.94 -16.49
CA LEU D 154 71.64 -70.38 -17.76
C LEU D 154 70.64 -69.24 -17.56
N GLN D 155 69.99 -69.18 -16.41
CA GLN D 155 69.07 -68.07 -16.16
C GLN D 155 69.84 -66.80 -15.86
N GLY D 156 70.74 -66.83 -14.88
CA GLY D 156 71.45 -65.65 -14.45
C GLY D 156 72.78 -65.50 -15.16
N SER D 157 73.28 -64.27 -15.19
CA SER D 157 74.63 -64.02 -15.64
C SER D 157 75.59 -64.15 -14.46
N GLN D 158 76.78 -64.65 -14.74
CA GLN D 158 77.74 -64.88 -13.68
C GLN D 158 78.29 -63.53 -13.18
N PRO D 159 78.48 -63.37 -11.89
CA PRO D 159 78.80 -62.05 -11.33
C PRO D 159 80.29 -61.76 -11.28
N MET D 160 80.97 -62.04 -12.38
CA MET D 160 82.30 -61.49 -12.57
C MET D 160 82.34 -60.51 -13.73
N LEU D 161 82.00 -60.95 -14.93
CA LEU D 161 81.77 -60.04 -16.03
C LEU D 161 80.40 -60.38 -16.59
N GLY D 162 79.47 -59.43 -16.48
CA GLY D 162 78.05 -59.75 -16.62
C GLY D 162 77.68 -60.17 -18.03
N ALA D 163 78.18 -59.45 -19.03
CA ALA D 163 77.83 -59.60 -20.44
C ALA D 163 76.32 -59.58 -20.62
N ASN D 164 75.74 -58.43 -20.31
CA ASN D 164 74.30 -58.29 -20.19
C ASN D 164 73.65 -58.35 -21.57
N THR D 165 72.90 -59.41 -21.80
CA THR D 165 72.10 -59.56 -23.00
C THR D 165 70.65 -59.53 -22.56
N LYS D 166 70.00 -58.38 -22.70
CA LYS D 166 68.60 -58.22 -22.33
C LYS D 166 67.99 -57.04 -23.05
N ASN D 167 66.80 -57.25 -23.62
CA ASN D 167 65.80 -56.19 -23.66
C ASN D 167 64.56 -56.62 -22.91
N LEU D 168 64.09 -57.83 -23.17
CA LEU D 168 63.12 -58.51 -22.34
C LEU D 168 63.67 -59.82 -21.80
N HIS D 169 64.18 -60.71 -22.66
CA HIS D 169 64.40 -62.10 -22.27
C HIS D 169 65.76 -62.69 -22.64
N GLY D 170 66.67 -61.94 -23.25
CA GLY D 170 68.00 -62.50 -23.47
C GLY D 170 68.40 -62.78 -24.91
N TYR D 171 69.41 -62.08 -25.42
CA TYR D 171 69.80 -62.13 -26.82
C TYR D 171 70.46 -63.45 -27.18
N ASP D 172 71.70 -63.65 -26.71
CA ASP D 172 72.36 -64.95 -26.60
C ASP D 172 72.44 -65.73 -27.92
N VAL D 173 72.80 -65.06 -29.01
CA VAL D 173 72.74 -65.66 -30.33
C VAL D 173 74.05 -65.50 -31.08
N SER D 174 74.81 -66.60 -31.18
CA SER D 174 76.05 -66.68 -31.96
C SER D 174 76.40 -68.16 -32.10
N GLY D 175 77.27 -68.43 -33.08
CA GLY D 175 77.95 -69.70 -33.17
C GLY D 175 77.15 -70.87 -33.70
N ALA D 176 75.82 -70.83 -33.59
CA ALA D 176 74.96 -71.91 -34.08
C ALA D 176 74.48 -71.68 -35.50
N ASN D 177 75.21 -70.89 -36.28
CA ASN D 177 74.82 -70.57 -37.64
C ASN D 177 75.77 -71.08 -38.71
N ASN D 178 77.03 -71.35 -38.35
CA ASN D 178 77.96 -71.89 -39.33
C ASN D 178 77.57 -73.30 -39.73
N LYS D 179 76.97 -74.05 -38.80
CA LYS D 179 76.43 -75.36 -39.10
C LYS D 179 75.28 -75.26 -40.09
N GLN D 180 74.46 -74.22 -39.92
CA GLN D 180 73.34 -73.99 -40.82
C GLN D 180 73.82 -73.56 -42.21
N VAL D 181 74.86 -72.73 -42.25
CA VAL D 181 75.45 -72.33 -43.52
C VAL D 181 76.09 -73.53 -44.20
N ILE D 182 76.68 -74.44 -43.43
CA ILE D 182 77.20 -75.70 -43.95
C ILE D 182 76.07 -76.53 -44.56
N ASN D 183 74.89 -76.52 -43.91
CA ASN D 183 73.73 -77.21 -44.46
C ASN D 183 73.28 -76.57 -45.78
N GLU D 184 73.29 -75.24 -45.84
CA GLU D 184 72.88 -74.56 -47.07
C GLU D 184 73.86 -74.85 -48.20
N VAL D 185 75.15 -74.88 -47.89
CA VAL D 185 76.11 -75.16 -48.96
C VAL D 185 76.09 -76.64 -49.33
N ALA D 186 75.64 -77.51 -48.42
CA ALA D 186 75.50 -78.91 -48.79
C ALA D 186 74.31 -79.12 -49.72
N ARG D 187 73.20 -78.42 -49.46
CA ARG D 187 72.09 -78.45 -50.42
C ARG D 187 72.48 -77.79 -51.74
N GLU D 188 73.33 -76.78 -51.68
CA GLU D 188 73.85 -76.15 -52.90
C GLU D 188 74.73 -77.11 -53.67
N LYS D 189 75.55 -77.89 -52.97
CA LYS D 189 76.39 -78.90 -53.59
C LYS D 189 75.55 -79.99 -54.24
N ALA D 190 74.45 -80.37 -53.59
CA ALA D 190 73.56 -81.37 -54.17
C ALA D 190 72.88 -80.84 -55.44
N GLN D 191 72.47 -79.57 -55.42
CA GLN D 191 71.88 -78.98 -56.62
C GLN D 191 72.89 -78.86 -57.74
N LEU D 192 74.15 -78.56 -57.40
CA LEU D 192 75.19 -78.50 -58.42
C LEU D 192 75.50 -79.86 -58.99
N GLU D 193 75.46 -80.90 -58.17
CA GLU D 193 75.67 -82.25 -58.69
C GLU D 193 74.50 -82.69 -59.56
N LYS D 194 73.28 -82.26 -59.24
CA LYS D 194 72.14 -82.58 -60.10
C LYS D 194 72.26 -81.87 -61.44
N ILE D 195 72.68 -80.60 -61.41
CA ILE D 195 72.87 -79.83 -62.64
C ILE D 195 73.98 -80.43 -63.50
N ASN D 196 75.07 -80.86 -62.87
CA ASN D 196 76.14 -81.52 -63.59
C ASN D 196 75.72 -82.86 -64.13
N GLN D 197 74.86 -83.58 -63.39
CA GLN D 197 74.37 -84.86 -63.86
C GLN D 197 73.41 -84.70 -65.03
N TYR D 198 72.75 -83.55 -65.13
CA TYR D 198 71.97 -83.26 -66.32
C TYR D 198 72.93 -82.91 -67.46
N TYR D 199 73.39 -83.95 -68.15
CA TYR D 199 74.23 -83.77 -69.31
C TYR D 199 73.91 -84.85 -70.32
N LYS D 200 74.09 -84.51 -71.59
CA LYS D 200 73.96 -85.47 -72.68
C LYS D 200 75.24 -85.59 -73.48
N THR D 201 76.26 -84.79 -73.18
CA THR D 201 77.42 -84.66 -74.03
C THR D 201 78.68 -85.32 -73.49
N LEU D 202 78.87 -85.36 -72.17
CA LEU D 202 80.09 -85.89 -71.56
C LEU D 202 80.06 -87.40 -71.50
N LEU D 203 80.88 -87.97 -70.63
CA LEU D 203 81.11 -89.41 -70.56
C LEU D 203 79.83 -90.21 -70.28
N GLN D 204 79.58 -91.17 -71.15
CA GLN D 204 78.48 -92.13 -71.06
C GLN D 204 78.84 -93.28 -71.98
N ASP D 205 78.94 -94.49 -71.44
CA ASP D 205 79.57 -95.59 -72.15
C ASP D 205 78.75 -96.00 -73.36
N LYS D 206 79.38 -95.95 -74.53
CA LYS D 206 78.73 -96.10 -75.82
C LYS D 206 79.34 -97.28 -76.57
N GLU D 207 78.91 -97.44 -77.82
CA GLU D 207 79.42 -98.51 -78.66
C GLU D 207 80.85 -98.21 -79.09
N GLN D 208 81.47 -99.21 -79.73
CA GLN D 208 82.90 -99.14 -80.02
C GLN D 208 83.22 -98.07 -81.04
N GLU D 209 82.30 -97.81 -81.97
CA GLU D 209 82.51 -96.75 -82.96
C GLU D 209 82.57 -95.38 -82.32
N TYR D 210 81.80 -95.15 -81.26
CA TYR D 210 81.93 -93.92 -80.52
C TYR D 210 83.20 -93.92 -79.67
N THR D 211 83.43 -95.01 -78.93
CA THR D 211 84.43 -94.98 -77.88
C THR D 211 85.85 -95.02 -78.41
N THR D 212 86.10 -95.66 -79.56
CA THR D 212 87.45 -95.65 -80.11
C THR D 212 87.79 -94.28 -80.67
N ARG D 213 86.81 -93.62 -81.29
CA ARG D 213 87.00 -92.23 -81.71
C ARG D 213 87.24 -91.35 -80.50
N LYS D 214 86.53 -91.60 -79.40
CA LYS D 214 86.70 -90.83 -78.16
C LYS D 214 88.12 -90.95 -77.62
N ASN D 215 88.58 -92.20 -77.46
CA ASN D 215 89.91 -92.46 -76.92
C ASN D 215 91.00 -91.92 -77.83
N ASN D 216 90.77 -91.97 -79.14
CA ASN D 216 91.71 -91.37 -80.07
C ASN D 216 91.75 -89.85 -79.94
N GLN D 217 90.59 -89.21 -79.70
CA GLN D 217 90.63 -87.75 -79.56
C GLN D 217 91.35 -87.35 -78.29
N ARG D 218 91.12 -88.09 -77.21
CA ARG D 218 91.85 -87.88 -75.96
C ARG D 218 93.36 -88.01 -76.18
N GLU D 219 93.79 -89.05 -76.87
CA GLU D 219 95.23 -89.32 -76.98
C GLU D 219 95.92 -88.32 -77.91
N ILE D 220 95.36 -88.12 -79.11
CA ILE D 220 95.92 -87.16 -80.07
C ILE D 220 95.86 -85.75 -79.51
N LEU D 221 94.88 -85.48 -78.66
CA LEU D 221 94.73 -84.16 -78.09
C LEU D 221 95.68 -83.92 -76.92
N GLU D 222 95.99 -84.95 -76.13
CA GLU D 222 97.00 -84.75 -75.11
C GLU D 222 98.35 -84.51 -75.76
N THR D 223 98.60 -85.17 -76.90
CA THR D 223 99.80 -84.84 -77.66
C THR D 223 99.73 -83.44 -78.24
N LEU D 224 98.54 -82.97 -78.63
CA LEU D 224 98.42 -81.63 -79.18
C LEU D 224 98.61 -80.57 -78.10
N SER D 225 98.07 -80.81 -76.90
CA SER D 225 98.28 -79.89 -75.79
C SER D 225 99.74 -79.85 -75.39
N ASN D 226 100.43 -80.99 -75.44
CA ASN D 226 101.86 -80.96 -75.18
C ASN D 226 102.62 -80.27 -76.31
N ARG D 227 102.10 -80.33 -77.55
CA ARG D 227 102.77 -79.63 -78.64
C ARG D 227 102.61 -78.12 -78.53
N ALA D 228 101.42 -77.66 -78.14
CA ALA D 228 101.23 -76.23 -77.90
C ALA D 228 102.02 -75.76 -76.70
N GLY D 229 102.13 -76.62 -75.68
CA GLY D 229 102.98 -76.32 -74.55
C GLY D 229 104.45 -76.28 -74.92
N TYR D 230 104.86 -77.10 -75.88
CA TYR D 230 106.24 -77.07 -76.35
C TYR D 230 106.52 -75.80 -77.16
N GLN D 231 105.55 -75.39 -77.99
CA GLN D 231 105.72 -74.15 -78.75
C GLN D 231 105.66 -72.91 -77.87
N MET D 232 104.95 -72.97 -76.74
CA MET D 232 104.85 -71.81 -75.86
C MET D 232 105.94 -71.77 -74.80
N ARG D 233 106.37 -72.93 -74.30
CA ARG D 233 107.28 -73.03 -73.16
C ARG D 233 108.67 -72.55 -73.51
N GLN D 234 109.13 -72.81 -74.73
CA GLN D 234 110.44 -72.37 -75.18
C GLN D 234 110.25 -71.12 -76.03
N ASN D 235 109.88 -70.04 -75.39
CA ASN D 235 109.93 -68.75 -76.06
C ASN D 235 111.36 -68.22 -75.98
N VAL D 236 111.66 -67.27 -76.88
CA VAL D 236 112.97 -66.61 -76.84
C VAL D 236 113.06 -65.72 -75.61
N ILE D 237 111.91 -65.22 -75.13
CA ILE D 237 111.91 -64.34 -73.98
C ILE D 237 111.99 -65.10 -72.66
N SER D 238 111.72 -66.40 -72.64
CA SER D 238 111.59 -67.14 -71.40
C SER D 238 112.48 -68.37 -71.44
N SER D 239 112.48 -69.09 -70.31
CA SER D 239 113.11 -70.41 -70.15
C SER D 239 114.59 -70.38 -70.45
N GLU D 240 115.31 -69.46 -69.81
CA GLU D 240 116.72 -69.27 -70.10
C GLU D 240 117.40 -68.80 -68.82
N ILE D 241 118.60 -68.24 -68.95
CA ILE D 241 119.41 -67.83 -67.82
C ILE D 241 119.08 -66.39 -67.44
N PHE D 242 118.21 -66.24 -66.44
CA PHE D 242 118.03 -64.97 -65.74
C PHE D 242 118.96 -64.87 -64.55
N LYS D 243 119.88 -65.82 -64.41
CA LYS D 243 120.74 -65.87 -63.22
C LYS D 243 121.71 -64.71 -63.22
N ASN D 244 122.27 -64.37 -64.37
CA ASN D 244 123.07 -63.16 -64.46
C ASN D 244 122.19 -61.91 -64.36
N GLY D 245 120.96 -61.99 -64.88
CA GLY D 245 120.07 -60.83 -64.89
C GLY D 245 119.63 -60.41 -63.51
N ASN D 246 119.46 -61.36 -62.59
CA ASN D 246 119.24 -61.00 -61.20
C ASN D 246 120.52 -60.99 -60.37
N LEU D 247 121.61 -61.55 -60.89
CA LEU D 247 122.89 -61.45 -60.20
C LEU D 247 123.42 -60.03 -60.22
N ASN D 248 123.20 -59.32 -61.33
CA ASN D 248 123.58 -57.90 -61.36
C ASN D 248 122.72 -57.07 -60.43
N MET D 249 121.42 -57.41 -60.32
CA MET D 249 120.55 -56.75 -59.37
C MET D 249 120.99 -57.01 -57.93
N GLN D 250 121.43 -58.25 -57.66
CA GLN D 250 121.95 -58.59 -56.35
C GLN D 250 123.24 -57.84 -56.05
N ALA D 251 124.09 -57.66 -57.07
CA ALA D 251 125.34 -56.94 -56.87
C ALA D 251 125.10 -55.47 -56.56
N LYS D 252 124.19 -54.83 -57.30
CA LYS D 252 123.90 -53.42 -57.01
C LYS D 252 123.12 -53.27 -55.71
N GLU D 253 122.37 -54.29 -55.30
CA GLU D 253 121.77 -54.30 -53.97
C GLU D 253 122.83 -54.33 -52.89
N GLU D 254 123.84 -55.19 -53.05
CA GLU D 254 124.91 -55.26 -52.07
C GLU D 254 125.71 -53.97 -52.03
N GLU D 255 125.87 -53.32 -53.18
CA GLU D 255 126.60 -52.06 -53.21
C GLU D 255 125.82 -50.92 -52.58
N VAL D 256 124.50 -50.85 -52.79
CA VAL D 256 123.77 -49.79 -52.11
C VAL D 256 123.61 -50.09 -50.63
N ARG D 257 123.64 -51.36 -50.22
CA ARG D 257 123.69 -51.67 -48.79
C ARG D 257 125.05 -51.28 -48.20
N GLU D 258 126.11 -51.46 -49.00
CA GLU D 258 127.46 -51.03 -48.61
C GLU D 258 127.51 -49.53 -48.37
N LYS D 259 127.00 -48.74 -49.32
CA LYS D 259 126.99 -47.28 -49.14
C LYS D 259 126.01 -46.87 -48.05
N LEU D 260 124.97 -47.67 -47.83
CA LEU D 260 124.01 -47.37 -46.77
C LEU D 260 124.66 -47.52 -45.41
N GLN D 261 125.45 -48.58 -45.23
CA GLN D 261 126.18 -48.74 -43.98
C GLN D 261 127.33 -47.76 -43.87
N GLU D 262 127.85 -47.30 -45.01
CA GLU D 262 128.83 -46.22 -45.01
C GLU D 262 128.25 -44.96 -44.38
N GLU D 263 127.13 -44.49 -44.93
CA GLU D 263 126.45 -43.34 -44.38
C GLU D 263 125.84 -43.61 -43.01
N ARG D 264 125.70 -44.89 -42.63
CA ARG D 264 125.17 -45.21 -41.31
C ARG D 264 126.24 -45.12 -40.22
N GLU D 265 127.26 -45.97 -40.28
CA GLU D 265 128.24 -45.92 -39.22
C GLU D 265 129.42 -45.01 -39.54
N ASN D 266 129.21 -44.03 -40.42
CA ASN D 266 129.93 -42.78 -40.24
C ASN D 266 129.50 -42.09 -38.95
N GLU D 267 128.25 -42.28 -38.53
CA GLU D 267 127.73 -41.62 -37.35
C GLU D 267 127.18 -42.57 -36.30
N TYR D 268 127.09 -43.87 -36.58
CA TYR D 268 126.70 -44.82 -35.54
C TYR D 268 127.84 -45.01 -34.56
N LYS E 26 36.51 -47.25 15.34
CA LYS E 26 37.91 -46.90 15.14
C LYS E 26 38.53 -47.78 14.06
N LYS E 27 39.50 -47.24 13.33
CA LYS E 27 40.23 -47.96 12.31
C LYS E 27 41.72 -47.94 12.62
N VAL E 28 42.34 -49.10 12.51
CA VAL E 28 43.77 -49.28 12.78
C VAL E 28 44.58 -48.79 11.59
N VAL E 29 45.90 -48.72 11.75
CA VAL E 29 46.78 -48.32 10.67
C VAL E 29 47.80 -49.41 10.33
N LYS E 30 47.47 -50.67 10.65
CA LYS E 30 48.24 -51.91 10.39
C LYS E 30 49.72 -51.75 10.77
N GLN E 31 49.94 -51.67 12.09
CA GLN E 31 51.16 -51.14 12.70
C GLN E 31 52.49 -51.79 12.30
N LYS E 32 52.75 -53.04 12.68
CA LYS E 32 54.13 -53.50 12.64
C LYS E 32 54.28 -54.96 12.22
N ASN E 33 55.22 -55.20 11.31
CA ASN E 33 55.70 -56.54 10.96
C ASN E 33 56.92 -56.95 11.79
N HIS E 34 57.62 -55.98 12.38
CA HIS E 34 58.58 -56.10 13.49
C HIS E 34 59.92 -56.75 13.16
N VAL E 35 60.13 -57.22 11.93
CA VAL E 35 61.41 -57.81 11.55
C VAL E 35 62.03 -56.93 10.47
N TYR E 36 63.35 -56.74 10.54
CA TYR E 36 64.02 -55.81 9.65
C TYR E 36 65.04 -56.53 8.79
N THR E 37 65.47 -55.84 7.73
CA THR E 37 66.35 -56.42 6.73
C THR E 37 67.02 -55.28 5.97
N PRO E 38 68.15 -55.53 5.32
CA PRO E 38 68.60 -54.64 4.26
C PRO E 38 67.63 -54.70 3.09
N VAL E 39 67.55 -53.59 2.37
CA VAL E 39 66.57 -53.49 1.29
C VAL E 39 67.02 -54.30 0.09
N TYR E 40 68.16 -53.94 -0.49
CA TYR E 40 68.80 -54.65 -1.60
C TYR E 40 67.87 -54.81 -2.80
N ASN E 41 67.52 -53.67 -3.40
CA ASN E 41 66.97 -53.67 -4.74
C ASN E 41 68.01 -54.32 -5.63
N GLU E 42 67.70 -55.52 -6.14
CA GLU E 42 68.70 -56.54 -6.47
C GLU E 42 69.56 -56.14 -7.66
N LEU E 43 70.88 -56.36 -7.52
CA LEU E 43 71.84 -55.95 -8.54
C LEU E 43 71.89 -56.94 -9.71
N ILE E 44 72.23 -58.19 -9.44
CA ILE E 44 72.46 -59.17 -10.51
C ILE E 44 71.12 -59.61 -11.06
N GLU E 45 70.96 -59.49 -12.38
CA GLU E 45 69.69 -59.71 -13.03
C GLU E 45 69.62 -61.10 -13.65
N LYS E 46 68.40 -61.63 -13.68
CA LYS E 46 68.14 -62.94 -14.24
C LYS E 46 67.13 -62.80 -15.37
N TYR E 47 67.21 -63.71 -16.32
CA TYR E 47 66.27 -63.65 -17.44
C TYR E 47 64.93 -64.19 -16.99
N SER E 48 63.87 -63.50 -17.36
CA SER E 48 62.56 -63.72 -16.77
C SER E 48 61.65 -64.43 -17.76
N GLU E 49 61.72 -65.75 -17.79
CA GLU E 49 60.87 -66.52 -18.69
C GLU E 49 59.41 -66.46 -18.25
N ILE E 50 58.51 -66.55 -19.20
CA ILE E 50 57.10 -66.32 -18.91
C ILE E 50 56.48 -67.67 -18.58
N PRO E 51 55.96 -67.84 -17.36
CA PRO E 51 55.44 -69.14 -16.93
C PRO E 51 53.96 -69.32 -17.20
N LEU E 52 53.51 -68.94 -18.38
CA LEU E 52 52.10 -69.11 -18.70
C LEU E 52 51.89 -70.44 -19.42
N ASN E 53 52.31 -71.51 -18.78
CA ASN E 53 52.27 -72.84 -19.36
C ASN E 53 51.32 -73.67 -18.50
N ASP E 54 50.04 -73.56 -18.79
CA ASP E 54 49.02 -74.11 -17.92
C ASP E 54 48.76 -75.60 -18.15
N LYS E 55 48.22 -75.97 -19.31
CA LYS E 55 47.90 -77.37 -19.54
C LYS E 55 48.39 -77.84 -20.89
N LEU E 56 48.44 -76.94 -21.88
CA LEU E 56 48.85 -77.33 -23.21
C LEU E 56 50.35 -77.47 -23.34
N LYS E 57 51.11 -77.26 -22.27
CA LYS E 57 52.50 -77.70 -22.26
C LYS E 57 52.63 -79.21 -22.17
N ASP E 58 51.52 -79.92 -21.94
CA ASP E 58 51.50 -81.37 -21.98
C ASP E 58 50.68 -81.93 -23.13
N THR E 59 49.74 -81.17 -23.68
CA THR E 59 48.95 -81.67 -24.79
C THR E 59 49.80 -81.65 -26.06
N PRO E 60 49.88 -82.75 -26.79
CA PRO E 60 50.80 -82.83 -27.92
C PRO E 60 50.22 -82.21 -29.18
N PHE E 61 51.09 -81.55 -29.94
CA PHE E 61 50.73 -80.97 -31.22
C PHE E 61 51.98 -80.84 -32.07
N MET E 62 51.77 -80.75 -33.38
CA MET E 62 52.84 -80.49 -34.34
C MET E 62 52.35 -79.48 -35.37
N VAL E 63 51.75 -78.40 -34.88
CA VAL E 63 50.99 -77.50 -35.72
C VAL E 63 51.91 -76.67 -36.59
N GLN E 64 51.49 -76.39 -37.82
CA GLN E 64 52.31 -75.76 -38.84
C GLN E 64 51.75 -74.38 -39.15
N VAL E 65 52.58 -73.36 -38.99
CA VAL E 65 52.19 -71.98 -39.20
C VAL E 65 53.02 -71.41 -40.34
N LYS E 66 52.35 -70.85 -41.34
CA LYS E 66 53.05 -70.17 -42.42
C LYS E 66 53.41 -68.76 -41.99
N LEU E 67 54.44 -68.21 -42.61
CA LEU E 67 54.92 -66.88 -42.27
C LEU E 67 55.25 -66.13 -43.54
N PRO E 68 54.44 -65.15 -43.92
CA PRO E 68 54.72 -64.37 -45.12
C PRO E 68 55.83 -63.35 -44.92
N ASN E 69 56.02 -62.49 -45.91
CA ASN E 69 57.27 -61.76 -46.11
C ASN E 69 57.04 -60.25 -46.20
N TYR E 70 56.39 -59.67 -45.19
CA TYR E 70 56.11 -58.23 -45.17
C TYR E 70 57.40 -57.41 -45.08
N LYS E 71 57.22 -56.08 -45.13
CA LYS E 71 58.34 -55.15 -44.97
C LYS E 71 58.57 -54.90 -43.49
N ASP E 72 59.64 -55.50 -42.97
CA ASP E 72 60.33 -55.12 -41.73
C ASP E 72 59.53 -55.36 -40.45
N TYR E 73 58.27 -55.79 -40.55
CA TYR E 73 57.45 -56.02 -39.36
C TYR E 73 57.34 -57.48 -38.99
N LEU E 74 57.46 -58.39 -39.96
CA LEU E 74 57.71 -59.83 -39.82
C LEU E 74 56.65 -60.65 -39.09
N LEU E 75 55.56 -60.03 -38.64
CA LEU E 75 54.42 -60.76 -38.12
C LEU E 75 53.17 -59.91 -38.35
N ASP E 76 52.10 -60.26 -37.66
CA ASP E 76 50.83 -59.57 -37.82
C ASP E 76 50.17 -59.39 -36.46
N ASN E 77 49.68 -58.18 -36.20
CA ASN E 77 48.83 -57.99 -35.04
C ASN E 77 47.48 -58.65 -35.24
N LYS E 78 47.12 -58.93 -36.50
CA LYS E 78 46.07 -59.91 -36.77
C LYS E 78 46.45 -61.27 -36.22
N GLN E 79 47.68 -61.72 -36.46
CA GLN E 79 48.10 -63.07 -36.06
C GLN E 79 49.43 -62.97 -35.33
N VAL E 80 49.38 -62.63 -34.05
CA VAL E 80 50.56 -62.63 -33.19
C VAL E 80 50.36 -63.48 -31.95
N VAL E 81 49.20 -63.41 -31.31
CA VAL E 81 49.00 -64.17 -30.08
C VAL E 81 48.81 -65.65 -30.39
N LEU E 82 48.18 -65.96 -31.51
CA LEU E 82 47.98 -67.34 -31.91
C LEU E 82 49.29 -68.00 -32.29
N THR E 83 50.19 -67.24 -32.88
CA THR E 83 51.47 -67.80 -33.26
C THR E 83 52.53 -67.60 -32.19
N PHE E 84 52.21 -66.94 -31.09
CA PHE E 84 53.13 -66.97 -29.97
C PHE E 84 52.74 -67.96 -28.90
N LYS E 85 51.46 -68.33 -28.81
CA LYS E 85 51.05 -69.35 -27.86
C LYS E 85 51.74 -70.68 -28.14
N LEU E 86 51.87 -71.02 -29.42
CA LEU E 86 52.49 -72.27 -29.81
C LEU E 86 53.98 -72.26 -29.52
N VAL E 87 54.66 -71.14 -29.77
CA VAL E 87 56.09 -71.12 -29.51
C VAL E 87 56.39 -71.00 -28.02
N HIS E 88 55.48 -70.42 -27.25
CA HIS E 88 55.70 -70.40 -25.81
C HIS E 88 55.49 -71.79 -25.23
N HIS E 89 54.44 -72.47 -25.64
CA HIS E 89 54.09 -73.74 -25.03
C HIS E 89 54.66 -74.94 -25.76
N SER E 90 55.46 -74.74 -26.79
CA SER E 90 55.95 -75.90 -27.52
C SER E 90 57.24 -76.39 -26.89
N LYS E 91 57.75 -77.49 -27.44
CA LYS E 91 59.01 -78.05 -26.97
C LYS E 91 60.05 -78.20 -28.04
N LYS E 92 59.68 -78.40 -29.30
CA LYS E 92 60.63 -78.47 -30.42
C LYS E 92 59.99 -77.79 -31.60
N ILE E 93 60.57 -76.69 -32.08
CA ILE E 93 60.03 -76.08 -33.28
C ILE E 93 61.08 -76.13 -34.37
N THR E 94 60.61 -76.12 -35.61
CA THR E 94 61.50 -76.15 -36.77
C THR E 94 61.08 -75.08 -37.75
N LEU E 95 62.05 -74.68 -38.58
CA LEU E 95 61.94 -73.53 -39.45
C LEU E 95 62.47 -73.88 -40.83
N ILE E 96 61.62 -73.66 -41.85
CA ILE E 96 61.94 -73.97 -43.22
C ILE E 96 61.83 -72.69 -44.02
N GLY E 97 62.89 -72.32 -44.71
CA GLY E 97 62.79 -71.16 -45.58
C GLY E 97 64.15 -70.61 -45.94
N ASP E 98 64.18 -69.29 -46.10
CA ASP E 98 65.42 -68.59 -46.42
C ASP E 98 66.34 -68.59 -45.21
N ALA E 99 67.63 -68.42 -45.49
CA ALA E 99 68.66 -68.63 -44.48
C ALA E 99 68.62 -67.55 -43.40
N ASN E 100 68.83 -66.29 -43.79
CA ASN E 100 68.81 -65.22 -42.80
C ASN E 100 67.41 -64.98 -42.27
N LYS E 101 66.38 -65.35 -43.01
CA LYS E 101 65.02 -65.21 -42.50
C LYS E 101 64.75 -66.17 -41.37
N ILE E 102 65.14 -67.44 -41.51
CA ILE E 102 64.93 -68.34 -40.38
C ILE E 102 65.90 -68.01 -39.26
N LEU E 103 67.05 -67.41 -39.56
CA LEU E 103 67.96 -66.98 -38.50
C LEU E 103 67.33 -65.88 -37.67
N GLN E 104 66.81 -64.85 -38.32
CA GLN E 104 66.20 -63.76 -37.57
C GLN E 104 64.88 -64.16 -36.95
N TYR E 105 64.21 -65.21 -37.47
CA TYR E 105 63.02 -65.67 -36.77
C TYR E 105 63.36 -66.45 -35.52
N LYS E 106 64.44 -67.23 -35.56
CA LYS E 106 64.92 -67.87 -34.34
C LYS E 106 65.37 -66.82 -33.33
N ASN E 107 66.06 -65.78 -33.79
CA ASN E 107 66.48 -64.70 -32.92
C ASN E 107 65.30 -63.97 -32.33
N TYR E 108 64.27 -63.73 -33.13
CA TYR E 108 63.11 -62.99 -32.67
C TYR E 108 62.30 -63.78 -31.67
N PHE E 109 62.12 -65.08 -31.92
CA PHE E 109 61.34 -65.90 -30.99
C PHE E 109 62.09 -66.09 -29.68
N GLN E 110 63.39 -66.39 -29.75
CA GLN E 110 64.15 -66.58 -28.53
C GLN E 110 64.31 -65.29 -27.75
N ALA E 111 64.35 -64.16 -28.44
CA ALA E 111 64.52 -62.89 -27.76
C ALA E 111 63.21 -62.29 -27.30
N ASN E 112 62.10 -62.73 -27.84
CA ASN E 112 60.81 -62.19 -27.44
C ASN E 112 60.12 -63.08 -26.42
N GLY E 113 59.89 -64.33 -26.76
CA GLY E 113 59.04 -65.11 -25.87
C GLY E 113 59.37 -66.56 -25.66
N ALA E 114 60.40 -67.07 -26.30
CA ALA E 114 60.69 -68.49 -26.18
C ALA E 114 61.43 -68.76 -24.89
N ARG E 115 61.88 -69.99 -24.74
CA ARG E 115 62.69 -70.39 -23.59
C ARG E 115 63.92 -71.10 -24.11
N SER E 116 64.76 -71.54 -23.18
CA SER E 116 66.12 -71.94 -23.49
C SER E 116 66.25 -73.45 -23.70
N ASP E 117 65.18 -74.14 -24.06
CA ASP E 117 65.26 -75.57 -24.28
C ASP E 117 64.38 -76.01 -25.43
N ILE E 118 64.18 -75.13 -26.42
CA ILE E 118 63.28 -75.47 -27.50
C ILE E 118 63.99 -76.31 -28.56
N ASP E 119 65.32 -76.15 -28.70
CA ASP E 119 66.15 -76.82 -29.70
C ASP E 119 65.60 -76.57 -31.11
N PHE E 120 65.70 -75.31 -31.51
CA PHE E 120 65.28 -74.82 -32.81
C PHE E 120 65.93 -75.62 -33.93
N TYR E 121 65.11 -76.29 -34.71
CA TYR E 121 65.61 -77.11 -35.81
C TYR E 121 65.48 -76.29 -37.09
N LEU E 122 66.60 -75.94 -37.70
CA LEU E 122 66.58 -75.13 -38.91
C LEU E 122 66.97 -75.97 -40.11
N GLN E 123 66.14 -75.94 -41.15
CA GLN E 123 66.49 -76.59 -42.42
C GLN E 123 66.23 -75.55 -43.49
N PRO E 124 67.26 -74.93 -44.03
CA PRO E 124 67.06 -73.83 -44.97
C PRO E 124 66.80 -74.33 -46.38
N THR E 125 66.14 -73.47 -47.16
CA THR E 125 65.86 -73.76 -48.56
C THR E 125 66.30 -72.59 -49.44
N LEU E 126 65.99 -72.67 -50.73
CA LEU E 126 66.33 -71.61 -51.67
C LEU E 126 65.08 -70.98 -52.27
N ASN E 127 64.24 -71.77 -52.94
CA ASN E 127 63.07 -71.27 -53.63
C ASN E 127 61.88 -71.42 -52.69
N GLN E 128 61.73 -70.45 -51.79
CA GLN E 128 60.66 -70.51 -50.80
C GLN E 128 60.23 -69.08 -50.49
N LYS E 129 59.19 -68.62 -51.17
CA LYS E 129 58.64 -67.31 -50.88
C LYS E 129 57.86 -67.40 -49.58
N GLY E 130 58.41 -66.84 -48.52
CA GLY E 130 57.86 -67.05 -47.19
C GLY E 130 58.70 -68.05 -46.43
N VAL E 131 58.27 -68.32 -45.21
CA VAL E 131 58.99 -69.21 -44.31
C VAL E 131 57.99 -69.89 -43.39
N VAL E 132 58.06 -71.21 -43.30
CA VAL E 132 57.05 -72.00 -42.61
C VAL E 132 57.68 -72.61 -41.36
N MET E 133 56.93 -72.60 -40.27
CA MET E 133 57.39 -73.11 -39.00
C MET E 133 56.48 -74.24 -38.54
N ILE E 134 57.06 -75.20 -37.86
CA ILE E 134 56.31 -76.33 -37.31
C ILE E 134 56.64 -76.44 -35.85
N ALA E 135 55.64 -76.23 -34.99
CA ALA E 135 55.81 -76.26 -33.55
C ALA E 135 55.25 -77.57 -33.01
N SER E 136 56.09 -78.31 -32.29
CA SER E 136 55.71 -79.60 -31.74
C SER E 136 55.94 -79.62 -30.25
N ASN E 137 55.12 -80.39 -29.55
CA ASN E 137 55.15 -80.45 -28.09
C ASN E 137 55.10 -81.92 -27.69
N TYR E 138 56.26 -82.52 -27.48
CA TYR E 138 56.32 -83.79 -26.79
C TYR E 138 55.91 -83.59 -25.35
N ASN E 139 55.32 -84.63 -24.75
CA ASN E 139 54.76 -84.47 -23.41
C ASN E 139 55.85 -84.41 -22.36
N ASP E 140 56.61 -85.51 -22.22
CA ASP E 140 57.81 -85.63 -21.38
C ASP E 140 57.54 -85.34 -19.90
N ASN E 141 56.30 -85.46 -19.45
CA ASN E 141 55.96 -85.31 -18.05
C ASN E 141 55.69 -86.68 -17.45
N PRO E 142 56.20 -86.97 -16.25
CA PRO E 142 56.29 -88.36 -15.78
C PRO E 142 55.07 -88.90 -15.04
N ASN E 143 53.91 -88.26 -15.04
CA ASN E 143 52.84 -88.78 -14.18
C ASN E 143 52.09 -89.93 -14.85
N SER E 144 51.23 -89.64 -15.83
CA SER E 144 50.66 -90.72 -16.62
C SER E 144 50.88 -90.52 -18.11
N LYS E 145 50.21 -89.51 -18.66
CA LYS E 145 50.54 -88.83 -19.92
C LYS E 145 50.55 -89.80 -21.12
N GLU E 146 49.36 -90.30 -21.44
CA GLU E 146 49.17 -91.21 -22.57
C GLU E 146 48.36 -90.54 -23.68
N LYS E 147 48.55 -91.04 -24.90
CA LYS E 147 47.91 -90.46 -26.08
C LYS E 147 46.53 -91.08 -26.29
N PRO E 148 45.49 -90.28 -26.48
CA PRO E 148 44.14 -90.85 -26.66
C PRO E 148 43.91 -91.41 -28.06
N GLN E 149 43.97 -92.75 -28.15
CA GLN E 149 43.64 -93.63 -29.28
C GLN E 149 44.12 -93.20 -30.66
N THR E 150 45.19 -92.39 -30.74
CA THR E 150 45.71 -91.76 -31.96
C THR E 150 44.62 -91.11 -32.83
N PHE E 151 43.55 -90.65 -32.17
CA PHE E 151 42.41 -89.89 -32.71
C PHE E 151 41.90 -90.36 -34.07
N ASP E 152 41.49 -91.63 -34.15
CA ASP E 152 40.65 -92.02 -35.29
C ASP E 152 39.26 -91.47 -35.01
N VAL E 153 39.05 -90.23 -35.43
CA VAL E 153 37.83 -89.50 -35.12
C VAL E 153 37.46 -88.64 -36.32
N LEU E 154 36.19 -88.72 -36.72
CA LEU E 154 35.68 -87.91 -37.81
C LEU E 154 35.22 -86.55 -37.34
N GLN E 155 34.93 -86.40 -36.05
CA GLN E 155 34.55 -85.09 -35.54
C GLN E 155 35.76 -84.17 -35.44
N GLY E 156 36.80 -84.61 -34.75
CA GLY E 156 37.96 -83.78 -34.49
C GLY E 156 39.04 -84.00 -35.53
N SER E 157 39.90 -83.00 -35.68
CA SER E 157 41.10 -83.16 -36.48
C SER E 157 42.21 -83.72 -35.61
N GLN E 158 43.06 -84.55 -36.20
CA GLN E 158 44.11 -85.19 -35.44
C GLN E 158 45.20 -84.17 -35.09
N PRO E 159 45.74 -84.21 -33.89
CA PRO E 159 46.62 -83.14 -33.41
C PRO E 159 48.08 -83.36 -33.77
N MET E 160 48.34 -83.73 -35.02
CA MET E 160 49.69 -83.62 -35.55
C MET E 160 49.75 -82.59 -36.66
N LEU E 161 49.01 -82.76 -37.73
CA LEU E 161 48.83 -81.70 -38.71
C LEU E 161 47.34 -81.52 -38.88
N GLY E 162 46.85 -80.33 -38.50
CA GLY E 162 45.43 -80.16 -38.27
C GLY E 162 44.59 -80.28 -39.52
N ALA E 163 45.05 -79.65 -40.61
CA ALA E 163 44.33 -79.53 -41.88
C ALA E 163 42.92 -78.99 -41.65
N ASN E 164 42.87 -77.75 -41.18
CA ASN E 164 41.64 -77.17 -40.66
C ASN E 164 40.69 -76.86 -41.80
N THR E 165 39.58 -77.59 -41.85
CA THR E 165 38.51 -77.33 -42.79
C THR E 165 37.32 -76.88 -41.97
N LYS E 166 37.09 -75.57 -41.91
CA LYS E 166 35.98 -75.01 -41.17
C LYS E 166 35.64 -73.62 -41.68
N ASN E 167 34.36 -73.37 -41.91
CA ASN E 167 33.81 -72.04 -41.65
C ASN E 167 32.72 -72.12 -40.60
N LEU E 168 31.81 -73.07 -40.76
CA LEU E 168 30.91 -73.49 -39.70
C LEU E 168 31.09 -74.97 -39.35
N HIS E 169 31.02 -75.87 -40.34
CA HIS E 169 30.85 -77.29 -40.05
C HIS E 169 31.78 -78.24 -40.78
N GLY E 170 32.72 -77.77 -41.60
CA GLY E 170 33.67 -78.71 -42.19
C GLY E 170 33.58 -78.94 -43.68
N TYR E 171 34.61 -78.55 -44.44
CA TYR E 171 34.60 -78.57 -45.89
C TYR E 171 34.65 -79.98 -46.45
N ASP E 172 35.82 -80.63 -46.33
CA ASP E 172 36.00 -82.09 -46.42
C ASP E 172 35.48 -82.70 -47.72
N VAL E 173 35.77 -82.07 -48.86
CA VAL E 173 35.18 -82.47 -50.14
C VAL E 173 36.23 -82.66 -51.21
N SER E 174 36.53 -83.92 -51.53
CA SER E 174 37.41 -84.32 -52.61
C SER E 174 37.20 -85.80 -52.88
N GLY E 175 37.64 -86.24 -54.06
CA GLY E 175 37.80 -87.65 -54.36
C GLY E 175 36.54 -88.42 -54.67
N ALA E 176 35.38 -87.96 -54.21
CA ALA E 176 34.12 -88.64 -54.46
C ALA E 176 33.40 -88.10 -55.69
N ASN E 177 34.14 -87.53 -56.62
CA ASN E 177 33.56 -86.95 -57.82
C ASN E 177 33.98 -87.62 -59.10
N ASN E 178 35.11 -88.32 -59.12
CA ASN E 178 35.53 -89.03 -60.32
C ASN E 178 34.59 -90.18 -60.63
N LYS E 179 34.03 -90.78 -59.59
CA LYS E 179 33.01 -91.81 -59.75
C LYS E 179 31.75 -91.22 -60.39
N GLN E 180 31.41 -90.01 -59.99
CA GLN E 180 30.25 -89.33 -60.54
C GLN E 180 30.49 -88.92 -61.99
N VAL E 181 31.71 -88.48 -62.31
CA VAL E 181 32.05 -88.15 -63.69
C VAL E 181 32.06 -89.43 -64.54
N ILE E 182 32.48 -90.55 -63.96
CA ILE E 182 32.38 -91.84 -64.64
C ILE E 182 30.92 -92.19 -64.93
N ASN E 183 30.03 -91.87 -63.99
CA ASN E 183 28.60 -92.07 -64.22
C ASN E 183 28.08 -91.19 -65.34
N GLU E 184 28.53 -89.93 -65.38
CA GLU E 184 28.09 -89.02 -66.44
C GLU E 184 28.60 -89.48 -67.80
N VAL E 185 29.82 -89.97 -67.86
CA VAL E 185 30.34 -90.43 -69.14
C VAL E 185 29.73 -91.78 -69.52
N ALA E 186 29.23 -92.54 -68.55
CA ALA E 186 28.54 -93.77 -68.90
C ALA E 186 27.16 -93.48 -69.48
N ARG E 187 26.45 -92.49 -68.91
CA ARG E 187 25.20 -92.05 -69.52
C ARG E 187 25.45 -91.42 -70.89
N GLU E 188 26.59 -90.74 -71.04
CA GLU E 188 26.98 -90.20 -72.34
C GLU E 188 27.25 -91.31 -73.35
N LYS E 189 27.90 -92.37 -72.91
CA LYS E 189 28.16 -93.52 -73.76
C LYS E 189 26.86 -94.20 -74.17
N ALA E 190 25.89 -94.28 -73.25
CA ALA E 190 24.60 -94.86 -73.60
C ALA E 190 23.85 -93.99 -74.61
N GLN E 191 23.92 -92.68 -74.46
CA GLN E 191 23.29 -91.80 -75.44
C GLN E 191 23.97 -91.89 -76.80
N LEU E 192 25.29 -92.06 -76.81
CA LEU E 192 26.01 -92.21 -78.06
C LEU E 192 25.67 -93.54 -78.73
N GLU E 193 25.48 -94.60 -77.94
CA GLU E 193 25.08 -95.87 -78.52
C GLU E 193 23.66 -95.81 -79.05
N LYS E 194 22.78 -95.06 -78.41
CA LYS E 194 21.43 -94.88 -78.93
C LYS E 194 21.44 -94.11 -80.25
N ILE E 195 22.27 -93.05 -80.31
CA ILE E 195 22.39 -92.25 -81.52
C ILE E 195 22.98 -93.08 -82.66
N ASN E 196 23.97 -93.92 -82.35
CA ASN E 196 24.55 -94.80 -83.35
C ASN E 196 23.56 -95.87 -83.78
N GLN E 197 22.73 -96.34 -82.86
CA GLN E 197 21.73 -97.34 -83.20
C GLN E 197 20.63 -96.75 -84.06
N TYR E 198 20.40 -95.44 -83.96
CA TYR E 198 19.50 -94.77 -84.89
C TYR E 198 20.20 -94.64 -86.23
N TYR E 199 20.08 -95.67 -87.04
CA TYR E 199 20.62 -95.66 -88.38
C TYR E 199 19.71 -96.46 -89.29
N LYS E 200 19.67 -96.06 -90.55
CA LYS E 200 18.96 -96.80 -91.58
C LYS E 200 19.87 -97.24 -92.71
N THR E 201 21.15 -96.85 -92.68
CA THR E 201 22.04 -97.02 -93.81
C THR E 201 23.07 -98.11 -93.64
N LEU E 202 23.56 -98.34 -92.43
CA LEU E 202 24.63 -99.31 -92.18
C LEU E 202 24.10 -100.74 -92.15
N LEU E 203 24.87 -101.64 -91.53
CA LEU E 203 24.60 -103.07 -91.56
C LEU E 203 23.24 -103.42 -90.96
N GLN E 204 22.46 -104.16 -91.75
CA GLN E 204 21.16 -104.70 -91.37
C GLN E 204 20.87 -105.80 -92.39
N ASP E 205 20.67 -107.02 -91.91
CA ASP E 205 20.70 -108.19 -92.79
C ASP E 205 19.50 -108.17 -93.73
N LYS E 206 19.80 -108.20 -95.03
CA LYS E 206 18.83 -108.00 -96.09
C LYS E 206 18.80 -109.21 -97.01
N GLU E 207 18.04 -109.09 -98.09
CA GLU E 207 17.92 -110.17 -99.06
C GLU E 207 19.22 -110.30 -99.85
N GLN E 208 19.27 -111.37 -100.66
CA GLN E 208 20.52 -111.74 -101.32
C GLN E 208 20.93 -110.73 -102.38
N GLU E 209 19.96 -110.09 -103.02
CA GLU E 209 20.26 -109.05 -104.01
C GLU E 209 20.96 -107.85 -103.38
N TYR E 210 20.59 -107.50 -102.15
CA TYR E 210 21.33 -106.46 -101.45
C TYR E 210 22.68 -106.98 -100.97
N THR E 211 22.69 -108.15 -100.35
CA THR E 211 23.88 -108.57 -99.61
C THR E 211 25.02 -109.01 -100.50
N THR E 212 24.73 -109.58 -101.68
CA THR E 212 25.83 -109.94 -102.58
C THR E 212 26.46 -108.70 -103.18
N ARG E 213 25.65 -107.70 -103.51
CA ARG E 213 26.18 -106.42 -103.94
C ARG E 213 27.02 -105.79 -102.82
N LYS E 214 26.56 -105.92 -101.57
CA LYS E 214 27.29 -105.39 -100.42
C LYS E 214 28.66 -106.02 -100.28
N ASN E 215 28.69 -107.36 -100.28
CA ASN E 215 29.93 -108.10 -100.12
C ASN E 215 30.88 -107.85 -101.28
N ASN E 216 30.33 -107.68 -102.48
CA ASN E 216 31.16 -107.31 -103.63
C ASN E 216 31.75 -105.92 -103.48
N GLN E 217 30.99 -104.97 -102.92
CA GLN E 217 31.56 -103.62 -102.77
C GLN E 217 32.66 -103.61 -101.73
N ARG E 218 32.46 -104.36 -100.64
CA ARG E 218 33.51 -104.53 -99.64
C ARG E 218 34.78 -105.12 -100.26
N GLU E 219 34.65 -106.18 -101.06
CA GLU E 219 35.82 -106.87 -101.57
C GLU E 219 36.56 -106.06 -102.63
N ILE E 220 35.82 -105.56 -103.63
CA ILE E 220 36.42 -104.74 -104.68
C ILE E 220 36.99 -103.46 -104.10
N LEU E 221 36.40 -102.97 -103.01
CA LEU E 221 36.88 -101.76 -102.40
C LEU E 221 38.10 -101.96 -101.52
N GLU E 222 38.22 -103.12 -100.86
CA GLU E 222 39.46 -103.37 -100.15
C GLU E 222 40.61 -103.52 -101.14
N THR E 223 40.32 -104.09 -102.32
CA THR E 223 41.34 -104.10 -103.37
C THR E 223 41.61 -102.68 -103.89
N LEU E 224 40.59 -101.83 -103.92
CA LEU E 224 40.81 -100.46 -104.40
C LEU E 224 41.61 -99.65 -103.39
N SER E 225 41.35 -99.83 -102.10
CA SER E 225 42.13 -99.16 -101.07
C SER E 225 43.56 -99.63 -101.08
N ASN E 226 43.78 -100.93 -101.33
CA ASN E 226 45.16 -101.39 -101.48
C ASN E 226 45.79 -100.87 -102.76
N ARG E 227 45.00 -100.62 -103.81
CA ARG E 227 45.58 -100.06 -105.03
C ARG E 227 45.97 -98.61 -104.83
N ALA E 228 45.15 -97.82 -104.14
CA ALA E 228 45.53 -96.45 -103.83
C ALA E 228 46.70 -96.41 -102.88
N GLY E 229 46.76 -97.35 -101.93
CA GLY E 229 47.92 -97.47 -101.07
C GLY E 229 49.17 -97.87 -101.83
N TYR E 230 49.02 -98.68 -102.89
CA TYR E 230 50.16 -99.04 -103.71
C TYR E 230 50.64 -97.86 -104.54
N GLN E 231 49.72 -97.06 -105.07
CA GLN E 231 50.10 -95.87 -105.82
C GLN E 231 50.69 -94.78 -104.94
N MET E 232 50.31 -94.72 -103.66
CA MET E 232 50.84 -93.71 -102.76
C MET E 232 52.11 -94.14 -102.04
N ARG E 233 52.21 -95.43 -101.69
CA ARG E 233 53.28 -95.95 -100.84
C ARG E 233 54.62 -95.90 -101.55
N GLN E 234 54.64 -96.17 -102.86
CA GLN E 234 55.88 -96.13 -103.63
C GLN E 234 55.92 -94.81 -104.38
N ASN E 235 56.12 -93.73 -103.64
CA ASN E 235 56.44 -92.47 -104.28
C ASN E 235 57.93 -92.43 -104.58
N VAL E 236 58.31 -91.56 -105.51
CA VAL E 236 59.73 -91.37 -105.80
C VAL E 236 60.42 -90.70 -104.62
N ILE E 237 59.69 -89.90 -103.86
CA ILE E 237 60.27 -89.20 -102.72
C ILE E 237 60.41 -90.09 -101.49
N SER E 238 59.71 -91.22 -101.43
CA SER E 238 59.65 -92.01 -100.21
C SER E 238 60.02 -93.46 -100.51
N SER E 239 60.06 -94.25 -99.44
CA SER E 239 60.21 -95.71 -99.48
C SER E 239 61.50 -96.14 -100.18
N GLU E 240 62.61 -95.58 -99.73
CA GLU E 240 63.88 -95.82 -100.39
C GLU E 240 64.98 -95.75 -99.33
N ILE E 241 66.23 -95.60 -99.78
CA ILE E 241 67.39 -95.61 -98.89
C ILE E 241 67.68 -94.19 -98.41
N PHE E 242 67.19 -93.87 -97.22
CA PHE E 242 67.64 -92.70 -96.48
C PHE E 242 68.80 -93.04 -95.56
N LYS E 243 69.35 -94.25 -95.71
CA LYS E 243 70.40 -94.71 -94.80
C LYS E 243 71.68 -93.93 -95.03
N ASN E 244 72.02 -93.67 -96.28
CA ASN E 244 73.14 -92.77 -96.57
C ASN E 244 72.80 -91.33 -96.22
N GLY E 245 71.52 -90.95 -96.38
CA GLY E 245 71.13 -89.57 -96.12
C GLY E 245 71.21 -89.18 -94.66
N ASN E 246 70.96 -90.12 -93.76
CA ASN E 246 71.22 -89.87 -92.36
C ASN E 246 72.58 -90.37 -91.90
N LEU E 247 73.26 -91.18 -92.71
CA LEU E 247 74.62 -91.59 -92.38
C LEU E 247 75.58 -90.43 -92.52
N ASN E 248 75.36 -89.56 -93.52
CA ASN E 248 76.18 -88.36 -93.63
C ASN E 248 75.91 -87.39 -92.48
N MET E 249 74.66 -87.31 -92.03
CA MET E 249 74.33 -86.50 -90.86
C MET E 249 74.99 -87.05 -89.61
N GLN E 250 75.03 -88.38 -89.50
CA GLN E 250 75.71 -89.03 -88.37
C GLN E 250 77.21 -88.77 -88.42
N ALA E 251 77.80 -88.76 -89.63
CA ALA E 251 79.23 -88.52 -89.76
C ALA E 251 79.59 -87.09 -89.38
N LYS E 252 78.79 -86.11 -89.83
CA LYS E 252 79.08 -84.73 -89.44
C LYS E 252 78.76 -84.47 -87.98
N GLU E 253 77.83 -85.24 -87.40
CA GLU E 253 77.62 -85.19 -85.95
C GLU E 253 78.84 -85.69 -85.21
N GLU E 254 79.41 -86.80 -85.64
CA GLU E 254 80.61 -87.33 -85.00
C GLU E 254 81.78 -86.38 -85.15
N GLU E 255 81.86 -85.69 -86.28
CA GLU E 255 82.94 -84.76 -86.49
C GLU E 255 82.79 -83.49 -85.65
N VAL E 256 81.57 -82.99 -85.49
CA VAL E 256 81.44 -81.82 -84.62
C VAL E 256 81.57 -82.20 -83.16
N ARG E 257 81.25 -83.45 -82.80
CA ARG E 257 81.55 -83.92 -81.45
C ARG E 257 83.05 -84.07 -81.24
N GLU E 258 83.76 -84.49 -82.29
CA GLU E 258 85.21 -84.57 -82.28
C GLU E 258 85.85 -83.20 -82.03
N LYS E 259 85.42 -82.19 -82.79
CA LYS E 259 85.96 -80.84 -82.59
C LYS E 259 85.48 -80.25 -81.27
N LEU E 260 84.31 -80.69 -80.79
CA LEU E 260 83.81 -80.22 -79.51
C LEU E 260 84.69 -80.72 -78.37
N GLN E 261 85.09 -81.99 -78.44
CA GLN E 261 86.00 -82.51 -77.43
C GLN E 261 87.41 -81.98 -77.62
N GLU E 262 87.75 -81.59 -78.85
CA GLU E 262 89.01 -80.89 -79.10
C GLU E 262 89.07 -79.59 -78.32
N GLU E 263 88.09 -78.73 -78.53
CA GLU E 263 88.00 -77.48 -77.79
C GLU E 263 87.69 -77.69 -76.31
N ARG E 264 87.23 -78.90 -75.93
CA ARG E 264 86.97 -79.17 -74.52
C ARG E 264 88.24 -79.55 -73.77
N GLU E 265 88.84 -80.68 -74.11
CA GLU E 265 90.02 -81.06 -73.35
C GLU E 265 91.32 -80.57 -73.96
N ASN E 266 91.26 -79.48 -74.74
CA ASN E 266 92.38 -78.55 -74.74
C ASN E 266 92.54 -77.90 -73.37
N GLU E 267 91.45 -77.72 -72.63
CA GLU E 267 91.49 -77.06 -71.35
C GLU E 267 90.94 -77.90 -70.20
N TYR E 268 90.34 -79.05 -70.47
CA TYR E 268 89.92 -79.93 -69.39
C TYR E 268 91.13 -80.59 -68.75
N LYS F 26 20.46 -58.15 3.95
CA LYS F 26 21.79 -58.26 3.36
C LYS F 26 21.77 -59.17 2.14
N LYS F 27 22.67 -58.90 1.19
CA LYS F 27 22.80 -59.72 0.00
C LYS F 27 24.23 -60.23 -0.11
N VAL F 28 24.37 -61.51 -0.42
CA VAL F 28 25.66 -62.17 -0.55
C VAL F 28 26.27 -61.86 -1.92
N VAL F 29 27.52 -62.24 -2.12
CA VAL F 29 28.17 -62.04 -3.41
C VAL F 29 28.62 -63.36 -4.03
N LYS F 30 27.97 -64.48 -3.64
CA LYS F 30 28.18 -65.85 -4.12
C LYS F 30 29.66 -66.24 -4.17
N GLN F 31 30.22 -66.38 -2.96
CA GLN F 31 31.67 -66.36 -2.71
C GLN F 31 32.53 -67.36 -3.47
N LYS F 32 32.43 -68.65 -3.19
CA LYS F 32 33.51 -69.55 -3.62
C LYS F 32 33.02 -70.91 -4.09
N ASN F 33 33.56 -71.35 -5.23
CA ASN F 33 33.43 -72.72 -5.71
C ASN F 33 34.59 -73.61 -5.26
N HIS F 34 35.72 -73.00 -4.87
CA HIS F 34 36.83 -73.54 -4.08
C HIS F 34 37.72 -74.56 -4.78
N VAL F 35 37.45 -74.94 -6.01
CA VAL F 35 38.30 -75.87 -6.75
C VAL F 35 38.89 -75.14 -7.94
N TYR F 36 40.16 -75.39 -8.23
CA TYR F 36 40.87 -74.65 -9.26
C TYR F 36 41.32 -75.56 -10.38
N THR F 37 41.67 -74.95 -11.51
CA THR F 37 42.01 -75.67 -12.73
C THR F 37 42.82 -74.74 -13.62
N PRO F 38 43.59 -75.28 -14.55
CA PRO F 38 44.04 -74.48 -15.69
C PRO F 38 42.84 -74.08 -16.55
N VAL F 39 42.97 -72.92 -17.20
CA VAL F 39 41.85 -72.39 -17.96
C VAL F 39 41.67 -73.17 -19.26
N TYR F 40 42.67 -73.14 -20.13
CA TYR F 40 42.74 -73.90 -21.39
C TYR F 40 41.53 -73.61 -22.28
N ASN F 41 41.46 -72.37 -22.74
CA ASN F 41 40.61 -72.03 -23.87
C ASN F 41 41.10 -72.90 -25.03
N GLU F 42 40.27 -73.85 -25.45
CA GLU F 42 40.74 -75.09 -26.06
C GLU F 42 41.36 -74.87 -27.43
N LEU F 43 42.50 -75.54 -27.66
CA LEU F 43 43.25 -75.36 -28.91
C LEU F 43 42.65 -76.17 -30.06
N ILE F 44 42.60 -77.48 -29.92
CA ILE F 44 42.20 -78.36 -31.02
C ILE F 44 40.69 -78.26 -31.19
N GLU F 45 40.25 -77.97 -32.41
CA GLU F 45 38.86 -77.67 -32.69
C GLU F 45 38.15 -78.88 -33.28
N LYS F 46 36.88 -78.98 -32.98
CA LYS F 46 36.03 -80.05 -33.46
C LYS F 46 34.88 -79.47 -34.27
N TYR F 47 34.38 -80.23 -35.23
CA TYR F 47 33.29 -79.74 -36.04
C TYR F 47 32.00 -79.86 -35.24
N SER F 48 31.19 -78.82 -35.29
CA SER F 48 30.08 -78.66 -34.36
C SER F 48 28.76 -78.92 -35.09
N GLU F 49 28.35 -80.18 -35.14
CA GLU F 49 27.09 -80.52 -35.79
C GLU F 49 25.92 -80.03 -34.96
N ILE F 50 24.82 -79.71 -35.64
CA ILE F 50 23.71 -79.07 -34.96
C ILE F 50 22.76 -80.15 -34.48
N PRO F 51 22.54 -80.28 -33.18
CA PRO F 51 21.73 -81.37 -32.63
C PRO F 51 20.26 -81.02 -32.49
N LEU F 52 19.69 -80.39 -33.50
CA LEU F 52 18.27 -80.04 -33.42
C LEU F 52 17.43 -81.14 -34.07
N ASN F 53 17.61 -82.36 -33.59
CA ASN F 53 16.96 -83.52 -34.15
C ASN F 53 16.03 -84.08 -33.08
N ASP F 54 14.84 -83.52 -33.01
CA ASP F 54 13.95 -83.79 -31.89
C ASP F 54 13.14 -85.08 -32.07
N LYS F 55 12.23 -85.11 -33.03
CA LYS F 55 11.39 -86.30 -33.18
C LYS F 55 11.33 -86.75 -34.64
N LEU F 56 11.43 -85.82 -35.57
CA LEU F 56 11.33 -86.17 -36.97
C LEU F 56 12.61 -86.79 -37.52
N LYS F 57 13.64 -86.96 -36.70
CA LYS F 57 14.74 -87.82 -37.08
C LYS F 57 14.35 -89.29 -37.05
N ASP F 58 13.17 -89.63 -36.53
CA ASP F 58 12.63 -90.98 -36.59
C ASP F 58 11.40 -91.09 -37.48
N THR F 59 10.69 -90.02 -37.73
CA THR F 59 9.52 -90.09 -38.60
C THR F 59 9.96 -90.22 -40.05
N PRO F 60 9.46 -91.20 -40.79
CA PRO F 60 9.98 -91.45 -42.13
C PRO F 60 9.35 -90.54 -43.18
N PHE F 61 10.17 -90.13 -44.14
CA PHE F 61 9.72 -89.32 -45.26
C PHE F 61 10.69 -89.51 -46.42
N MET F 62 10.19 -89.23 -47.62
CA MET F 62 11.01 -89.22 -48.83
C MET F 62 10.65 -88.00 -49.66
N VAL F 63 10.62 -86.84 -49.01
CA VAL F 63 10.02 -85.66 -49.59
C VAL F 63 10.93 -85.09 -50.68
N GLN F 64 10.33 -84.55 -51.73
CA GLN F 64 11.04 -84.11 -52.92
C GLN F 64 10.93 -82.61 -53.06
N VAL F 65 12.08 -81.94 -53.11
CA VAL F 65 12.15 -80.49 -53.19
C VAL F 65 12.81 -80.11 -54.50
N LYS F 66 12.15 -79.26 -55.27
CA LYS F 66 12.74 -78.73 -56.49
C LYS F 66 13.66 -77.58 -56.15
N LEU F 67 14.63 -77.34 -57.03
CA LEU F 67 15.61 -76.29 -56.81
C LEU F 67 15.85 -75.55 -58.11
N PRO F 68 15.36 -74.33 -58.23
CA PRO F 68 15.58 -73.55 -59.46
C PRO F 68 16.99 -72.98 -59.55
N ASN F 69 17.21 -72.12 -60.54
CA ASN F 69 18.54 -71.84 -61.07
C ASN F 69 18.83 -70.34 -61.07
N TYR F 70 18.71 -69.69 -59.91
CA TYR F 70 18.96 -68.26 -59.79
C TYR F 70 20.43 -67.91 -60.05
N LYS F 71 20.72 -66.61 -60.02
CA LYS F 71 22.09 -66.12 -60.17
C LYS F 71 22.76 -66.14 -58.80
N ASP F 72 23.66 -67.11 -58.61
CA ASP F 72 24.72 -67.11 -57.60
C ASP F 72 24.24 -67.21 -56.15
N TYR F 73 22.93 -67.18 -55.90
CA TYR F 73 22.41 -67.26 -54.55
C TYR F 73 21.90 -68.64 -54.18
N LEU F 74 21.44 -69.42 -55.17
CA LEU F 74 21.21 -70.87 -55.12
C LEU F 74 20.15 -71.37 -54.14
N LEU F 75 19.50 -70.47 -53.40
CA LEU F 75 18.34 -70.84 -52.58
C LEU F 75 17.46 -69.61 -52.45
N ASP F 76 16.54 -69.65 -51.50
CA ASP F 76 15.59 -68.57 -51.28
C ASP F 76 15.41 -68.34 -49.79
N ASN F 77 15.45 -67.06 -49.39
CA ASN F 77 15.05 -66.74 -48.03
C ASN F 77 13.55 -66.88 -47.87
N LYS F 78 12.81 -66.89 -48.98
CA LYS F 78 11.46 -67.43 -48.97
C LYS F 78 11.45 -68.89 -48.56
N GLN F 79 12.34 -69.70 -49.14
CA GLN F 79 12.36 -71.14 -48.90
C GLN F 79 13.78 -71.57 -48.56
N VAL F 80 14.18 -71.38 -47.31
CA VAL F 80 15.46 -71.86 -46.81
C VAL F 80 15.31 -72.73 -45.58
N VAL F 81 14.44 -72.35 -44.63
CA VAL F 81 14.31 -73.13 -43.42
C VAL F 81 13.55 -74.43 -43.69
N LEU F 82 12.58 -74.38 -44.59
CA LEU F 82 11.81 -75.58 -44.94
C LEU F 82 12.67 -76.57 -45.68
N THR F 83 13.60 -76.10 -46.49
CA THR F 83 14.47 -77.00 -47.21
C THR F 83 15.76 -77.27 -46.48
N PHE F 84 15.98 -76.68 -45.32
CA PHE F 84 17.08 -77.14 -44.50
C PHE F 84 16.66 -78.06 -43.37
N LYS F 85 15.40 -77.98 -42.94
CA LYS F 85 14.91 -78.91 -41.92
C LYS F 85 15.00 -80.35 -42.42
N LEU F 86 14.68 -80.57 -43.68
CA LEU F 86 14.71 -81.91 -44.25
C LEU F 86 16.13 -82.43 -44.38
N VAL F 87 17.06 -81.57 -44.79
CA VAL F 87 18.43 -82.05 -44.94
C VAL F 87 19.11 -82.20 -43.59
N HIS F 88 18.71 -81.44 -42.59
CA HIS F 88 19.27 -81.66 -41.26
C HIS F 88 18.75 -82.95 -40.66
N HIS F 89 17.45 -83.20 -40.78
CA HIS F 89 16.85 -84.34 -40.12
C HIS F 89 16.77 -85.57 -40.99
N SER F 90 17.29 -85.54 -42.21
CA SER F 90 17.14 -86.70 -43.05
C SER F 90 18.29 -87.66 -42.82
N LYS F 91 18.24 -88.80 -43.51
CA LYS F 91 19.29 -89.79 -43.41
C LYS F 91 19.91 -90.16 -44.74
N LYS F 92 19.18 -90.08 -45.84
CA LYS F 92 19.73 -90.34 -47.17
C LYS F 92 19.09 -89.36 -48.13
N ILE F 93 19.87 -88.47 -48.73
CA ILE F 93 19.30 -87.59 -49.73
C ILE F 93 19.96 -87.86 -51.08
N THR F 94 19.21 -87.57 -52.13
CA THR F 94 19.71 -87.76 -53.49
C THR F 94 19.46 -86.50 -54.30
N LEU F 95 20.26 -86.35 -55.35
CA LEU F 95 20.34 -85.15 -56.14
C LEU F 95 20.34 -85.50 -57.62
N ILE F 96 19.41 -84.91 -58.36
CA ILE F 96 19.23 -85.15 -59.78
C ILE F 96 19.37 -83.82 -60.50
N GLY F 97 20.29 -83.75 -61.44
CA GLY F 97 20.37 -82.53 -62.23
C GLY F 97 21.72 -82.43 -62.94
N ASP F 98 22.15 -81.18 -63.09
CA ASP F 98 23.43 -80.89 -63.73
C ASP F 98 24.57 -81.34 -62.83
N ALA F 99 25.73 -81.58 -63.45
CA ALA F 99 26.84 -82.23 -62.76
C ALA F 99 27.45 -81.33 -61.69
N ASN F 100 27.98 -80.17 -62.11
CA ASN F 100 28.58 -79.27 -61.14
C ASN F 100 27.54 -78.63 -60.23
N LYS F 101 26.29 -78.57 -60.67
CA LYS F 101 25.25 -78.03 -59.80
C LYS F 101 24.94 -78.97 -58.64
N ILE F 102 24.83 -80.27 -58.91
CA ILE F 102 24.62 -81.18 -57.78
C ILE F 102 25.89 -81.31 -56.96
N LEU F 103 27.06 -81.10 -57.57
CA LEU F 103 28.30 -81.10 -56.80
C LEU F 103 28.32 -79.96 -55.81
N GLN F 104 28.05 -78.74 -56.28
CA GLN F 104 28.07 -77.62 -55.36
C GLN F 104 26.89 -77.63 -54.41
N TYR F 105 25.80 -78.32 -54.73
CA TYR F 105 24.73 -78.43 -53.74
C TYR F 105 25.09 -79.42 -52.65
N LYS F 106 25.79 -80.51 -53.00
CA LYS F 106 26.32 -81.39 -51.97
C LYS F 106 27.33 -80.67 -51.10
N ASN F 107 28.20 -79.87 -51.73
CA ASN F 107 29.18 -79.10 -50.98
C ASN F 107 28.51 -78.09 -50.07
N TYR F 108 27.47 -77.42 -50.56
CA TYR F 108 26.80 -76.41 -49.79
C TYR F 108 26.05 -77.00 -48.61
N PHE F 109 25.36 -78.13 -48.83
CA PHE F 109 24.62 -78.73 -47.74
C PHE F 109 25.54 -79.30 -46.69
N GLN F 110 26.60 -80.00 -47.10
CA GLN F 110 27.53 -80.57 -46.15
C GLN F 110 28.33 -79.50 -45.43
N ALA F 111 28.58 -78.37 -46.08
CA ALA F 111 29.35 -77.31 -45.47
C ALA F 111 28.50 -76.38 -44.64
N ASN F 112 27.18 -76.37 -44.86
CA ASN F 112 26.32 -75.47 -44.12
C ASN F 112 25.65 -76.19 -42.97
N GLY F 113 24.92 -77.25 -43.24
CA GLY F 113 24.11 -77.80 -42.17
C GLY F 113 23.95 -79.29 -42.08
N ALA F 114 24.55 -80.04 -42.99
CA ALA F 114 24.33 -81.47 -42.96
C ALA F 114 25.24 -82.12 -41.93
N ARG F 115 25.27 -83.44 -41.93
CA ARG F 115 26.14 -84.20 -41.07
C ARG F 115 26.88 -85.22 -41.91
N SER F 116 27.72 -86.01 -41.26
CA SER F 116 28.72 -86.82 -41.94
C SER F 116 28.27 -88.23 -42.20
N ASP F 117 26.97 -88.49 -42.26
CA ASP F 117 26.48 -89.84 -42.51
C ASP F 117 25.24 -89.83 -43.39
N ILE F 118 25.12 -88.83 -44.26
CA ILE F 118 23.92 -88.73 -45.07
C ILE F 118 24.00 -89.64 -46.29
N ASP F 119 25.20 -89.90 -46.78
CA ASP F 119 25.46 -90.70 -47.99
C ASP F 119 24.70 -90.13 -49.19
N PHE F 120 25.14 -88.94 -49.58
CA PHE F 120 24.59 -88.19 -50.71
C PHE F 120 24.62 -89.03 -51.97
N TYR F 121 23.45 -89.31 -52.51
CA TYR F 121 23.34 -90.12 -53.72
C TYR F 121 23.18 -89.17 -54.91
N LEU F 122 24.16 -89.14 -55.79
CA LEU F 122 24.11 -88.25 -56.93
C LEU F 122 23.87 -89.03 -58.21
N GLN F 123 22.85 -88.61 -58.97
CA GLN F 123 22.63 -89.20 -60.30
C GLN F 123 22.48 -88.02 -61.24
N PRO F 124 23.50 -87.71 -62.04
CA PRO F 124 23.46 -86.51 -62.88
C PRO F 124 22.70 -86.74 -64.16
N THR F 125 22.19 -85.63 -64.71
CA THR F 125 21.50 -85.67 -65.99
C THR F 125 22.06 -84.61 -66.93
N LEU F 126 21.43 -84.44 -68.08
CA LEU F 126 21.87 -83.45 -69.06
C LEU F 126 20.80 -82.38 -69.30
N ASN F 127 19.61 -82.78 -69.71
CA ASN F 127 18.56 -81.84 -70.05
C ASN F 127 17.67 -81.69 -68.82
N GLN F 128 18.09 -80.83 -67.90
CA GLN F 128 17.36 -80.65 -66.64
C GLN F 128 17.56 -79.20 -66.21
N LYS F 129 16.60 -78.35 -66.57
CA LYS F 129 16.63 -76.96 -66.12
C LYS F 129 16.22 -76.93 -64.66
N GLY F 130 17.18 -76.71 -63.78
CA GLY F 130 16.96 -76.88 -62.36
C GLY F 130 17.56 -78.18 -61.87
N VAL F 131 17.38 -78.42 -60.58
CA VAL F 131 17.95 -79.59 -59.93
C VAL F 131 17.05 -80.00 -58.78
N VAL F 132 16.68 -81.27 -58.74
CA VAL F 132 15.67 -81.75 -57.80
C VAL F 132 16.33 -82.67 -56.79
N MET F 133 15.94 -82.53 -55.53
CA MET F 133 16.50 -83.30 -54.44
C MET F 133 15.40 -84.10 -53.77
N ILE F 134 15.76 -85.28 -53.28
CA ILE F 134 14.83 -86.14 -52.58
C ILE F 134 15.47 -86.52 -51.25
N ALA F 135 14.85 -86.09 -50.16
CA ALA F 135 15.36 -86.33 -48.82
C ALA F 135 14.54 -87.43 -48.17
N SER F 136 15.21 -88.49 -47.72
CA SER F 136 14.56 -89.63 -47.11
C SER F 136 15.15 -89.88 -45.74
N ASN F 137 14.31 -90.42 -44.86
CA ASN F 137 14.69 -90.65 -43.47
C ASN F 137 14.24 -92.05 -43.08
N TYR F 138 15.14 -93.02 -43.22
CA TYR F 138 14.92 -94.30 -42.59
C TYR F 138 14.98 -94.13 -41.07
N ASN F 139 14.24 -94.98 -40.37
CA ASN F 139 14.12 -94.79 -38.92
C ASN F 139 15.41 -95.23 -38.21
N ASP F 140 15.74 -96.52 -38.30
CA ASP F 140 16.99 -97.12 -37.82
C ASP F 140 17.23 -96.92 -36.33
N ASN F 141 16.18 -96.67 -35.56
CA ASN F 141 16.28 -96.58 -34.11
C ASN F 141 15.72 -97.84 -33.47
N PRO F 142 16.38 -98.41 -32.47
CA PRO F 142 16.09 -99.79 -32.07
C PRO F 142 15.00 -99.98 -31.02
N ASN F 143 14.17 -98.99 -30.70
CA ASN F 143 13.24 -99.22 -29.59
C ASN F 143 11.99 -99.98 -30.04
N SER F 144 11.07 -99.31 -30.74
CA SER F 144 9.97 -100.04 -31.35
C SER F 144 9.86 -99.77 -32.85
N LYS F 145 9.47 -98.54 -33.18
CA LYS F 145 9.69 -97.88 -34.46
C LYS F 145 9.05 -98.66 -35.63
N GLU F 146 7.72 -98.70 -35.62
CA GLU F 146 6.95 -99.35 -36.67
C GLU F 146 6.16 -98.34 -37.50
N LYS F 147 5.86 -98.74 -38.73
CA LYS F 147 5.18 -97.85 -39.68
C LYS F 147 3.67 -97.95 -39.52
N PRO F 148 2.95 -96.83 -39.39
CA PRO F 148 1.50 -96.91 -39.22
C PRO F 148 0.74 -97.20 -40.50
N GLN F 149 0.30 -98.46 -40.61
CA GLN F 149 -0.59 -99.06 -41.63
C GLN F 149 -0.36 -98.67 -43.08
N THR F 150 0.87 -98.25 -43.43
CA THR F 150 1.25 -97.69 -44.75
C THR F 150 0.27 -96.63 -45.26
N PHE F 151 -0.36 -95.91 -44.33
CA PHE F 151 -1.26 -94.76 -44.52
C PHE F 151 -2.23 -94.89 -45.70
N ASP F 152 -3.07 -95.93 -45.68
CA ASP F 152 -4.24 -95.89 -46.54
C ASP F 152 -5.25 -94.96 -45.89
N VAL F 153 -5.11 -93.67 -46.21
CA VAL F 153 -5.88 -92.62 -45.56
C VAL F 153 -6.22 -91.55 -46.60
N LEU F 154 -7.49 -91.18 -46.65
CA LEU F 154 -7.94 -90.12 -47.53
C LEU F 154 -7.76 -88.75 -46.93
N GLN F 155 -7.65 -88.65 -45.60
CA GLN F 155 -7.41 -87.35 -44.99
C GLN F 155 -5.97 -86.91 -45.22
N GLY F 156 -5.01 -87.73 -44.84
CA GLY F 156 -3.61 -87.37 -44.91
C GLY F 156 -2.98 -87.81 -46.21
N SER F 157 -1.89 -87.15 -46.57
CA SER F 157 -1.06 -87.61 -47.68
C SER F 157 -0.03 -88.59 -47.16
N GLN F 158 0.30 -89.58 -47.98
CA GLN F 158 1.21 -90.62 -47.54
C GLN F 158 2.64 -90.06 -47.50
N PRO F 159 3.42 -90.41 -46.49
CA PRO F 159 4.70 -89.75 -46.26
C PRO F 159 5.85 -90.41 -47.01
N MET F 160 5.64 -90.69 -48.28
CA MET F 160 6.77 -90.99 -49.17
C MET F 160 6.89 -89.92 -50.24
N LEU F 161 5.89 -89.71 -51.07
CA LEU F 161 5.86 -88.55 -51.94
C LEU F 161 4.53 -87.87 -51.69
N GLY F 162 4.60 -86.64 -51.17
CA GLY F 162 3.44 -86.02 -50.55
C GLY F 162 2.32 -85.72 -51.52
N ALA F 163 2.68 -85.17 -52.69
CA ALA F 163 1.75 -84.67 -53.70
C ALA F 163 0.71 -83.74 -53.08
N ASN F 164 1.23 -82.61 -52.60
CA ASN F 164 0.46 -81.70 -51.75
C ASN F 164 -0.58 -80.99 -52.58
N THR F 165 -1.85 -81.30 -52.33
CA THR F 165 -2.97 -80.59 -52.94
C THR F 165 -3.67 -79.87 -51.80
N LYS F 166 -3.41 -78.57 -51.67
CA LYS F 166 -4.04 -77.76 -50.64
C LYS F 166 -3.98 -76.29 -51.02
N ASN F 167 -5.10 -75.60 -50.88
CA ASN F 167 -5.08 -74.20 -50.46
C ASN F 167 -5.83 -74.04 -49.15
N LEU F 168 -7.01 -74.62 -49.06
CA LEU F 168 -7.70 -74.83 -47.80
C LEU F 168 -7.96 -76.31 -47.54
N HIS F 169 -8.59 -77.02 -48.48
CA HIS F 169 -9.17 -78.31 -48.18
C HIS F 169 -8.85 -79.45 -49.16
N GLY F 170 -8.05 -79.22 -50.20
CA GLY F 170 -7.66 -80.34 -51.04
C GLY F 170 -8.21 -80.37 -52.45
N TYR F 171 -7.33 -80.27 -53.45
CA TYR F 171 -7.73 -80.11 -54.85
C TYR F 171 -8.30 -81.40 -55.42
N ASP F 172 -7.44 -82.41 -55.64
CA ASP F 172 -7.82 -83.82 -55.81
C ASP F 172 -8.83 -84.08 -56.92
N VAL F 173 -8.63 -83.45 -58.09
CA VAL F 173 -9.63 -83.49 -59.14
C VAL F 173 -9.02 -83.91 -60.48
N SER F 174 -9.28 -85.15 -60.89
CA SER F 174 -8.89 -85.70 -62.18
C SER F 174 -9.66 -86.99 -62.39
N GLY F 175 -9.71 -87.41 -63.65
CA GLY F 175 -10.14 -88.76 -64.01
C GLY F 175 -11.63 -89.03 -63.97
N ALA F 176 -12.40 -88.26 -63.20
CA ALA F 176 -13.84 -88.46 -63.11
C ALA F 176 -14.61 -87.58 -64.08
N ASN F 177 -13.98 -87.18 -65.17
CA ASN F 177 -14.61 -86.31 -66.15
C ASN F 177 -14.79 -86.94 -67.52
N ASN F 178 -14.01 -87.95 -67.86
CA ASN F 178 -14.19 -88.63 -69.14
C ASN F 178 -15.51 -89.36 -69.19
N LYS F 179 -15.97 -89.87 -68.04
CA LYS F 179 -17.28 -90.47 -67.94
C LYS F 179 -18.38 -89.44 -68.19
N GLN F 180 -18.16 -88.23 -67.70
CA GLN F 180 -19.11 -87.14 -67.90
C GLN F 180 -19.12 -86.69 -69.36
N VAL F 181 -17.95 -86.64 -69.98
CA VAL F 181 -17.87 -86.30 -71.40
C VAL F 181 -18.52 -87.39 -72.24
N ILE F 182 -18.40 -88.65 -71.81
CA ILE F 182 -19.10 -89.76 -72.46
C ILE F 182 -20.61 -89.56 -72.34
N ASN F 183 -21.07 -89.07 -71.18
CA ASN F 183 -22.49 -88.76 -71.01
C ASN F 183 -22.93 -87.63 -71.94
N GLU F 184 -22.10 -86.60 -72.08
CA GLU F 184 -22.45 -85.50 -72.96
C GLU F 184 -22.51 -85.94 -74.42
N VAL F 185 -21.58 -86.80 -74.82
CA VAL F 185 -21.60 -87.26 -76.20
C VAL F 185 -22.72 -88.27 -76.41
N ALA F 186 -23.18 -88.94 -75.36
CA ALA F 186 -24.33 -89.83 -75.53
C ALA F 186 -25.62 -89.03 -75.69
N ARG F 187 -25.76 -87.94 -74.93
CA ARG F 187 -26.89 -87.03 -75.17
C ARG F 187 -26.79 -86.38 -76.54
N GLU F 188 -25.57 -86.10 -76.99
CA GLU F 188 -25.36 -85.57 -78.33
C GLU F 188 -25.76 -86.59 -79.40
N LYS F 189 -25.43 -87.85 -79.17
CA LYS F 189 -25.83 -88.93 -80.08
C LYS F 189 -27.33 -89.09 -80.13
N ALA F 190 -27.99 -88.93 -78.98
CA ALA F 190 -29.46 -89.01 -78.96
C ALA F 190 -30.08 -87.86 -79.72
N GLN F 191 -29.53 -86.65 -79.57
CA GLN F 191 -30.03 -85.51 -80.32
C GLN F 191 -29.80 -85.68 -81.82
N LEU F 192 -28.66 -86.27 -82.19
CA LEU F 192 -28.40 -86.52 -83.60
C LEU F 192 -29.33 -87.57 -84.17
N GLU F 193 -29.66 -88.59 -83.38
CA GLU F 193 -30.62 -89.58 -83.84
C GLU F 193 -32.01 -89.01 -83.96
N LYS F 194 -32.38 -88.07 -83.09
CA LYS F 194 -33.68 -87.40 -83.21
C LYS F 194 -33.73 -86.53 -84.46
N ILE F 195 -32.64 -85.81 -84.74
CA ILE F 195 -32.54 -84.97 -85.93
C ILE F 195 -32.59 -85.81 -87.19
N ASN F 196 -31.91 -86.96 -87.19
CA ASN F 196 -31.95 -87.87 -88.33
C ASN F 196 -33.32 -88.51 -88.48
N GLN F 197 -34.01 -88.76 -87.37
CA GLN F 197 -35.34 -89.32 -87.43
C GLN F 197 -36.35 -88.32 -87.95
N TYR F 198 -36.08 -87.03 -87.77
CA TYR F 198 -36.90 -86.00 -88.40
C TYR F 198 -36.55 -85.96 -89.89
N TYR F 199 -37.22 -86.81 -90.64
CA TYR F 199 -37.08 -86.83 -92.08
C TYR F 199 -38.41 -87.17 -92.72
N LYS F 200 -38.63 -86.64 -93.91
CA LYS F 200 -39.78 -86.98 -94.71
C LYS F 200 -39.40 -87.58 -96.06
N THR F 201 -38.11 -87.64 -96.37
CA THR F 201 -37.65 -87.97 -97.71
C THR F 201 -37.05 -89.35 -97.85
N LEU F 202 -36.39 -89.87 -96.82
CA LEU F 202 -35.69 -91.15 -96.90
C LEU F 202 -36.66 -92.32 -96.73
N LEU F 203 -36.13 -93.49 -96.38
CA LEU F 203 -36.88 -94.73 -96.35
C LEU F 203 -38.08 -94.68 -95.41
N GLN F 204 -39.24 -95.02 -95.96
CA GLN F 204 -40.50 -95.15 -95.25
C GLN F 204 -41.40 -95.96 -96.15
N ASP F 205 -41.89 -97.10 -95.66
CA ASP F 205 -42.50 -98.10 -96.53
C ASP F 205 -43.81 -97.59 -97.12
N LYS F 206 -43.87 -97.57 -98.44
CA LYS F 206 -44.94 -96.94 -99.19
C LYS F 206 -45.63 -97.96 -100.08
N GLU F 207 -46.55 -97.48 -100.91
CA GLU F 207 -47.27 -98.35 -101.82
C GLU F 207 -46.36 -98.82 -102.95
N GLN F 208 -46.88 -99.75 -103.76
CA GLN F 208 -46.06 -100.43 -104.73
C GLN F 208 -45.60 -99.50 -105.85
N GLU F 209 -46.42 -98.50 -106.19
CA GLU F 209 -46.03 -97.53 -107.20
C GLU F 209 -44.83 -96.71 -106.77
N TYR F 210 -44.73 -96.39 -105.48
CA TYR F 210 -43.52 -95.74 -105.00
C TYR F 210 -42.37 -96.72 -104.93
N THR F 211 -42.60 -97.90 -104.34
CA THR F 211 -41.49 -98.76 -103.97
C THR F 211 -40.84 -99.44 -105.16
N THR F 212 -41.59 -99.75 -106.22
CA THR F 212 -40.96 -100.35 -107.39
C THR F 212 -40.11 -99.35 -108.13
N ARG F 213 -40.57 -98.10 -108.20
CA ARG F 213 -39.75 -97.03 -108.73
C ARG F 213 -38.50 -96.83 -107.89
N LYS F 214 -38.63 -96.94 -106.56
CA LYS F 214 -37.50 -96.81 -105.64
C LYS F 214 -36.45 -97.89 -105.90
N ASN F 215 -36.89 -99.15 -105.92
CA ASN F 215 -35.99 -100.28 -106.12
C ASN F 215 -35.34 -100.22 -107.50
N ASN F 216 -36.08 -99.74 -108.50
CA ASN F 216 -35.49 -99.55 -109.83
C ASN F 216 -34.44 -98.45 -109.82
N GLN F 217 -34.65 -97.37 -109.07
CA GLN F 217 -33.63 -96.31 -109.05
C GLN F 217 -32.37 -96.79 -108.36
N ARG F 218 -32.54 -97.55 -107.28
CA ARG F 218 -31.39 -98.17 -106.61
C ARG F 218 -30.61 -99.06 -107.55
N GLU F 219 -31.31 -99.91 -108.31
CA GLU F 219 -30.61 -100.91 -109.13
C GLU F 219 -29.94 -100.27 -110.34
N ILE F 220 -30.68 -99.44 -111.09
CA ILE F 220 -30.12 -98.76 -112.25
C ILE F 220 -29.02 -97.81 -111.83
N LEU F 221 -29.09 -97.29 -110.62
CA LEU F 221 -28.10 -96.36 -110.14
C LEU F 221 -26.84 -97.06 -109.64
N GLU F 222 -26.96 -98.26 -109.06
CA GLU F 222 -25.75 -98.99 -108.72
C GLU F 222 -25.03 -99.40 -109.99
N THR F 223 -25.78 -99.71 -111.05
CA THR F 223 -25.13 -99.93 -112.34
C THR F 223 -24.52 -98.64 -112.90
N LEU F 224 -25.15 -97.49 -112.64
CA LEU F 224 -24.60 -96.22 -113.12
C LEU F 224 -23.33 -95.84 -112.37
N SER F 225 -23.31 -96.07 -111.06
CA SER F 225 -22.11 -95.81 -110.28
C SER F 225 -20.99 -96.74 -110.69
N ASN F 226 -21.30 -97.98 -111.01
CA ASN F 226 -20.26 -98.86 -111.54
C ASN F 226 -19.83 -98.45 -112.93
N ARG F 227 -20.73 -97.84 -113.72
CA ARG F 227 -20.33 -97.37 -115.05
C ARG F 227 -19.40 -96.16 -114.95
N ALA F 228 -19.70 -95.23 -114.04
CA ALA F 228 -18.80 -94.10 -113.83
C ALA F 228 -17.48 -94.55 -113.23
N GLY F 229 -17.53 -95.55 -112.35
CA GLY F 229 -16.30 -96.15 -111.86
C GLY F 229 -15.51 -96.85 -112.93
N TYR F 230 -16.19 -97.44 -113.91
CA TYR F 230 -15.49 -98.07 -115.03
C TYR F 230 -14.86 -97.03 -115.95
N GLN F 231 -15.55 -95.92 -116.18
CA GLN F 231 -14.98 -94.84 -117.00
C GLN F 231 -13.84 -94.12 -116.28
N MET F 232 -13.84 -94.08 -114.96
CA MET F 232 -12.79 -93.39 -114.22
C MET F 232 -11.60 -94.31 -113.89
N ARG F 233 -11.88 -95.59 -113.60
CA ARG F 233 -10.87 -96.51 -113.09
C ARG F 233 -9.83 -96.85 -114.15
N GLN F 234 -10.23 -96.96 -115.40
CA GLN F 234 -9.30 -97.24 -116.49
C GLN F 234 -8.99 -95.93 -117.20
N ASN F 235 -8.24 -95.07 -116.52
CA ASN F 235 -7.69 -93.92 -117.21
C ASN F 235 -6.40 -94.35 -117.91
N VAL F 236 -5.98 -93.55 -118.90
CA VAL F 236 -4.71 -93.82 -119.57
C VAL F 236 -3.55 -93.55 -118.62
N ILE F 237 -3.75 -92.64 -117.66
CA ILE F 237 -2.69 -92.30 -116.73
C ILE F 237 -2.56 -93.31 -115.59
N SER F 238 -3.58 -94.14 -115.36
CA SER F 238 -3.59 -95.01 -114.19
C SER F 238 -3.85 -96.45 -114.60
N SER F 239 -3.81 -97.33 -113.58
CA SER F 239 -4.19 -98.74 -113.69
C SER F 239 -3.36 -99.49 -114.73
N GLU F 240 -2.04 -99.39 -114.60
CA GLU F 240 -1.15 -99.96 -115.59
C GLU F 240 0.14 -100.38 -114.87
N ILE F 241 1.20 -100.59 -115.64
CA ILE F 241 2.47 -101.08 -115.11
C ILE F 241 3.34 -99.91 -114.71
N PHE F 242 3.32 -99.57 -113.42
CA PHE F 242 4.32 -98.71 -112.81
C PHE F 242 5.49 -99.51 -112.27
N LYS F 243 5.53 -100.81 -112.57
CA LYS F 243 6.54 -101.69 -112.00
C LYS F 243 7.91 -101.36 -112.56
N ASN F 244 7.99 -101.09 -113.86
CA ASN F 244 9.23 -100.58 -114.43
C ASN F 244 9.52 -99.16 -113.97
N GLY F 245 8.46 -98.36 -113.77
CA GLY F 245 8.64 -96.97 -113.40
C GLY F 245 9.22 -96.79 -112.01
N ASN F 246 8.90 -97.69 -111.08
CA ASN F 246 9.59 -97.69 -109.80
C ASN F 246 10.76 -98.66 -109.75
N LEU F 247 10.88 -99.56 -110.72
CA LEU F 247 12.05 -100.42 -110.79
C LEU F 247 13.29 -99.64 -111.17
N ASN F 248 13.13 -98.65 -112.06
CA ASN F 248 14.27 -97.77 -112.37
C ASN F 248 14.65 -96.91 -111.17
N MET F 249 13.66 -96.47 -110.39
CA MET F 249 13.95 -95.73 -109.17
C MET F 249 14.66 -96.61 -108.16
N GLN F 250 14.27 -97.88 -108.07
CA GLN F 250 14.94 -98.83 -107.21
C GLN F 250 16.37 -99.08 -107.66
N ALA F 251 16.59 -99.13 -108.98
CA ALA F 251 17.94 -99.36 -109.51
C ALA F 251 18.86 -98.18 -109.21
N LYS F 252 18.38 -96.95 -109.40
CA LYS F 252 19.21 -95.81 -109.10
C LYS F 252 19.38 -95.62 -107.60
N GLU F 253 18.42 -96.08 -106.80
CA GLU F 253 18.61 -96.13 -105.35
C GLU F 253 19.73 -97.09 -104.97
N GLU F 254 19.75 -98.28 -105.57
CA GLU F 254 20.81 -99.23 -105.29
C GLU F 254 22.16 -98.71 -105.74
N GLU F 255 22.19 -97.97 -106.85
CA GLU F 255 23.44 -97.43 -107.33
C GLU F 255 23.95 -96.28 -106.45
N VAL F 256 23.07 -95.42 -105.96
CA VAL F 256 23.57 -94.38 -105.07
C VAL F 256 23.92 -94.95 -103.71
N ARG F 257 23.30 -96.05 -103.29
CA ARG F 257 23.75 -96.74 -102.09
C ARG F 257 25.11 -97.40 -102.31
N GLU F 258 25.34 -97.91 -103.51
CA GLU F 258 26.62 -98.47 -103.91
C GLU F 258 27.73 -97.43 -103.82
N LYS F 259 27.50 -96.25 -104.42
CA LYS F 259 28.50 -95.19 -104.35
C LYS F 259 28.61 -94.62 -102.95
N LEU F 260 27.54 -94.69 -102.17
CA LEU F 260 27.57 -94.23 -100.79
C LEU F 260 28.48 -95.12 -99.95
N GLN F 261 28.38 -96.43 -100.13
CA GLN F 261 29.28 -97.33 -99.43
C GLN F 261 30.68 -97.28 -100.00
N GLU F 262 30.82 -96.90 -101.26
CA GLU F 262 32.13 -96.63 -101.84
C GLU F 262 32.84 -95.52 -101.08
N GLU F 263 32.20 -94.36 -101.00
CA GLU F 263 32.74 -93.24 -100.25
C GLU F 263 32.76 -93.50 -98.76
N ARG F 264 32.03 -94.52 -98.27
CA ARG F 264 32.05 -94.85 -96.85
C ARG F 264 33.26 -95.70 -96.48
N GLU F 265 33.33 -96.92 -97.01
CA GLU F 265 34.44 -97.76 -96.61
C GLU F 265 35.63 -97.65 -97.54
N ASN F 266 35.76 -96.53 -98.26
CA ASN F 266 37.09 -96.03 -98.54
C ASN F 266 37.82 -95.63 -97.27
N GLU F 267 37.08 -95.18 -96.25
CA GLU F 267 37.68 -94.72 -95.02
C GLU F 267 37.17 -95.44 -93.78
N TYR F 268 36.16 -96.29 -93.89
CA TYR F 268 35.75 -97.11 -92.75
C TYR F 268 36.78 -98.19 -92.48
N LYS G 26 -0.52 -61.35 -3.05
CA LYS G 26 0.50 -61.86 -3.98
C LYS G 26 -0.15 -62.59 -5.15
N LYS G 27 0.51 -62.54 -6.30
CA LYS G 27 0.04 -63.22 -7.50
C LYS G 27 1.12 -64.18 -7.99
N VAL G 28 0.69 -65.40 -8.31
CA VAL G 28 1.59 -66.46 -8.80
C VAL G 28 1.91 -66.22 -10.27
N VAL G 29 2.84 -67.01 -10.81
CA VAL G 29 3.19 -66.92 -12.22
C VAL G 29 2.95 -68.25 -12.94
N LYS G 30 2.07 -69.09 -12.40
CA LYS G 30 1.63 -70.40 -12.93
C LYS G 30 2.82 -71.27 -13.37
N GLN G 31 3.58 -71.72 -12.36
CA GLN G 31 4.95 -72.22 -12.50
C GLN G 31 5.18 -73.37 -13.47
N LYS G 32 4.69 -74.58 -13.18
CA LYS G 32 5.23 -75.74 -13.89
C LYS G 32 4.18 -76.79 -14.20
N ASN G 33 4.22 -77.28 -15.45
CA ASN G 33 3.50 -78.47 -15.89
C ASN G 33 4.34 -79.74 -15.78
N HIS G 34 5.66 -79.61 -15.70
CA HIS G 34 6.66 -80.58 -15.23
C HIS G 34 6.92 -81.76 -16.15
N VAL G 35 6.23 -81.90 -17.27
CA VAL G 35 6.48 -82.99 -18.21
C VAL G 35 6.98 -82.39 -19.51
N TYR G 36 7.96 -83.04 -20.14
CA TYR G 36 8.60 -82.48 -21.31
C TYR G 36 8.40 -83.38 -22.51
N THR G 37 8.65 -82.82 -23.70
CA THR G 37 8.40 -83.49 -24.95
C THR G 37 9.23 -82.81 -26.04
N PRO G 38 9.50 -83.49 -27.14
CA PRO G 38 9.91 -82.78 -28.35
C PRO G 38 8.76 -81.92 -28.86
N VAL G 39 9.13 -80.82 -29.51
CA VAL G 39 8.13 -79.85 -29.95
C VAL G 39 7.35 -80.39 -31.14
N TYR G 40 8.06 -80.62 -32.26
CA TYR G 40 7.52 -81.23 -33.48
C TYR G 40 6.31 -80.46 -34.02
N ASN G 41 6.59 -79.21 -34.44
CA ASN G 41 5.67 -78.50 -35.31
C ASN G 41 5.51 -79.37 -36.56
N GLU G 42 4.31 -79.93 -36.74
CA GLU G 42 4.14 -81.18 -37.45
C GLU G 42 4.43 -81.06 -38.95
N LEU G 43 5.15 -82.04 -39.48
CA LEU G 43 5.58 -82.03 -40.88
C LEU G 43 4.47 -82.45 -41.83
N ILE G 44 3.98 -83.68 -41.69
CA ILE G 44 3.03 -84.24 -42.64
C ILE G 44 1.66 -83.62 -42.39
N GLU G 45 1.07 -83.07 -43.44
CA GLU G 45 -0.14 -82.28 -43.35
C GLU G 45 -1.35 -83.12 -43.73
N LYS G 46 -2.47 -82.79 -43.10
CA LYS G 46 -3.73 -83.45 -43.34
C LYS G 46 -4.75 -82.43 -43.81
N TYR G 47 -5.71 -82.88 -44.60
CA TYR G 47 -6.73 -81.97 -45.08
C TYR G 47 -7.73 -81.71 -43.97
N SER G 48 -8.09 -80.44 -43.79
CA SER G 48 -8.81 -80.01 -42.60
C SER G 48 -10.26 -79.72 -42.94
N GLU G 49 -11.10 -80.75 -42.90
CA GLU G 49 -12.52 -80.57 -43.19
C GLU G 49 -13.19 -79.79 -42.07
N ILE G 50 -14.23 -79.05 -42.42
CA ILE G 50 -14.82 -78.12 -41.46
C ILE G 50 -15.96 -78.85 -40.76
N PRO G 51 -15.87 -79.03 -39.44
CA PRO G 51 -16.85 -79.82 -38.70
C PRO G 51 -18.01 -79.00 -38.17
N LEU G 52 -18.55 -78.11 -38.99
CA LEU G 52 -19.68 -77.31 -38.52
C LEU G 52 -20.99 -77.98 -38.93
N ASN G 53 -21.15 -79.22 -38.52
CA ASN G 53 -22.29 -80.04 -38.89
C ASN G 53 -23.06 -80.34 -37.61
N ASP G 54 -23.92 -79.41 -37.22
CA ASP G 54 -24.54 -79.47 -35.90
C ASP G 54 -25.77 -80.37 -35.86
N LYS G 55 -26.84 -80.00 -36.55
CA LYS G 55 -28.05 -80.79 -36.47
C LYS G 55 -28.64 -81.04 -37.85
N LEU G 56 -28.44 -80.12 -38.78
CA LEU G 56 -29.01 -80.28 -40.10
C LEU G 56 -28.23 -81.24 -40.98
N LYS G 57 -27.16 -81.84 -40.46
CA LYS G 57 -26.57 -82.99 -41.13
C LYS G 57 -27.45 -84.23 -41.01
N ASP G 58 -28.49 -84.18 -40.18
CA ASP G 58 -29.48 -85.24 -40.10
C ASP G 58 -30.85 -84.85 -40.63
N THR G 59 -31.17 -83.56 -40.68
CA THR G 59 -32.47 -83.15 -41.20
C THR G 59 -32.48 -83.28 -42.71
N PRO G 60 -33.46 -83.94 -43.29
CA PRO G 60 -33.42 -84.22 -44.73
C PRO G 60 -33.91 -83.05 -45.56
N PHE G 61 -33.26 -82.86 -46.70
CA PHE G 61 -33.67 -81.83 -47.66
C PHE G 61 -33.16 -82.23 -49.03
N MET G 62 -33.79 -81.68 -50.07
CA MET G 62 -33.36 -81.83 -51.45
C MET G 62 -33.45 -80.49 -52.16
N VAL G 63 -32.90 -79.47 -51.51
CA VAL G 63 -33.15 -78.09 -51.91
C VAL G 63 -32.40 -77.76 -53.20
N GLN G 64 -33.01 -76.95 -54.04
CA GLN G 64 -32.52 -76.67 -55.39
C GLN G 64 -32.10 -75.22 -55.47
N VAL G 65 -30.86 -74.98 -55.84
CA VAL G 65 -30.28 -73.64 -55.93
C VAL G 65 -29.88 -73.40 -57.37
N LYS G 66 -30.35 -72.29 -57.93
CA LYS G 66 -29.95 -71.88 -59.26
C LYS G 66 -28.61 -71.16 -59.18
N LEU G 67 -27.87 -71.18 -60.29
CA LEU G 67 -26.57 -70.56 -60.33
C LEU G 67 -26.41 -69.82 -61.65
N PRO G 68 -26.44 -68.51 -61.63
CA PRO G 68 -26.26 -67.74 -62.87
C PRO G 68 -24.82 -67.69 -63.33
N ASN G 69 -24.56 -66.85 -64.34
CA ASN G 69 -23.40 -67.00 -65.20
C ASN G 69 -22.59 -65.70 -65.28
N TYR G 70 -22.17 -65.17 -64.14
CA TYR G 70 -21.40 -63.94 -64.08
C TYR G 70 -20.03 -64.09 -64.71
N LYS G 71 -19.29 -62.97 -64.77
CA LYS G 71 -17.92 -62.98 -65.27
C LYS G 71 -16.97 -63.36 -64.14
N ASP G 72 -16.47 -64.59 -64.20
CA ASP G 72 -15.27 -65.07 -63.51
C ASP G 72 -15.37 -65.14 -61.98
N TYR G 73 -16.49 -64.69 -61.40
CA TYR G 73 -16.64 -64.71 -59.95
C TYR G 73 -17.50 -65.86 -59.45
N LEU G 74 -18.43 -66.33 -60.29
CA LEU G 74 -19.17 -67.60 -60.19
C LEU G 74 -20.05 -67.80 -58.97
N LEU G 75 -20.13 -66.82 -58.07
CA LEU G 75 -21.09 -66.84 -56.98
C LEU G 75 -21.41 -65.40 -56.61
N ASP G 76 -22.02 -65.22 -55.45
CA ASP G 76 -22.42 -63.91 -54.97
C ASP G 76 -22.14 -63.77 -53.49
N ASN G 77 -21.53 -62.64 -53.11
CA ASN G 77 -21.44 -62.32 -51.70
C ASN G 77 -22.80 -61.96 -51.14
N LYS G 78 -23.75 -61.60 -52.01
CA LYS G 78 -25.16 -61.64 -51.64
C LYS G 78 -25.58 -63.04 -51.25
N GLN G 79 -25.21 -64.04 -52.05
CA GLN G 79 -25.66 -65.42 -51.82
C GLN G 79 -24.46 -66.34 -51.88
N VAL G 80 -23.72 -66.43 -50.78
CA VAL G 80 -22.61 -67.37 -50.65
C VAL G 80 -22.75 -68.26 -49.42
N VAL G 81 -23.16 -67.69 -48.28
CA VAL G 81 -23.26 -68.50 -47.07
C VAL G 81 -24.47 -69.41 -47.13
N LEU G 82 -25.56 -68.95 -47.74
CA LEU G 82 -26.76 -69.76 -47.88
C LEU G 82 -26.53 -70.92 -48.82
N THR G 83 -25.72 -70.71 -49.85
CA THR G 83 -25.45 -71.78 -50.78
C THR G 83 -24.21 -72.57 -50.42
N PHE G 84 -23.51 -72.20 -49.36
CA PHE G 84 -22.48 -73.09 -48.87
C PHE G 84 -22.90 -73.90 -47.68
N LYS G 85 -23.90 -73.45 -46.92
CA LYS G 85 -24.41 -74.25 -45.82
C LYS G 85 -24.97 -75.57 -46.31
N LEU G 86 -25.66 -75.54 -47.45
CA LEU G 86 -26.26 -76.75 -48.01
C LEU G 86 -25.20 -77.70 -48.52
N VAL G 87 -24.16 -77.19 -49.16
CA VAL G 87 -23.13 -78.10 -49.67
C VAL G 87 -22.24 -78.60 -48.56
N HIS G 88 -22.08 -77.86 -47.48
CA HIS G 88 -21.33 -78.38 -46.35
C HIS G 88 -22.12 -79.48 -45.64
N HIS G 89 -23.40 -79.24 -45.41
CA HIS G 89 -24.18 -80.17 -44.61
C HIS G 89 -24.92 -81.20 -45.44
N SER G 90 -24.74 -81.23 -46.74
CA SER G 90 -25.50 -82.18 -47.53
C SER G 90 -24.75 -83.49 -47.61
N LYS G 91 -25.38 -84.47 -48.27
CA LYS G 91 -24.76 -85.76 -48.46
C LYS G 91 -24.67 -86.20 -49.90
N LYS G 92 -25.58 -85.75 -50.78
CA LYS G 92 -25.51 -86.06 -52.21
C LYS G 92 -25.96 -84.82 -52.95
N ILE G 93 -25.10 -84.21 -53.74
CA ILE G 93 -25.55 -83.09 -54.54
C ILE G 93 -25.38 -83.44 -56.01
N THR G 94 -26.21 -82.80 -56.83
CA THR G 94 -26.17 -83.01 -58.26
C THR G 94 -26.14 -81.66 -58.98
N LEU G 95 -25.64 -81.71 -60.21
CA LEU G 95 -25.33 -80.53 -60.99
C LEU G 95 -25.83 -80.71 -62.42
N ILE G 96 -26.63 -79.76 -62.87
CA ILE G 96 -27.24 -79.78 -64.19
C ILE G 96 -26.81 -78.52 -64.92
N GLY G 97 -26.19 -78.69 -66.08
CA GLY G 97 -25.88 -77.50 -66.85
C GLY G 97 -24.81 -77.79 -67.89
N ASP G 98 -24.00 -76.76 -68.16
CA ASP G 98 -22.92 -76.87 -69.11
C ASP G 98 -21.82 -77.77 -68.55
N ALA G 99 -21.03 -78.34 -69.46
CA ALA G 99 -20.09 -79.38 -69.10
C ALA G 99 -18.95 -78.86 -68.23
N ASN G 100 -18.15 -77.93 -68.77
CA ASN G 100 -17.05 -77.40 -67.99
C ASN G 100 -17.53 -76.53 -66.84
N LYS G 101 -18.75 -76.00 -66.92
CA LYS G 101 -19.28 -75.22 -65.81
C LYS G 101 -19.59 -76.11 -64.62
N ILE G 102 -20.23 -77.26 -64.84
CA ILE G 102 -20.46 -78.14 -63.70
C ILE G 102 -19.17 -78.79 -63.25
N LEU G 103 -18.19 -78.93 -64.16
CA LEU G 103 -16.89 -79.44 -63.75
C LEU G 103 -16.20 -78.48 -62.79
N GLN G 104 -16.13 -77.21 -63.16
CA GLN G 104 -15.47 -76.25 -62.29
C GLN G 104 -16.31 -75.94 -61.06
N TYR G 105 -17.62 -76.18 -61.08
CA TYR G 105 -18.36 -76.02 -59.83
C TYR G 105 -18.13 -77.17 -58.89
N LYS G 106 -17.98 -78.39 -59.41
CA LYS G 106 -17.56 -79.51 -58.56
C LYS G 106 -16.18 -79.26 -57.99
N ASN G 107 -15.27 -78.76 -58.83
CA ASN G 107 -13.92 -78.45 -58.38
C ASN G 107 -13.93 -77.37 -57.31
N TYR G 108 -14.75 -76.34 -57.51
CA TYR G 108 -14.79 -75.23 -56.57
C TYR G 108 -15.39 -75.64 -55.24
N PHE G 109 -16.46 -76.44 -55.27
CA PHE G 109 -17.07 -76.85 -54.02
C PHE G 109 -16.19 -77.82 -53.26
N GLN G 110 -15.60 -78.79 -53.96
CA GLN G 110 -14.73 -79.74 -53.28
C GLN G 110 -13.44 -79.09 -52.80
N ALA G 111 -12.98 -78.06 -53.49
CA ALA G 111 -11.75 -77.39 -53.10
C ALA G 111 -11.98 -76.32 -52.08
N ASN G 112 -13.20 -75.82 -51.94
CA ASN G 112 -13.46 -74.77 -50.98
C ASN G 112 -14.04 -75.31 -49.69
N GLY G 113 -15.16 -76.03 -49.76
CA GLY G 113 -15.81 -76.36 -48.52
C GLY G 113 -16.46 -77.71 -48.39
N ALA G 114 -16.43 -78.52 -49.43
CA ALA G 114 -17.12 -79.79 -49.35
C ALA G 114 -16.28 -80.81 -48.60
N ARG G 115 -16.75 -82.05 -48.62
CA ARG G 115 -16.01 -83.15 -48.02
C ARG G 115 -15.93 -84.27 -49.04
N SER G 116 -15.29 -85.37 -48.63
CA SER G 116 -14.85 -86.40 -49.56
C SER G 116 -15.83 -87.53 -49.70
N ASP G 117 -17.11 -87.31 -49.40
CA ASP G 117 -18.09 -88.38 -49.53
C ASP G 117 -19.42 -87.85 -50.04
N ILE G 118 -19.40 -86.80 -50.83
CA ILE G 118 -20.64 -86.21 -51.29
C ILE G 118 -21.20 -86.96 -52.49
N ASP G 119 -20.33 -87.57 -53.30
CA ASP G 119 -20.68 -88.29 -54.53
C ASP G 119 -21.47 -87.38 -55.48
N PHE G 120 -20.74 -86.38 -55.96
CA PHE G 120 -21.25 -85.38 -56.90
C PHE G 120 -21.84 -86.05 -58.13
N TYR G 121 -23.12 -85.86 -58.34
CA TYR G 121 -23.82 -86.44 -59.48
C TYR G 121 -23.92 -85.38 -60.56
N LEU G 122 -23.24 -85.61 -61.68
CA LEU G 122 -23.24 -84.65 -62.77
C LEU G 122 -24.07 -85.16 -63.93
N GLN G 123 -25.02 -84.35 -64.41
CA GLN G 123 -25.77 -84.69 -65.62
C GLN G 123 -25.72 -83.44 -66.49
N PRO G 124 -24.88 -83.43 -67.52
CA PRO G 124 -24.70 -82.21 -68.31
C PRO G 124 -25.79 -82.03 -69.35
N THR G 125 -25.99 -80.78 -69.73
CA THR G 125 -26.94 -80.43 -70.78
C THR G 125 -26.28 -79.55 -71.83
N LEU G 126 -27.07 -79.06 -72.79
CA LEU G 126 -26.58 -78.18 -73.84
C LEU G 126 -27.20 -76.80 -73.77
N ASN G 127 -28.52 -76.71 -73.86
CA ASN G 127 -29.22 -75.44 -73.89
C ASN G 127 -29.65 -75.12 -72.47
N GLN G 128 -28.74 -74.56 -71.69
CA GLN G 128 -29.01 -74.26 -70.29
C GLN G 128 -28.21 -73.02 -69.92
N LYS G 129 -28.85 -71.86 -70.01
CA LYS G 129 -28.21 -70.62 -69.57
C LYS G 129 -28.21 -70.59 -68.05
N GLY G 130 -27.05 -70.81 -67.47
CA GLY G 130 -26.94 -71.03 -66.04
C GLY G 130 -26.76 -72.49 -65.74
N VAL G 131 -26.68 -72.79 -64.45
CA VAL G 131 -26.43 -74.15 -63.98
C VAL G 131 -27.10 -74.32 -62.62
N VAL G 132 -27.88 -75.38 -62.49
CA VAL G 132 -28.72 -75.58 -61.32
C VAL G 132 -28.21 -76.77 -60.53
N MET G 133 -28.19 -76.62 -59.21
CA MET G 133 -27.69 -77.65 -58.31
C MET G 133 -28.80 -78.08 -57.38
N ILE G 134 -28.78 -79.36 -57.01
CA ILE G 134 -29.75 -79.91 -56.07
C ILE G 134 -28.99 -80.62 -54.97
N ALA G 135 -29.11 -80.11 -53.75
CA ALA G 135 -28.41 -80.64 -52.60
C ALA G 135 -29.38 -81.45 -51.75
N SER G 136 -29.04 -82.71 -51.50
CA SER G 136 -29.89 -83.61 -50.75
C SER G 136 -29.10 -84.18 -49.59
N ASN G 137 -29.83 -84.49 -48.52
CA ASN G 137 -29.23 -84.97 -47.28
C ASN G 137 -30.04 -86.16 -46.78
N TYR G 138 -29.61 -87.36 -47.16
CA TYR G 138 -30.11 -88.55 -46.50
C TYR G 138 -29.62 -88.56 -45.06
N ASN G 139 -30.42 -89.16 -44.18
CA ASN G 139 -30.09 -89.10 -42.76
C ASN G 139 -28.92 -90.01 -42.42
N ASP G 140 -29.10 -91.32 -42.60
CA ASP G 140 -28.07 -92.35 -42.48
C ASP G 140 -27.41 -92.41 -41.10
N ASN G 141 -28.08 -91.88 -40.08
CA ASN G 141 -27.59 -91.98 -38.71
C ASN G 141 -28.40 -93.02 -37.95
N PRO G 142 -27.76 -93.89 -37.16
CA PRO G 142 -28.41 -95.12 -36.71
C PRO G 142 -29.20 -95.03 -35.41
N ASN G 143 -29.50 -93.84 -34.87
CA ASN G 143 -30.14 -93.84 -33.55
C ASN G 143 -31.65 -94.07 -33.65
N SER G 144 -32.41 -93.06 -34.08
CA SER G 144 -33.83 -93.32 -34.37
C SER G 144 -34.20 -92.87 -35.78
N LYS G 145 -34.18 -91.55 -35.99
CA LYS G 145 -34.08 -90.88 -37.29
C LYS G 145 -35.22 -91.27 -38.24
N GLU G 146 -36.43 -90.86 -37.87
CA GLU G 146 -37.62 -91.10 -38.67
C GLU G 146 -38.17 -89.80 -39.27
N LYS G 147 -38.89 -89.93 -40.37
CA LYS G 147 -39.42 -88.78 -41.10
C LYS G 147 -40.77 -88.37 -40.54
N PRO G 148 -40.98 -87.09 -40.22
CA PRO G 148 -42.27 -86.68 -39.66
C PRO G 148 -43.39 -86.56 -40.69
N GLN G 149 -44.26 -87.57 -40.69
CA GLN G 149 -45.53 -87.73 -41.42
C GLN G 149 -45.54 -87.29 -42.89
N THR G 150 -44.36 -87.28 -43.55
CA THR G 150 -44.17 -86.77 -44.92
C THR G 150 -44.79 -85.39 -45.16
N PHE G 151 -44.87 -84.59 -44.09
CA PHE G 151 -45.31 -83.19 -44.02
C PHE G 151 -46.52 -82.86 -44.89
N ASP G 152 -47.64 -83.54 -44.65
CA ASP G 152 -48.90 -83.01 -45.17
C ASP G 152 -49.30 -81.86 -44.27
N VAL G 153 -48.80 -80.67 -44.61
CA VAL G 153 -48.95 -79.49 -43.77
C VAL G 153 -49.13 -78.28 -44.68
N LEU G 154 -50.15 -77.49 -44.39
CA LEU G 154 -50.40 -76.25 -45.11
C LEU G 154 -49.60 -75.09 -44.58
N GLN G 155 -49.12 -75.17 -43.33
CA GLN G 155 -48.28 -74.11 -42.80
C GLN G 155 -46.90 -74.17 -43.39
N GLY G 156 -46.23 -75.31 -43.31
CA GLY G 156 -44.85 -75.44 -43.73
C GLY G 156 -44.78 -75.95 -45.16
N SER G 157 -43.64 -75.67 -45.81
CA SER G 157 -43.35 -76.27 -47.09
C SER G 157 -42.65 -77.61 -46.87
N GLN G 158 -42.92 -78.55 -47.75
CA GLN G 158 -42.35 -79.88 -47.59
C GLN G 158 -40.86 -79.86 -47.91
N PRO G 159 -40.03 -80.55 -47.16
CA PRO G 159 -38.58 -80.41 -47.28
C PRO G 159 -37.96 -81.34 -48.32
N MET G 160 -38.58 -81.41 -49.49
CA MET G 160 -37.89 -81.98 -50.63
C MET G 160 -37.66 -80.92 -51.70
N LEU G 161 -38.70 -80.30 -52.22
CA LEU G 161 -38.53 -79.12 -53.06
C LEU G 161 -39.41 -78.05 -52.45
N GLY G 162 -38.77 -76.97 -51.98
CA GLY G 162 -39.44 -76.06 -51.06
C GLY G 162 -40.59 -75.30 -51.69
N ALA G 163 -40.36 -74.78 -52.91
CA ALA G 163 -41.27 -73.91 -53.65
C ALA G 163 -41.70 -72.74 -52.76
N ASN G 164 -40.71 -71.91 -52.42
CA ASN G 164 -40.87 -70.89 -51.41
C ASN G 164 -41.76 -69.77 -51.93
N THR G 165 -42.94 -69.65 -51.34
CA THR G 165 -43.85 -68.55 -51.62
C THR G 165 -43.95 -67.74 -50.34
N LYS G 166 -43.21 -66.63 -50.28
CA LYS G 166 -43.21 -65.75 -49.12
C LYS G 166 -42.73 -64.36 -49.49
N ASN G 167 -43.46 -63.35 -49.06
CA ASN G 167 -42.83 -62.10 -48.65
C ASN G 167 -43.12 -61.82 -47.20
N LEU G 168 -44.38 -61.95 -46.78
CA LEU G 168 -44.75 -62.04 -45.38
C LEU G 168 -45.45 -63.35 -45.08
N HIS G 169 -46.51 -63.71 -45.81
CA HIS G 169 -47.42 -64.75 -45.37
C HIS G 169 -47.78 -65.81 -46.41
N GLY G 170 -47.24 -65.78 -47.61
CA GLY G 170 -47.51 -66.87 -48.53
C GLY G 170 -48.36 -66.58 -49.75
N TYR G 171 -47.78 -66.68 -50.95
CA TYR G 171 -48.42 -66.27 -52.19
C TYR G 171 -49.55 -67.21 -52.59
N ASP G 172 -49.20 -68.42 -53.03
CA ASP G 172 -50.08 -69.59 -53.10
C ASP G 172 -51.37 -69.37 -53.90
N VAL G 173 -51.25 -68.75 -55.07
CA VAL G 173 -52.43 -68.33 -55.82
C VAL G 173 -52.36 -68.79 -57.28
N SER G 174 -53.14 -69.82 -57.60
CA SER G 174 -53.31 -70.35 -58.95
C SER G 174 -54.53 -71.25 -58.95
N GLY G 175 -55.05 -71.51 -60.16
CA GLY G 175 -56.00 -72.58 -60.39
C GLY G 175 -57.42 -72.32 -59.95
N ALA G 176 -57.65 -71.42 -59.00
CA ALA G 176 -58.99 -71.11 -58.53
C ALA G 176 -59.61 -69.93 -59.25
N ASN G 177 -59.17 -69.67 -60.47
CA ASN G 177 -59.67 -68.54 -61.25
C ASN G 177 -60.40 -68.93 -62.52
N ASN G 178 -60.15 -70.12 -63.05
CA ASN G 178 -60.87 -70.55 -64.24
C ASN G 178 -62.33 -70.78 -63.94
N LYS G 179 -62.64 -71.20 -62.71
CA LYS G 179 -64.02 -71.33 -62.26
C LYS G 179 -64.69 -69.95 -62.21
N GLN G 180 -63.93 -68.95 -61.78
CA GLN G 180 -64.46 -67.59 -61.72
C GLN G 180 -64.66 -67.02 -63.11
N VAL G 181 -63.75 -67.31 -64.03
CA VAL G 181 -63.91 -66.88 -65.42
C VAL G 181 -65.10 -67.59 -66.06
N ILE G 182 -65.33 -68.86 -65.69
CA ILE G 182 -66.52 -69.58 -66.12
C ILE G 182 -67.78 -68.88 -65.60
N ASN G 183 -67.73 -68.39 -64.36
CA ASN G 183 -68.85 -67.63 -63.81
C ASN G 183 -69.08 -66.32 -64.59
N GLU G 184 -68.00 -65.63 -64.94
CA GLU G 184 -68.13 -64.39 -65.69
C GLU G 184 -68.70 -64.64 -67.08
N VAL G 185 -68.28 -65.73 -67.72
CA VAL G 185 -68.81 -66.01 -69.05
C VAL G 185 -70.23 -66.55 -68.96
N ALA G 186 -70.62 -67.12 -67.81
CA ALA G 186 -72.01 -67.53 -67.67
C ALA G 186 -72.92 -66.32 -67.48
N ARG G 187 -72.48 -65.33 -66.71
CA ARG G 187 -73.23 -64.08 -66.62
C ARG G 187 -73.24 -63.37 -67.98
N GLU G 188 -72.16 -63.48 -68.74
CA GLU G 188 -72.11 -62.93 -70.09
C GLU G 188 -73.10 -63.63 -71.02
N LYS G 189 -73.20 -64.95 -70.89
CA LYS G 189 -74.17 -65.72 -71.65
C LYS G 189 -75.60 -65.36 -71.30
N ALA G 190 -75.85 -65.10 -70.02
CA ALA G 190 -77.19 -64.66 -69.60
C ALA G 190 -77.52 -63.30 -70.16
N GLN G 191 -76.55 -62.37 -70.17
CA GLN G 191 -76.78 -61.06 -70.75
C GLN G 191 -77.01 -61.15 -72.25
N LEU G 192 -76.29 -62.06 -72.92
CA LEU G 192 -76.50 -62.24 -74.35
C LEU G 192 -77.86 -62.84 -74.66
N GLU G 193 -78.33 -63.75 -73.80
CA GLU G 193 -79.66 -64.30 -74.00
C GLU G 193 -80.74 -63.27 -73.74
N LYS G 194 -80.51 -62.36 -72.79
CA LYS G 194 -81.47 -61.27 -72.57
C LYS G 194 -81.51 -60.32 -73.76
N ILE G 195 -80.34 -60.00 -74.30
CA ILE G 195 -80.25 -59.13 -75.47
C ILE G 195 -80.91 -59.78 -76.68
N ASN G 196 -80.70 -61.08 -76.87
CA ASN G 196 -81.36 -61.80 -77.95
C ASN G 196 -82.86 -61.90 -77.73
N GLN G 197 -83.29 -62.01 -76.48
CA GLN G 197 -84.71 -62.08 -76.18
C GLN G 197 -85.38 -60.73 -76.41
N TYR G 198 -84.62 -59.65 -76.31
CA TYR G 198 -85.15 -58.34 -76.69
C TYR G 198 -85.20 -58.27 -78.21
N TYR G 199 -86.30 -58.76 -78.76
CA TYR G 199 -86.53 -58.68 -80.19
C TYR G 199 -88.01 -58.48 -80.45
N LYS G 200 -88.31 -57.79 -81.54
CA LYS G 200 -89.67 -57.63 -82.00
C LYS G 200 -89.88 -58.19 -83.39
N THR G 201 -88.82 -58.66 -84.04
CA THR G 201 -88.86 -58.99 -85.46
C THR G 201 -88.86 -60.47 -85.76
N LEU G 202 -88.19 -61.29 -84.96
CA LEU G 202 -88.04 -62.72 -85.20
C LEU G 202 -89.29 -63.49 -84.80
N LEU G 203 -89.14 -64.80 -84.60
CA LEU G 203 -90.26 -65.71 -84.37
C LEU G 203 -91.08 -65.34 -83.14
N GLN G 204 -92.38 -65.20 -83.37
CA GLN G 204 -93.39 -64.95 -82.34
C GLN G 204 -94.72 -65.31 -82.98
N ASP G 205 -95.44 -66.25 -82.37
CA ASP G 205 -96.56 -66.88 -83.05
C ASP G 205 -97.71 -65.90 -83.26
N LYS G 206 -98.09 -65.73 -84.52
CA LYS G 206 -99.01 -64.70 -84.95
C LYS G 206 -100.22 -65.33 -85.63
N GLU G 207 -101.08 -64.48 -86.18
CA GLU G 207 -102.27 -64.95 -86.87
C GLU G 207 -101.90 -65.59 -88.20
N GLN G 208 -102.90 -66.20 -88.84
CA GLN G 208 -102.66 -67.02 -90.01
C GLN G 208 -102.19 -66.20 -91.20
N GLU G 209 -102.65 -64.95 -91.31
CA GLU G 209 -102.20 -64.07 -92.38
C GLU G 209 -100.72 -63.76 -92.29
N TYR G 210 -100.19 -63.63 -91.08
CA TYR G 210 -98.75 -63.49 -90.93
C TYR G 210 -98.05 -64.81 -91.17
N THR G 211 -98.54 -65.88 -90.55
CA THR G 211 -97.75 -67.11 -90.48
C THR G 211 -97.70 -67.86 -91.81
N THR G 212 -98.76 -67.78 -92.63
CA THR G 212 -98.71 -68.45 -93.93
C THR G 212 -97.75 -67.72 -94.87
N ARG G 213 -97.75 -66.39 -94.80
CA ARG G 213 -96.75 -65.62 -95.54
C ARG G 213 -95.35 -65.96 -95.05
N LYS G 214 -95.18 -66.15 -93.75
CA LYS G 214 -93.89 -66.51 -93.17
C LYS G 214 -93.39 -67.85 -93.71
N ASN G 215 -94.24 -68.87 -93.61
CA ASN G 215 -93.89 -70.21 -94.05
C ASN G 215 -93.63 -70.25 -95.55
N ASN G 216 -94.38 -69.44 -96.32
CA ASN G 216 -94.10 -69.35 -97.74
C ASN G 216 -92.76 -68.67 -98.02
N GLN G 217 -92.38 -67.67 -97.23
CA GLN G 217 -91.08 -67.04 -97.49
C GLN G 217 -89.94 -67.98 -97.16
N ARG G 218 -90.09 -68.74 -96.08
CA ARG G 218 -89.12 -69.78 -95.74
C ARG G 218 -88.98 -70.80 -96.87
N GLU G 219 -90.09 -71.27 -97.41
CA GLU G 219 -90.03 -72.36 -98.39
C GLU G 219 -89.49 -71.88 -99.73
N ILE G 220 -90.05 -70.78 -100.24
CA ILE G 220 -89.60 -70.22 -101.53
C ILE G 220 -88.16 -69.76 -101.41
N LEU G 221 -87.74 -69.36 -100.22
CA LEU G 221 -86.38 -68.90 -100.02
C LEU G 221 -85.38 -70.03 -99.89
N GLU G 222 -85.78 -71.15 -99.29
CA GLU G 222 -84.87 -72.29 -99.30
C GLU G 222 -84.68 -72.80 -100.71
N THR G 223 -85.73 -72.72 -101.53
CA THR G 223 -85.55 -73.02 -102.95
C THR G 223 -84.68 -71.97 -103.64
N LEU G 224 -84.77 -70.71 -103.23
CA LEU G 224 -83.94 -69.68 -103.83
C LEU G 224 -82.47 -69.83 -103.45
N SER G 225 -82.21 -70.18 -102.19
CA SER G 225 -80.84 -70.43 -101.76
C SER G 225 -80.27 -71.64 -102.46
N ASN G 226 -81.08 -72.67 -102.69
CA ASN G 226 -80.59 -73.79 -103.48
C ASN G 226 -80.40 -73.41 -104.94
N ARG G 227 -81.18 -72.46 -105.46
CA ARG G 227 -80.98 -72.03 -106.84
C ARG G 227 -79.70 -71.22 -106.99
N ALA G 228 -79.40 -70.35 -106.03
CA ALA G 228 -78.14 -69.62 -106.07
C ALA G 228 -76.97 -70.57 -105.85
N GLY G 229 -77.14 -71.57 -104.99
CA GLY G 229 -76.13 -72.60 -104.85
C GLY G 229 -75.94 -73.42 -106.11
N TYR G 230 -77.01 -73.64 -106.87
CA TYR G 230 -76.89 -74.36 -108.13
C TYR G 230 -76.18 -73.51 -109.17
N GLN G 231 -76.45 -72.21 -109.21
CA GLN G 231 -75.76 -71.33 -110.15
C GLN G 231 -74.29 -71.11 -109.77
N MET G 232 -73.95 -71.20 -108.48
CA MET G 232 -72.57 -71.00 -108.06
C MET G 232 -71.76 -72.30 -108.06
N ARG G 233 -72.39 -73.42 -107.71
CA ARG G 233 -71.69 -74.69 -107.49
C ARG G 233 -71.13 -75.26 -108.79
N GLN G 234 -71.85 -75.09 -109.89
CA GLN G 234 -71.39 -75.57 -111.19
C GLN G 234 -70.82 -74.38 -111.95
N ASN G 235 -69.67 -73.91 -111.50
CA ASN G 235 -68.93 -72.96 -112.31
C ASN G 235 -68.09 -73.74 -113.33
N VAL G 236 -67.68 -73.04 -114.39
CA VAL G 236 -66.81 -73.65 -115.38
C VAL G 236 -65.43 -73.89 -114.78
N ILE G 237 -65.04 -73.07 -113.80
CA ILE G 237 -63.73 -73.23 -113.17
C ILE G 237 -63.69 -74.32 -112.12
N SER G 238 -64.84 -74.78 -111.63
CA SER G 238 -64.87 -75.69 -110.50
C SER G 238 -65.72 -76.91 -110.83
N SER G 239 -65.76 -77.84 -109.87
CA SER G 239 -66.64 -79.02 -109.87
C SER G 239 -66.41 -79.90 -111.10
N GLU G 240 -65.16 -80.27 -111.33
CA GLU G 240 -64.81 -81.03 -112.52
C GLU G 240 -63.62 -81.93 -112.18
N ILE G 241 -62.94 -82.42 -113.21
CA ILE G 241 -61.85 -83.36 -113.05
C ILE G 241 -60.53 -82.61 -112.89
N PHE G 242 -60.11 -82.42 -111.63
CA PHE G 242 -58.75 -82.02 -111.31
C PHE G 242 -57.85 -83.23 -111.11
N LYS G 243 -58.36 -84.42 -111.41
CA LYS G 243 -57.62 -85.64 -111.14
C LYS G 243 -56.41 -85.76 -112.05
N ASN G 244 -56.58 -85.40 -113.32
CA ASN G 244 -55.41 -85.31 -114.20
C ASN G 244 -54.52 -84.12 -113.83
N GLY G 245 -55.14 -83.03 -113.35
CA GLY G 245 -54.39 -81.83 -113.03
C GLY G 245 -53.45 -82.01 -111.85
N ASN G 246 -53.84 -82.82 -110.87
CA ASN G 246 -52.90 -83.18 -109.82
C ASN G 246 -52.17 -84.50 -110.09
N LEU G 247 -52.64 -85.29 -111.06
CA LEU G 247 -51.91 -86.49 -111.45
C LEU G 247 -50.61 -86.14 -112.15
N ASN G 248 -50.61 -85.08 -112.95
CA ASN G 248 -49.36 -84.63 -113.56
C ASN G 248 -48.40 -84.07 -112.51
N MET G 249 -48.95 -83.39 -111.49
CA MET G 249 -48.12 -82.92 -110.38
C MET G 249 -47.54 -84.10 -109.60
N GLN G 250 -48.33 -85.15 -109.42
CA GLN G 250 -47.84 -86.36 -108.77
C GLN G 250 -46.76 -87.04 -109.59
N ALA G 251 -46.91 -87.03 -110.91
CA ALA G 251 -45.92 -87.66 -111.79
C ALA G 251 -44.60 -86.91 -111.74
N LYS G 252 -44.64 -85.58 -111.80
CA LYS G 252 -43.39 -84.82 -111.73
C LYS G 252 -42.80 -84.85 -110.33
N GLU G 253 -43.63 -85.04 -109.29
CA GLU G 253 -43.12 -85.29 -107.96
C GLU G 253 -42.35 -86.61 -107.89
N GLU G 254 -42.92 -87.67 -108.48
CA GLU G 254 -42.24 -88.95 -108.49
C GLU G 254 -40.95 -88.88 -109.30
N GLU G 255 -40.94 -88.10 -110.36
CA GLU G 255 -39.73 -87.98 -111.16
C GLU G 255 -38.65 -87.17 -110.46
N VAL G 256 -39.00 -86.10 -109.74
CA VAL G 256 -37.95 -85.40 -109.01
C VAL G 256 -37.50 -86.19 -107.80
N ARG G 257 -38.36 -87.05 -107.23
CA ARG G 257 -37.90 -87.96 -106.19
C ARG G 257 -36.96 -89.02 -106.78
N GLU G 258 -37.24 -89.46 -107.99
CA GLU G 258 -36.39 -90.38 -108.73
C GLU G 258 -34.99 -89.80 -108.94
N LYS G 259 -34.93 -88.57 -109.45
CA LYS G 259 -33.63 -87.93 -109.64
C LYS G 259 -32.98 -87.57 -108.32
N LEU G 260 -33.77 -87.35 -107.28
CA LEU G 260 -33.23 -87.07 -105.97
C LEU G 260 -32.53 -88.30 -105.40
N GLN G 261 -33.14 -89.47 -105.55
CA GLN G 261 -32.47 -90.68 -105.12
C GLN G 261 -31.34 -91.07 -106.05
N GLU G 262 -31.38 -90.62 -107.30
CA GLU G 262 -30.26 -90.77 -108.20
C GLU G 262 -29.03 -90.06 -107.67
N GLU G 263 -29.17 -88.77 -107.42
CA GLU G 263 -28.09 -87.98 -106.83
C GLU G 263 -27.79 -88.38 -105.39
N ARG G 264 -28.70 -89.13 -104.73
CA ARG G 264 -28.45 -89.57 -103.37
C ARG G 264 -27.57 -90.83 -103.35
N GLU G 265 -28.08 -91.94 -103.88
CA GLU G 265 -27.28 -93.15 -103.79
C GLU G 265 -26.40 -93.37 -105.01
N ASN G 266 -26.06 -92.29 -105.73
CA ASN G 266 -24.76 -92.25 -106.36
C ASN G 266 -23.64 -92.26 -105.33
N GLU G 267 -23.89 -91.69 -104.15
CA GLU G 267 -22.88 -91.60 -103.12
C GLU G 267 -23.29 -92.21 -101.79
N TYR G 268 -24.52 -92.65 -101.63
CA TYR G 268 -24.91 -93.37 -100.43
C TYR G 268 -24.31 -94.77 -100.44
N LYS H 26 -47.30 5.21 39.69
CA LYS H 26 -48.53 5.57 38.98
C LYS H 26 -49.03 6.94 39.42
N LYS H 27 -49.69 7.64 38.51
CA LYS H 27 -50.28 8.95 38.79
C LYS H 27 -51.77 8.91 38.50
N VAL H 28 -52.54 9.45 39.43
CA VAL H 28 -54.00 9.50 39.32
C VAL H 28 -54.42 10.63 38.39
N VAL H 29 -55.70 10.70 38.05
CA VAL H 29 -56.22 11.77 37.22
C VAL H 29 -57.31 12.58 37.94
N LYS H 30 -57.29 12.56 39.28
CA LYS H 30 -58.18 13.29 40.20
C LYS H 30 -59.67 13.16 39.80
N GLN H 31 -60.17 11.93 39.98
CA GLN H 31 -61.39 11.43 39.34
C GLN H 31 -62.68 12.22 39.54
N LYS H 32 -63.24 12.25 40.74
CA LYS H 32 -64.63 12.66 40.85
C LYS H 32 -64.93 13.49 42.10
N ASN H 33 -65.66 14.59 41.90
CA ASN H 33 -66.26 15.37 42.97
C ASN H 33 -67.70 14.93 43.27
N HIS H 34 -68.34 14.23 42.33
CA HIS H 34 -69.54 13.39 42.47
C HIS H 34 -70.85 14.13 42.69
N VAL H 35 -70.86 15.45 42.81
CA VAL H 35 -72.10 16.19 42.98
C VAL H 35 -72.29 17.09 41.75
N TYR H 36 -73.52 17.20 41.27
CA TYR H 36 -73.80 17.91 40.04
C TYR H 36 -74.70 19.10 40.28
N THR H 37 -74.73 19.99 39.29
CA THR H 37 -75.44 21.25 39.39
C THR H 37 -75.70 21.77 37.98
N PRO H 38 -76.68 22.65 37.81
CA PRO H 38 -76.70 23.49 36.62
C PRO H 38 -75.52 24.44 36.62
N VAL H 39 -75.06 24.79 35.42
CA VAL H 39 -73.85 25.61 35.29
C VAL H 39 -74.15 27.04 35.69
N TYR H 40 -75.03 27.70 34.94
CA TYR H 40 -75.52 29.06 35.20
C TYR H 40 -74.38 30.07 35.30
N ASN H 41 -73.70 30.26 34.17
CA ASN H 41 -72.85 31.43 33.97
C ASN H 41 -73.77 32.64 34.14
N GLU H 42 -73.56 33.39 35.22
CA GLU H 42 -74.61 34.16 35.87
C GLU H 42 -75.09 35.33 35.01
N LEU H 43 -76.42 35.50 34.95
CA LEU H 43 -77.02 36.52 34.11
C LEU H 43 -76.97 37.91 34.76
N ILE H 44 -77.60 38.06 35.92
CA ILE H 44 -77.74 39.37 36.54
C ILE H 44 -76.40 39.78 37.13
N GLU H 45 -75.92 40.96 36.77
CA GLU H 45 -74.59 41.42 37.11
C GLU H 45 -74.62 42.36 38.29
N LYS H 46 -73.55 42.32 39.07
CA LYS H 46 -73.40 43.18 40.24
C LYS H 46 -72.15 44.01 40.08
N TYR H 47 -72.15 45.18 40.69
CA TYR H 47 -71.00 46.05 40.59
C TYR H 47 -69.91 45.54 41.52
N SER H 48 -68.69 45.50 41.02
CA SER H 48 -67.61 44.76 41.69
C SER H 48 -66.63 45.74 42.33
N GLU H 49 -66.93 46.15 43.56
CA GLU H 49 -66.05 47.07 44.27
C GLU H 49 -64.75 46.36 44.65
N ILE H 50 -63.68 47.14 44.73
CA ILE H 50 -62.36 46.53 44.91
C ILE H 50 -62.08 46.49 46.40
N PRO H 51 -61.90 45.29 46.97
CA PRO H 51 -61.73 45.14 48.42
C PRO H 51 -60.28 45.18 48.87
N LEU H 52 -59.52 46.12 48.34
CA LEU H 52 -58.12 46.21 48.76
C LEU H 52 -57.99 47.23 49.89
N ASN H 53 -58.74 46.99 50.96
CA ASN H 53 -58.79 47.90 52.09
C ASN H 53 -58.23 47.15 53.30
N ASP H 54 -56.91 47.16 53.42
CA ASP H 54 -56.24 46.31 54.38
C ASP H 54 -56.22 46.90 55.79
N LYS H 55 -55.49 47.99 55.99
CA LYS H 55 -55.38 48.53 57.33
C LYS H 55 -55.60 50.04 57.35
N LEU H 56 -55.27 50.72 56.26
CA LEU H 56 -55.42 52.16 56.23
C LEU H 56 -56.85 52.60 55.97
N LYS H 57 -57.78 51.66 55.85
CA LYS H 57 -59.19 52.02 55.94
C LYS H 57 -59.60 52.38 57.36
N ASP H 58 -58.74 52.16 58.34
CA ASP H 58 -58.96 52.60 59.71
C ASP H 58 -58.01 53.70 60.15
N THR H 59 -56.85 53.84 59.53
CA THR H 59 -55.92 54.88 59.92
C THR H 59 -56.43 56.23 59.42
N PRO H 60 -56.53 57.24 60.27
CA PRO H 60 -57.16 58.49 59.86
C PRO H 60 -56.20 59.40 59.12
N PHE H 61 -56.73 60.09 58.11
CA PHE H 61 -55.98 61.09 57.36
C PHE H 61 -56.95 62.06 56.74
N MET H 62 -56.45 63.25 56.40
CA MET H 62 -57.19 64.26 55.68
C MET H 62 -56.31 64.87 54.60
N VAL H 63 -55.66 63.99 53.84
CA VAL H 63 -54.56 64.40 52.97
C VAL H 63 -55.10 65.16 51.75
N GLN H 64 -54.35 66.17 51.31
CA GLN H 64 -54.79 67.10 50.29
C GLN H 64 -53.94 66.91 49.04
N VAL H 65 -54.58 66.63 47.92
CA VAL H 65 -53.91 66.37 46.66
C VAL H 65 -54.34 67.44 45.66
N LYS H 66 -53.37 68.11 45.05
CA LYS H 66 -53.66 69.06 44.00
C LYS H 66 -53.86 68.33 42.69
N LEU H 67 -54.60 68.95 41.78
CA LEU H 67 -54.91 68.34 40.49
C LEU H 67 -54.79 69.40 39.42
N PRO H 68 -53.75 69.34 38.59
CA PRO H 68 -53.60 70.31 37.50
C PRO H 68 -54.53 70.03 36.33
N ASN H 69 -54.32 70.75 35.24
CA ASN H 69 -55.33 70.97 34.22
C ASN H 69 -54.83 70.60 32.83
N TYR H 70 -54.35 69.37 32.66
CA TYR H 70 -53.83 68.90 31.38
C TYR H 70 -54.93 68.81 30.31
N LYS H 71 -54.51 68.45 29.10
CA LYS H 71 -55.45 68.25 28.00
C LYS H 71 -55.98 66.82 28.05
N ASP H 72 -57.22 66.69 28.48
CA ASP H 72 -58.10 65.55 28.26
C ASP H 72 -57.68 64.25 28.98
N TYR H 73 -56.53 64.25 29.65
CA TYR H 73 -56.07 63.04 30.32
C TYR H 73 -56.31 63.08 31.83
N LEU H 74 -56.36 64.27 32.43
CA LEU H 74 -56.89 64.58 33.75
C LEU H 74 -56.18 63.93 34.95
N LEU H 75 -55.14 63.14 34.72
CA LEU H 75 -54.30 62.64 35.80
C LEU H 75 -52.91 62.39 35.24
N ASP H 76 -52.10 61.65 35.98
CA ASP H 76 -50.73 61.37 35.59
C ASP H 76 -50.39 59.93 35.89
N ASN H 77 -49.76 59.27 34.91
CA ASN H 77 -49.20 57.95 35.21
C ASN H 77 -47.97 58.09 36.09
N LYS H 78 -47.38 59.29 36.15
CA LYS H 78 -46.50 59.63 37.25
C LYS H 78 -47.22 59.55 38.58
N GLN H 79 -48.42 60.13 38.68
CA GLN H 79 -49.16 60.21 39.93
C GLN H 79 -50.58 59.73 39.70
N VAL H 80 -50.78 58.41 39.69
CA VAL H 80 -52.10 57.81 39.61
C VAL H 80 -52.36 56.84 40.75
N VAL H 81 -51.38 56.00 41.11
CA VAL H 81 -51.60 55.02 42.16
C VAL H 81 -51.63 55.69 43.53
N LEU H 82 -50.81 56.73 43.71
CA LEU H 82 -50.78 57.44 44.97
C LEU H 82 -52.05 58.22 45.19
N THR H 83 -52.64 58.74 44.13
CA THR H 83 -53.88 59.47 44.26
C THR H 83 -55.10 58.61 44.08
N PHE H 84 -54.94 57.33 43.79
CA PHE H 84 -56.09 56.44 43.87
C PHE H 84 -56.14 55.63 45.15
N LYS H 85 -55.00 55.42 45.81
CA LYS H 85 -55.02 54.73 47.10
C LYS H 85 -55.84 55.49 48.12
N LEU H 86 -55.73 56.82 48.11
CA LEU H 86 -56.46 57.64 49.06
C LEU H 86 -57.96 57.64 48.77
N VAL H 87 -58.34 57.68 47.50
CA VAL H 87 -59.76 57.68 47.20
C VAL H 87 -60.37 56.31 47.37
N HIS H 88 -59.59 55.24 47.21
CA HIS H 88 -60.13 53.93 47.49
C HIS H 88 -60.31 53.72 48.98
N HIS H 89 -59.33 54.12 49.77
CA HIS H 89 -59.36 53.83 51.19
C HIS H 89 -59.95 54.95 52.02
N SER H 90 -60.44 56.02 51.40
CA SER H 90 -60.94 57.11 52.21
C SER H 90 -62.41 56.89 52.52
N LYS H 91 -62.97 57.80 53.30
CA LYS H 91 -64.38 57.74 53.66
C LYS H 91 -65.15 58.99 53.32
N LYS H 92 -64.53 60.16 53.29
CA LYS H 92 -65.20 61.39 52.87
C LYS H 92 -64.18 62.22 52.10
N ILE H 93 -64.43 62.47 50.82
CA ILE H 93 -63.52 63.34 50.09
C ILE H 93 -64.29 64.56 49.64
N THR H 94 -63.55 65.65 49.45
CA THR H 94 -64.12 66.91 49.00
C THR H 94 -63.30 67.46 47.85
N LEU H 95 -63.96 68.30 47.07
CA LEU H 95 -63.46 68.79 45.80
C LEU H 95 -63.70 70.29 45.69
N ILE H 96 -62.62 71.03 45.43
CA ILE H 96 -62.65 72.48 45.34
C ILE H 96 -62.13 72.86 43.96
N GLY H 97 -62.92 73.59 43.20
CA GLY H 97 -62.40 74.07 41.94
C GLY H 97 -63.53 74.50 41.01
N ASP H 98 -63.28 74.29 39.72
CA ASP H 98 -64.26 74.62 38.70
C ASP H 98 -65.43 73.65 38.77
N ALA H 99 -66.57 74.10 38.24
CA ALA H 99 -67.83 73.38 38.44
C ALA H 99 -67.85 72.06 37.68
N ASN H 100 -67.74 72.12 36.35
CA ASN H 100 -67.75 70.89 35.58
C ASN H 100 -66.51 70.06 35.80
N LYS H 101 -65.40 70.68 36.22
CA LYS H 101 -64.20 69.92 36.50
C LYS H 101 -64.38 69.06 37.75
N ILE H 102 -64.95 69.62 38.82
CA ILE H 102 -65.17 68.76 39.98
C ILE H 102 -66.30 67.78 39.71
N LEU H 103 -67.22 68.12 38.81
CA LEU H 103 -68.26 67.16 38.43
C LEU H 103 -67.67 65.95 37.73
N GLN H 104 -66.82 66.19 36.73
CA GLN H 104 -66.24 65.07 36.02
C GLN H 104 -65.19 64.36 36.86
N TYR H 105 -64.61 65.01 37.87
CA TYR H 105 -63.71 64.27 38.74
C TYR H 105 -64.48 63.37 39.69
N LYS H 106 -65.64 63.82 40.18
CA LYS H 106 -66.50 62.94 40.94
C LYS H 106 -66.96 61.76 40.09
N ASN H 107 -67.34 62.04 38.84
CA ASN H 107 -67.76 60.99 37.93
C ASN H 107 -66.63 60.02 37.66
N TYR H 108 -65.42 60.52 37.47
CA TYR H 108 -64.28 59.68 37.15
C TYR H 108 -63.89 58.81 38.33
N PHE H 109 -63.89 59.37 39.53
CA PHE H 109 -63.50 58.59 40.70
C PHE H 109 -64.56 57.53 41.02
N GLN H 110 -65.84 57.91 40.98
CA GLN H 110 -66.89 56.95 41.27
C GLN H 110 -67.00 55.90 40.19
N ALA H 111 -66.67 56.23 38.95
CA ALA H 111 -66.76 55.27 37.88
C ALA H 111 -65.52 54.43 37.72
N ASN H 112 -64.40 54.87 38.28
CA ASN H 112 -63.17 54.11 38.15
C ASN H 112 -62.90 53.28 39.39
N GLY H 113 -62.82 53.90 40.55
CA GLY H 113 -62.36 53.13 41.69
C GLY H 113 -62.98 53.38 43.04
N ALA H 114 -63.91 54.31 43.12
CA ALA H 114 -64.46 54.64 44.43
C ALA H 114 -65.53 53.63 44.81
N ARG H 115 -66.21 53.92 45.90
CA ARG H 115 -67.32 53.09 46.36
C ARG H 115 -68.52 53.99 46.62
N SER H 116 -69.61 53.38 47.06
CA SER H 116 -70.91 54.04 47.06
C SER H 116 -71.25 54.68 48.39
N ASP H 117 -70.26 55.01 49.20
CA ASP H 117 -70.54 55.63 50.49
C ASP H 117 -69.51 56.69 50.84
N ILE H 118 -68.93 57.33 49.83
CA ILE H 118 -67.88 58.29 50.10
C ILE H 118 -68.47 59.65 50.48
N ASP H 119 -69.66 59.97 49.99
CA ASP H 119 -70.34 61.26 50.21
C ASP H 119 -69.44 62.42 49.76
N PHE H 120 -69.23 62.46 48.45
CA PHE H 120 -68.43 63.48 47.79
C PHE H 120 -68.93 64.87 48.13
N TYR H 121 -68.09 65.66 48.77
CA TYR H 121 -68.44 67.01 49.16
C TYR H 121 -67.88 67.97 48.13
N LEU H 122 -68.75 68.65 47.39
CA LEU H 122 -68.31 69.56 46.35
C LEU H 122 -68.54 70.99 46.78
N GLN H 123 -67.50 71.81 46.70
CA GLN H 123 -67.65 73.25 46.93
C GLN H 123 -66.96 73.93 45.76
N PRO H 124 -67.72 74.45 44.81
CA PRO H 124 -67.11 75.01 43.60
C PRO H 124 -66.61 76.43 43.80
N THR H 125 -65.65 76.80 42.97
CA THR H 125 -65.11 78.17 42.98
C THR H 125 -65.11 78.73 41.57
N LEU H 126 -64.53 79.92 41.41
CA LEU H 126 -64.44 80.57 40.11
C LEU H 126 -63.00 80.74 39.67
N ASN H 127 -62.19 81.44 40.46
CA ASN H 127 -60.81 81.74 40.09
C ASN H 127 -59.92 80.69 40.72
N GLN H 128 -59.81 79.55 40.06
CA GLN H 128 -59.04 78.43 40.60
C GLN H 128 -58.45 77.67 39.41
N LYS H 129 -57.21 78.00 39.07
CA LYS H 129 -56.51 77.26 38.03
C LYS H 129 -56.08 75.92 38.60
N GLY H 130 -56.76 74.86 38.19
CA GLY H 130 -56.60 73.56 38.82
C GLY H 130 -57.75 73.28 39.75
N VAL H 131 -57.67 72.12 40.39
CA VAL H 131 -58.73 71.65 41.28
C VAL H 131 -58.10 70.79 42.36
N VAL H 132 -58.43 71.09 43.61
CA VAL H 132 -57.78 70.47 44.75
C VAL H 132 -58.77 69.58 45.47
N MET H 133 -58.30 68.41 45.89
CA MET H 133 -59.14 67.43 46.56
C MET H 133 -58.57 67.14 47.94
N ILE H 134 -59.46 66.87 48.89
CA ILE H 134 -59.07 66.54 50.25
C ILE H 134 -59.75 65.24 50.63
N ALA H 135 -58.95 64.20 50.85
CA ALA H 135 -59.46 62.88 51.18
C ALA H 135 -59.29 62.63 52.68
N SER H 136 -60.38 62.31 53.35
CA SER H 136 -60.38 62.08 54.78
C SER H 136 -60.96 60.72 55.09
N ASN H 137 -60.47 60.13 56.17
CA ASN H 137 -60.86 58.78 56.57
C ASN H 137 -61.16 58.78 58.06
N TYR H 138 -62.43 58.97 58.39
CA TYR H 138 -62.87 58.68 59.74
C TYR H 138 -62.77 57.18 59.99
N ASN H 139 -62.54 56.81 61.25
CA ASN H 139 -62.29 55.40 61.55
C ASN H 139 -63.57 54.59 61.49
N ASP H 140 -64.53 54.90 62.37
CA ASP H 140 -65.88 54.35 62.40
C ASP H 140 -65.92 52.83 62.53
N ASN H 141 -64.86 52.21 63.04
CA ASN H 141 -64.84 50.79 63.31
C ASN H 141 -64.98 50.55 64.81
N PRO H 142 -65.79 49.59 65.24
CA PRO H 142 -66.23 49.55 66.63
C PRO H 142 -65.35 48.78 67.61
N ASN H 143 -64.12 48.39 67.26
CA ASN H 143 -63.38 47.54 68.21
C ASN H 143 -62.72 48.35 69.31
N SER H 144 -61.61 49.05 69.01
CA SER H 144 -61.06 49.98 69.98
C SER H 144 -60.91 51.38 69.40
N LYS H 145 -59.96 51.50 68.46
CA LYS H 145 -59.85 52.56 67.46
C LYS H 145 -59.75 53.95 68.08
N GLU H 146 -58.62 54.19 68.77
CA GLU H 146 -58.34 55.46 69.40
C GLU H 146 -57.19 56.18 68.70
N LYS H 147 -57.17 57.51 68.84
CA LYS H 147 -56.18 58.36 68.17
C LYS H 147 -54.93 58.47 69.02
N PRO H 148 -53.74 58.24 68.46
CA PRO H 148 -52.52 58.33 69.28
C PRO H 148 -52.07 59.76 69.54
N GLN H 149 -52.34 60.23 70.77
CA GLN H 149 -51.91 61.49 71.41
C GLN H 149 -51.98 62.75 70.57
N THR H 150 -52.83 62.79 69.53
CA THR H 150 -52.94 63.87 68.54
C THR H 150 -51.57 64.30 67.98
N PHE H 151 -50.62 63.37 67.93
CA PHE H 151 -49.28 63.46 67.35
C PHE H 151 -48.55 64.78 67.61
N ASP H 152 -48.37 65.14 68.88
CA ASP H 152 -47.37 66.17 69.18
C ASP H 152 -46.01 65.51 69.05
N VAL H 153 -45.49 65.51 67.83
CA VAL H 153 -44.26 64.80 67.50
C VAL H 153 -43.47 65.63 66.49
N LEU H 154 -42.19 65.81 66.77
CA LEU H 154 -41.29 66.52 65.87
C LEU H 154 -40.72 65.62 64.81
N GLN H 155 -40.72 64.30 65.03
CA GLN H 155 -40.24 63.39 64.00
C GLN H 155 -41.26 63.25 62.87
N GLY H 156 -42.49 62.91 63.21
CA GLY H 156 -43.51 62.65 62.21
C GLY H 156 -44.34 63.88 61.93
N SER H 157 -44.95 63.90 60.75
CA SER H 157 -45.94 64.92 60.44
C SER H 157 -47.31 64.45 60.91
N GLN H 158 -48.12 65.39 61.35
CA GLN H 158 -49.42 65.04 61.89
C GLN H 158 -50.36 64.62 60.75
N PRO H 159 -51.17 63.60 60.95
CA PRO H 159 -51.94 63.01 59.85
C PRO H 159 -53.29 63.67 59.63
N MET H 160 -53.31 65.00 59.62
CA MET H 160 -54.45 65.71 59.09
C MET H 160 -54.07 66.48 57.84
N LEU H 161 -53.13 67.42 57.93
CA LEU H 161 -52.56 68.01 56.73
C LEU H 161 -51.05 67.85 56.86
N GLY H 162 -50.46 67.07 55.95
CA GLY H 162 -49.13 66.54 56.17
C GLY H 162 -48.06 67.62 56.19
N ALA H 163 -48.13 68.55 55.24
CA ALA H 163 -47.12 69.59 54.99
C ALA H 163 -45.73 68.96 54.87
N ASN H 164 -45.58 68.16 53.82
CA ASN H 164 -44.42 67.29 53.67
C ASN H 164 -43.19 68.12 53.35
N THR H 165 -42.25 68.16 54.28
CA THR H 165 -40.95 68.80 54.06
C THR H 165 -39.93 67.67 54.11
N LYS H 166 -39.49 67.21 52.94
CA LYS H 166 -38.50 66.16 52.84
C LYS H 166 -37.82 66.20 51.48
N ASN H 167 -36.49 66.11 51.49
CA ASN H 167 -35.79 65.40 50.43
C ASN H 167 -35.01 64.24 51.01
N LEU H 168 -34.27 64.49 52.08
CA LEU H 168 -33.74 63.44 52.93
C LEU H 168 -34.25 63.56 54.36
N HIS H 169 -34.11 64.72 55.00
CA HIS H 169 -34.26 64.82 56.44
C HIS H 169 -35.16 65.94 56.95
N GLY H 170 -35.77 66.75 56.10
CA GLY H 170 -36.71 67.73 56.62
C GLY H 170 -36.32 69.19 56.53
N TYR H 171 -37.07 69.98 55.74
CA TYR H 171 -36.71 71.36 55.42
C TYR H 171 -36.88 72.29 56.61
N ASP H 172 -38.14 72.57 56.97
CA ASP H 172 -38.55 73.09 58.29
C ASP H 172 -37.86 74.39 58.69
N VAL H 173 -37.76 75.34 57.75
CA VAL H 173 -36.96 76.54 57.98
C VAL H 173 -37.76 77.81 57.66
N SER H 174 -38.18 78.51 58.71
CA SER H 174 -38.85 79.80 58.62
C SER H 174 -38.84 80.43 60.01
N GLY H 175 -39.06 81.74 60.05
CA GLY H 175 -39.40 82.44 61.27
C GLY H 175 -38.26 82.72 62.22
N ALA H 176 -37.17 81.95 62.17
CA ALA H 176 -36.02 82.15 63.05
C ALA H 176 -34.97 83.03 62.42
N ASN H 177 -35.35 83.89 61.47
CA ASN H 177 -34.41 84.75 60.79
C ASN H 177 -34.63 86.23 61.03
N ASN H 178 -35.83 86.64 61.41
CA ASN H 178 -36.08 88.04 61.71
C ASN H 178 -35.31 88.48 62.94
N LYS H 179 -35.13 87.57 63.89
CA LYS H 179 -34.30 87.83 65.06
C LYS H 179 -32.85 88.03 64.65
N GLN H 180 -32.39 87.26 63.67
CA GLN H 180 -31.03 87.39 63.17
C GLN H 180 -30.85 88.69 62.39
N VAL H 181 -31.87 89.08 61.62
CA VAL H 181 -31.81 90.35 60.91
C VAL H 181 -31.84 91.51 61.90
N ILE H 182 -32.58 91.35 63.01
CA ILE H 182 -32.55 92.33 64.09
C ILE H 182 -31.16 92.44 64.69
N ASN H 183 -30.47 91.30 64.81
CA ASN H 183 -29.08 91.32 65.29
C ASN H 183 -28.16 92.04 64.31
N GLU H 184 -28.36 91.82 63.01
CA GLU H 184 -27.53 92.48 62.01
C GLU H 184 -27.77 93.99 62.01
N VAL H 185 -29.02 94.40 62.17
CA VAL H 185 -29.31 95.82 62.19
C VAL H 185 -28.86 96.44 63.51
N ALA H 186 -28.76 95.65 64.58
CA ALA H 186 -28.23 96.21 65.82
C ALA H 186 -26.73 96.41 65.73
N ARG H 187 -26.01 95.48 65.10
CA ARG H 187 -24.59 95.71 64.82
C ARG H 187 -24.40 96.87 63.85
N GLU H 188 -25.33 97.03 62.91
CA GLU H 188 -25.29 98.18 62.00
C GLU H 188 -25.52 99.49 62.74
N LYS H 189 -26.43 99.47 63.71
CA LYS H 189 -26.68 100.64 64.54
C LYS H 189 -25.47 101.00 65.39
N ALA H 190 -24.76 99.98 65.89
CA ALA H 190 -23.56 100.23 66.66
C ALA H 190 -22.45 100.81 65.79
N GLN H 191 -22.32 100.31 64.55
CA GLN H 191 -21.33 100.88 63.63
C GLN H 191 -21.68 102.31 63.26
N LEU H 192 -22.98 102.61 63.12
CA LEU H 192 -23.39 103.97 62.80
C LEU H 192 -23.15 104.90 63.97
N GLU H 193 -23.34 104.41 65.19
CA GLU H 193 -23.05 105.24 66.35
C GLU H 193 -21.55 105.48 66.51
N LYS H 194 -20.73 104.50 66.15
CA LYS H 194 -19.28 104.71 66.17
C LYS H 194 -18.85 105.73 65.13
N ILE H 195 -19.44 105.65 63.94
CA ILE H 195 -19.14 106.59 62.87
C ILE H 195 -19.58 108.00 63.25
N ASN H 196 -20.74 108.12 63.86
CA ASN H 196 -21.21 109.41 64.35
C ASN H 196 -20.36 109.94 65.48
N GLN H 197 -19.86 109.05 66.33
CA GLN H 197 -19.01 109.46 67.43
C GLN H 197 -17.65 109.92 66.92
N TYR H 198 -17.22 109.41 65.78
CA TYR H 198 -16.02 109.94 65.13
C TYR H 198 -16.36 111.30 64.53
N TYR H 199 -16.24 112.33 65.35
CA TYR H 199 -16.44 113.70 64.89
C TYR H 199 -15.50 114.61 65.65
N LYS H 200 -15.09 115.68 64.98
CA LYS H 200 -14.30 116.72 65.61
C LYS H 200 -14.99 118.08 65.55
N THR H 201 -16.15 118.17 64.90
CA THR H 201 -16.76 119.44 64.58
C THR H 201 -17.98 119.78 65.42
N LEU H 202 -18.79 118.77 65.81
CA LEU H 202 -20.03 119.00 66.52
C LEU H 202 -19.79 119.28 68.00
N LEU H 203 -20.83 119.09 68.82
CA LEU H 203 -20.81 119.46 70.23
C LEU H 203 -19.72 118.75 71.02
N GLN H 204 -18.92 119.55 71.71
CA GLN H 204 -17.85 119.12 72.61
C GLN H 204 -17.54 120.33 73.47
N ASP H 205 -17.67 120.18 74.79
CA ASP H 205 -17.70 121.34 75.68
C ASP H 205 -16.34 122.02 75.72
N LYS H 206 -16.33 123.30 75.38
CA LYS H 206 -15.13 124.07 75.16
C LYS H 206 -15.09 125.27 76.10
N GLU H 207 -14.08 126.12 75.91
CA GLU H 207 -13.95 127.31 76.73
C GLU H 207 -15.02 128.34 76.37
N GLN H 208 -15.07 129.39 77.18
CA GLN H 208 -16.17 130.35 77.08
C GLN H 208 -16.14 131.14 75.79
N GLU H 209 -14.94 131.39 75.26
CA GLU H 209 -14.81 132.09 73.98
C GLU H 209 -15.41 131.29 72.83
N TYR H 210 -15.29 129.97 72.87
CA TYR H 210 -15.97 129.15 71.89
C TYR H 210 -17.47 129.08 72.17
N THR H 211 -17.83 128.83 73.42
CA THR H 211 -19.21 128.45 73.71
C THR H 211 -20.18 129.63 73.65
N THR H 212 -19.73 130.84 73.97
CA THR H 212 -20.63 131.99 73.85
C THR H 212 -20.88 132.33 72.40
N ARG H 213 -19.85 132.21 71.56
CA ARG H 213 -20.03 132.36 70.12
C ARG H 213 -20.97 131.28 69.60
N LYS H 214 -20.85 130.06 70.12
CA LYS H 214 -21.72 128.95 69.71
C LYS H 214 -23.19 129.24 70.03
N ASN H 215 -23.45 129.61 71.29
CA ASN H 215 -24.80 129.89 71.74
C ASN H 215 -25.39 131.09 71.02
N ASN H 216 -24.56 132.08 70.69
CA ASN H 216 -25.02 133.20 69.89
C ASN H 216 -25.37 132.78 68.47
N GLN H 217 -24.60 131.86 67.87
CA GLN H 217 -24.94 131.44 66.51
C GLN H 217 -26.23 130.66 66.49
N ARG H 218 -26.44 129.80 67.50
CA ARG H 218 -27.70 129.09 67.65
C ARG H 218 -28.88 130.07 67.77
N GLU H 219 -28.74 131.09 68.60
CA GLU H 219 -29.88 131.98 68.87
C GLU H 219 -30.18 132.89 67.68
N ILE H 220 -29.15 133.55 67.14
CA ILE H 220 -29.33 134.43 65.99
C ILE H 220 -29.78 133.63 64.78
N LEU H 221 -29.40 132.36 64.71
CA LEU H 221 -29.78 131.53 63.60
C LEU H 221 -31.19 130.98 63.71
N GLU H 222 -31.66 130.70 64.92
CA GLU H 222 -33.06 130.32 65.05
C GLU H 222 -33.94 131.50 64.69
N THR H 223 -33.50 132.73 65.02
CA THR H 223 -34.23 133.90 64.55
C THR H 223 -34.11 134.04 63.02
N LEU H 224 -32.99 133.66 62.44
CA LEU H 224 -32.84 133.76 60.98
C LEU H 224 -33.69 132.73 60.27
N SER H 225 -33.77 131.51 60.81
CA SER H 225 -34.64 130.50 60.23
C SER H 225 -36.09 130.90 60.34
N ASN H 226 -36.47 131.54 61.46
CA ASN H 226 -37.84 132.04 61.54
C ASN H 226 -38.06 133.22 60.59
N ARG H 227 -37.01 134.00 60.31
CA ARG H 227 -37.17 135.11 59.36
C ARG H 227 -37.34 134.59 57.93
N ALA H 228 -36.59 133.57 57.55
CA ALA H 228 -36.76 132.97 56.24
C ALA H 228 -38.11 132.26 56.15
N GLY H 229 -38.55 131.64 57.25
CA GLY H 229 -39.88 131.08 57.29
C GLY H 229 -40.96 132.12 57.20
N TYR H 230 -40.73 133.32 57.75
CA TYR H 230 -41.69 134.40 57.63
C TYR H 230 -41.74 134.94 56.21
N GLN H 231 -40.58 135.05 55.55
CA GLN H 231 -40.57 135.51 54.16
C GLN H 231 -41.14 134.47 53.20
N MET H 232 -41.07 133.18 53.54
CA MET H 232 -41.60 132.14 52.66
C MET H 232 -43.07 131.81 52.95
N ARG H 233 -43.47 131.86 54.22
CA ARG H 233 -44.78 131.40 54.65
C ARG H 233 -45.89 132.30 54.14
N GLN H 234 -45.66 133.60 54.08
CA GLN H 234 -46.64 134.54 53.57
C GLN H 234 -46.28 134.89 52.14
N ASN H 235 -46.45 133.93 51.25
CA ASN H 235 -46.38 134.25 49.83
C ASN H 235 -47.73 134.78 49.38
N VAL H 236 -47.72 135.49 48.25
CA VAL H 236 -48.98 135.97 47.68
C VAL H 236 -49.80 134.79 47.15
N ILE H 237 -49.13 133.71 46.75
CA ILE H 237 -49.82 132.55 46.22
C ILE H 237 -50.41 131.66 47.31
N SER H 238 -49.95 131.79 48.55
CA SER H 238 -50.33 130.85 49.60
C SER H 238 -50.86 131.60 50.81
N SER H 239 -51.29 130.82 51.81
CA SER H 239 -51.68 131.28 53.14
C SER H 239 -52.82 132.30 53.07
N GLU H 240 -53.91 131.92 52.39
CA GLU H 240 -55.01 132.84 52.18
C GLU H 240 -56.30 132.02 52.10
N ILE H 241 -57.36 132.63 51.57
CA ILE H 241 -58.66 131.99 51.50
C ILE H 241 -58.80 131.20 50.22
N PHE H 242 -58.56 129.90 50.30
CA PHE H 242 -58.96 128.95 49.27
C PHE H 242 -60.35 128.40 49.53
N LYS H 243 -61.05 128.96 50.51
CA LYS H 243 -62.35 128.42 50.91
C LYS H 243 -63.38 128.66 49.83
N ASN H 244 -63.36 129.83 49.20
CA ASN H 244 -64.21 130.05 48.03
C ASN H 244 -63.71 129.26 46.83
N GLY H 245 -62.38 129.07 46.73
CA GLY H 245 -61.81 128.38 45.59
C GLY H 245 -62.17 126.91 45.54
N ASN H 246 -62.30 126.27 46.69
CA ASN H 246 -62.84 124.92 46.72
C ASN H 246 -64.33 124.87 46.97
N LEU H 247 -64.95 125.98 47.41
CA LEU H 247 -66.39 126.03 47.55
C LEU H 247 -67.07 126.01 46.19
N ASN H 248 -66.48 126.68 45.20
CA ASN H 248 -67.02 126.59 43.84
C ASN H 248 -66.85 125.19 43.26
N MET H 249 -65.74 124.52 43.58
CA MET H 249 -65.56 123.14 43.17
C MET H 249 -66.58 122.23 43.84
N GLN H 250 -66.89 122.49 45.10
CA GLN H 250 -67.91 121.74 45.81
C GLN H 250 -69.29 121.99 45.21
N ALA H 251 -69.56 123.22 44.79
CA ALA H 251 -70.86 123.54 44.18
C ALA H 251 -71.04 122.84 42.85
N LYS H 252 -70.01 122.86 42.00
CA LYS H 252 -70.13 122.16 40.72
C LYS H 252 -70.11 120.65 40.89
N GLU H 253 -69.50 120.15 41.97
CA GLU H 253 -69.62 118.74 42.31
C GLU H 253 -71.05 118.38 42.67
N GLU H 254 -71.69 119.21 43.49
CA GLU H 254 -73.08 118.96 43.85
C GLU H 254 -73.99 119.05 42.65
N GLU H 255 -73.69 119.94 41.72
CA GLU H 255 -74.51 120.07 40.53
C GLU H 255 -74.33 118.91 39.58
N VAL H 256 -73.12 118.40 39.41
CA VAL H 256 -72.98 117.23 38.54
C VAL H 256 -73.51 115.98 39.22
N ARG H 257 -73.52 115.92 40.56
CA ARG H 257 -74.21 114.84 41.25
C ARG H 257 -75.72 114.95 41.09
N GLU H 258 -76.23 116.18 41.07
CA GLU H 258 -77.64 116.46 40.81
C GLU H 258 -78.05 115.96 39.43
N LYS H 259 -77.29 116.32 38.39
CA LYS H 259 -77.60 115.85 37.05
C LYS H 259 -77.35 114.36 36.91
N LEU H 260 -76.43 113.81 37.71
CA LEU H 260 -76.17 112.38 37.67
C LEU H 260 -77.36 111.60 38.21
N GLN H 261 -77.95 112.09 39.31
CA GLN H 261 -79.16 111.45 39.81
C GLN H 261 -80.36 111.74 38.94
N GLU H 262 -80.33 112.85 38.20
CA GLU H 262 -81.35 113.11 37.20
C GLU H 262 -81.37 112.02 36.13
N GLU H 263 -80.23 111.81 35.50
CA GLU H 263 -80.09 110.76 34.51
C GLU H 263 -80.17 109.36 35.14
N ARG H 264 -80.04 109.25 36.47
CA ARG H 264 -80.16 107.95 37.12
C ARG H 264 -81.61 107.57 37.36
N GLU H 265 -82.32 108.32 38.19
CA GLU H 265 -83.69 107.92 38.47
C GLU H 265 -84.71 108.59 37.55
N ASN H 266 -84.27 109.01 36.36
CA ASN H 266 -85.17 108.96 35.22
C ASN H 266 -85.53 107.52 34.89
N GLU H 267 -84.64 106.57 35.15
CA GLU H 267 -84.86 105.17 34.82
C GLU H 267 -84.75 104.23 36.00
N TYR H 268 -84.32 104.70 37.16
CA TYR H 268 -84.32 103.84 38.34
C TYR H 268 -85.75 103.64 38.84
N LYS I 26 -55.25 -11.00 25.89
CA LYS I 26 -56.28 -11.11 24.87
C LYS I 26 -57.31 -9.99 25.01
N LYS I 27 -57.89 -9.58 23.89
CA LYS I 27 -58.93 -8.56 23.87
C LYS I 27 -60.19 -9.12 23.22
N VAL I 28 -61.32 -8.87 23.86
CA VAL I 28 -62.62 -9.34 23.39
C VAL I 28 -63.12 -8.43 22.27
N VAL I 29 -64.21 -8.82 21.61
CA VAL I 29 -64.82 -8.02 20.56
C VAL I 29 -66.26 -7.63 20.90
N LYS I 30 -66.60 -7.61 22.19
CA LYS I 30 -67.91 -7.23 22.78
C LYS I 30 -69.08 -7.88 22.04
N GLN I 31 -69.18 -9.21 22.23
CA GLN I 31 -69.94 -10.11 21.36
C GLN I 31 -71.42 -9.82 21.14
N LYS I 32 -72.27 -9.96 22.17
CA LYS I 32 -73.69 -10.06 21.87
C LYS I 32 -74.57 -9.36 22.91
N ASN I 33 -75.54 -8.60 22.41
CA ASN I 33 -76.65 -8.06 23.20
C ASN I 33 -77.87 -8.97 23.18
N HIS I 34 -77.97 -9.87 22.19
CA HIS I 34 -78.80 -11.07 22.13
C HIS I 34 -80.30 -10.84 21.92
N VAL I 35 -80.78 -9.60 21.89
CA VAL I 35 -82.19 -9.33 21.66
C VAL I 35 -82.32 -8.58 20.33
N TYR I 36 -83.35 -8.91 19.55
CA TYR I 36 -83.49 -8.37 18.22
C TYR I 36 -84.76 -7.56 18.09
N THR I 37 -84.82 -6.76 17.03
CA THR I 37 -85.91 -5.81 16.81
C THR I 37 -85.94 -5.44 15.35
N PRO I 38 -87.06 -4.96 14.83
CA PRO I 38 -87.04 -4.21 13.58
C PRO I 38 -86.29 -2.91 13.79
N VAL I 39 -85.66 -2.44 12.71
CA VAL I 39 -84.81 -1.25 12.79
C VAL I 39 -85.66 0.00 12.94
N TYR I 40 -86.48 0.29 11.93
CA TYR I 40 -87.44 1.39 11.91
C TYR I 40 -86.76 2.74 12.17
N ASN I 41 -85.91 3.14 11.23
CA ASN I 41 -85.48 4.53 11.13
C ASN I 41 -86.75 5.34 10.93
N GLU I 42 -87.11 6.14 11.95
CA GLU I 42 -88.49 6.50 12.22
C GLU I 42 -89.08 7.42 11.14
N LEU I 43 -90.31 7.11 10.74
CA LEU I 43 -90.98 7.85 9.66
C LEU I 43 -91.56 9.16 10.14
N ILE I 44 -92.49 9.12 11.08
CA ILE I 44 -93.23 10.31 11.50
C ILE I 44 -92.32 11.17 12.37
N GLU I 45 -92.18 12.43 12.00
CA GLU I 45 -91.22 13.33 12.61
C GLU I 45 -91.89 14.23 13.63
N LYS I 46 -91.12 14.58 14.65
CA LYS I 46 -91.57 15.44 15.72
C LYS I 46 -90.68 16.66 15.79
N TYR I 47 -91.25 17.78 16.26
CA TYR I 47 -90.46 18.99 16.35
C TYR I 47 -89.56 18.89 17.57
N SER I 48 -88.31 19.29 17.40
CA SER I 48 -87.28 18.98 18.39
C SER I 48 -86.90 20.25 19.15
N GLU I 49 -87.63 20.55 20.21
CA GLU I 49 -87.33 21.72 21.01
C GLU I 49 -86.03 21.53 21.78
N ILE I 50 -85.34 22.63 22.05
CA ILE I 50 -84.00 22.53 22.60
C ILE I 50 -84.13 22.60 24.12
N PRO I 51 -83.73 21.56 24.84
CA PRO I 51 -83.93 21.50 26.28
C PRO I 51 -82.76 22.06 27.08
N LEU I 52 -82.22 23.19 26.66
CA LEU I 52 -81.11 23.78 27.40
C LEU I 52 -81.63 24.79 28.41
N ASN I 53 -82.52 24.32 29.27
CA ASN I 53 -83.18 25.17 30.26
C ASN I 53 -82.76 24.68 31.63
N ASP I 54 -81.61 25.16 32.07
CA ASP I 54 -80.97 24.61 33.27
C ASP I 54 -81.53 25.20 34.56
N LYS I 55 -81.29 26.48 34.81
CA LYS I 55 -81.74 27.06 36.07
C LYS I 55 -82.45 28.38 35.87
N LEU I 56 -82.07 29.11 34.83
CA LEU I 56 -82.68 30.42 34.60
C LEU I 56 -84.04 30.32 33.95
N LYS I 57 -84.55 29.12 33.70
CA LYS I 57 -85.96 28.96 33.40
C LYS I 57 -86.83 29.18 34.62
N ASP I 58 -86.25 29.30 35.81
CA ASP I 58 -86.97 29.65 37.01
C ASP I 58 -86.59 31.02 37.57
N THR I 59 -85.42 31.53 37.24
CA THR I 59 -85.04 32.85 37.73
C THR I 59 -85.81 33.92 36.97
N PRO I 60 -86.46 34.85 37.66
CA PRO I 60 -87.33 35.80 36.97
C PRO I 60 -86.58 36.98 36.39
N PHE I 61 -87.02 37.41 35.22
CA PHE I 61 -86.45 38.59 34.57
C PHE I 61 -87.49 39.16 33.61
N MET I 62 -87.33 40.44 33.30
CA MET I 62 -88.14 41.13 32.30
C MET I 62 -87.26 41.98 31.42
N VAL I 63 -86.18 41.38 30.93
CA VAL I 63 -85.08 42.13 30.33
C VAL I 63 -85.49 42.63 28.95
N GLN I 64 -85.03 43.82 28.60
CA GLN I 64 -85.45 44.53 27.39
C GLN I 64 -84.28 44.63 26.43
N VAL I 65 -84.47 44.12 25.23
CA VAL I 65 -83.43 44.10 24.20
C VAL I 65 -83.91 44.93 23.03
N LYS I 66 -83.09 45.88 22.61
CA LYS I 66 -83.38 46.66 21.42
C LYS I 66 -82.95 45.87 20.19
N LEU I 67 -83.59 46.19 19.06
CA LEU I 67 -83.30 45.49 17.82
C LEU I 67 -83.25 46.51 16.68
N PRO I 68 -82.07 46.79 16.17
CA PRO I 68 -81.97 47.73 15.05
C PRO I 68 -82.40 47.13 13.72
N ASN I 69 -82.15 47.86 12.63
CA ASN I 69 -82.86 47.69 11.38
C ASN I 69 -81.90 47.50 10.21
N TYR I 70 -81.01 46.52 10.31
CA TYR I 70 -80.04 46.24 9.25
C TYR I 70 -80.71 45.75 7.97
N LYS I 71 -79.89 45.54 6.93
CA LYS I 71 -80.37 45.01 5.66
C LYS I 71 -80.38 43.49 5.74
N ASP I 72 -81.59 42.93 5.87
CA ASP I 72 -81.94 41.55 5.56
C ASP I 72 -81.33 40.50 6.49
N TYR I 73 -80.46 40.90 7.42
CA TYR I 73 -79.83 39.95 8.33
C TYR I 73 -80.47 39.93 9.71
N LEU I 74 -81.07 41.03 10.14
CA LEU I 74 -82.02 41.16 11.25
C LEU I 74 -81.49 40.82 12.64
N LEU I 75 -80.22 40.43 12.77
CA LEU I 75 -79.58 40.28 14.07
C LEU I 75 -78.10 40.53 13.90
N ASP I 76 -77.33 40.13 14.90
CA ASP I 76 -75.89 40.34 14.90
C ASP I 76 -75.18 39.11 15.43
N ASN I 77 -74.13 38.68 14.72
CA ASN I 77 -73.26 37.67 15.29
C ASN I 77 -72.44 38.24 16.43
N LYS I 78 -72.33 39.57 16.51
CA LYS I 78 -71.94 40.21 17.75
C LYS I 78 -72.93 39.91 18.86
N GLN I 79 -74.22 40.04 18.58
CA GLN I 79 -75.26 39.86 19.60
C GLN I 79 -76.32 38.92 19.07
N VAL I 80 -76.06 37.61 19.17
CA VAL I 80 -77.04 36.59 18.82
C VAL I 80 -77.26 35.60 19.97
N VAL I 81 -76.19 35.18 20.64
CA VAL I 81 -76.36 34.19 21.71
C VAL I 81 -76.97 34.83 22.94
N LEU I 82 -76.62 36.10 23.21
CA LEU I 82 -77.18 36.80 24.35
C LEU I 82 -78.65 37.08 24.16
N THR I 83 -79.07 37.34 22.93
CA THR I 83 -80.46 37.60 22.68
C THR I 83 -81.23 36.36 22.29
N PHE I 84 -80.58 35.21 22.19
CA PHE I 84 -81.33 33.99 22.08
C PHE I 84 -81.47 33.22 23.38
N LYS I 85 -80.55 33.44 24.33
CA LYS I 85 -80.68 32.81 25.64
C LYS I 85 -81.96 33.26 26.33
N LEU I 86 -82.29 34.54 26.21
CA LEU I 86 -83.49 35.07 26.84
C LEU I 86 -84.76 34.54 26.19
N VAL I 87 -84.77 34.42 24.86
CA VAL I 87 -85.97 33.92 24.23
C VAL I 87 -86.12 32.42 24.39
N HIS I 88 -85.01 31.70 24.55
CA HIS I 88 -85.14 30.27 24.82
C HIS I 88 -85.64 30.04 26.23
N HIS I 89 -85.11 30.78 27.20
CA HIS I 89 -85.43 30.52 28.59
C HIS I 89 -86.56 31.37 29.12
N SER I 90 -87.17 32.19 28.28
CA SER I 90 -88.21 33.05 28.82
C SER I 90 -89.55 32.33 28.78
N LYS I 91 -90.58 33.02 29.29
CA LYS I 91 -91.91 32.46 29.28
C LYS I 91 -92.95 33.35 28.62
N LYS I 92 -92.77 34.68 28.62
CA LYS I 92 -93.66 35.60 27.92
C LYS I 92 -92.80 36.70 27.34
N ILE I 93 -92.77 36.83 26.03
CA ILE I 93 -92.04 37.95 25.44
C ILE I 93 -93.01 38.83 24.68
N THR I 94 -92.66 40.10 24.57
CA THR I 94 -93.46 41.06 23.86
C THR I 94 -92.60 41.85 22.90
N LEU I 95 -93.26 42.39 21.88
CA LEU I 95 -92.62 43.01 20.73
C LEU I 95 -93.30 44.33 20.40
N ILE I 96 -92.50 45.39 20.34
CA ILE I 96 -92.99 46.74 20.09
C ILE I 96 -92.27 47.24 18.85
N GLY I 97 -93.02 47.65 17.84
CA GLY I 97 -92.37 48.26 16.69
C GLY I 97 -93.28 48.25 15.48
N ASP I 98 -92.64 48.12 14.32
CA ASP I 98 -93.35 48.07 13.06
C ASP I 98 -94.10 46.75 12.94
N ALA I 99 -95.15 46.77 12.10
CA ALA I 99 -96.09 45.66 12.05
C ALA I 99 -95.46 44.40 11.46
N ASN I 100 -95.02 44.47 10.21
CA ASN I 100 -94.42 43.30 9.59
C ASN I 100 -93.07 42.96 10.21
N LYS I 101 -92.40 43.94 10.82
CA LYS I 101 -91.14 43.65 11.48
C LYS I 101 -91.36 42.81 12.73
N ILE I 102 -92.35 43.14 13.56
CA ILE I 102 -92.58 42.28 14.71
C ILE I 102 -93.21 40.97 14.29
N LEU I 103 -93.90 40.95 13.13
CA LEU I 103 -94.42 39.68 12.62
C LEU I 103 -93.28 38.75 12.23
N GLN I 104 -92.34 39.25 11.45
CA GLN I 104 -91.23 38.39 11.04
C GLN I 104 -90.28 38.11 12.19
N TYR I 105 -90.25 38.94 13.23
CA TYR I 105 -89.44 38.57 14.38
C TYR I 105 -90.08 37.48 15.21
N LYS I 106 -91.41 37.49 15.33
CA LYS I 106 -92.10 36.38 15.95
C LYS I 106 -91.91 35.10 15.14
N ASN I 107 -91.99 35.21 13.82
CA ASN I 107 -91.77 34.07 12.95
C ASN I 107 -90.36 33.54 13.07
N TYR I 108 -89.38 34.44 13.14
CA TYR I 108 -87.99 34.04 13.21
C TYR I 108 -87.66 33.38 14.53
N PHE I 109 -88.18 33.92 15.63
CA PHE I 109 -87.89 33.34 16.93
C PHE I 109 -88.58 32.00 17.11
N GLN I 110 -89.85 31.90 16.70
CA GLN I 110 -90.56 30.65 16.83
C GLN I 110 -90.01 29.60 15.88
N ALA I 111 -89.48 30.01 14.73
CA ALA I 111 -88.97 29.06 13.78
C ALA I 111 -87.52 28.70 14.04
N ASN I 112 -86.80 29.52 14.80
CA ASN I 112 -85.41 29.22 15.06
C ASN I 112 -85.22 28.55 16.42
N GLY I 113 -85.68 29.18 17.49
CA GLY I 113 -85.32 28.64 18.77
C GLY I 113 -86.33 28.70 19.90
N ALA I 114 -87.51 29.24 19.64
CA ALA I 114 -88.46 29.38 20.72
C ALA I 114 -89.19 28.06 20.94
N ARG I 115 -90.21 28.11 21.79
CA ARG I 115 -91.05 26.96 22.04
C ARG I 115 -92.50 27.38 21.89
N SER I 116 -93.40 26.44 22.11
CA SER I 116 -94.80 26.61 21.71
C SER I 116 -95.68 27.10 22.84
N ASP I 117 -95.12 27.78 23.83
CA ASP I 117 -95.93 28.29 24.93
C ASP I 117 -95.44 29.64 25.41
N ILE I 118 -94.86 30.43 24.52
CA ILE I 118 -94.30 31.70 24.93
C ILE I 118 -95.38 32.78 25.00
N ASP I 119 -96.44 32.65 24.19
CA ASP I 119 -97.54 33.62 24.09
C ASP I 119 -96.99 35.01 23.76
N PHE I 120 -96.46 35.10 22.55
CA PHE I 120 -95.89 36.33 22.00
C PHE I 120 -96.89 37.46 22.04
N TYR I 121 -96.58 38.50 22.78
CA TYR I 121 -97.45 39.65 22.92
C TYR I 121 -96.97 40.73 21.97
N LEU I 122 -97.78 41.05 20.96
CA LEU I 122 -97.41 42.05 19.98
C LEU I 122 -98.22 43.31 20.17
N GLN I 123 -97.53 44.45 20.26
CA GLN I 123 -98.20 45.75 20.29
C GLN I 123 -97.49 46.61 19.26
N PRO I 124 -98.08 46.81 18.10
CA PRO I 124 -97.40 47.52 17.02
C PRO I 124 -97.48 49.03 17.18
N THR I 125 -96.49 49.70 16.58
CA THR I 125 -96.46 51.16 16.57
C THR I 125 -96.27 51.68 15.15
N LEU I 126 -96.10 52.99 15.02
CA LEU I 126 -95.88 53.62 13.72
C LEU I 126 -94.51 54.27 13.63
N ASN I 127 -94.22 55.21 14.51
CA ASN I 127 -92.98 55.98 14.47
C ASN I 127 -92.00 55.30 15.43
N GLN I 128 -91.35 54.26 14.94
CA GLN I 128 -90.42 53.50 15.77
C GLN I 128 -89.31 52.97 14.86
N LYS I 129 -88.21 53.70 14.79
CA LYS I 129 -87.05 53.25 14.05
C LYS I 129 -86.37 52.15 14.86
N GLY I 130 -86.52 50.91 14.41
CA GLY I 130 -86.11 49.77 15.21
C GLY I 130 -87.32 49.10 15.85
N VAL I 131 -87.03 48.07 16.61
CA VAL I 131 -88.07 47.27 17.25
C VAL I 131 -87.52 46.70 18.54
N VAL I 132 -88.26 46.88 19.62
CA VAL I 132 -87.77 46.55 20.95
C VAL I 132 -88.56 45.38 21.51
N MET I 133 -87.86 44.44 22.15
CA MET I 133 -88.48 43.26 22.69
C MET I 133 -88.25 43.21 24.20
N ILE I 134 -89.21 42.66 24.91
CA ILE I 134 -89.12 42.51 26.36
C ILE I 134 -89.40 41.06 26.69
N ALA I 135 -88.41 40.36 27.22
CA ALA I 135 -88.51 38.96 27.57
C ALA I 135 -88.68 38.81 29.06
N SER I 136 -89.75 38.14 29.48
CA SER I 136 -90.06 37.96 30.88
C SER I 136 -90.21 36.47 31.18
N ASN I 137 -89.87 36.11 32.41
CA ASN I 137 -89.87 34.72 32.84
C ASN I 137 -90.56 34.64 34.21
N TYR I 138 -91.86 34.37 34.19
CA TYR I 138 -92.54 33.97 35.41
C TYR I 138 -92.01 32.61 35.83
N ASN I 139 -92.02 32.36 37.14
CA ASN I 139 -91.41 31.14 37.65
C ASN I 139 -92.28 29.92 37.36
N ASP I 140 -93.48 29.89 37.94
CA ASP I 140 -94.53 28.91 37.68
C ASP I 140 -94.10 27.46 37.97
N ASN I 141 -93.08 27.28 38.80
CA ASN I 141 -92.66 25.96 39.21
C ASN I 141 -93.11 25.71 40.65
N PRO I 142 -93.64 24.53 40.97
CA PRO I 142 -94.41 24.36 42.21
C PRO I 142 -93.61 23.97 43.45
N ASN I 143 -92.29 24.03 43.48
CA ASN I 143 -91.60 23.50 44.65
C ASN I 143 -91.56 24.51 45.80
N SER I 144 -90.72 25.55 45.70
CA SER I 144 -90.80 26.63 46.67
C SER I 144 -90.96 27.99 46.00
N LYS I 145 -89.89 28.41 45.32
CA LYS I 145 -89.87 29.43 44.26
C LYS I 145 -90.41 30.78 44.74
N GLU I 146 -89.67 31.40 45.65
CA GLU I 146 -90.00 32.71 46.18
C GLU I 146 -89.01 33.78 45.72
N LYS I 147 -89.47 35.03 45.71
CA LYS I 147 -88.68 36.15 45.22
C LYS I 147 -87.81 36.71 46.34
N PRO I 148 -86.51 36.90 46.13
CA PRO I 148 -85.67 37.43 47.20
C PRO I 148 -85.79 38.93 47.40
N GLN I 149 -86.53 39.29 48.47
CA GLN I 149 -86.74 40.63 49.06
C GLN I 149 -87.00 41.78 48.09
N THR I 150 -87.50 41.49 46.88
CA THR I 150 -87.68 42.46 45.77
C THR I 150 -86.44 43.34 45.53
N PHE I 151 -85.25 42.78 45.83
CA PHE I 151 -83.91 43.33 45.60
C PHE I 151 -83.77 44.83 45.88
N ASP I 152 -84.06 45.25 47.11
CA ASP I 152 -83.59 46.56 47.52
C ASP I 152 -82.10 46.42 47.82
N VAL I 153 -81.30 46.59 46.78
CA VAL I 153 -79.87 46.35 46.85
C VAL I 153 -79.16 47.38 45.98
N LEU I 154 -78.13 48.00 46.55
CA LEU I 154 -77.32 48.96 45.82
C LEU I 154 -76.21 48.30 45.04
N GLN I 155 -75.83 47.07 45.40
CA GLN I 155 -74.82 46.36 44.63
C GLN I 155 -75.39 45.86 43.32
N GLY I 156 -76.48 45.11 43.36
CA GLY I 156 -77.04 44.50 42.17
C GLY I 156 -78.12 45.36 41.56
N SER I 157 -78.36 45.15 40.27
CA SER I 157 -79.50 45.75 39.61
C SER I 157 -80.71 44.84 39.78
N GLN I 158 -81.88 45.45 39.90
CA GLN I 158 -83.09 44.67 40.13
C GLN I 158 -83.47 43.94 38.85
N PRO I 159 -83.92 42.69 38.94
CA PRO I 159 -84.12 41.86 37.76
C PRO I 159 -85.50 41.99 37.14
N MET I 160 -85.95 43.23 36.98
CA MET I 160 -87.09 43.49 36.11
C MET I 160 -86.66 44.33 34.92
N LEU I 161 -86.14 45.53 35.13
CA LEU I 161 -85.49 46.27 34.06
C LEU I 161 -84.12 46.65 34.58
N GLY I 162 -83.08 46.11 33.93
CA GLY I 162 -81.76 46.09 34.53
C GLY I 162 -81.15 47.47 34.70
N ALA I 163 -81.26 48.30 33.67
CA ALA I 163 -80.63 49.62 33.57
C ALA I 163 -79.14 49.52 33.87
N ASN I 164 -78.45 48.81 32.99
CA ASN I 164 -77.07 48.39 33.22
C ASN I 164 -76.15 49.59 33.12
N THR I 165 -75.56 49.98 34.25
CA THR I 165 -74.55 51.01 34.30
C THR I 165 -73.26 50.32 34.72
N LYS I 166 -72.39 50.03 33.75
CA LYS I 166 -71.12 49.38 34.02
C LYS I 166 -70.15 49.64 32.88
N ASN I 167 -68.93 50.03 33.23
CA ASN I 167 -67.77 49.59 32.46
C ASN I 167 -66.83 48.78 33.34
N LEU I 168 -66.54 49.28 34.53
CA LEU I 168 -65.95 48.51 35.60
C LEU I 168 -66.84 48.46 36.83
N HIS I 169 -67.27 49.61 37.35
CA HIS I 169 -67.83 49.66 38.70
C HIS I 169 -69.15 50.42 38.84
N GLY I 170 -69.75 50.94 37.78
CA GLY I 170 -71.06 51.55 37.93
C GLY I 170 -71.17 53.06 37.78
N TYR I 171 -71.88 53.51 36.75
CA TYR I 171 -71.93 54.92 36.38
C TYR I 171 -72.73 55.75 37.38
N ASP I 172 -74.06 55.57 37.38
CA ASP I 172 -74.95 55.95 38.48
C ASP I 172 -74.86 57.42 38.90
N VAL I 173 -74.84 58.32 37.92
CA VAL I 173 -74.58 59.74 38.20
C VAL I 173 -75.64 60.64 37.56
N SER I 174 -76.53 61.16 38.39
CA SER I 174 -77.54 62.14 38.00
C SER I 174 -78.13 62.75 39.27
N GLY I 175 -78.78 63.90 39.10
CA GLY I 175 -79.65 64.46 40.12
C GLY I 175 -78.96 65.14 41.29
N ALA I 176 -77.72 64.80 41.59
CA ALA I 176 -76.99 65.40 42.69
C ALA I 176 -76.15 66.59 42.27
N ASN I 177 -76.52 67.24 41.17
CA ASN I 177 -75.76 68.37 40.64
C ASN I 177 -76.53 69.68 40.65
N ASN I 178 -77.86 69.64 40.68
CA ASN I 178 -78.62 70.88 40.75
C ASN I 178 -78.41 71.59 42.08
N LYS I 179 -78.20 70.80 43.13
CA LYS I 179 -77.85 71.36 44.44
C LYS I 179 -76.50 72.05 44.38
N GLN I 180 -75.57 71.47 43.65
CA GLN I 180 -74.25 72.05 43.48
C GLN I 180 -74.31 73.33 42.64
N VAL I 181 -75.13 73.32 41.60
CA VAL I 181 -75.33 74.52 40.79
C VAL I 181 -76.01 75.62 41.61
N ILE I 182 -76.91 75.23 42.50
CA ILE I 182 -77.52 76.16 43.45
C ILE I 182 -76.45 76.77 44.35
N ASN I 183 -75.48 75.95 44.77
CA ASN I 183 -74.36 76.45 45.57
C ASN I 183 -73.51 77.44 44.78
N GLU I 184 -73.26 77.13 43.51
CA GLU I 184 -72.46 78.03 42.68
C GLU I 184 -73.18 79.35 42.45
N VAL I 185 -74.49 79.31 42.25
CA VAL I 185 -75.22 80.55 42.04
C VAL I 185 -75.39 81.30 43.36
N ALA I 186 -75.32 80.61 44.50
CA ALA I 186 -75.36 81.33 45.76
C ALA I 186 -74.05 82.06 46.02
N ARG I 187 -72.92 81.42 45.69
CA ARG I 187 -71.64 82.13 45.77
C ARG I 187 -71.59 83.26 44.75
N GLU I 188 -72.23 83.08 43.59
CA GLU I 188 -72.33 84.14 42.60
C GLU I 188 -73.17 85.31 43.12
N LYS I 189 -74.25 84.99 43.82
CA LYS I 189 -75.09 86.02 44.42
C LYS I 189 -74.35 86.78 45.51
N ALA I 190 -73.51 86.08 46.28
CA ALA I 190 -72.71 86.75 47.29
C ALA I 190 -71.67 87.68 46.67
N GLN I 191 -71.05 87.23 45.57
CA GLN I 191 -70.09 88.09 44.86
C GLN I 191 -70.78 89.31 44.26
N LEU I 192 -72.00 89.13 43.76
CA LEU I 192 -72.75 90.25 43.20
C LEU I 192 -73.16 91.23 44.29
N GLU I 193 -73.50 90.72 45.47
CA GLU I 193 -73.83 91.63 46.57
C GLU I 193 -72.61 92.37 47.07
N LYS I 194 -71.44 91.73 47.04
CA LYS I 194 -70.21 92.43 47.39
C LYS I 194 -69.87 93.53 46.38
N ILE I 195 -70.04 93.22 45.10
CA ILE I 195 -69.79 94.20 44.05
C ILE I 195 -70.76 95.36 44.15
N ASN I 196 -72.03 95.08 44.43
CA ASN I 196 -73.02 96.13 44.63
C ASN I 196 -72.73 96.95 45.88
N GLN I 197 -72.20 96.30 46.92
CA GLN I 197 -71.88 97.01 48.15
C GLN I 197 -70.66 97.90 47.96
N TYR I 198 -69.80 97.56 47.01
CA TYR I 198 -68.71 98.46 46.63
C TYR I 198 -69.31 99.61 45.82
N TYR I 199 -69.77 100.63 46.52
CA TYR I 199 -70.27 101.83 45.88
C TYR I 199 -69.93 103.03 46.75
N LYS I 200 -69.73 104.16 46.09
CA LYS I 200 -69.55 105.43 46.77
C LYS I 200 -70.60 106.45 46.39
N THR I 201 -71.50 106.12 45.47
CA THR I 201 -72.39 107.10 44.87
C THR I 201 -73.83 106.99 45.33
N LEU I 202 -74.33 105.80 45.61
CA LEU I 202 -75.73 105.58 45.97
C LEU I 202 -76.00 105.94 47.42
N LEU I 203 -77.09 105.41 47.97
CA LEU I 203 -77.59 105.79 49.29
C LEU I 203 -76.58 105.52 50.40
N GLN I 204 -76.31 106.56 51.17
CA GLN I 204 -75.45 106.54 52.36
C GLN I 204 -75.81 107.80 53.14
N ASP I 205 -76.23 107.64 54.39
CA ASP I 205 -76.88 108.73 55.10
C ASP I 205 -75.90 109.84 55.41
N LYS I 206 -76.21 111.04 54.94
CA LYS I 206 -75.32 112.17 54.94
C LYS I 206 -75.95 113.33 55.72
N GLU I 207 -75.27 114.48 55.70
CA GLU I 207 -75.77 115.65 56.39
C GLU I 207 -76.97 116.23 55.67
N GLN I 208 -77.60 117.22 56.31
CA GLN I 208 -78.88 117.72 55.85
C GLN I 208 -78.76 118.45 54.52
N GLU I 209 -77.62 119.11 54.28
CA GLU I 209 -77.38 119.78 53.00
C GLU I 209 -77.35 118.80 51.84
N TYR I 210 -76.81 117.60 52.05
CA TYR I 210 -76.89 116.58 51.02
C TYR I 210 -78.29 116.00 50.93
N THR I 211 -78.87 115.65 52.07
CA THR I 211 -80.08 114.82 52.05
C THR I 211 -81.32 115.59 51.61
N THR I 212 -81.41 116.90 51.91
CA THR I 212 -82.57 117.65 51.44
C THR I 212 -82.51 117.85 49.94
N ARG I 213 -81.31 118.09 49.41
CA ARG I 213 -81.14 118.14 47.96
C ARG I 213 -81.48 116.80 47.34
N LYS I 214 -81.12 115.70 48.01
CA LYS I 214 -81.43 114.34 47.53
C LYS I 214 -82.93 114.12 47.43
N ASN I 215 -83.64 114.40 48.53
CA ASN I 215 -85.08 114.19 48.59
C ASN I 215 -85.80 115.09 47.61
N ASN I 216 -85.29 116.31 47.41
CA ASN I 216 -85.86 117.18 46.40
C ASN I 216 -85.65 116.65 44.99
N GLN I 217 -84.49 116.04 44.72
CA GLN I 217 -84.28 115.51 43.37
C GLN I 217 -85.18 114.32 43.11
N ARG I 218 -85.36 113.47 44.13
CA ARG I 218 -86.32 112.37 44.02
C ARG I 218 -87.72 112.87 43.73
N GLU I 219 -88.17 113.90 44.46
CA GLU I 219 -89.56 114.32 44.34
C GLU I 219 -89.82 115.04 43.02
N ILE I 220 -88.97 116.02 42.70
CA ILE I 220 -89.10 116.76 41.44
C ILE I 220 -88.92 115.84 40.25
N LEU I 221 -88.13 114.78 40.42
CA LEU I 221 -87.89 113.84 39.35
C LEU I 221 -89.02 112.85 39.17
N GLU I 222 -89.67 112.44 40.25
CA GLU I 222 -90.85 111.60 40.06
C GLU I 222 -91.95 112.39 39.36
N THR I 223 -92.04 113.69 39.65
CA THR I 223 -92.95 114.53 38.88
C THR I 223 -92.49 114.68 37.44
N LEU I 224 -91.17 114.71 37.20
CA LEU I 224 -90.68 114.82 35.82
C LEU I 224 -90.92 113.54 35.03
N SER I 225 -90.74 112.39 35.66
CA SER I 225 -91.02 111.12 35.01
C SER I 225 -92.50 111.00 34.71
N ASN I 226 -93.36 111.47 35.61
CA ASN I 226 -94.78 111.48 35.29
C ASN I 226 -95.11 112.50 34.21
N ARG I 227 -94.35 113.59 34.11
CA ARG I 227 -94.60 114.54 33.03
C ARG I 227 -94.20 113.98 31.67
N ALA I 228 -93.07 113.28 31.61
CA ALA I 228 -92.68 112.64 30.36
C ALA I 228 -93.63 111.50 30.01
N GLY I 229 -94.12 110.79 31.03
CA GLY I 229 -95.15 109.79 30.81
C GLY I 229 -96.45 110.40 30.34
N TYR I 230 -96.77 111.60 30.79
CA TYR I 230 -97.97 112.27 30.32
C TYR I 230 -97.81 112.74 28.87
N GLN I 231 -96.63 113.23 28.51
CA GLN I 231 -96.39 113.64 27.14
C GLN I 231 -96.30 112.46 26.19
N MET I 232 -95.90 111.29 26.67
CA MET I 232 -95.79 110.11 25.80
C MET I 232 -97.09 109.29 25.75
N ARG I 233 -97.82 109.22 26.87
CA ARG I 233 -98.96 108.33 27.01
C ARG I 233 -100.13 108.78 26.14
N GLN I 234 -100.33 110.08 26.00
CA GLN I 234 -101.39 110.61 25.17
C GLN I 234 -100.79 111.04 23.83
N ASN I 235 -100.38 110.06 23.04
CA ASN I 235 -100.04 110.36 21.66
C ASN I 235 -101.31 110.39 20.84
N VAL I 236 -101.24 111.03 19.66
CA VAL I 236 -102.37 111.03 18.75
C VAL I 236 -102.57 109.63 18.17
N ILE I 237 -101.51 108.85 18.07
CA ILE I 237 -101.60 107.51 17.52
C ILE I 237 -102.12 106.49 18.52
N SER I 238 -102.11 106.79 19.81
CA SER I 238 -102.41 105.80 20.83
C SER I 238 -103.48 106.34 21.78
N SER I 239 -103.87 105.47 22.71
CA SER I 239 -104.75 105.78 23.84
C SER I 239 -106.10 106.34 23.39
N GLU I 240 -106.76 105.59 22.51
CA GLU I 240 -108.01 106.07 21.93
C GLU I 240 -108.87 104.85 21.61
N ILE I 241 -109.88 105.04 20.76
CA ILE I 241 -110.84 103.99 20.46
C ILE I 241 -110.35 103.17 19.26
N PHE I 242 -109.73 102.04 19.55
CA PHE I 242 -109.48 101.00 18.57
C PHE I 242 -110.63 100.00 18.53
N LYS I 243 -111.72 100.30 19.24
CA LYS I 243 -112.81 99.35 19.36
C LYS I 243 -113.53 99.19 18.03
N ASN I 244 -113.74 100.29 17.30
CA ASN I 244 -114.25 100.17 15.95
C ASN I 244 -113.21 99.58 15.01
N GLY I 245 -111.93 99.88 15.25
CA GLY I 245 -110.87 99.40 14.38
C GLY I 245 -110.69 97.90 14.40
N ASN I 246 -110.92 97.27 15.55
CA ASN I 246 -110.96 95.82 15.58
C ASN I 246 -112.37 95.26 15.46
N LEU I 247 -113.40 96.09 15.61
CA LEU I 247 -114.76 95.63 15.38
C LEU I 247 -115.00 95.35 13.90
N ASN I 248 -114.41 96.17 13.02
CA ASN I 248 -114.50 95.88 11.59
C ASN I 248 -113.74 94.61 11.23
N MET I 249 -112.60 94.38 11.89
CA MET I 249 -111.86 93.14 11.70
C MET I 249 -112.67 91.94 12.17
N GLN I 250 -113.36 92.10 13.29
CA GLN I 250 -114.24 91.05 13.79
C GLN I 250 -115.40 90.79 12.84
N ALA I 251 -115.94 91.85 12.24
CA ALA I 251 -117.05 91.68 11.31
C ALA I 251 -116.62 90.94 10.05
N LYS I 252 -115.46 91.31 9.49
CA LYS I 252 -114.99 90.59 8.30
C LYS I 252 -114.52 89.18 8.64
N GLU I 253 -114.09 88.94 9.89
CA GLU I 253 -113.83 87.59 10.34
C GLU I 253 -115.10 86.76 10.37
N GLU I 254 -116.18 87.32 10.90
CA GLU I 254 -117.45 86.61 10.93
C GLU I 254 -117.98 86.35 9.53
N GLU I 255 -117.75 87.28 8.62
CA GLU I 255 -118.21 87.10 7.26
C GLU I 255 -117.39 86.05 6.51
N VAL I 256 -116.08 85.99 6.71
CA VAL I 256 -115.33 84.94 6.04
C VAL I 256 -115.60 83.59 6.70
N ARG I 257 -115.94 83.55 7.99
CA ARG I 257 -116.39 82.31 8.60
C ARG I 257 -117.74 81.89 8.05
N GLU I 258 -118.62 82.86 7.78
CA GLU I 258 -119.91 82.62 7.14
C GLU I 258 -119.73 81.99 5.77
N LYS I 259 -118.88 82.57 4.93
CA LYS I 259 -118.64 82.00 3.60
C LYS I 259 -117.88 80.69 3.69
N LEU I 260 -117.08 80.52 4.75
CA LEU I 260 -116.37 79.27 4.94
C LEU I 260 -117.34 78.13 5.25
N GLN I 261 -118.33 78.39 6.10
CA GLN I 261 -119.33 77.38 6.36
C GLN I 261 -120.29 77.21 5.19
N GLU I 262 -120.43 78.25 4.36
CA GLU I 262 -121.16 78.13 3.12
C GLU I 262 -120.53 77.09 2.21
N GLU I 263 -119.25 77.27 1.90
CA GLU I 263 -118.51 76.31 1.11
C GLU I 263 -118.30 74.99 1.84
N ARG I 264 -118.49 74.95 3.16
CA ARG I 264 -118.35 73.71 3.90
C ARG I 264 -119.60 72.85 3.80
N GLU I 265 -120.72 73.32 4.36
CA GLU I 265 -121.90 72.47 4.31
C GLU I 265 -122.79 72.73 3.11
N ASN I 266 -122.20 73.26 2.02
CA ASN I 266 -122.70 72.87 0.72
C ASN I 266 -122.45 71.39 0.46
N GLU I 267 -121.40 70.82 1.04
CA GLU I 267 -121.05 69.43 0.82
C GLU I 267 -120.95 68.60 2.09
N TYR I 268 -121.04 69.21 3.26
CA TYR I 268 -121.08 68.43 4.50
C TYR I 268 -122.44 67.75 4.63
N LYS J 26 -53.28 -29.09 12.40
CA LYS J 26 -53.91 -29.58 11.17
C LYS J 26 -55.24 -28.88 10.93
N LYS J 27 -55.60 -28.72 9.66
CA LYS J 27 -56.87 -28.12 9.27
C LYS J 27 -57.64 -29.10 8.40
N VAL J 28 -58.93 -29.25 8.69
CA VAL J 28 -59.81 -30.16 7.97
C VAL J 28 -60.27 -29.50 6.67
N VAL J 29 -60.94 -30.26 5.82
CA VAL J 29 -61.47 -29.73 4.56
C VAL J 29 -62.98 -29.86 4.49
N LYS J 30 -63.65 -29.95 5.64
CA LYS J 30 -65.12 -30.04 5.85
C LYS J 30 -65.77 -31.08 4.91
N GLN J 31 -65.46 -32.34 5.21
CA GLN J 31 -65.62 -33.46 4.28
C GLN J 31 -67.00 -33.72 3.68
N LYS J 32 -67.99 -34.12 4.47
CA LYS J 32 -69.16 -34.72 3.84
C LYS J 32 -70.47 -34.36 4.54
N ASN J 33 -71.47 -33.99 3.73
CA ASN J 33 -72.86 -33.86 4.16
C ASN J 33 -73.66 -35.14 3.94
N HIS J 34 -73.18 -36.03 3.08
CA HIS J 34 -73.51 -37.44 2.93
C HIS J 34 -74.90 -37.76 2.34
N VAL J 35 -75.73 -36.77 2.05
CA VAL J 35 -77.03 -37.01 1.45
C VAL J 35 -77.04 -36.38 0.06
N TYR J 36 -77.64 -37.06 -0.91
CA TYR J 36 -77.59 -36.62 -2.29
C TYR J 36 -78.97 -36.30 -2.82
N THR J 37 -79.01 -35.60 -3.94
CA THR J 37 -80.24 -35.10 -4.53
C THR J 37 -79.99 -34.79 -5.98
N PRO J 38 -81.03 -34.74 -6.81
CA PRO J 38 -80.91 -34.04 -8.09
C PRO J 38 -80.72 -32.56 -7.85
N VAL J 39 -80.02 -31.92 -8.79
CA VAL J 39 -79.67 -30.51 -8.63
C VAL J 39 -80.89 -29.63 -8.84
N TYR J 40 -81.46 -29.66 -10.05
CA TYR J 40 -82.68 -28.96 -10.43
C TYR J 40 -82.59 -27.45 -10.15
N ASN J 41 -81.69 -26.81 -10.89
CA ASN J 41 -81.74 -25.36 -11.03
C ASN J 41 -83.11 -25.04 -11.63
N GLU J 42 -83.97 -24.40 -10.83
CA GLU J 42 -85.41 -24.54 -10.96
C GLU J 42 -85.95 -23.91 -12.23
N LEU J 43 -86.86 -24.63 -12.90
CA LEU J 43 -87.41 -24.20 -14.18
C LEU J 43 -88.51 -23.15 -14.01
N ILE J 44 -89.59 -23.50 -13.33
CA ILE J 44 -90.76 -22.64 -13.24
C ILE J 44 -90.46 -21.50 -12.27
N GLU J 45 -90.65 -20.27 -12.73
CA GLU J 45 -90.24 -19.09 -12.00
C GLU J 45 -91.42 -18.47 -11.28
N LYS J 46 -91.13 -17.85 -10.15
CA LYS J 46 -92.12 -17.18 -9.33
C LYS J 46 -91.74 -15.73 -9.18
N TYR J 47 -92.74 -14.87 -9.00
CA TYR J 47 -92.45 -13.45 -8.84
C TYR J 47 -91.94 -13.21 -7.44
N SER J 48 -90.89 -12.42 -7.33
CA SER J 48 -90.13 -12.32 -6.09
C SER J 48 -90.41 -10.98 -5.41
N GLU J 49 -91.47 -10.95 -4.60
CA GLU J 49 -91.80 -9.72 -3.88
C GLU J 49 -90.77 -9.44 -2.80
N ILE J 50 -90.57 -8.16 -2.50
CA ILE J 50 -89.49 -7.78 -1.61
C ILE J 50 -90.04 -7.73 -0.20
N PRO J 51 -89.53 -8.56 0.71
CA PRO J 51 -90.09 -8.64 2.07
C PRO J 51 -89.42 -7.71 3.06
N LEU J 52 -89.21 -6.46 2.66
CA LEU J 52 -88.60 -5.52 3.59
C LEU J 52 -89.68 -4.73 4.32
N ASN J 53 -90.55 -5.47 4.98
CA ASN J 53 -91.70 -4.88 5.66
C ASN J 53 -91.53 -5.16 7.14
N ASP J 54 -90.77 -4.30 7.80
CA ASP J 54 -90.33 -4.59 9.17
C ASP J 54 -91.38 -4.20 10.22
N LYS J 55 -91.67 -2.91 10.38
CA LYS J 55 -92.60 -2.51 11.41
C LYS J 55 -93.63 -1.52 10.90
N LEU J 56 -93.25 -0.72 9.91
CA LEU J 56 -94.17 0.28 9.39
C LEU J 56 -95.20 -0.29 8.44
N LYS J 57 -95.18 -1.61 8.21
CA LYS J 57 -96.32 -2.24 7.58
C LYS J 57 -97.52 -2.33 8.52
N ASP J 58 -97.35 -2.00 9.80
CA ASP J 58 -98.44 -1.89 10.73
C ASP J 58 -98.70 -0.47 11.21
N THR J 59 -97.74 0.42 11.13
CA THR J 59 -97.95 1.80 11.55
C THR J 59 -98.81 2.52 10.51
N PRO J 60 -99.89 3.17 10.91
CA PRO J 60 -100.80 3.74 9.91
C PRO J 60 -100.34 5.10 9.42
N PHE J 61 -100.57 5.34 8.13
CA PHE J 61 -100.29 6.63 7.52
C PHE J 61 -101.15 6.78 6.28
N MET J 62 -101.34 8.03 5.87
CA MET J 62 -102.04 8.36 4.63
C MET J 62 -101.28 9.46 3.92
N VAL J 63 -99.97 9.27 3.78
CA VAL J 63 -99.07 10.35 3.39
C VAL J 63 -99.23 10.65 1.91
N GLN J 64 -99.11 11.91 1.55
CA GLN J 64 -99.40 12.41 0.21
C GLN J 64 -98.11 12.90 -0.43
N VAL J 65 -97.78 12.33 -1.59
CA VAL J 65 -96.56 12.65 -2.32
C VAL J 65 -96.95 13.25 -3.66
N LYS J 66 -96.41 14.42 -3.96
CA LYS J 66 -96.61 15.03 -5.26
C LYS J 66 -95.64 14.42 -6.25
N LEU J 67 -96.00 14.47 -7.53
CA LEU J 67 -95.18 13.90 -8.58
C LEU J 67 -95.16 14.84 -9.77
N PRO J 68 -94.06 15.52 -10.01
CA PRO J 68 -93.96 16.42 -11.16
C PRO J 68 -93.79 15.68 -12.48
N ASN J 69 -93.52 16.44 -13.54
CA ASN J 69 -93.77 16.01 -14.91
C ASN J 69 -92.52 16.14 -15.77
N TYR J 70 -91.41 15.52 -15.36
CA TYR J 70 -90.15 15.59 -16.10
C TYR J 70 -90.25 14.88 -17.45
N LYS J 71 -89.16 14.95 -18.22
CA LYS J 71 -89.07 14.26 -19.49
C LYS J 71 -88.60 12.83 -19.25
N ASP J 72 -89.54 11.89 -19.38
CA ASP J 72 -89.31 10.46 -19.61
C ASP J 72 -88.65 9.72 -18.44
N TYR J 73 -88.27 10.41 -17.37
CA TYR J 73 -87.62 9.75 -16.24
C TYR J 73 -88.57 9.53 -15.06
N LEU J 74 -89.60 10.36 -14.92
CA LEU J 74 -90.80 10.18 -14.10
C LEU J 74 -90.59 10.05 -12.59
N LEU J 75 -89.35 10.14 -12.12
CA LEU J 75 -89.08 10.24 -10.68
C LEU J 75 -87.77 11.00 -10.51
N ASP J 76 -87.21 10.91 -9.31
CA ASP J 76 -85.98 11.61 -8.98
C ASP J 76 -85.07 10.71 -8.15
N ASN J 77 -83.79 10.67 -8.53
CA ASN J 77 -82.83 10.02 -7.65
C ASN J 77 -82.59 10.87 -6.41
N LYS J 78 -82.95 12.16 -6.46
CA LYS J 78 -83.14 12.92 -5.24
C LYS J 78 -84.24 12.31 -4.38
N GLN J 79 -85.38 11.97 -5.00
CA GLN J 79 -86.53 11.46 -4.25
C GLN J 79 -87.04 10.19 -4.91
N VAL J 80 -86.39 9.07 -4.61
CA VAL J 80 -86.84 7.77 -5.08
C VAL J 80 -87.02 6.78 -3.92
N VAL J 81 -86.10 6.76 -2.96
CA VAL J 81 -86.21 5.80 -1.87
C VAL J 81 -87.32 6.21 -0.90
N LEU J 82 -87.49 7.52 -0.70
CA LEU J 82 -88.54 8.01 0.18
C LEU J 82 -89.91 7.76 -0.39
N THR J 83 -90.03 7.84 -1.70
CA THR J 83 -91.32 7.59 -2.33
C THR J 83 -91.49 6.14 -2.76
N PHE J 84 -90.50 5.30 -2.56
CA PHE J 84 -90.74 3.88 -2.72
C PHE J 84 -90.97 3.15 -1.41
N LYS J 85 -90.46 3.68 -0.30
CA LYS J 85 -90.73 3.07 1.00
C LYS J 85 -92.21 3.05 1.29
N LEU J 86 -92.91 4.13 0.95
CA LEU J 86 -94.34 4.23 1.21
C LEU J 86 -95.12 3.27 0.32
N VAL J 87 -94.75 3.13 -0.94
CA VAL J 87 -95.49 2.24 -1.80
C VAL J 87 -95.16 0.78 -1.51
N HIS J 88 -93.97 0.50 -1.01
CA HIS J 88 -93.68 -0.88 -0.61
C HIS J 88 -94.45 -1.25 0.64
N HIS J 89 -94.47 -0.35 1.63
CA HIS J 89 -95.05 -0.69 2.91
C HIS J 89 -96.50 -0.27 3.05
N SER J 90 -97.11 0.26 2.00
CA SER J 90 -98.47 0.72 2.16
C SER J 90 -99.44 -0.41 1.87
N LYS J 91 -100.73 -0.13 2.03
CA LYS J 91 -101.75 -1.11 1.75
C LYS J 91 -102.79 -0.65 0.76
N LYS J 92 -103.07 0.65 0.67
CA LYS J 92 -104.00 1.18 -0.34
C LYS J 92 -103.44 2.51 -0.80
N ILE J 93 -103.08 2.62 -2.08
CA ILE J 93 -102.64 3.91 -2.57
C ILE J 93 -103.61 4.38 -3.65
N THR J 94 -103.67 5.69 -3.81
CA THR J 94 -104.53 6.30 -4.80
C THR J 94 -103.75 7.33 -5.60
N LEU J 95 -104.25 7.59 -6.81
CA LEU J 95 -103.56 8.37 -7.81
C LEU J 95 -104.53 9.36 -8.45
N ILE J 96 -104.15 10.63 -8.42
CA ILE J 96 -104.96 11.72 -8.95
C ILE J 96 -104.15 12.43 -10.01
N GLY J 97 -104.69 12.53 -11.21
CA GLY J 97 -104.00 13.30 -12.22
C GLY J 97 -104.47 12.95 -13.61
N ASP J 98 -103.54 13.04 -14.56
CA ASP J 98 -103.82 12.72 -15.95
C ASP J 98 -104.03 11.22 -16.10
N ALA J 99 -104.75 10.86 -17.16
CA ALA J 99 -105.23 9.48 -17.32
C ALA J 99 -104.08 8.51 -17.60
N ASN J 100 -103.37 8.71 -18.70
CA ASN J 100 -102.26 7.81 -19.01
C ASN J 100 -101.10 7.98 -18.04
N LYS J 101 -100.99 9.14 -17.40
CA LYS J 101 -99.94 9.33 -16.42
C LYS J 101 -100.18 8.48 -15.18
N ILE J 102 -101.42 8.46 -14.67
CA ILE J 102 -101.65 7.60 -13.52
C ILE J 102 -101.67 6.14 -13.95
N LEU J 103 -101.98 5.85 -15.22
CA LEU J 103 -101.88 4.49 -15.69
C LEU J 103 -100.45 4.00 -15.69
N GLN J 104 -99.54 4.78 -16.26
CA GLN J 104 -98.15 4.36 -16.28
C GLN J 104 -97.50 4.45 -14.91
N TYR J 105 -98.04 5.24 -13.99
CA TYR J 105 -97.49 5.21 -12.64
C TYR J 105 -97.94 3.97 -11.90
N LYS J 106 -99.18 3.53 -12.10
CA LYS J 106 -99.60 2.25 -11.56
C LYS J 106 -98.78 1.11 -12.15
N ASN J 107 -98.53 1.17 -13.46
CA ASN J 107 -97.72 0.15 -14.11
C ASN J 107 -96.31 0.16 -13.57
N TYR J 108 -95.74 1.34 -13.36
CA TYR J 108 -94.36 1.45 -12.91
C TYR J 108 -94.21 0.97 -11.48
N PHE J 109 -95.16 1.32 -10.62
CA PHE J 109 -95.05 0.89 -9.23
C PHE J 109 -95.27 -0.60 -9.09
N GLN J 110 -96.29 -1.13 -9.77
CA GLN J 110 -96.54 -2.57 -9.69
C GLN J 110 -95.44 -3.37 -10.36
N ALA J 111 -94.79 -2.82 -11.38
CA ALA J 111 -93.74 -3.55 -12.06
C ALA J 111 -92.39 -3.37 -11.42
N ASN J 112 -92.22 -2.35 -10.59
CA ASN J 112 -90.94 -2.12 -9.95
C ASN J 112 -90.92 -2.67 -8.54
N GLY J 113 -91.82 -2.21 -7.69
CA GLY J 113 -91.67 -2.57 -6.29
C GLY J 113 -92.90 -2.85 -5.48
N ALA J 114 -94.08 -2.76 -6.07
CA ALA J 114 -95.27 -2.96 -5.29
C ALA J 114 -95.56 -4.44 -5.11
N ARG J 115 -96.72 -4.73 -4.56
CA ARG J 115 -97.17 -6.10 -4.39
C ARG J 115 -98.58 -6.20 -4.94
N SER J 116 -99.15 -7.40 -4.85
CA SER J 116 -100.35 -7.74 -5.60
C SER J 116 -101.63 -7.57 -4.79
N ASP J 117 -101.61 -6.72 -3.77
CA ASP J 117 -102.81 -6.51 -2.98
C ASP J 117 -102.95 -5.06 -2.54
N ILE J 118 -102.44 -4.14 -3.34
CA ILE J 118 -102.47 -2.73 -2.95
C ILE J 118 -103.83 -2.11 -3.26
N ASP J 119 -104.52 -2.61 -4.29
CA ASP J 119 -105.80 -2.09 -4.77
C ASP J 119 -105.68 -0.59 -5.11
N PHE J 120 -104.90 -0.35 -6.15
CA PHE J 120 -104.65 0.99 -6.68
C PHE J 120 -105.94 1.70 -7.01
N TYR J 121 -106.20 2.80 -6.33
CA TYR J 121 -107.42 3.57 -6.53
C TYR J 121 -107.08 4.73 -7.47
N LEU J 122 -107.64 4.73 -8.66
CA LEU J 122 -107.36 5.77 -9.63
C LEU J 122 -108.56 6.69 -9.78
N GLN J 123 -108.34 7.99 -9.65
CA GLN J 123 -109.40 8.97 -9.93
C GLN J 123 -108.76 10.01 -10.83
N PRO J 124 -109.05 9.98 -12.14
CA PRO J 124 -108.36 10.87 -13.07
C PRO J 124 -108.99 12.24 -13.10
N THR J 125 -108.16 13.21 -13.51
CA THR J 125 -108.62 14.59 -13.67
C THR J 125 -108.23 15.12 -15.04
N LEU J 126 -108.46 16.41 -15.28
CA LEU J 126 -108.12 17.04 -16.54
C LEU J 126 -107.08 18.13 -16.37
N ASN J 127 -107.38 19.14 -15.55
CA ASN J 127 -106.50 20.28 -15.37
C ASN J 127 -105.65 20.01 -14.13
N GLN J 128 -104.58 19.25 -14.32
CA GLN J 128 -103.71 18.88 -13.21
C GLN J 128 -102.29 18.76 -13.75
N LYS J 129 -101.51 19.82 -13.61
CA LYS J 129 -100.11 19.79 -13.99
C LYS J 129 -99.36 19.01 -12.92
N GLY J 130 -98.96 17.79 -13.26
CA GLY J 130 -98.43 16.87 -12.27
C GLY J 130 -99.47 15.85 -11.87
N VAL J 131 -99.07 14.98 -10.96
CA VAL J 131 -99.92 13.88 -10.51
C VAL J 131 -99.58 13.56 -9.06
N VAL J 132 -100.61 13.50 -8.22
CA VAL J 132 -100.41 13.38 -6.79
C VAL J 132 -100.89 12.01 -6.33
N MET J 133 -100.13 11.40 -5.43
CA MET J 133 -100.44 10.08 -4.92
C MET J 133 -100.62 10.15 -3.41
N ILE J 134 -101.51 9.31 -2.91
CA ILE J 134 -101.76 9.21 -1.48
C ILE J 134 -101.63 7.77 -1.07
N ALA J 135 -100.65 7.48 -0.23
CA ALA J 135 -100.36 6.12 0.23
C ALA J 135 -100.87 5.95 1.64
N SER J 136 -101.73 4.95 1.85
CA SER J 136 -102.33 4.70 3.15
C SER J 136 -102.06 3.27 3.56
N ASN J 137 -101.97 3.08 4.86
CA ASN J 137 -101.62 1.77 5.43
C ASN J 137 -102.58 1.48 6.58
N TYR J 138 -103.66 0.78 6.28
CA TYR J 138 -104.47 0.19 7.33
C TYR J 138 -103.66 -0.91 8.02
N ASN J 139 -103.94 -1.11 9.30
CA ASN J 139 -103.12 -2.04 10.07
C ASN J 139 -103.43 -3.48 9.71
N ASP J 140 -104.67 -3.93 9.98
CA ASP J 140 -105.22 -5.22 9.58
C ASP J 140 -104.42 -6.41 10.12
N ASN J 141 -103.66 -6.22 11.19
CA ASN J 141 -102.96 -7.30 11.85
C ASN J 141 -103.67 -7.67 13.14
N PRO J 142 -103.85 -8.95 13.44
CA PRO J 142 -104.82 -9.35 14.47
C PRO J 142 -104.32 -9.42 15.91
N ASN J 143 -103.14 -8.90 16.25
CA ASN J 143 -102.65 -9.13 17.61
C ASN J 143 -103.28 -8.16 18.61
N SER J 144 -102.83 -6.89 18.61
CA SER J 144 -103.53 -5.89 19.40
C SER J 144 -103.92 -4.68 18.57
N LYS J 145 -102.92 -3.93 18.14
CA LYS J 145 -102.96 -3.00 17.01
C LYS J 145 -104.02 -1.91 17.18
N GLU J 146 -103.79 -1.04 18.17
CA GLU J 146 -104.69 0.08 18.46
C GLU J 146 -104.01 1.42 18.15
N LYS J 147 -104.84 2.42 17.89
CA LYS J 147 -104.37 3.75 17.48
C LYS J 147 -104.08 4.60 18.72
N PRO J 148 -102.91 5.22 18.82
CA PRO J 148 -102.61 6.03 20.00
C PRO J 148 -103.28 7.39 20.00
N GLN J 149 -104.36 7.50 20.80
CA GLN J 149 -105.15 8.68 21.17
C GLN J 149 -105.50 9.66 20.05
N THR J 150 -105.53 9.19 18.79
CA THR J 150 -105.71 10.01 17.57
C THR J 150 -104.82 11.26 17.54
N PHE J 151 -103.65 11.17 18.20
CA PHE J 151 -102.55 12.15 18.24
C PHE J 151 -102.99 13.60 18.37
N ASP J 152 -103.73 13.91 19.44
CA ASP J 152 -103.85 15.32 19.82
C ASP J 152 -102.55 15.71 20.49
N VAL J 153 -101.59 16.13 19.67
CA VAL J 153 -100.23 16.40 20.11
C VAL J 153 -99.70 17.60 19.35
N LEU J 154 -99.14 18.55 20.08
CA LEU J 154 -98.52 19.73 19.48
C LEU J 154 -97.09 19.47 19.06
N GLN J 155 -96.44 18.47 19.65
CA GLN J 155 -95.07 18.14 19.23
C GLN J 155 -95.07 17.45 17.88
N GLY J 156 -95.82 16.37 17.73
CA GLY J 156 -95.79 15.58 16.53
C GLY J 156 -96.89 16.00 15.57
N SER J 157 -96.69 15.69 14.30
CA SER J 157 -97.74 15.84 13.31
C SER J 157 -98.58 14.57 13.27
N GLN J 158 -99.87 14.73 13.03
CA GLN J 158 -100.76 13.59 13.03
C GLN J 158 -100.53 12.74 11.79
N PRO J 159 -100.54 11.42 11.91
CA PRO J 159 -100.12 10.55 10.80
C PRO J 159 -101.25 10.19 9.86
N MET J 160 -102.03 11.19 9.46
CA MET J 160 -102.89 11.02 8.30
C MET J 160 -102.46 11.94 7.17
N LEU J 161 -102.46 13.24 7.37
CA LEU J 161 -101.82 14.14 6.42
C LEU J 161 -100.85 14.99 7.22
N GLY J 162 -99.56 14.84 6.91
CA GLY J 162 -98.52 15.29 7.83
C GLY J 162 -98.47 16.79 7.98
N ALA J 163 -98.56 17.52 6.86
CA ALA J 163 -98.40 18.97 6.78
C ALA J 163 -97.10 19.40 7.45
N ASN J 164 -96.01 18.96 6.85
CA ASN J 164 -94.70 19.05 7.47
C ASN J 164 -94.22 20.50 7.47
N THR J 165 -94.13 21.08 8.66
CA THR J 165 -93.57 22.41 8.84
C THR J 165 -92.29 22.22 9.64
N LYS J 166 -91.15 22.24 8.96
CA LYS J 166 -89.86 22.08 9.61
C LYS J 166 -88.76 22.64 8.72
N ASN J 167 -87.88 23.43 9.32
CA ASN J 167 -86.47 23.42 8.92
C ASN J 167 -85.60 22.99 10.08
N LEU J 168 -85.83 23.59 11.24
CA LEU J 168 -85.32 23.09 12.51
C LEU J 168 -86.44 22.75 13.48
N HIS J 169 -87.36 23.70 13.75
CA HIS J 169 -88.25 23.57 14.89
C HIS J 169 -89.73 23.82 14.62
N GLY J 170 -90.15 24.08 13.39
CA GLY J 170 -91.59 24.20 13.15
C GLY J 170 -92.13 25.56 12.81
N TYR J 171 -92.66 25.72 11.59
CA TYR J 171 -93.07 27.03 11.07
C TYR J 171 -94.33 27.54 11.73
N ASP J 172 -95.48 26.91 11.43
CA ASP J 172 -96.72 26.97 12.23
C ASP J 172 -97.24 28.39 12.48
N VAL J 173 -97.24 29.22 11.45
CA VAL J 173 -97.56 30.64 11.63
C VAL J 173 -98.63 31.10 10.65
N SER J 174 -99.84 31.30 11.16
CA SER J 174 -100.97 31.85 10.43
C SER J 174 -102.04 32.25 11.43
N GLY J 175 -102.98 33.10 10.99
CA GLY J 175 -104.21 33.34 11.69
C GLY J 175 -104.14 34.22 12.91
N ALA J 176 -102.98 34.35 13.55
CA ALA J 176 -102.82 35.19 14.73
C ALA J 176 -102.34 36.59 14.39
N ASN J 177 -102.60 37.05 13.17
CA ASN J 177 -102.15 38.35 12.73
C ASN J 177 -103.27 39.32 12.41
N ASN J 178 -104.47 38.83 12.10
CA ASN J 178 -105.59 39.72 11.84
C ASN J 178 -106.00 40.47 13.10
N LYS J 179 -105.83 39.83 14.26
CA LYS J 179 -106.06 40.50 15.54
C LYS J 179 -105.05 41.61 15.74
N GLN J 180 -103.81 41.38 15.32
CA GLN J 180 -102.77 42.39 15.43
C GLN J 180 -103.01 43.55 14.47
N VAL J 181 -103.49 43.24 13.27
CA VAL J 181 -103.83 44.28 12.30
C VAL J 181 -105.03 45.08 12.80
N ILE J 182 -105.96 44.42 13.47
CA ILE J 182 -107.08 45.10 14.14
C ILE J 182 -106.56 46.05 15.20
N ASN J 183 -105.53 45.63 15.94
CA ASN J 183 -104.90 46.51 16.93
C ASN J 183 -104.24 47.72 16.27
N GLU J 184 -103.57 47.49 15.14
CA GLU J 184 -102.93 48.60 14.44
C GLU J 184 -103.95 49.58 13.90
N VAL J 185 -105.07 49.08 13.39
CA VAL J 185 -106.08 49.99 12.86
C VAL J 185 -106.83 50.65 14.00
N ALA J 186 -106.86 50.06 15.19
CA ALA J 186 -107.48 50.73 16.32
C ALA J 186 -106.60 51.88 16.82
N ARG J 187 -105.28 51.67 16.86
CA ARG J 187 -104.37 52.78 17.16
C ARG J 187 -104.43 53.84 16.08
N GLU J 188 -104.63 53.43 14.82
CA GLU J 188 -104.81 54.37 13.73
C GLU J 188 -106.09 55.18 13.89
N LYS J 189 -107.16 54.53 14.32
CA LYS J 189 -108.42 55.19 14.58
C LYS J 189 -108.29 56.19 15.72
N ALA J 190 -107.52 55.84 16.76
CA ALA J 190 -107.29 56.77 17.85
C ALA J 190 -106.49 57.98 17.41
N GLN J 191 -105.48 57.77 16.55
CA GLN J 191 -104.71 58.90 16.03
C GLN J 191 -105.58 59.78 15.13
N LEU J 192 -106.49 59.17 14.37
CA LEU J 192 -107.38 59.95 13.53
C LEU J 192 -108.37 60.75 14.36
N GLU J 193 -108.83 60.18 15.47
CA GLU J 193 -109.73 60.93 16.35
C GLU J 193 -109.00 62.06 17.05
N LYS J 194 -107.72 61.87 17.37
CA LYS J 194 -106.95 62.97 17.96
C LYS J 194 -106.73 64.08 16.94
N ILE J 195 -106.43 63.72 15.69
CA ILE J 195 -106.24 64.70 14.63
C ILE J 195 -107.54 65.46 14.36
N ASN J 196 -108.67 64.75 14.36
CA ASN J 196 -109.97 65.41 14.19
C ASN J 196 -110.31 66.28 15.37
N GLN J 197 -109.91 65.88 16.58
CA GLN J 197 -110.17 66.68 17.76
C GLN J 197 -109.32 67.93 17.77
N TYR J 198 -108.17 67.90 17.11
CA TYR J 198 -107.39 69.13 16.92
C TYR J 198 -108.08 69.97 15.86
N TYR J 199 -109.03 70.78 16.32
CA TYR J 199 -109.71 71.72 15.44
C TYR J 199 -110.03 72.97 16.23
N LYS J 200 -110.06 74.09 15.51
CA LYS J 200 -110.49 75.36 16.08
C LYS J 200 -111.68 75.94 15.34
N THR J 201 -112.13 75.30 14.27
CA THR J 201 -113.09 75.89 13.36
C THR J 201 -114.49 75.30 13.45
N LEU J 202 -114.62 74.01 13.74
CA LEU J 202 -115.90 73.32 13.76
C LEU J 202 -116.67 73.60 15.05
N LEU J 203 -117.63 72.72 15.36
CA LEU J 203 -118.56 72.93 16.46
C LEU J 203 -117.85 73.05 17.81
N GLN J 204 -118.17 74.13 18.51
CA GLN J 204 -117.71 74.43 19.86
C GLN J 204 -118.65 75.50 20.38
N ASP J 205 -119.33 75.23 21.49
CA ASP J 205 -120.48 76.03 21.91
C ASP J 205 -120.04 77.42 22.32
N LYS J 206 -120.59 78.42 21.66
CA LYS J 206 -120.17 79.81 21.77
C LYS J 206 -121.32 80.68 22.24
N GLU J 207 -121.08 81.99 22.25
CA GLU J 207 -122.11 82.94 22.67
C GLU J 207 -123.19 83.04 21.60
N GLN J 208 -124.26 83.76 21.96
CA GLN J 208 -125.46 83.78 21.13
C GLN J 208 -125.23 84.48 19.81
N GLU J 209 -124.35 85.49 19.78
CA GLU J 209 -124.02 86.17 18.55
C GLU J 209 -123.35 85.25 17.53
N TYR J 210 -122.52 84.33 18.01
CA TYR J 210 -121.98 83.31 17.12
C TYR J 210 -123.02 82.29 16.74
N THR J 211 -123.75 81.77 17.73
CA THR J 211 -124.56 80.58 17.51
C THR J 211 -125.81 80.85 16.69
N THR J 212 -126.40 82.04 16.81
CA THR J 212 -127.57 82.34 15.99
C THR J 212 -127.19 82.52 14.53
N ARG J 213 -126.04 83.16 14.29
CA ARG J 213 -125.50 83.24 12.94
C ARG J 213 -125.21 81.85 12.41
N LYS J 214 -124.68 80.96 13.26
CA LYS J 214 -124.38 79.59 12.87
C LYS J 214 -125.64 78.84 12.43
N ASN J 215 -126.67 78.88 13.28
CA ASN J 215 -127.91 78.17 13.01
C ASN J 215 -128.61 78.75 11.78
N ASN J 216 -128.50 80.07 11.57
CA ASN J 216 -129.03 80.67 10.37
C ASN J 216 -128.28 80.22 9.12
N GLN J 217 -126.95 80.05 9.22
CA GLN J 217 -126.22 79.60 8.03
C GLN J 217 -126.58 78.16 7.68
N ARG J 218 -126.72 77.32 8.71
CA ARG J 218 -127.19 75.95 8.51
C ARG J 218 -128.56 75.92 7.82
N GLU J 219 -129.50 76.74 8.30
CA GLU J 219 -130.87 76.66 7.79
C GLU J 219 -130.98 77.23 6.37
N ILE J 220 -130.44 78.43 6.16
CA ILE J 220 -130.48 79.06 4.84
C ILE J 220 -129.67 78.22 3.84
N LEU J 221 -128.65 77.52 4.32
CA LEU J 221 -127.84 76.71 3.45
C LEU J 221 -128.47 75.38 3.10
N GLU J 222 -129.23 74.79 4.02
CA GLU J 222 -129.96 73.59 3.64
C GLU J 222 -131.03 73.92 2.62
N THR J 223 -131.62 75.12 2.73
CA THR J 223 -132.52 75.57 1.67
C THR J 223 -131.76 75.85 0.37
N LEU J 224 -130.51 76.32 0.47
CA LEU J 224 -129.74 76.59 -0.75
C LEU J 224 -129.31 75.29 -1.43
N SER J 225 -128.93 74.29 -0.64
CA SER J 225 -128.59 73.00 -1.21
C SER J 225 -129.81 72.34 -1.85
N ASN J 226 -130.98 72.51 -1.25
CA ASN J 226 -132.18 72.02 -1.90
C ASN J 226 -132.53 72.83 -3.14
N ARG J 227 -132.17 74.11 -3.17
CA ARG J 227 -132.42 74.91 -4.38
C ARG J 227 -131.51 74.51 -5.52
N ALA J 228 -130.23 74.23 -5.23
CA ALA J 228 -129.32 73.75 -6.26
C ALA J 228 -129.71 72.35 -6.70
N GLY J 229 -130.20 71.52 -5.77
CA GLY J 229 -130.73 70.22 -6.13
C GLY J 229 -131.98 70.33 -6.97
N TYR J 230 -132.81 71.36 -6.75
CA TYR J 230 -133.99 71.56 -7.58
C TYR J 230 -133.61 72.03 -8.98
N GLN J 231 -132.60 72.90 -9.08
CA GLN J 231 -132.14 73.34 -10.39
C GLN J 231 -131.41 72.24 -11.15
N MET J 232 -130.79 71.29 -10.47
CA MET J 232 -130.07 70.21 -11.13
C MET J 232 -130.95 69.00 -11.42
N ARG J 233 -131.89 68.69 -10.52
CA ARG J 233 -132.67 67.46 -10.57
C ARG J 233 -133.63 67.46 -11.74
N GLN J 234 -134.21 68.60 -12.08
CA GLN J 234 -135.12 68.72 -13.20
C GLN J 234 -134.35 69.30 -14.38
N ASN J 235 -133.45 68.52 -14.94
CA ASN J 235 -132.86 68.90 -16.21
C ASN J 235 -133.80 68.45 -17.32
N VAL J 236 -133.63 69.07 -18.49
CA VAL J 236 -134.41 68.66 -19.66
C VAL J 236 -133.97 67.26 -20.11
N ILE J 237 -132.71 66.91 -19.85
CA ILE J 237 -132.21 65.60 -20.27
C ILE J 237 -132.62 64.48 -19.32
N SER J 238 -133.04 64.79 -18.10
CA SER J 238 -133.27 63.78 -17.09
C SER J 238 -134.66 63.93 -16.51
N SER J 239 -134.99 62.99 -15.61
CA SER J 239 -136.20 63.00 -14.77
C SER J 239 -137.47 63.04 -15.60
N GLU J 240 -137.58 62.10 -16.53
CA GLU J 240 -138.71 62.09 -17.45
C GLU J 240 -139.00 60.64 -17.84
N ILE J 241 -139.74 60.46 -18.92
CA ILE J 241 -140.18 59.13 -19.34
C ILE J 241 -139.14 58.51 -20.28
N PHE J 242 -138.28 57.68 -19.72
CA PHE J 242 -137.46 56.77 -20.50
C PHE J 242 -138.15 55.43 -20.71
N LYS J 243 -139.41 55.34 -20.33
CA LYS J 243 -140.13 54.07 -20.38
C LYS J 243 -140.37 53.65 -21.82
N ASN J 244 -140.72 54.59 -22.69
CA ASN J 244 -140.78 54.29 -24.11
C ASN J 244 -139.38 54.08 -24.69
N GLY J 245 -138.39 54.80 -24.17
CA GLY J 245 -137.03 54.72 -24.70
C GLY J 245 -136.39 53.38 -24.46
N ASN J 246 -136.70 52.72 -23.35
CA ASN J 246 -136.26 51.35 -23.16
C ASN J 246 -137.32 50.33 -23.56
N LEU J 247 -138.56 50.76 -23.77
CA LEU J 247 -139.57 49.85 -24.28
C LEU J 247 -139.30 49.47 -25.73
N ASN J 248 -138.80 50.43 -26.52
CA ASN J 248 -138.40 50.10 -27.88
C ASN J 248 -137.18 49.18 -27.90
N MET J 249 -136.26 49.37 -26.96
CA MET J 249 -135.12 48.45 -26.84
C MET J 249 -135.58 47.06 -26.43
N GLN J 250 -136.58 46.98 -25.56
CA GLN J 250 -137.15 45.71 -25.17
C GLN J 250 -137.85 45.04 -26.34
N ALA J 251 -138.53 45.83 -27.17
CA ALA J 251 -139.23 45.28 -28.34
C ALA J 251 -138.25 44.71 -29.35
N LYS J 252 -137.17 45.44 -29.65
CA LYS J 252 -136.19 44.91 -30.59
C LYS J 252 -135.39 43.77 -30.00
N GLU J 253 -135.26 43.72 -28.66
CA GLU J 253 -134.70 42.54 -28.02
C GLU J 253 -135.57 41.32 -28.21
N GLU J 254 -136.89 41.49 -28.02
CA GLU J 254 -137.81 40.36 -28.22
C GLU J 254 -137.82 39.93 -29.68
N GLU J 255 -137.66 40.87 -30.60
CA GLU J 255 -137.66 40.50 -32.01
C GLU J 255 -136.38 39.79 -32.42
N VAL J 256 -135.22 40.20 -31.88
CA VAL J 256 -134.01 39.46 -32.22
C VAL J 256 -133.98 38.11 -31.51
N ARG J 257 -134.63 37.99 -30.35
CA ARG J 257 -134.79 36.68 -29.74
C ARG J 257 -135.72 35.79 -30.55
N GLU J 258 -136.75 36.40 -31.14
CA GLU J 258 -137.67 35.71 -32.05
C GLU J 258 -136.93 35.16 -33.26
N LYS J 259 -136.13 35.99 -33.92
CA LYS J 259 -135.37 35.52 -35.07
C LYS J 259 -134.26 34.55 -34.65
N LEU J 260 -133.77 34.68 -33.42
CA LEU J 260 -132.77 33.76 -32.91
C LEU J 260 -133.35 32.37 -32.74
N GLN J 261 -134.57 32.29 -32.19
CA GLN J 261 -135.21 30.99 -32.08
C GLN J 261 -135.69 30.48 -33.43
N GLU J 262 -135.94 31.39 -34.37
CA GLU J 262 -136.22 31.00 -35.75
C GLU J 262 -135.06 30.23 -36.34
N GLU J 263 -133.88 30.85 -36.34
CA GLU J 263 -132.68 30.19 -36.81
C GLU J 263 -132.24 29.04 -35.91
N ARG J 264 -132.77 28.96 -34.69
CA ARG J 264 -132.42 27.85 -33.80
C ARG J 264 -133.25 26.61 -34.11
N GLU J 265 -134.56 26.66 -33.91
CA GLU J 265 -135.34 25.46 -34.14
C GLU J 265 -135.90 25.38 -35.55
N ASN J 266 -135.25 26.05 -36.51
CA ASN J 266 -135.21 25.49 -37.84
C ASN J 266 -134.43 24.18 -37.87
N GLU J 267 -133.45 24.03 -36.99
CA GLU J 267 -132.62 22.85 -36.96
C GLU J 267 -132.59 22.13 -35.62
N TYR J 268 -133.19 22.69 -34.58
CA TYR J 268 -133.31 21.96 -33.32
C TYR J 268 -134.34 20.86 -33.45
N LYS K 26 -41.80 -45.57 1.96
CA LYS K 26 -41.87 -46.26 0.67
C LYS K 26 -43.24 -46.09 0.03
N LYS K 27 -43.27 -46.08 -1.29
CA LYS K 27 -44.51 -45.98 -2.05
C LYS K 27 -44.65 -47.17 -2.98
N VAL K 28 -45.83 -47.76 -2.99
CA VAL K 28 -46.14 -48.93 -3.81
C VAL K 28 -46.41 -48.49 -5.25
N VAL K 29 -46.54 -49.46 -6.15
CA VAL K 29 -46.84 -49.17 -7.55
C VAL K 29 -48.15 -49.82 -7.98
N LYS K 30 -49.04 -50.12 -7.03
CA LYS K 30 -50.38 -50.72 -7.19
C LYS K 30 -50.38 -51.92 -8.13
N GLN K 31 -49.75 -53.00 -7.63
CA GLN K 31 -49.27 -54.13 -8.44
C GLN K 31 -50.27 -54.85 -9.33
N LYS K 32 -51.24 -55.57 -8.78
CA LYS K 32 -51.94 -56.55 -9.61
C LYS K 32 -53.42 -56.66 -9.30
N ASN K 33 -54.23 -56.67 -10.37
CA ASN K 33 -55.64 -57.03 -10.32
C ASN K 33 -55.88 -58.52 -10.59
N HIS K 34 -54.91 -59.20 -11.20
CA HIS K 34 -54.71 -60.65 -11.27
C HIS K 34 -55.69 -61.42 -12.15
N VAL K 35 -56.69 -60.79 -12.74
CA VAL K 35 -57.63 -61.49 -13.61
C VAL K 35 -57.45 -60.92 -15.03
N TYR K 36 -57.51 -61.78 -16.03
CA TYR K 36 -57.23 -61.38 -17.39
C TYR K 36 -58.45 -61.59 -18.28
N THR K 37 -58.41 -60.96 -19.45
CA THR K 37 -59.53 -60.93 -20.37
C THR K 37 -59.01 -60.57 -21.76
N PRO K 38 -59.73 -60.91 -22.81
CA PRO K 38 -59.52 -60.23 -24.09
C PRO K 38 -59.90 -58.77 -23.98
N VAL K 39 -59.22 -57.95 -24.78
CA VAL K 39 -59.43 -56.50 -24.69
C VAL K 39 -60.77 -56.11 -25.29
N TYR K 40 -60.93 -56.36 -26.59
CA TYR K 40 -62.18 -56.13 -27.34
C TYR K 40 -62.67 -54.69 -27.22
N ASN K 41 -61.87 -53.78 -27.78
CA ASN K 41 -62.36 -52.44 -28.09
C ASN K 41 -63.54 -52.63 -29.03
N GLU K 42 -64.74 -52.32 -28.56
CA GLU K 42 -65.97 -52.96 -29.02
C GLU K 42 -66.32 -52.59 -30.45
N LEU K 43 -66.71 -53.59 -31.24
CA LEU K 43 -67.01 -53.40 -32.65
C LEU K 43 -68.39 -52.80 -32.88
N ILE K 44 -69.44 -53.50 -32.46
CA ILE K 44 -70.80 -53.09 -32.76
C ILE K 44 -71.17 -51.91 -31.88
N GLU K 45 -71.64 -50.84 -32.51
CA GLU K 45 -71.86 -49.57 -31.84
C GLU K 45 -73.33 -49.39 -31.51
N LYS K 46 -73.57 -48.69 -30.41
CA LYS K 46 -74.91 -48.39 -29.95
C LYS K 46 -75.09 -46.89 -29.86
N TYR K 47 -76.33 -46.44 -30.03
CA TYR K 47 -76.59 -45.02 -29.97
C TYR K 47 -76.59 -44.58 -28.52
N SER K 48 -75.94 -43.47 -28.23
CA SER K 48 -75.61 -43.09 -26.87
C SER K 48 -76.51 -41.93 -26.42
N GLU K 49 -77.69 -42.24 -25.92
CA GLU K 49 -78.59 -41.20 -25.44
C GLU K 49 -78.05 -40.56 -24.18
N ILE K 50 -78.39 -39.29 -23.98
CA ILE K 50 -77.77 -38.54 -22.90
C ILE K 50 -78.68 -38.66 -21.68
N PRO K 51 -78.18 -39.24 -20.60
CA PRO K 51 -79.02 -39.50 -19.41
C PRO K 51 -79.00 -38.37 -18.40
N LEU K 52 -79.12 -37.14 -18.87
CA LEU K 52 -79.13 -36.02 -17.93
C LEU K 52 -80.56 -35.66 -17.58
N ASN K 53 -81.30 -36.64 -17.08
CA ASN K 53 -82.71 -36.48 -16.78
C ASN K 53 -82.87 -36.66 -15.28
N ASP K 54 -82.65 -35.57 -14.55
CA ASP K 54 -82.54 -35.66 -13.09
C ASP K 54 -83.89 -35.66 -12.39
N LYS K 55 -84.61 -34.55 -12.45
CA LYS K 55 -85.87 -34.48 -11.73
C LYS K 55 -86.99 -33.92 -12.59
N LEU K 56 -86.65 -33.06 -13.54
CA LEU K 56 -87.68 -32.45 -14.37
C LEU K 56 -88.15 -33.36 -15.48
N LYS K 57 -87.64 -34.58 -15.56
CA LYS K 57 -88.29 -35.60 -16.38
C LYS K 57 -89.60 -36.08 -15.76
N ASP K 58 -89.89 -35.69 -14.52
CA ASP K 58 -91.17 -35.95 -13.90
C ASP K 58 -92.02 -34.71 -13.68
N THR K 59 -91.42 -33.53 -13.61
CA THR K 59 -92.19 -32.32 -13.41
C THR K 59 -92.90 -31.96 -14.70
N PRO K 60 -94.21 -31.72 -14.66
CA PRO K 60 -94.96 -31.52 -15.91
C PRO K 60 -94.86 -30.10 -16.42
N PHE K 61 -94.80 -29.97 -17.74
CA PHE K 61 -94.79 -28.68 -18.40
C PHE K 61 -95.30 -28.85 -19.82
N MET K 62 -95.77 -27.76 -20.40
CA MET K 62 -96.17 -27.71 -21.81
C MET K 62 -95.66 -26.43 -22.43
N VAL K 63 -94.37 -26.16 -22.21
CA VAL K 63 -93.81 -24.84 -22.48
C VAL K 63 -93.66 -24.64 -23.98
N GLN K 64 -93.88 -23.41 -24.43
CA GLN K 64 -93.93 -23.07 -25.85
C GLN K 64 -92.76 -22.18 -26.21
N VAL K 65 -91.96 -22.62 -27.17
CA VAL K 65 -90.77 -21.89 -27.61
C VAL K 65 -90.94 -21.50 -29.06
N LYS K 66 -90.77 -20.21 -29.34
CA LYS K 66 -90.80 -19.75 -30.72
C LYS K 66 -89.45 -19.98 -31.36
N LEU K 67 -89.45 -20.09 -32.69
CA LEU K 67 -88.23 -20.35 -33.42
C LEU K 67 -88.21 -19.48 -34.67
N PRO K 68 -87.36 -18.46 -34.69
CA PRO K 68 -87.26 -17.61 -35.88
C PRO K 68 -86.51 -18.27 -37.03
N ASN K 69 -86.22 -17.47 -38.06
CA ASN K 69 -85.93 -17.99 -39.39
C ASN K 69 -84.61 -17.45 -39.93
N TYR K 70 -83.52 -17.62 -39.19
CA TYR K 70 -82.21 -17.14 -39.59
C TYR K 70 -81.69 -17.86 -40.83
N LYS K 71 -80.52 -17.42 -41.31
CA LYS K 71 -79.86 -18.05 -42.44
C LYS K 71 -79.04 -19.23 -41.93
N ASP K 72 -79.53 -20.44 -42.18
CA ASP K 72 -78.78 -21.70 -42.19
C ASP K 72 -78.26 -22.14 -40.82
N TYR K 73 -78.43 -21.34 -39.77
CA TYR K 73 -77.94 -21.72 -38.45
C TYR K 73 -79.04 -22.23 -37.54
N LEU K 74 -80.29 -21.81 -37.75
CA LEU K 74 -81.53 -22.40 -37.23
C LEU K 74 -81.71 -22.41 -35.71
N LEU K 75 -80.75 -21.89 -34.96
CA LEU K 75 -80.93 -21.67 -33.53
C LEU K 75 -80.04 -20.51 -33.11
N ASP K 76 -79.84 -20.37 -31.81
CA ASP K 76 -79.05 -19.28 -31.26
C ASP K 76 -78.16 -19.78 -30.14
N ASN K 77 -76.89 -19.38 -30.17
CA ASN K 77 -76.04 -19.63 -29.02
C ASN K 77 -76.43 -18.73 -27.86
N LYS K 78 -77.18 -17.65 -28.14
CA LYS K 78 -77.94 -16.99 -27.11
C LYS K 78 -78.96 -17.94 -26.48
N GLN K 79 -79.72 -18.66 -27.31
CA GLN K 79 -80.78 -19.52 -26.82
C GLN K 79 -80.64 -20.90 -27.45
N VAL K 80 -79.77 -21.72 -26.89
CA VAL K 80 -79.61 -23.11 -27.29
C VAL K 80 -79.76 -24.08 -26.12
N VAL K 81 -79.19 -23.75 -24.96
CA VAL K 81 -79.27 -24.67 -23.83
C VAL K 81 -80.66 -24.67 -23.22
N LEU K 82 -81.30 -23.50 -23.21
CA LEU K 82 -82.65 -23.39 -22.68
C LEU K 82 -83.65 -24.11 -23.56
N THR K 83 -83.43 -24.12 -24.86
CA THR K 83 -84.34 -24.81 -25.75
C THR K 83 -83.90 -26.22 -26.04
N PHE K 84 -82.77 -26.66 -25.51
CA PHE K 84 -82.48 -28.08 -25.57
C PHE K 84 -82.79 -28.82 -24.29
N LYS K 85 -82.82 -28.13 -23.15
CA LYS K 85 -83.21 -28.77 -21.90
C LYS K 85 -84.63 -29.31 -21.98
N LEU K 86 -85.52 -28.54 -22.61
CA LEU K 86 -86.91 -28.95 -22.72
C LEU K 86 -87.07 -30.13 -23.67
N VAL K 87 -86.33 -30.15 -24.76
CA VAL K 87 -86.48 -31.27 -25.69
C VAL K 87 -85.77 -32.52 -25.17
N HIS K 88 -84.74 -32.35 -24.36
CA HIS K 88 -84.12 -33.53 -23.75
C HIS K 88 -85.03 -34.12 -22.69
N HIS K 89 -85.62 -33.28 -21.84
CA HIS K 89 -86.38 -33.77 -20.72
C HIS K 89 -87.86 -33.89 -21.00
N SER K 90 -88.31 -33.62 -22.21
CA SER K 90 -89.73 -33.67 -22.45
C SER K 90 -90.15 -35.07 -22.85
N LYS K 91 -91.45 -35.26 -23.05
CA LYS K 91 -91.97 -36.54 -23.46
C LYS K 91 -92.80 -36.49 -24.72
N LYS K 92 -93.46 -35.37 -25.03
CA LYS K 92 -94.19 -35.21 -26.28
C LYS K 92 -94.01 -33.78 -26.74
N ILE K 93 -93.38 -33.57 -27.89
CA ILE K 93 -93.27 -32.21 -28.40
C ILE K 93 -94.00 -32.13 -29.72
N THR K 94 -94.46 -30.92 -30.04
CA THR K 94 -95.17 -30.68 -31.28
C THR K 94 -94.59 -29.46 -31.97
N LEU K 95 -94.80 -29.42 -33.28
CA LEU K 95 -94.17 -28.46 -34.17
C LEU K 95 -95.19 -27.87 -35.12
N ILE K 96 -95.28 -26.55 -35.15
CA ILE K 96 -96.23 -25.82 -35.97
C ILE K 96 -95.44 -24.89 -36.87
N GLY K 97 -95.64 -25.01 -38.17
CA GLY K 97 -95.00 -24.06 -39.06
C GLY K 97 -94.93 -24.58 -40.48
N ASP K 98 -93.86 -24.19 -41.15
CA ASP K 98 -93.64 -24.61 -42.53
C ASP K 98 -93.29 -26.09 -42.57
N ALA K 99 -93.52 -26.69 -43.73
CA ALA K 99 -93.44 -28.15 -43.85
C ALA K 99 -92.02 -28.66 -43.72
N ASN K 100 -91.14 -28.24 -44.62
CA ASN K 100 -89.75 -28.71 -44.55
C ASN K 100 -89.03 -28.13 -43.35
N LYS K 101 -89.49 -26.99 -42.83
CA LYS K 101 -88.86 -26.43 -41.64
C LYS K 101 -89.14 -27.29 -40.42
N ILE K 102 -90.39 -27.73 -40.24
CA ILE K 102 -90.64 -28.60 -39.09
C ILE K 102 -90.04 -29.98 -39.34
N LEU K 103 -89.88 -30.38 -40.61
CA LEU K 103 -89.20 -31.64 -40.89
C LEU K 103 -87.75 -31.59 -40.48
N GLN K 104 -87.04 -30.55 -40.89
CA GLN K 104 -85.64 -30.46 -40.52
C GLN K 104 -85.46 -30.13 -39.05
N TYR K 105 -86.46 -29.55 -38.39
CA TYR K 105 -86.31 -29.36 -36.95
C TYR K 105 -86.51 -30.67 -36.20
N LYS K 106 -87.43 -31.52 -36.67
CA LYS K 106 -87.53 -32.86 -36.10
C LYS K 106 -86.25 -33.64 -36.34
N ASN K 107 -85.68 -33.53 -37.53
CA ASN K 107 -84.44 -34.21 -37.86
C ASN K 107 -83.30 -33.70 -36.99
N TYR K 108 -83.24 -32.38 -36.77
CA TYR K 108 -82.16 -31.80 -36.01
C TYR K 108 -82.26 -32.17 -34.54
N PHE K 109 -83.46 -32.15 -33.98
CA PHE K 109 -83.61 -32.49 -32.57
C PHE K 109 -83.35 -33.97 -32.33
N GLN K 110 -83.89 -34.84 -33.18
CA GLN K 110 -83.67 -36.27 -33.01
C GLN K 110 -82.23 -36.64 -33.29
N ALA K 111 -81.55 -35.92 -34.16
CA ALA K 111 -80.17 -36.25 -34.48
C ALA K 111 -79.20 -35.59 -33.55
N ASN K 112 -79.60 -34.56 -32.82
CA ASN K 112 -78.70 -33.89 -31.91
C ASN K 112 -78.87 -34.36 -30.49
N GLY K 113 -80.08 -34.24 -29.94
CA GLY K 113 -80.19 -34.50 -28.53
C GLY K 113 -81.43 -35.19 -28.02
N ALA K 114 -82.37 -35.52 -28.89
CA ALA K 114 -83.60 -36.11 -28.42
C ALA K 114 -83.41 -37.59 -28.15
N ARG K 115 -84.51 -38.27 -27.88
CA ARG K 115 -84.51 -39.70 -27.68
C ARG K 115 -85.60 -40.31 -28.55
N SER K 116 -85.73 -41.62 -28.47
CA SER K 116 -86.50 -42.38 -29.46
C SER K 116 -87.93 -42.64 -29.01
N ASP K 117 -88.47 -41.83 -28.12
CA ASP K 117 -89.84 -42.04 -27.67
C ASP K 117 -90.57 -40.73 -27.45
N ILE K 118 -90.20 -39.69 -28.20
CA ILE K 118 -90.80 -38.39 -27.98
C ILE K 118 -92.15 -38.28 -28.69
N ASP K 119 -92.32 -39.01 -29.80
CA ASP K 119 -93.53 -38.98 -30.64
C ASP K 119 -93.83 -37.55 -31.09
N PHE K 120 -92.92 -37.06 -31.93
CA PHE K 120 -92.99 -35.72 -32.52
C PHE K 120 -94.32 -35.52 -33.24
N TYR K 121 -95.09 -34.57 -32.78
CA TYR K 121 -96.39 -34.27 -33.36
C TYR K 121 -96.22 -33.08 -34.30
N LEU K 122 -96.40 -33.31 -35.59
CA LEU K 122 -96.24 -32.25 -36.57
C LEU K 122 -97.58 -31.82 -37.12
N GLN K 123 -97.86 -30.51 -37.07
CA GLN K 123 -99.06 -29.97 -37.72
C GLN K 123 -98.58 -28.79 -38.55
N PRO K 124 -98.47 -28.95 -39.86
CA PRO K 124 -97.90 -27.89 -40.69
C PRO K 124 -98.91 -26.81 -41.03
N THR K 125 -98.38 -25.62 -41.33
CA THR K 125 -99.20 -24.50 -41.75
C THR K 125 -98.65 -23.89 -43.03
N LEU K 126 -99.23 -22.78 -43.46
CA LEU K 126 -98.79 -22.07 -44.66
C LEU K 126 -98.27 -20.69 -44.34
N ASN K 127 -99.09 -19.84 -43.74
CA ASN K 127 -98.73 -18.46 -43.48
C ASN K 127 -98.20 -18.39 -42.05
N GLN K 128 -96.93 -18.73 -41.88
CA GLN K 128 -96.33 -18.76 -40.54
C GLN K 128 -94.86 -18.38 -40.70
N LYS K 129 -94.56 -17.11 -40.49
CA LYS K 129 -93.16 -16.66 -40.51
C LYS K 129 -92.52 -17.11 -39.21
N GLY K 130 -91.66 -18.11 -39.30
CA GLY K 130 -91.16 -18.76 -38.11
C GLY K 130 -91.85 -20.09 -37.88
N VAL K 131 -91.45 -20.74 -36.79
CA VAL K 131 -91.98 -22.06 -36.46
C VAL K 131 -91.96 -22.22 -34.94
N VAL K 132 -93.09 -22.63 -34.39
CA VAL K 132 -93.27 -22.64 -32.94
C VAL K 132 -93.37 -24.08 -32.47
N MET K 133 -92.72 -24.37 -31.35
CA MET K 133 -92.70 -25.71 -30.79
C MET K 133 -93.29 -25.68 -29.39
N ILE K 134 -93.96 -26.78 -29.03
CA ILE K 134 -94.55 -26.93 -27.71
C ILE K 134 -94.05 -28.23 -27.12
N ALA K 135 -93.29 -28.14 -26.04
CA ALA K 135 -92.72 -29.30 -25.38
C ALA K 135 -93.51 -29.61 -24.13
N SER K 136 -94.00 -30.84 -24.03
CA SER K 136 -94.81 -31.27 -22.90
C SER K 136 -94.20 -32.51 -22.28
N ASN K 137 -94.41 -32.64 -20.98
CA ASN K 137 -93.82 -33.73 -20.20
C ASN K 137 -94.91 -34.31 -19.30
N TYR K 138 -95.56 -35.36 -19.80
CA TYR K 138 -96.38 -36.18 -18.92
C TYR K 138 -95.48 -36.90 -17.93
N ASN K 139 -96.01 -37.17 -16.75
CA ASN K 139 -95.17 -37.74 -15.69
C ASN K 139 -94.87 -39.21 -15.95
N ASP K 140 -95.90 -40.05 -15.96
CA ASP K 140 -95.87 -41.47 -16.33
C ASP K 140 -94.90 -42.29 -15.48
N ASN K 141 -94.57 -41.83 -14.28
CA ASN K 141 -93.75 -42.59 -13.36
C ASN K 141 -94.62 -43.15 -12.25
N PRO K 142 -94.44 -44.41 -11.87
CA PRO K 142 -95.46 -45.11 -11.08
C PRO K 142 -95.37 -44.98 -9.56
N ASN K 143 -94.57 -44.07 -9.00
CA ASN K 143 -94.44 -44.10 -7.55
C ASN K 143 -95.59 -43.38 -6.84
N SER K 144 -95.61 -42.04 -6.87
CA SER K 144 -96.79 -41.33 -6.39
C SER K 144 -97.33 -40.36 -7.43
N LYS K 145 -96.56 -39.30 -7.67
CA LYS K 145 -96.59 -38.46 -8.87
C LYS K 145 -97.97 -37.81 -9.09
N GLU K 146 -98.32 -36.91 -8.17
CA GLU K 146 -99.57 -36.17 -8.24
C GLU K 146 -99.33 -34.69 -8.53
N LYS K 147 -100.34 -34.04 -9.10
CA LYS K 147 -100.23 -32.64 -9.50
C LYS K 147 -100.60 -31.72 -8.35
N PRO K 148 -99.77 -30.72 -8.03
CA PRO K 148 -100.10 -29.84 -6.91
C PRO K 148 -101.16 -28.80 -7.23
N GLN K 149 -102.38 -29.07 -6.74
CA GLN K 149 -103.58 -28.23 -6.71
C GLN K 149 -103.93 -27.45 -7.98
N THR K 150 -103.46 -27.93 -9.15
CA THR K 150 -103.56 -27.24 -10.46
C THR K 150 -103.16 -25.75 -10.40
N PHE K 151 -102.25 -25.43 -9.47
CA PHE K 151 -101.60 -24.12 -9.26
C PHE K 151 -102.52 -22.91 -9.41
N ASP K 152 -103.58 -22.86 -8.60
CA ASP K 152 -104.26 -21.58 -8.42
C ASP K 152 -103.39 -20.74 -7.49
N VAL K 153 -102.45 -20.03 -8.09
CA VAL K 153 -101.44 -19.29 -7.36
C VAL K 153 -101.14 -18.00 -8.09
N LEU K 154 -101.15 -16.89 -7.35
CA LEU K 154 -100.82 -15.59 -7.91
C LEU K 154 -99.33 -15.33 -7.91
N GLN K 155 -98.56 -16.04 -7.08
CA GLN K 155 -97.12 -15.87 -7.11
C GLN K 155 -96.52 -16.54 -8.33
N GLY K 156 -96.79 -17.81 -8.53
CA GLY K 156 -96.18 -18.58 -9.61
C GLY K 156 -97.05 -18.57 -10.85
N SER K 157 -96.42 -18.82 -11.99
CA SER K 157 -97.14 -19.06 -13.22
C SER K 157 -97.46 -20.55 -13.32
N GLN K 158 -98.62 -20.84 -13.89
CA GLN K 158 -99.05 -22.23 -13.99
C GLN K 158 -98.21 -22.97 -15.03
N PRO K 159 -97.82 -24.21 -14.77
CA PRO K 159 -96.85 -24.90 -15.63
C PRO K 159 -97.49 -25.64 -16.79
N MET K 160 -98.42 -24.99 -17.48
CA MET K 160 -98.83 -25.47 -18.79
C MET K 160 -98.43 -24.47 -19.87
N LEU K 161 -98.91 -23.25 -19.82
CA LEU K 161 -98.39 -22.20 -20.67
C LEU K 161 -98.01 -21.05 -19.75
N GLY K 162 -96.71 -20.75 -19.71
CA GLY K 162 -96.17 -19.94 -18.62
C GLY K 162 -96.67 -18.51 -18.63
N ALA K 163 -96.70 -17.89 -19.81
CA ALA K 163 -97.01 -16.47 -20.01
C ALA K 163 -96.17 -15.61 -19.09
N ASN K 164 -94.86 -15.64 -19.34
CA ASN K 164 -93.88 -15.08 -18.43
C ASN K 164 -93.94 -13.56 -18.47
N THR K 165 -94.37 -12.97 -17.38
CA THR K 165 -94.36 -11.52 -17.20
C THR K 165 -93.36 -11.23 -16.09
N LYS K 166 -92.15 -10.83 -16.46
CA LYS K 166 -91.11 -10.52 -15.51
C LYS K 166 -90.05 -9.62 -16.14
N ASN K 167 -89.67 -8.56 -15.44
CA ASN K 167 -88.30 -8.09 -15.47
C ASN K 167 -87.70 -8.16 -14.09
N LEU K 168 -88.42 -7.67 -13.09
CA LEU K 168 -88.13 -7.93 -11.69
C LEU K 168 -89.29 -8.62 -11.00
N HIS K 169 -90.51 -8.07 -11.08
CA HIS K 169 -91.58 -8.47 -10.19
C HIS K 169 -92.92 -8.76 -10.84
N GLY K 170 -93.06 -8.67 -12.16
CA GLY K 170 -94.33 -9.08 -12.76
C GLY K 170 -95.19 -8.00 -13.38
N TYR K 171 -95.38 -8.06 -14.70
CA TYR K 171 -96.05 -6.99 -15.45
C TYR K 171 -97.54 -6.93 -15.17
N ASP K 172 -98.28 -7.93 -15.68
CA ASP K 172 -99.63 -8.30 -15.23
C ASP K 172 -100.64 -7.15 -15.27
N VAL K 173 -100.65 -6.38 -16.36
CA VAL K 173 -101.45 -5.16 -16.42
C VAL K 173 -102.31 -5.13 -17.69
N SER K 174 -103.61 -5.35 -17.51
CA SER K 174 -104.61 -5.25 -18.56
C SER K 174 -105.98 -5.24 -17.90
N GLY K 175 -106.98 -4.78 -18.66
CA GLY K 175 -108.38 -4.98 -18.32
C GLY K 175 -108.94 -4.09 -17.23
N ALA K 176 -108.10 -3.56 -16.34
CA ALA K 176 -108.56 -2.70 -15.26
C ALA K 176 -108.50 -1.23 -15.62
N ASN K 177 -108.55 -0.91 -16.91
CA ASN K 177 -108.47 0.47 -17.36
C ASN K 177 -109.71 0.97 -18.06
N ASN K 178 -110.54 0.09 -18.60
CA ASN K 178 -111.78 0.52 -19.22
C ASN K 178 -112.74 1.11 -18.20
N LYS K 179 -112.70 0.59 -16.97
CA LYS K 179 -113.47 1.14 -15.88
C LYS K 179 -112.99 2.55 -15.55
N GLN K 180 -111.68 2.76 -15.62
CA GLN K 180 -111.11 4.07 -15.36
C GLN K 180 -111.45 5.06 -16.48
N VAL K 181 -111.44 4.58 -17.72
CA VAL K 181 -111.84 5.42 -18.85
C VAL K 181 -113.32 5.76 -18.76
N ILE K 182 -114.14 4.82 -18.26
CA ILE K 182 -115.55 5.08 -17.99
C ILE K 182 -115.69 6.17 -16.93
N ASN K 183 -114.82 6.15 -15.92
CA ASN K 183 -114.81 7.21 -14.91
C ASN K 183 -114.44 8.56 -15.52
N GLU K 184 -113.45 8.57 -16.41
CA GLU K 184 -113.04 9.83 -17.04
C GLU K 184 -114.14 10.37 -17.93
N VAL K 185 -114.85 9.49 -18.65
CA VAL K 185 -115.92 9.99 -19.50
C VAL K 185 -117.14 10.36 -18.67
N ALA K 186 -117.28 9.81 -17.46
CA ALA K 186 -118.38 10.25 -16.60
C ALA K 186 -118.09 11.64 -16.04
N ARG K 187 -116.85 11.91 -15.65
CA ARG K 187 -116.49 13.26 -15.25
C ARG K 187 -116.59 14.23 -16.42
N GLU K 188 -116.29 13.74 -17.64
CA GLU K 188 -116.47 14.55 -18.84
C GLU K 188 -117.94 14.86 -19.10
N LYS K 189 -118.81 13.87 -18.87
CA LYS K 189 -120.24 14.06 -19.00
C LYS K 189 -120.77 15.06 -17.98
N ALA K 190 -120.23 15.03 -16.76
CA ALA K 190 -120.64 15.99 -15.75
C ALA K 190 -120.19 17.40 -16.11
N GLN K 191 -118.98 17.55 -16.67
CA GLN K 191 -118.52 18.86 -17.10
C GLN K 191 -119.35 19.36 -18.27
N LEU K 192 -119.76 18.47 -19.17
CA LEU K 192 -120.59 18.88 -20.29
C LEU K 192 -121.98 19.29 -19.82
N GLU K 193 -122.52 18.61 -18.80
CA GLU K 193 -123.81 19.01 -18.27
C GLU K 193 -123.71 20.33 -17.54
N LYS K 194 -122.59 20.62 -16.89
CA LYS K 194 -122.41 21.92 -16.25
C LYS K 194 -122.31 23.02 -17.30
N ILE K 195 -121.58 22.76 -18.39
CA ILE K 195 -121.45 23.74 -19.47
C ILE K 195 -122.80 23.99 -20.14
N ASN K 196 -123.58 22.93 -20.34
CA ASN K 196 -124.92 23.09 -20.91
C ASN K 196 -125.85 23.80 -19.95
N GLN K 197 -125.68 23.59 -18.64
CA GLN K 197 -126.51 24.27 -17.67
C GLN K 197 -126.16 25.74 -17.57
N TYR K 198 -124.93 26.10 -17.92
CA TYR K 198 -124.58 27.51 -18.05
C TYR K 198 -125.20 28.05 -19.33
N TYR K 199 -126.45 28.48 -19.22
CA TYR K 199 -127.14 29.10 -20.33
C TYR K 199 -128.06 30.18 -19.80
N LYS K 200 -128.26 31.20 -20.61
CA LYS K 200 -129.22 32.25 -20.31
C LYS K 200 -130.30 32.37 -21.39
N THR K 201 -130.20 31.60 -22.46
CA THR K 201 -131.02 31.80 -23.64
C THR K 201 -132.10 30.75 -23.83
N LEU K 202 -131.86 29.50 -23.45
CA LEU K 202 -132.80 28.40 -23.67
C LEU K 202 -133.94 28.42 -22.65
N LEU K 203 -134.60 27.28 -22.50
CA LEU K 203 -135.80 27.16 -21.69
C LEU K 203 -135.58 27.54 -20.23
N GLN K 204 -136.41 28.46 -19.75
CA GLN K 204 -136.47 28.92 -18.37
C GLN K 204 -137.82 29.59 -18.23
N ASP K 205 -138.64 29.12 -17.29
CA ASP K 205 -140.06 29.48 -17.27
C ASP K 205 -140.23 30.95 -16.91
N LYS K 206 -140.88 31.67 -17.80
CA LYS K 206 -140.99 33.12 -17.75
C LYS K 206 -142.45 33.54 -17.69
N GLU K 207 -142.68 34.85 -17.75
CA GLU K 207 -144.03 35.38 -17.71
C GLU K 207 -144.76 35.09 -19.01
N GLN K 208 -146.06 35.39 -19.02
CA GLN K 208 -146.92 34.98 -20.11
C GLN K 208 -146.59 35.68 -21.41
N GLU K 209 -146.12 36.94 -21.33
CA GLU K 209 -145.71 37.67 -22.52
C GLU K 209 -144.53 37.02 -23.21
N TYR K 210 -143.60 36.46 -22.44
CA TYR K 210 -142.52 35.70 -23.06
C TYR K 210 -143.03 34.36 -23.57
N THR K 211 -143.79 33.63 -22.74
CA THR K 211 -144.05 32.24 -23.03
C THR K 211 -145.06 32.03 -24.15
N THR K 212 -146.02 32.94 -24.32
CA THR K 212 -146.95 32.80 -25.43
C THR K 212 -146.26 33.08 -26.75
N ARG K 213 -145.38 34.08 -26.78
CA ARG K 213 -144.55 34.31 -27.95
C ARG K 213 -143.67 33.11 -28.23
N LYS K 214 -143.14 32.47 -27.18
CA LYS K 214 -142.31 31.28 -27.34
C LYS K 214 -143.08 30.14 -27.99
N ASN K 215 -144.24 29.82 -27.43
CA ASN K 215 -145.06 28.73 -27.92
C ASN K 215 -145.54 29.00 -29.34
N ASN K 216 -145.82 30.28 -29.65
CA ASN K 216 -146.18 30.63 -31.01
C ASN K 216 -145.01 30.45 -31.97
N GLN K 217 -143.78 30.76 -31.54
CA GLN K 217 -142.66 30.57 -32.45
C GLN K 217 -142.40 29.10 -32.71
N ARG K 218 -142.54 28.27 -31.67
CA ARG K 218 -142.44 26.82 -31.82
C ARG K 218 -143.48 26.31 -32.82
N GLU K 219 -144.73 26.75 -32.70
CA GLU K 219 -145.80 26.19 -33.51
C GLU K 219 -145.71 26.66 -34.97
N ILE K 220 -145.56 27.96 -35.18
CA ILE K 220 -145.44 28.51 -36.53
C ILE K 220 -144.16 28.01 -37.19
N LEU K 221 -143.15 27.70 -36.40
CA LEU K 221 -141.90 27.23 -36.94
C LEU K 221 -141.94 25.75 -37.29
N GLU K 222 -142.67 24.94 -36.53
CA GLU K 222 -142.83 23.55 -36.94
C GLU K 222 -143.63 23.48 -38.23
N THR K 223 -144.59 24.39 -38.40
CA THR K 223 -145.27 24.49 -39.69
C THR K 223 -144.32 24.99 -40.79
N LEU K 224 -143.38 25.88 -40.43
CA LEU K 224 -142.43 26.38 -41.44
C LEU K 224 -141.43 25.30 -41.84
N SER K 225 -140.97 24.50 -40.88
CA SER K 225 -140.08 23.40 -41.20
C SER K 225 -140.78 22.36 -42.04
N ASN K 226 -142.07 22.11 -41.77
CA ASN K 226 -142.81 21.21 -42.66
C ASN K 226 -143.04 21.84 -44.01
N ARG K 227 -143.14 23.16 -44.11
CA ARG K 227 -143.31 23.79 -45.41
C ARG K 227 -142.04 23.71 -46.24
N ALA K 228 -140.88 23.93 -45.60
CA ALA K 228 -139.62 23.77 -46.32
C ALA K 228 -139.38 22.31 -46.69
N GLY K 229 -139.80 21.39 -45.82
CA GLY K 229 -139.75 19.98 -46.16
C GLY K 229 -140.69 19.61 -47.30
N TYR K 230 -141.82 20.30 -47.39
CA TYR K 230 -142.73 20.06 -48.51
C TYR K 230 -142.17 20.61 -49.81
N GLN K 231 -141.51 21.78 -49.76
CA GLN K 231 -140.89 22.32 -50.95
C GLN K 231 -139.66 21.54 -51.39
N MET K 232 -138.97 20.88 -50.46
CA MET K 232 -137.78 20.11 -50.80
C MET K 232 -138.09 18.66 -51.17
N ARG K 233 -139.09 18.06 -50.49
CA ARG K 233 -139.37 16.63 -50.60
C ARG K 233 -139.92 16.27 -51.98
N GLN K 234 -140.73 17.14 -52.57
CA GLN K 234 -141.28 16.91 -53.89
C GLN K 234 -140.47 17.71 -54.90
N ASN K 235 -139.23 17.27 -55.11
CA ASN K 235 -138.49 17.80 -56.24
C ASN K 235 -138.88 17.05 -57.49
N VAL K 236 -138.60 17.67 -58.65
CA VAL K 236 -138.85 16.99 -59.92
C VAL K 236 -137.88 15.83 -60.09
N ILE K 237 -136.69 15.93 -59.49
CA ILE K 237 -135.69 14.89 -59.62
C ILE K 237 -135.94 13.72 -58.68
N SER K 238 -136.77 13.88 -57.65
CA SER K 238 -136.91 12.86 -56.62
C SER K 238 -138.38 12.52 -56.42
N SER K 239 -138.60 11.54 -55.54
CA SER K 239 -139.92 11.15 -55.03
C SER K 239 -140.86 10.72 -56.16
N GLU K 240 -140.40 9.78 -56.98
CA GLU K 240 -141.16 9.37 -58.15
C GLU K 240 -140.84 7.90 -58.42
N ILE K 241 -141.15 7.44 -59.63
CA ILE K 241 -140.99 6.05 -60.01
C ILE K 241 -139.60 5.82 -60.57
N PHE K 242 -138.68 5.35 -59.73
CA PHE K 242 -137.43 4.77 -60.16
C PHE K 242 -137.55 3.28 -60.39
N LYS K 243 -138.77 2.75 -60.34
CA LYS K 243 -138.97 1.31 -60.42
C LYS K 243 -138.66 0.81 -61.82
N ASN K 244 -139.06 1.56 -62.85
CA ASN K 244 -138.61 1.22 -64.19
C ASN K 244 -137.13 1.51 -64.39
N GLY K 245 -136.62 2.54 -63.71
CA GLY K 245 -135.22 2.93 -63.88
C GLY K 245 -134.24 1.91 -63.34
N ASN K 246 -134.62 1.21 -62.27
CA ASN K 246 -133.82 0.07 -61.83
C ASN K 246 -134.32 -1.25 -62.37
N LEU K 247 -135.53 -1.30 -62.92
CA LEU K 247 -136.01 -2.51 -63.57
C LEU K 247 -135.24 -2.79 -64.86
N ASN K 248 -134.89 -1.73 -65.60
CA ASN K 248 -134.04 -1.93 -66.78
C ASN K 248 -132.64 -2.36 -66.39
N MET K 249 -132.12 -1.84 -65.27
CA MET K 249 -130.82 -2.30 -64.76
C MET K 249 -130.89 -3.76 -64.35
N GLN K 250 -131.99 -4.16 -63.74
CA GLN K 250 -132.20 -5.56 -63.36
C GLN K 250 -132.30 -6.45 -64.59
N ALA K 251 -132.93 -5.96 -65.65
CA ALA K 251 -133.06 -6.74 -66.87
C ALA K 251 -131.72 -6.95 -67.56
N LYS K 252 -130.91 -5.89 -67.64
CA LYS K 252 -129.59 -6.05 -68.25
C LYS K 252 -128.65 -6.84 -67.35
N GLU K 253 -128.88 -6.81 -66.04
CA GLU K 253 -128.15 -7.70 -65.14
C GLU K 253 -128.49 -9.17 -65.41
N GLU K 254 -129.78 -9.47 -65.57
CA GLU K 254 -130.18 -10.83 -65.88
C GLU K 254 -129.65 -11.28 -67.22
N GLU K 255 -129.57 -10.36 -68.19
CA GLU K 255 -129.06 -10.72 -69.50
C GLU K 255 -127.55 -10.95 -69.48
N VAL K 256 -126.79 -10.15 -68.73
CA VAL K 256 -125.36 -10.43 -68.67
C VAL K 256 -125.08 -11.66 -67.83
N ARG K 257 -125.94 -11.99 -66.87
CA ARG K 257 -125.81 -13.26 -66.16
C ARG K 257 -126.14 -14.43 -67.09
N GLU K 258 -127.12 -14.24 -67.98
CA GLU K 258 -127.46 -15.21 -69.01
C GLU K 258 -126.28 -15.50 -69.92
N LYS K 259 -125.66 -14.45 -70.45
CA LYS K 259 -124.50 -14.65 -71.32
C LYS K 259 -123.30 -15.15 -70.54
N LEU K 260 -123.23 -14.83 -69.24
CA LEU K 260 -122.15 -15.33 -68.40
C LEU K 260 -122.27 -16.84 -68.22
N GLN K 261 -123.48 -17.33 -67.99
CA GLN K 261 -123.66 -18.77 -67.90
C GLN K 261 -123.56 -19.45 -69.26
N GLU K 262 -123.83 -18.69 -70.33
CA GLU K 262 -123.59 -19.19 -71.68
C GLU K 262 -122.11 -19.51 -71.88
N GLU K 263 -121.26 -18.52 -71.65
CA GLU K 263 -119.83 -18.72 -71.74
C GLU K 263 -119.30 -19.62 -70.63
N ARG K 264 -120.08 -19.88 -69.58
CA ARG K 264 -119.64 -20.77 -68.51
C ARG K 264 -119.88 -22.22 -68.88
N GLU K 265 -121.14 -22.63 -69.02
CA GLU K 265 -121.38 -24.04 -69.30
C GLU K 265 -121.47 -24.34 -70.79
N ASN K 266 -120.85 -23.49 -71.62
CA ASN K 266 -120.26 -24.02 -72.84
C ASN K 266 -119.12 -24.98 -72.52
N GLU K 267 -118.42 -24.76 -71.41
CA GLU K 267 -117.28 -25.58 -71.04
C GLU K 267 -117.39 -26.22 -69.67
N TYR K 268 -118.39 -25.89 -68.88
CA TYR K 268 -118.60 -26.59 -67.62
C TYR K 268 -119.13 -27.98 -67.88
N LYS L 26 -23.16 -57.16 -3.48
CA LYS L 26 -22.65 -57.85 -4.66
C LYS L 26 -23.77 -58.18 -5.64
N LYS L 27 -23.43 -58.21 -6.92
CA LYS L 27 -24.38 -58.56 -7.96
C LYS L 27 -23.85 -59.75 -8.76
N VAL L 28 -24.73 -60.72 -9.00
CA VAL L 28 -24.39 -61.92 -9.74
C VAL L 28 -24.39 -61.64 -11.23
N VAL L 29 -23.93 -62.61 -12.03
CA VAL L 29 -23.93 -62.46 -13.48
C VAL L 29 -24.77 -63.55 -14.15
N LYS L 30 -25.74 -64.11 -13.43
CA LYS L 30 -26.71 -65.15 -13.85
C LYS L 30 -26.04 -66.29 -14.62
N GLN L 31 -25.26 -67.08 -13.87
CA GLN L 31 -24.23 -67.98 -14.39
C GLN L 31 -24.65 -69.02 -15.42
N LYS L 32 -25.44 -70.02 -15.05
CA LYS L 32 -25.51 -71.20 -15.91
C LYS L 32 -26.90 -71.81 -15.98
N ASN L 33 -27.34 -72.13 -17.21
CA ASN L 33 -28.51 -72.96 -17.47
C ASN L 33 -28.15 -74.44 -17.62
N HIS L 34 -26.89 -74.75 -17.90
CA HIS L 34 -26.20 -76.04 -17.75
C HIS L 34 -26.59 -77.13 -18.74
N VAL L 35 -27.54 -76.90 -19.64
CA VAL L 35 -27.92 -77.89 -20.64
C VAL L 35 -27.57 -77.33 -22.02
N TYR L 36 -27.05 -78.18 -22.90
CA TYR L 36 -26.57 -77.71 -24.19
C TYR L 36 -27.36 -78.36 -25.32
N THR L 37 -27.21 -77.76 -26.51
CA THR L 37 -27.98 -78.15 -27.67
C THR L 37 -27.24 -77.66 -28.91
N PRO L 38 -27.50 -78.25 -30.08
CA PRO L 38 -27.19 -77.56 -31.32
C PRO L 38 -28.04 -76.33 -31.48
N VAL L 39 -27.49 -75.33 -32.17
CA VAL L 39 -28.17 -74.05 -32.29
C VAL L 39 -29.35 -74.16 -33.25
N TYR L 40 -29.07 -74.48 -34.52
CA TYR L 40 -30.05 -74.72 -35.57
C TYR L 40 -31.01 -73.53 -35.74
N ASN L 41 -30.44 -72.40 -36.18
CA ASN L 41 -31.24 -71.33 -36.74
C ASN L 41 -31.98 -71.94 -37.93
N GLU L 42 -33.30 -72.05 -37.81
CA GLU L 42 -34.07 -73.09 -38.49
C GLU L 42 -34.13 -72.89 -40.00
N LEU L 43 -33.93 -73.99 -40.74
CA LEU L 43 -33.87 -73.92 -42.19
C LEU L 43 -35.26 -73.87 -42.83
N ILE L 44 -36.09 -74.88 -42.60
CA ILE L 44 -37.38 -74.98 -43.28
C ILE L 44 -38.34 -73.98 -42.66
N GLU L 45 -38.94 -73.14 -43.50
CA GLU L 45 -39.74 -72.02 -43.05
C GLU L 45 -41.23 -72.37 -43.12
N LYS L 46 -41.98 -71.78 -42.20
CA LYS L 46 -43.41 -71.96 -42.12
C LYS L 46 -44.10 -70.62 -42.26
N TYR L 47 -45.32 -70.63 -42.78
CA TYR L 47 -46.04 -69.38 -42.94
C TYR L 47 -46.58 -68.95 -41.59
N SER L 48 -46.44 -67.68 -41.29
CA SER L 48 -46.65 -67.18 -39.93
C SER L 48 -47.96 -66.39 -39.86
N GLU L 49 -49.06 -67.10 -39.64
CA GLU L 49 -50.35 -66.43 -39.52
C GLU L 49 -50.42 -65.62 -38.24
N ILE L 50 -51.20 -64.55 -38.27
CA ILE L 50 -51.18 -63.60 -37.17
C ILE L 50 -52.30 -64.01 -36.20
N PRO L 51 -51.96 -64.36 -34.97
CA PRO L 51 -52.95 -64.87 -34.01
C PRO L 51 -53.59 -63.79 -33.16
N LEU L 52 -53.97 -62.69 -33.77
CA LEU L 52 -54.61 -61.63 -33.00
C LEU L 52 -56.12 -61.78 -33.07
N ASN L 53 -56.59 -62.95 -32.66
CA ASN L 53 -58.01 -63.29 -32.73
C ASN L 53 -58.50 -63.49 -31.31
N ASP L 54 -58.86 -62.39 -30.67
CA ASP L 54 -59.12 -62.40 -29.24
C ASP L 54 -60.54 -62.86 -28.90
N LYS L 55 -61.55 -62.07 -29.26
CA LYS L 55 -62.91 -62.43 -28.89
C LYS L 55 -63.87 -62.32 -30.07
N LEU L 56 -63.58 -61.40 -30.99
CA LEU L 56 -64.48 -61.20 -32.11
C LEU L 56 -64.31 -62.25 -33.20
N LYS L 57 -63.41 -63.23 -33.00
CA LYS L 57 -63.45 -64.42 -33.84
C LYS L 57 -64.62 -65.31 -33.52
N ASP L 58 -65.37 -65.03 -32.45
CA ASP L 58 -66.60 -65.71 -32.15
C ASP L 58 -67.85 -64.83 -32.27
N THR L 59 -67.70 -63.52 -32.19
CA THR L 59 -68.86 -62.65 -32.33
C THR L 59 -69.28 -62.59 -33.79
N PRO L 60 -70.54 -62.82 -34.10
CA PRO L 60 -70.94 -62.92 -35.50
C PRO L 60 -71.20 -61.57 -36.13
N PHE L 61 -70.81 -61.44 -37.41
CA PHE L 61 -71.06 -60.24 -38.19
C PHE L 61 -71.06 -60.62 -39.66
N MET L 62 -71.70 -59.76 -40.46
CA MET L 62 -71.70 -59.88 -41.91
C MET L 62 -71.49 -58.51 -42.53
N VAL L 63 -70.48 -57.81 -42.02
CA VAL L 63 -70.34 -56.38 -42.29
C VAL L 63 -69.85 -56.16 -43.72
N GLN L 64 -70.34 -55.09 -44.35
CA GLN L 64 -70.12 -54.83 -45.76
C GLN L 64 -69.26 -53.59 -45.91
N VAL L 65 -68.13 -53.72 -46.59
CA VAL L 65 -67.17 -52.65 -46.79
C VAL L 65 -67.06 -52.37 -48.28
N LYS L 66 -67.26 -51.11 -48.66
CA LYS L 66 -67.06 -50.70 -50.04
C LYS L 66 -65.58 -50.46 -50.29
N LEU L 67 -65.19 -50.58 -51.55
CA LEU L 67 -63.79 -50.42 -51.93
C LEU L 67 -63.73 -49.62 -53.22
N PRO L 68 -63.29 -48.37 -53.14
CA PRO L 68 -63.16 -47.55 -54.36
C PRO L 68 -61.95 -47.92 -55.19
N ASN L 69 -61.68 -47.11 -56.21
CA ASN L 69 -60.88 -47.51 -57.36
C ASN L 69 -59.72 -46.55 -57.61
N TYR L 70 -58.88 -46.32 -56.59
CA TYR L 70 -57.74 -45.41 -56.72
C TYR L 70 -56.69 -45.93 -57.70
N LYS L 71 -55.66 -45.12 -57.91
CA LYS L 71 -54.54 -45.50 -58.77
C LYS L 71 -53.54 -46.30 -57.95
N ASP L 72 -53.52 -47.61 -58.17
CA ASP L 72 -52.43 -48.53 -57.85
C ASP L 72 -52.18 -48.75 -56.36
N TYR L 73 -52.89 -48.03 -55.47
CA TYR L 73 -52.68 -48.19 -54.04
C TYR L 73 -53.75 -49.04 -53.38
N LEU L 74 -54.96 -49.08 -53.94
CA LEU L 74 -56.03 -50.06 -53.69
C LEU L 74 -56.60 -50.10 -52.27
N LEU L 75 -56.13 -49.27 -51.36
CA LEU L 75 -56.75 -49.10 -50.05
C LEU L 75 -56.44 -47.69 -49.57
N ASP L 76 -56.65 -47.47 -48.28
CA ASP L 76 -56.46 -46.17 -47.68
C ASP L 76 -55.79 -46.30 -46.32
N ASN L 77 -54.77 -45.48 -46.08
CA ASN L 77 -54.23 -45.40 -44.73
C ASN L 77 -55.20 -44.68 -43.81
N LYS L 78 -56.16 -43.93 -44.39
CA LYS L 78 -57.36 -43.56 -43.65
C LYS L 78 -58.13 -44.79 -43.21
N GLN L 79 -58.34 -45.74 -44.11
CA GLN L 79 -59.15 -46.93 -43.81
C GLN L 79 -58.39 -48.17 -44.22
N VAL L 80 -57.49 -48.62 -43.37
CA VAL L 80 -56.78 -49.88 -43.56
C VAL L 80 -56.91 -50.81 -42.37
N VAL L 81 -56.82 -50.29 -41.15
CA VAL L 81 -56.89 -51.15 -39.98
C VAL L 81 -58.31 -51.63 -39.74
N LEU L 82 -59.29 -50.76 -40.03
CA LEU L 82 -60.69 -51.12 -39.86
C LEU L 82 -61.11 -52.16 -40.87
N THR L 83 -60.56 -52.12 -42.07
CA THR L 83 -60.90 -53.10 -43.07
C THR L 83 -59.95 -54.27 -43.09
N PHE L 84 -58.93 -54.28 -42.25
CA PHE L 84 -58.19 -55.51 -42.07
C PHE L 84 -58.57 -56.28 -40.84
N LYS L 85 -59.13 -55.62 -39.83
CA LYS L 85 -59.61 -56.34 -38.65
C LYS L 85 -60.70 -57.33 -39.02
N LEU L 86 -61.58 -56.94 -39.93
CA LEU L 86 -62.67 -57.82 -40.35
C LEU L 86 -62.17 -59.00 -41.16
N VAL L 87 -61.20 -58.78 -42.04
CA VAL L 87 -60.70 -59.90 -42.83
C VAL L 87 -59.79 -60.80 -42.01
N HIS L 88 -59.14 -60.27 -40.99
CA HIS L 88 -58.36 -61.15 -40.13
C HIS L 88 -59.28 -62.00 -39.27
N HIS L 89 -60.31 -61.40 -38.70
CA HIS L 89 -61.14 -62.11 -37.74
C HIS L 89 -62.37 -62.75 -38.37
N SER L 90 -62.53 -62.67 -39.69
CA SER L 90 -63.74 -63.22 -40.27
C SER L 90 -63.53 -64.69 -40.59
N LYS L 91 -64.59 -65.32 -41.07
CA LYS L 91 -64.52 -66.71 -41.47
C LYS L 91 -64.94 -66.98 -42.90
N LYS L 92 -65.82 -66.16 -43.49
CA LYS L 92 -66.20 -66.30 -44.89
C LYS L 92 -66.38 -64.90 -45.44
N ILE L 93 -65.57 -64.50 -46.41
CA ILE L 93 -65.78 -63.21 -47.03
C ILE L 93 -66.11 -63.41 -48.50
N THR L 94 -66.84 -62.44 -49.05
CA THR L 94 -67.23 -62.48 -50.45
C THR L 94 -66.91 -61.14 -51.09
N LEU L 95 -66.76 -61.20 -52.42
CA LEU L 95 -66.27 -60.09 -53.21
C LEU L 95 -67.12 -59.93 -54.46
N ILE L 96 -67.63 -58.72 -54.65
CA ILE L 96 -68.51 -58.39 -55.76
C ILE L 96 -67.86 -57.26 -56.53
N GLY L 97 -67.65 -57.47 -57.82
CA GLY L 97 -67.14 -56.36 -58.62
C GLY L 97 -66.52 -56.85 -59.92
N ASP L 98 -65.50 -56.12 -60.35
CA ASP L 98 -64.78 -56.46 -61.56
C ASP L 98 -63.96 -57.73 -61.35
N ALA L 99 -63.66 -58.40 -62.45
CA ALA L 99 -63.08 -59.74 -62.40
C ALA L 99 -61.65 -59.72 -61.85
N ASN L 100 -60.74 -59.03 -62.55
CA ASN L 100 -59.37 -58.97 -62.08
C ASN L 100 -59.22 -58.16 -60.81
N LYS L 101 -60.16 -57.24 -60.54
CA LYS L 101 -60.11 -56.48 -59.31
C LYS L 101 -60.41 -57.36 -58.11
N ILE L 102 -61.45 -58.21 -58.19
CA ILE L 102 -61.68 -59.09 -57.06
C ILE L 102 -60.61 -60.18 -56.99
N LEU L 103 -60.00 -60.52 -58.13
CA LEU L 103 -58.89 -61.46 -58.09
C LEU L 103 -57.71 -60.90 -57.34
N GLN L 104 -57.30 -59.69 -57.67
CA GLN L 104 -56.17 -59.11 -56.97
C GLN L 104 -56.52 -58.70 -55.55
N TYR L 105 -57.79 -58.50 -55.23
CA TYR L 105 -58.11 -58.25 -53.83
C TYR L 105 -58.06 -59.54 -53.01
N LYS L 106 -58.48 -60.65 -53.60
CA LYS L 106 -58.28 -61.94 -52.93
C LYS L 106 -56.80 -62.23 -52.75
N ASN L 107 -56.01 -61.95 -53.79
CA ASN L 107 -54.57 -62.15 -53.69
C ASN L 107 -53.95 -61.26 -52.63
N TYR L 108 -54.39 -60.01 -52.56
CA TYR L 108 -53.82 -59.06 -51.62
C TYR L 108 -54.18 -59.42 -50.19
N PHE L 109 -55.42 -59.82 -49.96
CA PHE L 109 -55.83 -60.15 -48.60
C PHE L 109 -55.17 -61.44 -48.14
N GLN L 110 -55.14 -62.47 -48.99
CA GLN L 110 -54.51 -63.72 -48.61
C GLN L 110 -53.00 -63.57 -48.47
N ALA L 111 -52.39 -62.68 -49.23
CA ALA L 111 -50.96 -62.50 -49.16
C ALA L 111 -50.55 -61.54 -48.09
N ASN L 112 -51.46 -60.69 -47.60
CA ASN L 112 -51.10 -59.74 -46.58
C ASN L 112 -51.50 -60.22 -45.20
N GLY L 113 -52.77 -60.51 -44.99
CA GLY L 113 -53.18 -60.77 -43.63
C GLY L 113 -54.21 -61.84 -43.37
N ALA L 114 -54.70 -62.49 -44.41
CA ALA L 114 -55.75 -63.46 -44.19
C ALA L 114 -55.16 -64.79 -43.73
N ARG L 115 -56.01 -65.80 -43.66
CA ARG L 115 -55.58 -67.14 -43.32
C ARG L 115 -56.13 -68.10 -44.35
N SER L 116 -55.83 -69.38 -44.16
CA SER L 116 -56.01 -70.37 -45.22
C SER L 116 -57.33 -71.11 -45.12
N ASP L 117 -58.33 -70.52 -44.49
CA ASP L 117 -59.62 -71.19 -44.37
C ASP L 117 -60.78 -70.22 -44.49
N ILE L 118 -60.58 -69.13 -45.24
CA ILE L 118 -61.63 -68.11 -45.32
C ILE L 118 -62.67 -68.50 -46.35
N ASP L 119 -62.29 -69.26 -47.38
CA ASP L 119 -63.16 -69.67 -48.50
C ASP L 119 -63.78 -68.44 -49.16
N PHE L 120 -62.89 -67.68 -49.80
CA PHE L 120 -63.24 -66.47 -50.53
C PHE L 120 -64.30 -66.75 -51.58
N TYR L 121 -65.46 -66.13 -51.43
CA TYR L 121 -66.56 -66.31 -52.36
C TYR L 121 -66.55 -65.15 -53.34
N LEU L 122 -66.29 -65.45 -54.61
CA LEU L 122 -66.22 -64.41 -55.63
C LEU L 122 -67.43 -64.49 -56.53
N GLN L 123 -68.12 -63.37 -56.71
CA GLN L 123 -69.21 -63.29 -57.69
C GLN L 123 -68.94 -62.03 -58.50
N PRO L 124 -68.44 -62.17 -59.72
CA PRO L 124 -68.04 -60.99 -60.49
C PRO L 124 -69.22 -60.34 -61.19
N THR L 125 -69.05 -59.05 -61.47
CA THR L 125 -70.05 -58.29 -62.21
C THR L 125 -69.41 -57.55 -63.37
N LEU L 126 -70.19 -56.71 -64.06
CA LEU L 126 -69.69 -55.93 -65.17
C LEU L 126 -69.77 -54.44 -64.90
N ASN L 127 -70.95 -53.93 -64.63
CA ASN L 127 -71.16 -52.49 -64.44
C ASN L 127 -71.10 -52.22 -62.93
N GLN L 128 -69.89 -52.09 -62.41
CA GLN L 128 -69.69 -51.89 -60.98
C GLN L 128 -68.45 -51.02 -60.80
N LYS L 129 -68.65 -49.73 -60.67
CA LYS L 129 -67.55 -48.81 -60.39
C LYS L 129 -67.17 -48.98 -58.92
N GLY L 130 -66.04 -49.62 -58.68
CA GLY L 130 -65.68 -50.04 -57.34
C GLY L 130 -65.94 -51.51 -57.14
N VAL L 131 -65.66 -51.98 -55.93
CA VAL L 131 -65.78 -53.38 -55.59
C VAL L 131 -66.13 -53.50 -54.12
N VAL L 132 -67.17 -54.26 -53.81
CA VAL L 132 -67.72 -54.31 -52.47
C VAL L 132 -67.47 -55.69 -51.88
N MET L 133 -67.09 -55.71 -50.60
CA MET L 133 -66.77 -56.95 -49.91
C MET L 133 -67.70 -57.12 -48.73
N ILE L 134 -68.03 -58.37 -48.42
CA ILE L 134 -68.88 -58.68 -47.27
C ILE L 134 -68.16 -59.72 -46.44
N ALA L 135 -67.80 -59.35 -45.22
CA ALA L 135 -67.07 -60.23 -44.32
C ALA L 135 -68.03 -60.77 -43.27
N SER L 136 -68.09 -62.09 -43.16
CA SER L 136 -68.99 -62.76 -42.23
C SER L 136 -68.19 -63.70 -41.34
N ASN L 137 -68.70 -63.87 -40.13
CA ASN L 137 -68.02 -64.67 -39.11
C ASN L 137 -69.04 -65.58 -38.46
N TYR L 138 -69.15 -66.80 -38.97
CA TYR L 138 -69.86 -67.83 -38.24
C TYR L 138 -69.08 -68.18 -36.99
N ASN L 139 -69.79 -68.60 -35.94
CA ASN L 139 -69.13 -68.81 -34.66
C ASN L 139 -68.30 -70.09 -34.68
N ASP L 140 -68.96 -71.24 -34.85
CA ASP L 140 -68.35 -72.55 -35.04
C ASP L 140 -67.43 -72.98 -33.89
N ASN L 141 -67.61 -72.41 -32.71
CA ASN L 141 -66.88 -72.81 -31.52
C ASN L 141 -67.78 -73.63 -30.62
N PRO L 142 -67.30 -74.74 -30.06
CA PRO L 142 -68.21 -75.74 -29.48
C PRO L 142 -68.59 -75.55 -28.02
N ASN L 143 -68.32 -74.41 -27.37
CA ASN L 143 -68.59 -74.36 -25.93
C ASN L 143 -70.06 -74.09 -25.63
N SER L 144 -70.51 -72.84 -25.80
CA SER L 144 -71.94 -72.58 -25.72
C SER L 144 -72.46 -71.88 -26.96
N LYS L 145 -72.05 -70.62 -27.12
CA LYS L 145 -72.04 -69.86 -28.38
C LYS L 145 -73.44 -69.74 -29.01
N GLU L 146 -74.30 -69.00 -28.31
CA GLU L 146 -75.66 -68.75 -28.77
C GLU L 146 -75.85 -67.29 -29.15
N LYS L 147 -76.82 -67.04 -30.03
CA LYS L 147 -77.09 -65.70 -30.55
C LYS L 147 -78.03 -64.95 -29.63
N PRO L 148 -77.71 -63.71 -29.23
CA PRO L 148 -78.60 -62.98 -28.33
C PRO L 148 -79.81 -62.38 -29.01
N GLN L 149 -80.96 -63.05 -28.82
CA GLN L 149 -82.34 -62.69 -29.19
C GLN L 149 -82.55 -62.10 -30.58
N THR L 150 -81.65 -62.41 -31.54
CA THR L 150 -81.62 -61.81 -32.90
C THR L 150 -81.77 -60.29 -32.91
N PHE L 151 -81.31 -59.65 -31.82
CA PHE L 151 -81.21 -58.19 -31.60
C PHE L 151 -82.41 -57.38 -32.11
N ASP L 152 -83.60 -57.69 -31.59
CA ASP L 152 -84.69 -56.73 -31.74
C ASP L 152 -84.44 -55.62 -30.72
N VAL L 153 -83.66 -54.63 -31.15
CA VAL L 153 -83.19 -53.57 -30.27
C VAL L 153 -83.16 -52.28 -31.05
N LEU L 154 -83.73 -51.22 -30.47
CA LEU L 154 -83.72 -49.91 -31.06
C LEU L 154 -82.45 -49.14 -30.73
N GLN L 155 -81.76 -49.52 -29.65
CA GLN L 155 -80.50 -48.87 -29.34
C GLN L 155 -79.39 -49.29 -30.28
N GLY L 156 -79.17 -50.59 -30.42
CA GLY L 156 -78.06 -51.11 -31.21
C GLY L 156 -78.51 -51.43 -32.62
N SER L 157 -77.55 -51.45 -33.53
CA SER L 157 -77.80 -51.96 -34.86
C SER L 157 -77.56 -53.46 -34.88
N GLN L 158 -78.35 -54.17 -35.68
CA GLN L 158 -78.25 -55.61 -35.73
C GLN L 158 -76.96 -56.02 -36.44
N PRO L 159 -76.27 -57.05 -35.96
CA PRO L 159 -74.94 -57.36 -36.46
C PRO L 159 -74.95 -58.31 -37.64
N MET L 160 -75.81 -58.03 -38.62
CA MET L 160 -75.66 -58.65 -39.93
C MET L 160 -75.34 -57.61 -40.98
N LEU L 161 -76.20 -56.62 -41.19
CA LEU L 161 -75.84 -55.47 -41.99
C LEU L 161 -76.12 -54.25 -41.14
N GLY L 162 -75.07 -53.51 -40.81
CA GLY L 162 -75.15 -52.54 -39.72
C GLY L 162 -76.06 -51.38 -40.01
N ALA L 163 -75.98 -50.84 -41.22
CA ALA L 163 -76.68 -49.62 -41.65
C ALA L 163 -76.45 -48.49 -40.65
N ASN L 164 -75.20 -48.07 -40.57
CA ASN L 164 -74.74 -47.19 -39.50
C ASN L 164 -75.29 -45.79 -39.73
N THR L 165 -76.17 -45.36 -38.84
CA THR L 165 -76.69 -44.00 -38.84
C THR L 165 -76.19 -43.36 -37.56
N LYS L 166 -75.13 -42.57 -37.66
CA LYS L 166 -74.55 -41.88 -36.51
C LYS L 166 -73.72 -40.69 -36.96
N ASN L 167 -73.93 -39.56 -36.31
CA ASN L 167 -72.83 -38.64 -36.05
C ASN L 167 -72.64 -38.46 -34.55
N LEU L 168 -73.72 -38.23 -33.83
CA LEU L 168 -73.76 -38.36 -32.39
C LEU L 168 -74.77 -39.40 -31.94
N HIS L 169 -76.03 -39.30 -32.38
CA HIS L 169 -77.11 -40.04 -31.74
C HIS L 169 -78.06 -40.79 -32.68
N GLY L 170 -77.85 -40.80 -33.99
CA GLY L 170 -78.69 -41.62 -34.83
C GLY L 170 -79.65 -40.92 -35.77
N TYR L 171 -79.45 -41.07 -37.08
CA TYR L 171 -80.19 -40.31 -38.08
C TYR L 171 -81.64 -40.78 -38.20
N ASP L 172 -81.84 -41.98 -38.76
CA ASP L 172 -83.06 -42.79 -38.62
C ASP L 172 -84.34 -42.06 -39.04
N VAL L 173 -84.31 -41.38 -40.18
CA VAL L 173 -85.42 -40.51 -40.58
C VAL L 173 -85.86 -40.79 -42.01
N SER L 174 -87.00 -41.47 -42.14
CA SER L 174 -87.67 -41.74 -43.41
C SER L 174 -89.08 -42.20 -43.12
N GLY L 175 -89.94 -42.13 -44.15
CA GLY L 175 -91.22 -42.80 -44.15
C GLY L 175 -92.32 -42.15 -43.34
N ALA L 176 -91.98 -41.34 -42.33
CA ALA L 176 -92.97 -40.67 -41.50
C ALA L 176 -93.31 -39.28 -42.00
N ASN L 177 -93.11 -39.02 -43.29
CA ASN L 177 -93.37 -37.71 -43.86
C ASN L 177 -94.47 -37.68 -44.90
N ASN L 178 -94.78 -38.82 -45.52
CA ASN L 178 -95.87 -38.85 -46.48
C ASN L 178 -97.21 -38.62 -45.81
N LYS L 179 -97.33 -39.07 -44.56
CA LYS L 179 -98.52 -38.79 -43.75
C LYS L 179 -98.64 -37.31 -43.48
N GLN L 180 -97.50 -36.66 -43.24
CA GLN L 180 -97.50 -35.22 -43.00
C GLN L 180 -97.82 -34.44 -44.27
N VAL L 181 -97.32 -34.91 -45.41
CA VAL L 181 -97.65 -34.28 -46.68
C VAL L 181 -99.13 -34.48 -47.01
N ILE L 182 -99.69 -35.63 -46.63
CA ILE L 182 -101.12 -35.88 -46.74
C ILE L 182 -101.89 -34.88 -45.88
N ASN L 183 -101.38 -34.58 -44.69
CA ASN L 183 -102.00 -33.57 -43.84
C ASN L 183 -101.95 -32.19 -44.47
N GLU L 184 -100.82 -31.84 -45.09
CA GLU L 184 -100.69 -30.54 -45.74
C GLU L 184 -101.63 -30.43 -46.92
N VAL L 185 -101.77 -31.50 -47.70
CA VAL L 185 -102.67 -31.44 -48.83
C VAL L 185 -104.13 -31.50 -48.39
N ALA L 186 -104.40 -32.04 -47.19
CA ALA L 186 -105.77 -32.00 -46.69
C ALA L 186 -106.14 -30.59 -46.24
N ARG L 187 -105.20 -29.89 -45.58
CA ARG L 187 -105.43 -28.48 -45.26
C ARG L 187 -105.53 -27.65 -46.53
N GLU L 188 -104.76 -28.01 -47.56
CA GLU L 188 -104.87 -27.35 -48.85
C GLU L 188 -106.23 -27.57 -49.49
N LYS L 189 -106.75 -28.79 -49.39
CA LYS L 189 -108.07 -29.12 -49.90
C LYS L 189 -109.15 -28.35 -49.16
N ALA L 190 -108.98 -28.17 -47.85
CA ALA L 190 -109.95 -27.40 -47.08
C ALA L 190 -109.92 -25.93 -47.47
N GLN L 191 -108.72 -25.38 -47.71
CA GLN L 191 -108.62 -24.00 -48.17
C GLN L 191 -109.22 -23.83 -49.57
N LEU L 192 -109.05 -24.83 -50.43
CA LEU L 192 -109.63 -24.76 -51.76
C LEU L 192 -111.15 -24.86 -51.71
N GLU L 193 -111.68 -25.66 -50.78
CA GLU L 193 -113.12 -25.73 -50.63
C GLU L 193 -113.69 -24.43 -50.06
N LYS L 194 -112.94 -23.77 -49.17
CA LYS L 194 -113.38 -22.48 -48.67
C LYS L 194 -113.38 -21.42 -49.78
N ILE L 195 -112.34 -21.43 -50.61
CA ILE L 195 -112.24 -20.49 -51.73
C ILE L 195 -113.36 -20.75 -52.73
N ASN L 196 -113.66 -22.01 -53.02
CA ASN L 196 -114.76 -22.35 -53.90
C ASN L 196 -116.11 -21.97 -53.29
N GLN L 197 -116.23 -22.10 -51.97
CA GLN L 197 -117.47 -21.74 -51.32
C GLN L 197 -117.67 -20.23 -51.30
N TYR L 198 -116.60 -19.47 -51.37
CA TYR L 198 -116.71 -18.03 -51.56
C TYR L 198 -117.10 -17.77 -53.01
N TYR L 199 -118.40 -17.79 -53.26
CA TYR L 199 -118.92 -17.47 -54.58
C TYR L 199 -120.26 -16.78 -54.41
N LYS L 200 -120.56 -15.90 -55.36
CA LYS L 200 -121.85 -15.25 -55.43
C LYS L 200 -122.56 -15.54 -56.74
N THR L 201 -121.93 -16.24 -57.67
CA THR L 201 -122.41 -16.37 -59.02
C THR L 201 -122.99 -17.73 -59.36
N LEU L 202 -122.47 -18.82 -58.79
CA LEU L 202 -122.89 -20.17 -59.13
C LEU L 202 -124.19 -20.53 -58.43
N LEU L 203 -124.46 -21.84 -58.32
CA LEU L 203 -125.73 -22.35 -57.83
C LEU L 203 -126.05 -21.89 -56.41
N GLN L 204 -127.24 -21.31 -56.27
CA GLN L 204 -127.82 -20.87 -55.00
C GLN L 204 -129.31 -20.71 -55.27
N ASP L 205 -130.15 -21.43 -54.52
CA ASP L 205 -131.54 -21.58 -54.90
C ASP L 205 -132.29 -20.27 -54.76
N LYS L 206 -132.89 -19.83 -55.86
CA LYS L 206 -133.47 -18.50 -56.00
C LYS L 206 -134.95 -18.63 -56.35
N GLU L 207 -135.57 -17.48 -56.62
CA GLU L 207 -136.97 -17.46 -56.97
C GLU L 207 -137.18 -18.01 -58.38
N GLN L 208 -138.46 -18.18 -58.75
CA GLN L 208 -138.80 -18.90 -59.97
C GLN L 208 -138.38 -18.13 -61.21
N GLU L 209 -138.40 -16.80 -61.15
CA GLU L 209 -137.95 -15.98 -62.27
C GLU L 209 -136.47 -16.18 -62.57
N TYR L 210 -135.65 -16.38 -61.54
CA TYR L 210 -134.26 -16.73 -61.78
C TYR L 210 -134.13 -18.17 -62.25
N THR L 211 -134.80 -19.10 -61.56
CA THR L 211 -134.50 -20.51 -61.74
C THR L 211 -135.03 -21.06 -63.05
N THR L 212 -136.16 -20.55 -63.56
CA THR L 212 -136.64 -21.03 -64.84
C THR L 212 -135.76 -20.55 -65.98
N ARG L 213 -135.29 -19.30 -65.88
CA ARG L 213 -134.30 -18.82 -66.83
C ARG L 213 -133.02 -19.65 -66.75
N LYS L 214 -132.62 -20.04 -65.54
CA LYS L 214 -131.43 -20.86 -65.35
C LYS L 214 -131.56 -22.21 -66.04
N ASN L 215 -132.66 -22.91 -65.75
CA ASN L 215 -132.91 -24.23 -66.31
C ASN L 215 -133.05 -24.17 -67.82
N ASN L 216 -133.63 -23.08 -68.34
CA ASN L 216 -133.71 -22.90 -69.78
C ASN L 216 -132.33 -22.67 -70.38
N GLN L 217 -131.43 -21.94 -69.70
CA GLN L 217 -130.11 -21.74 -70.28
C GLN L 217 -129.32 -23.03 -70.29
N ARG L 218 -129.45 -23.84 -69.23
CA ARG L 218 -128.84 -25.16 -69.21
C ARG L 218 -129.34 -26.03 -70.36
N GLU L 219 -130.65 -26.05 -70.60
CA GLU L 219 -131.21 -26.97 -71.59
C GLU L 219 -130.88 -26.53 -73.02
N ILE L 220 -131.13 -25.25 -73.32
CA ILE L 220 -130.83 -24.72 -74.66
C ILE L 220 -129.34 -24.76 -74.92
N LEU L 221 -128.54 -24.67 -73.87
CA LEU L 221 -127.09 -24.70 -74.03
C LEU L 221 -126.55 -26.10 -74.20
N GLU L 222 -127.15 -27.10 -73.56
CA GLU L 222 -126.72 -28.46 -73.85
C GLU L 222 -127.05 -28.82 -75.28
N THR L 223 -128.18 -28.31 -75.79
CA THR L 223 -128.47 -28.49 -77.21
C THR L 223 -127.49 -27.70 -78.08
N LEU L 224 -127.03 -26.53 -77.61
CA LEU L 224 -126.06 -25.76 -78.39
C LEU L 224 -124.69 -26.42 -78.41
N SER L 225 -124.27 -26.99 -77.28
CA SER L 225 -123.02 -27.71 -77.24
C SER L 225 -123.08 -28.95 -78.11
N ASN L 226 -124.23 -29.63 -78.15
CA ASN L 226 -124.36 -30.74 -79.07
C ASN L 226 -124.41 -30.27 -80.52
N ARG L 227 -124.91 -29.07 -80.78
CA ARG L 227 -124.91 -28.56 -82.15
C ARG L 227 -123.51 -28.19 -82.61
N ALA L 228 -122.71 -27.59 -81.73
CA ALA L 228 -121.33 -27.31 -82.09
C ALA L 228 -120.53 -28.59 -82.22
N GLY L 229 -120.83 -29.59 -81.39
CA GLY L 229 -120.23 -30.90 -81.55
C GLY L 229 -120.65 -31.58 -82.83
N TYR L 230 -121.87 -31.35 -83.29
CA TYR L 230 -122.31 -31.91 -84.56
C TYR L 230 -121.63 -31.21 -85.74
N GLN L 231 -121.44 -29.89 -85.65
CA GLN L 231 -120.74 -29.19 -86.71
C GLN L 231 -119.24 -29.50 -86.73
N MET L 232 -118.66 -29.86 -85.59
CA MET L 232 -117.23 -30.17 -85.55
C MET L 232 -116.93 -31.64 -85.80
N ARG L 233 -117.81 -32.54 -85.34
CA ARG L 233 -117.56 -33.98 -85.36
C ARG L 233 -117.56 -34.53 -86.78
N GLN L 234 -118.42 -34.01 -87.64
CA GLN L 234 -118.48 -34.45 -89.02
C GLN L 234 -117.74 -33.43 -89.87
N ASN L 235 -116.42 -33.41 -89.73
CA ASN L 235 -115.62 -32.67 -90.68
C ASN L 235 -115.38 -33.54 -91.91
N VAL L 236 -115.02 -32.88 -93.02
CA VAL L 236 -114.67 -33.63 -94.23
C VAL L 236 -113.36 -34.37 -94.02
N ILE L 237 -112.49 -33.85 -93.16
CA ILE L 237 -111.21 -34.48 -92.91
C ILE L 237 -111.30 -35.65 -91.95
N SER L 238 -112.38 -35.77 -91.18
CA SER L 238 -112.45 -36.75 -90.11
C SER L 238 -113.71 -37.58 -90.25
N SER L 239 -113.83 -38.56 -89.34
CA SER L 239 -115.03 -39.38 -89.15
C SER L 239 -115.43 -40.13 -90.42
N GLU L 240 -114.48 -40.86 -90.98
CA GLU L 240 -114.71 -41.54 -92.25
C GLU L 240 -113.85 -42.81 -92.27
N ILE L 241 -113.66 -43.36 -93.45
CA ILE L 241 -112.94 -44.63 -93.62
C ILE L 241 -111.45 -44.36 -93.80
N PHE L 242 -110.70 -44.47 -92.70
CA PHE L 242 -109.26 -44.58 -92.74
C PHE L 242 -108.81 -46.02 -92.82
N LYS L 243 -109.75 -46.94 -93.02
CA LYS L 243 -109.44 -48.36 -92.99
C LYS L 243 -108.60 -48.74 -94.19
N ASN L 244 -108.93 -48.21 -95.36
CA ASN L 244 -108.05 -48.39 -96.52
C ASN L 244 -106.75 -47.60 -96.36
N GLY L 245 -106.82 -46.44 -95.70
CA GLY L 245 -105.64 -45.60 -95.56
C GLY L 245 -104.57 -46.21 -94.67
N ASN L 246 -104.97 -46.97 -93.67
CA ASN L 246 -103.99 -47.74 -92.92
C ASN L 246 -103.85 -49.17 -93.41
N LEU L 247 -104.78 -49.65 -94.24
CA LEU L 247 -104.63 -50.96 -94.85
C LEU L 247 -103.50 -50.98 -95.87
N ASN L 248 -103.33 -49.88 -96.61
CA ASN L 248 -102.17 -49.79 -97.51
C ASN L 248 -100.86 -49.70 -96.73
N MET L 249 -100.88 -49.01 -95.59
CA MET L 249 -99.69 -48.98 -94.73
C MET L 249 -99.38 -50.35 -94.18
N GLN L 250 -100.41 -51.11 -93.82
CA GLN L 250 -100.23 -52.47 -93.36
C GLN L 250 -99.69 -53.37 -94.47
N ALA L 251 -100.14 -53.16 -95.70
CA ALA L 251 -99.67 -53.96 -96.82
C ALA L 251 -98.20 -53.68 -97.11
N LYS L 252 -97.80 -52.42 -97.11
CA LYS L 252 -96.38 -52.12 -97.36
C LYS L 252 -95.51 -52.51 -96.16
N GLU L 253 -96.09 -52.54 -94.96
CA GLU L 253 -95.39 -53.11 -93.81
C GLU L 253 -95.13 -54.60 -93.99
N GLU L 254 -96.15 -55.34 -94.44
CA GLU L 254 -95.97 -56.76 -94.68
C GLU L 254 -94.98 -57.02 -95.80
N GLU L 255 -94.95 -56.15 -96.80
CA GLU L 255 -94.01 -56.33 -97.89
C GLU L 255 -92.58 -56.01 -97.49
N VAL L 256 -92.37 -54.98 -96.66
CA VAL L 256 -90.99 -54.74 -96.22
C VAL L 256 -90.56 -55.79 -95.20
N ARG L 257 -91.49 -56.38 -94.45
CA ARG L 257 -91.14 -57.52 -93.60
C ARG L 257 -90.80 -58.74 -94.44
N GLU L 258 -91.51 -58.91 -95.56
CA GLU L 258 -91.22 -59.97 -96.52
C GLU L 258 -89.80 -59.84 -97.08
N LYS L 259 -89.44 -58.64 -97.55
CA LYS L 259 -88.09 -58.44 -98.07
C LYS L 259 -87.06 -58.48 -96.96
N LEU L 260 -87.45 -58.14 -95.74
CA LEU L 260 -86.54 -58.21 -94.60
C LEU L 260 -86.20 -59.66 -94.29
N GLN L 261 -87.19 -60.54 -94.32
CA GLN L 261 -86.90 -61.96 -94.11
C GLN L 261 -86.22 -62.57 -95.32
N GLU L 262 -86.42 -61.98 -96.50
CA GLU L 262 -85.67 -62.38 -97.68
C GLU L 262 -84.17 -62.17 -97.47
N GLU L 263 -83.80 -60.94 -97.15
CA GLU L 263 -82.41 -60.62 -96.85
C GLU L 263 -81.93 -61.27 -95.55
N ARG L 264 -82.84 -61.76 -94.71
CA ARG L 264 -82.43 -62.42 -93.47
C ARG L 264 -82.08 -63.89 -93.72
N GLU L 265 -83.04 -64.70 -94.13
CA GLU L 265 -82.71 -66.11 -94.30
C GLU L 265 -82.29 -66.45 -95.73
N ASN L 266 -81.78 -65.46 -96.47
CA ASN L 266 -80.74 -65.77 -97.43
C ASN L 266 -79.48 -66.26 -96.73
N GLU L 267 -79.22 -65.79 -95.51
CA GLU L 267 -78.02 -66.15 -94.78
C GLU L 267 -78.28 -66.76 -93.42
N TYR L 268 -79.52 -66.78 -92.95
CA TYR L 268 -79.81 -67.50 -91.71
C TYR L 268 -79.76 -68.99 -91.94
N LYS M 26 -30.27 15.94 50.97
CA LYS M 26 -31.42 16.78 50.63
C LYS M 26 -31.28 18.18 51.20
N LYS M 27 -31.86 19.15 50.51
CA LYS M 27 -31.85 20.53 50.96
C LYS M 27 -33.28 21.04 51.09
N VAL M 28 -33.56 21.71 52.20
CA VAL M 28 -34.88 22.26 52.49
C VAL M 28 -35.08 23.56 51.73
N VAL M 29 -36.30 24.09 51.76
CA VAL M 29 -36.60 25.37 51.11
C VAL M 29 -37.10 26.40 52.11
N LYS M 30 -36.77 26.24 53.40
CA LYS M 30 -37.08 27.11 54.53
C LYS M 30 -38.57 27.53 54.55
N GLN M 31 -39.41 26.54 54.84
CA GLN M 31 -40.85 26.56 54.55
C GLN M 31 -41.67 27.71 55.11
N LYS M 32 -41.86 27.80 56.43
CA LYS M 32 -42.95 28.65 56.91
C LYS M 32 -42.61 29.38 58.21
N ASN M 33 -42.93 30.68 58.22
CA ASN M 33 -42.93 31.49 59.43
C ASN M 33 -44.31 31.53 60.09
N HIS M 34 -45.37 31.20 59.36
CA HIS M 34 -46.70 30.80 59.81
C HIS M 34 -47.58 31.90 60.39
N VAL M 35 -47.09 33.13 60.53
CA VAL M 35 -47.89 34.24 61.03
C VAL M 35 -48.05 35.27 59.92
N TYR M 36 -49.25 35.83 59.80
CA TYR M 36 -49.55 36.73 58.70
C TYR M 36 -49.87 38.12 59.18
N THR M 37 -49.84 39.07 58.26
CA THR M 37 -50.01 40.48 58.57
C THR M 37 -50.41 41.21 57.29
N PRO M 38 -51.02 42.38 57.40
CA PRO M 38 -51.04 43.30 56.27
C PRO M 38 -49.64 43.78 55.97
N VAL M 39 -49.40 44.09 54.69
CA VAL M 39 -48.06 44.47 54.25
C VAL M 39 -47.71 45.87 54.73
N TYR M 40 -48.47 46.86 54.26
CA TYR M 40 -48.36 48.26 54.67
C TYR M 40 -46.95 48.81 54.46
N ASN M 41 -46.55 48.88 53.19
CA ASN M 41 -45.42 49.71 52.80
C ASN M 41 -45.77 51.13 53.22
N GLU M 42 -45.05 51.64 54.21
CA GLU M 42 -45.56 52.65 55.13
C GLU M 42 -45.79 54.00 54.45
N LEU M 43 -46.95 54.61 54.76
CA LEU M 43 -47.34 55.87 54.13
C LEU M 43 -46.64 57.08 54.75
N ILE M 44 -46.85 57.31 56.04
CA ILE M 44 -46.36 58.51 56.70
C ILE M 44 -44.86 58.38 56.91
N GLU M 45 -44.10 59.35 56.44
CA GLU M 45 -42.66 59.30 56.41
C GLU M 45 -42.06 60.06 57.58
N LYS M 46 -40.92 59.58 58.03
CA LYS M 46 -40.18 60.19 59.12
C LYS M 46 -38.80 60.57 58.64
N TYR M 47 -38.23 61.60 59.25
CA TYR M 47 -36.91 62.03 58.85
C TYR M 47 -35.88 61.08 59.44
N SER M 48 -34.92 60.68 58.63
CA SER M 48 -34.04 59.57 58.96
C SER M 48 -32.65 60.08 59.33
N GLU M 49 -32.47 60.43 60.60
CA GLU M 49 -31.17 60.90 61.06
C GLU M 49 -30.15 59.77 61.06
N ILE M 50 -28.90 60.12 60.85
CA ILE M 50 -27.88 59.09 60.66
C ILE M 50 -27.27 58.79 62.02
N PRO M 51 -27.39 57.56 62.50
CA PRO M 51 -26.93 57.20 63.85
C PRO M 51 -25.50 56.70 63.88
N LEU M 52 -24.60 57.38 63.18
CA LEU M 52 -23.21 56.95 63.20
C LEU M 52 -22.45 57.72 64.27
N ASN M 53 -22.94 57.63 65.50
CA ASN M 53 -22.38 58.38 66.61
C ASN M 53 -21.85 57.36 67.61
N ASP M 54 -20.62 56.92 67.37
CA ASP M 54 -20.08 55.79 68.10
C ASP M 54 -19.50 56.17 69.46
N LYS M 55 -18.40 56.93 69.47
CA LYS M 55 -17.77 57.26 70.74
C LYS M 55 -17.44 58.74 70.83
N LEU M 56 -17.17 59.37 69.71
CA LEU M 56 -16.80 60.78 69.74
C LEU M 56 -18.00 61.70 69.89
N LYS M 57 -19.21 61.15 70.01
CA LYS M 57 -20.32 61.96 70.48
C LYS M 57 -20.21 62.28 71.97
N ASP M 58 -19.26 61.67 72.67
CA ASP M 58 -18.96 62.01 74.05
C ASP M 58 -17.60 62.66 74.25
N THR M 59 -16.67 62.47 73.32
CA THR M 59 -15.36 63.09 73.47
C THR M 59 -15.47 64.57 73.14
N PRO M 60 -14.99 65.46 74.00
CA PRO M 60 -15.21 66.88 73.79
C PRO M 60 -14.21 67.50 72.83
N PHE M 61 -14.70 68.44 72.02
CA PHE M 61 -13.86 69.18 71.10
C PHE M 61 -14.55 70.50 70.78
N MET M 62 -13.75 71.47 70.34
CA MET M 62 -14.24 72.76 69.85
C MET M 62 -13.49 73.13 68.59
N VAL M 63 -13.41 72.18 67.66
CA VAL M 63 -12.50 72.30 66.53
C VAL M 63 -13.02 73.31 65.53
N GLN M 64 -12.10 74.05 64.92
CA GLN M 64 -12.42 75.17 64.05
C GLN M 64 -12.02 74.85 62.62
N VAL M 65 -12.99 74.92 61.72
CA VAL M 65 -12.79 74.60 60.31
C VAL M 65 -13.05 75.85 59.49
N LYS M 66 -12.09 76.22 58.65
CA LYS M 66 -12.28 77.32 57.73
C LYS M 66 -13.04 76.84 56.51
N LEU M 67 -13.72 77.78 55.85
CA LEU M 67 -14.52 77.45 54.69
C LEU M 67 -14.32 78.51 53.63
N PRO M 68 -13.61 78.19 52.56
CA PRO M 68 -13.40 79.16 51.47
C PRO M 68 -14.63 79.35 50.59
N ASN M 69 -14.45 80.07 49.50
CA ASN M 69 -15.55 80.74 48.80
C ASN M 69 -15.58 80.37 47.32
N TYR M 70 -15.62 79.07 47.01
CA TYR M 70 -15.64 78.60 45.63
C TYR M 70 -16.92 79.00 44.90
N LYS M 71 -16.98 78.66 43.62
CA LYS M 71 -18.17 78.91 42.81
C LYS M 71 -19.14 77.75 42.98
N ASP M 72 -20.21 78.00 43.74
CA ASP M 72 -21.46 77.24 43.74
C ASP M 72 -21.36 75.82 44.29
N TYR M 73 -20.16 75.35 44.62
CA TYR M 73 -19.99 73.99 45.14
C TYR M 73 -19.83 73.94 46.65
N LEU M 74 -19.30 75.01 47.26
CA LEU M 74 -19.33 75.33 48.69
C LEU M 74 -18.64 74.36 49.63
N LEU M 75 -18.03 73.29 49.12
CA LEU M 75 -17.18 72.42 49.93
C LEU M 75 -16.16 71.78 49.00
N ASP M 76 -15.51 70.74 49.48
CA ASP M 76 -14.47 70.06 48.73
C ASP M 76 -14.60 68.56 48.90
N ASN M 77 -14.52 67.83 47.79
CA ASN M 77 -14.40 66.38 47.90
C ASN M 77 -13.02 66.00 48.42
N LYS M 78 -12.06 66.92 48.34
CA LYS M 78 -10.86 66.82 49.16
C LYS M 78 -11.21 66.84 50.63
N GLN M 79 -12.05 67.77 51.05
CA GLN M 79 -12.38 67.96 52.47
C GLN M 79 -13.89 68.02 52.62
N VAL M 80 -14.53 66.85 52.65
CA VAL M 80 -15.95 66.75 52.92
C VAL M 80 -16.25 65.80 54.08
N VAL M 81 -15.58 64.66 54.15
CA VAL M 81 -15.87 63.70 55.20
C VAL M 81 -15.31 64.19 56.53
N LEU M 82 -14.16 64.86 56.49
CA LEU M 82 -13.56 65.38 57.71
C LEU M 82 -14.38 66.51 58.29
N THR M 83 -15.00 67.31 57.44
CA THR M 83 -15.81 68.40 57.91
C THR M 83 -17.27 68.02 58.05
N PHE M 84 -17.64 66.80 57.71
CA PHE M 84 -18.96 66.35 58.09
C PHE M 84 -18.99 65.47 59.32
N LYS M 85 -17.87 64.82 59.64
CA LYS M 85 -17.81 64.04 60.88
C LYS M 85 -18.02 64.92 62.09
N LEU M 86 -17.46 66.12 62.07
CA LEU M 86 -17.58 67.03 63.20
C LEU M 86 -19.01 67.57 63.32
N VAL M 87 -19.65 67.87 62.20
CA VAL M 87 -21.01 68.39 62.31
C VAL M 87 -22.01 67.29 62.62
N HIS M 88 -21.72 66.06 62.23
CA HIS M 88 -22.60 64.97 62.63
C HIS M 88 -22.47 64.68 64.11
N HIS M 89 -21.24 64.64 64.61
CA HIS M 89 -21.03 64.23 65.99
C HIS M 89 -20.94 65.37 66.96
N SER M 90 -21.16 66.60 66.52
CA SER M 90 -21.03 67.71 67.44
C SER M 90 -22.34 67.97 68.15
N LYS M 91 -22.33 68.92 69.06
CA LYS M 91 -23.54 69.30 69.78
C LYS M 91 -23.88 70.76 69.68
N LYS M 92 -22.91 71.65 69.49
CA LYS M 92 -23.17 73.09 69.30
C LYS M 92 -22.15 73.59 68.29
N ILE M 93 -22.61 74.05 67.13
CA ILE M 93 -21.67 74.63 66.19
C ILE M 93 -22.03 76.09 65.98
N THR M 94 -21.03 76.88 65.62
CA THR M 94 -21.21 78.29 65.36
C THR M 94 -20.57 78.66 64.03
N LEU M 95 -21.06 79.75 63.47
CA LEU M 95 -20.74 80.17 62.12
C LEU M 95 -20.46 81.66 62.10
N ILE M 96 -19.29 82.03 61.57
CA ILE M 96 -18.83 83.40 61.50
C ILE M 96 -18.57 83.73 60.05
N GLY M 97 -19.21 84.77 59.54
CA GLY M 97 -18.89 85.18 58.19
C GLY M 97 -19.99 86.06 57.61
N ASP M 98 -20.16 85.92 56.30
CA ASP M 98 -21.18 86.67 55.59
C ASP M 98 -22.56 86.16 55.96
N ALA M 99 -23.56 87.02 55.77
CA ALA M 99 -24.90 86.74 56.29
C ALA M 99 -25.57 85.60 55.54
N ASN M 100 -25.79 85.77 54.24
CA ASN M 100 -26.44 84.70 53.49
C ASN M 100 -25.55 83.48 53.34
N LYS M 101 -24.23 83.65 53.46
CA LYS M 101 -23.34 82.50 53.40
C LYS M 101 -23.49 81.62 54.63
N ILE M 102 -23.55 82.22 55.83
CA ILE M 102 -23.76 81.36 57.00
C ILE M 102 -25.20 80.86 57.03
N LEU M 103 -26.13 81.59 56.41
CA LEU M 103 -27.50 81.07 56.32
C LEU M 103 -27.56 79.83 55.46
N GLN M 104 -26.97 79.87 54.28
CA GLN M 104 -27.02 78.70 53.42
C GLN M 104 -26.11 77.59 53.93
N TYR M 105 -25.11 77.89 54.76
CA TYR M 105 -24.34 76.80 55.34
C TYR M 105 -25.11 76.12 56.45
N LYS M 106 -25.89 76.88 57.24
CA LYS M 106 -26.79 76.25 58.20
C LYS M 106 -27.83 75.41 57.49
N ASN M 107 -28.37 75.93 56.39
CA ASN M 107 -29.36 75.19 55.62
C ASN M 107 -28.76 73.93 55.03
N TYR M 108 -27.53 74.02 54.53
CA TYR M 108 -26.88 72.88 53.90
C TYR M 108 -26.55 71.80 54.91
N PHE M 109 -26.04 72.20 56.08
CA PHE M 109 -25.69 71.20 57.08
C PHE M 109 -26.93 70.55 57.67
N GLN M 110 -27.95 71.33 57.98
CA GLN M 110 -29.17 70.76 58.53
C GLN M 110 -29.92 69.92 57.51
N ALA M 111 -29.81 70.27 56.23
CA ALA M 111 -30.51 69.52 55.21
C ALA M 111 -29.71 68.33 54.72
N ASN M 112 -28.41 68.30 54.95
CA ASN M 112 -27.62 67.18 54.49
C ASN M 112 -27.36 66.18 55.59
N GLY M 113 -26.77 66.61 56.70
CA GLY M 113 -26.35 65.60 57.65
C GLY M 113 -26.48 65.91 59.13
N ALA M 114 -26.97 67.09 59.48
CA ALA M 114 -27.02 67.44 60.88
C ALA M 114 -28.24 66.81 61.53
N ARG M 115 -28.49 67.19 62.77
CA ARG M 115 -29.66 66.74 63.49
C ARG M 115 -30.35 67.96 64.09
N SER M 116 -31.44 67.72 64.80
CA SER M 116 -32.38 68.77 65.16
C SER M 116 -32.13 69.33 66.54
N ASP M 117 -30.91 69.22 67.06
CA ASP M 117 -30.63 69.76 68.39
C ASP M 117 -29.24 70.36 68.45
N ILE M 118 -28.73 70.88 67.33
CA ILE M 118 -27.38 71.39 67.32
C ILE M 118 -27.34 72.81 67.88
N ASP M 119 -28.42 73.57 67.72
CA ASP M 119 -28.52 74.98 68.13
C ASP M 119 -27.40 75.81 67.48
N PHE M 120 -27.53 75.92 66.16
CA PHE M 120 -26.61 76.67 65.31
C PHE M 120 -26.49 78.11 65.79
N TYR M 121 -25.29 78.49 66.21
CA TYR M 121 -25.03 79.83 66.70
C TYR M 121 -24.44 80.65 65.56
N LEU M 122 -25.17 81.65 65.09
CA LEU M 122 -24.71 82.47 63.99
C LEU M 122 -24.31 83.84 64.48
N GLN M 123 -23.09 84.28 64.13
CA GLN M 123 -22.66 85.65 64.42
C GLN M 123 -22.10 86.17 63.12
N PRO M 124 -22.83 87.02 62.41
CA PRO M 124 -22.38 87.46 61.08
C PRO M 124 -21.39 88.60 61.16
N THR M 125 -20.59 88.72 60.11
CA THR M 125 -19.63 89.80 59.99
C THR M 125 -19.77 90.49 58.65
N LEU M 126 -18.86 91.43 58.35
CA LEU M 126 -18.88 92.14 57.08
C LEU M 126 -17.63 91.86 56.26
N ASN M 127 -16.45 92.16 56.81
CA ASN M 127 -15.20 92.02 56.09
C ASN M 127 -14.61 90.66 56.44
N GLN M 128 -15.09 89.63 55.76
CA GLN M 128 -14.65 88.27 56.04
C GLN M 128 -14.68 87.48 54.74
N LYS M 129 -13.54 87.41 54.07
CA LYS M 129 -13.44 86.59 52.87
C LYS M 129 -13.37 85.14 53.28
N GLY M 130 -14.46 84.41 53.06
CA GLY M 130 -14.62 83.09 53.61
C GLY M 130 -15.53 83.11 54.81
N VAL M 131 -15.70 81.92 55.39
CA VAL M 131 -16.61 81.74 56.52
C VAL M 131 -16.07 80.61 57.38
N VAL M 132 -15.96 80.86 58.68
CA VAL M 132 -15.30 79.94 59.59
C VAL M 132 -16.32 79.36 60.54
N MET M 133 -16.22 78.07 60.80
CA MET M 133 -17.15 77.36 61.66
C MET M 133 -16.40 76.76 62.83
N ILE M 134 -17.06 76.70 63.98
CA ILE M 134 -16.48 76.11 65.18
C ILE M 134 -17.46 75.08 65.71
N ALA M 135 -17.06 73.81 65.70
CA ALA M 135 -17.90 72.71 66.13
C ALA M 135 -17.46 72.26 67.51
N SER M 136 -18.39 72.26 68.46
CA SER M 136 -18.10 71.89 69.83
C SER M 136 -19.04 70.77 70.27
N ASN M 137 -18.54 69.95 71.17
CA ASN M 137 -19.27 68.76 71.63
C ASN M 137 -19.16 68.71 73.16
N TYR M 138 -20.16 69.27 73.82
CA TYR M 138 -20.32 69.01 75.24
C TYR M 138 -20.71 67.55 75.43
N ASN M 139 -20.31 66.99 76.56
CA ASN M 139 -20.51 65.55 76.76
C ASN M 139 -21.97 65.22 77.05
N ASP M 140 -22.50 65.75 78.16
CA ASP M 140 -23.91 65.68 78.55
C ASP M 140 -24.46 64.26 78.67
N ASN M 141 -23.58 63.28 78.86
CA ASN M 141 -24.01 61.91 79.10
C ASN M 141 -23.84 61.56 80.57
N PRO M 142 -24.80 60.89 81.19
CA PRO M 142 -24.86 60.86 82.66
C PRO M 142 -24.09 59.73 83.34
N ASN M 143 -23.21 58.99 82.67
CA ASN M 143 -22.62 57.85 83.36
C ASN M 143 -21.45 58.25 84.26
N SER M 144 -20.29 58.57 83.68
CA SER M 144 -19.22 59.16 84.48
C SER M 144 -18.72 60.47 83.89
N LYS M 145 -18.05 60.36 82.74
CA LYS M 145 -17.85 61.42 81.75
C LYS M 145 -17.10 62.63 82.36
N GLU M 146 -15.84 62.39 82.70
CA GLU M 146 -14.96 63.42 83.25
C GLU M 146 -13.85 63.78 82.28
N LYS M 147 -13.33 65.00 82.41
CA LYS M 147 -12.31 65.53 81.52
C LYS M 147 -10.92 65.12 82.00
N PRO M 148 -10.07 64.56 81.14
CA PRO M 148 -8.74 64.14 81.59
C PRO M 148 -7.76 65.30 81.73
N GLN M 149 -7.53 65.70 82.99
CA GLN M 149 -6.54 66.66 83.52
C GLN M 149 -6.36 67.96 82.74
N THR M 150 -7.38 68.39 81.98
CA THR M 150 -7.33 69.55 81.07
C THR M 150 -6.09 69.56 80.16
N PHE M 151 -5.57 68.36 79.85
CA PHE M 151 -4.47 68.05 78.92
C PHE M 151 -3.29 69.02 78.99
N ASP M 152 -2.68 69.15 80.17
CA ASP M 152 -1.34 69.75 80.20
C ASP M 152 -0.38 68.68 79.70
N VAL M 153 -0.21 68.64 78.38
CA VAL M 153 0.56 67.60 77.72
C VAL M 153 1.31 68.21 76.55
N LEU M 154 2.60 67.93 76.47
CA LEU M 154 3.43 68.38 75.37
C LEU M 154 3.36 67.45 74.17
N GLN M 155 2.95 66.20 74.37
CA GLN M 155 2.80 65.30 73.24
C GLN M 155 1.56 65.64 72.44
N GLY M 156 0.40 65.70 73.08
CA GLY M 156 -0.85 65.91 72.40
C GLY M 156 -1.23 67.37 72.36
N SER M 157 -2.07 67.73 71.41
CA SER M 157 -2.68 69.04 71.38
C SER M 157 -3.96 69.01 72.20
N GLN M 158 -4.25 70.12 72.86
CA GLN M 158 -5.42 70.18 73.73
C GLN M 158 -6.69 70.22 72.89
N PRO M 159 -7.74 69.52 73.28
CA PRO M 159 -8.91 69.35 72.41
C PRO M 159 -9.94 70.44 72.59
N MET M 160 -9.49 71.69 72.60
CA MET M 160 -10.41 72.80 72.41
C MET M 160 -10.10 73.53 71.12
N LEU M 161 -8.90 74.08 70.96
CA LEU M 161 -8.47 74.57 69.67
C LEU M 161 -7.14 73.90 69.38
N GLY M 162 -7.11 73.08 68.32
CA GLY M 162 -6.04 72.11 68.17
C GLY M 162 -4.69 72.74 67.91
N ALA M 163 -4.66 73.74 67.02
CA ALA M 163 -3.44 74.40 66.53
C ALA M 163 -2.44 73.36 66.03
N ASN M 164 -2.85 72.68 64.96
CA ASN M 164 -2.16 71.48 64.49
C ASN M 164 -0.85 71.88 63.86
N THR M 165 0.26 71.50 64.49
CA THR M 165 1.59 71.67 63.95
C THR M 165 2.13 70.28 63.70
N LYS M 166 2.08 69.83 62.44
CA LYS M 166 2.56 68.52 62.06
C LYS M 166 2.85 68.47 60.57
N ASN M 167 4.01 67.94 60.22
CA ASN M 167 4.13 67.16 58.99
C ASN M 167 4.57 65.75 59.32
N LEU M 168 5.59 65.61 60.15
CA LEU M 168 5.91 64.36 60.81
C LEU M 168 5.85 64.49 62.33
N HIS M 169 6.55 65.46 62.92
CA HIS M 169 6.80 65.43 64.35
C HIS M 169 6.53 66.74 65.11
N GLY M 170 6.04 67.79 64.46
CA GLY M 170 5.68 68.97 65.24
C GLY M 170 6.53 70.22 65.06
N TYR M 171 5.94 71.28 64.51
CA TYR M 171 6.66 72.48 64.13
C TYR M 171 7.13 73.29 65.34
N ASP M 172 6.19 73.94 66.04
CA ASP M 172 6.34 74.42 67.41
C ASP M 172 7.53 75.37 67.62
N VAL M 173 7.72 76.31 66.71
CA VAL M 173 8.92 77.15 66.72
C VAL M 173 8.56 78.62 66.65
N SER M 174 8.70 79.31 67.79
CA SER M 174 8.54 80.76 67.91
C SER M 174 9.10 81.19 69.25
N GLY M 175 9.38 82.49 69.36
CA GLY M 175 9.63 83.13 70.65
C GLY M 175 11.00 82.90 71.25
N ALA M 176 11.69 81.82 70.90
CA ALA M 176 13.01 81.52 71.43
C ALA M 176 14.13 82.06 70.54
N ASN M 177 13.85 83.09 69.75
CA ASN M 177 14.84 83.65 68.85
C ASN M 177 15.22 85.08 69.16
N ASN M 178 14.37 85.83 69.87
CA ASN M 178 14.72 87.19 70.24
C ASN M 178 15.88 87.21 71.22
N LYS M 179 15.96 86.19 72.07
CA LYS M 179 17.09 86.03 72.97
C LYS M 179 18.37 85.77 72.19
N GLN M 180 18.26 85.01 71.11
CA GLN M 180 19.40 84.72 70.26
C GLN M 180 19.83 85.95 69.48
N VAL M 181 18.87 86.75 69.02
CA VAL M 181 19.18 88.00 68.34
C VAL M 181 19.82 88.98 69.31
N ILE M 182 19.38 88.97 70.58
CA ILE M 182 20.01 89.75 71.63
C ILE M 182 21.46 89.32 71.82
N ASN M 183 21.71 88.01 71.75
CA ASN M 183 23.08 87.50 71.82
C ASN M 183 23.92 87.98 70.63
N GLU M 184 23.34 87.97 69.44
CA GLU M 184 24.07 88.43 68.26
C GLU M 184 24.39 89.91 68.34
N VAL M 185 23.44 90.70 68.85
CA VAL M 185 23.71 92.13 68.95
C VAL M 185 24.65 92.42 70.12
N ALA M 186 24.74 91.52 71.10
CA ALA M 186 25.72 91.72 72.16
C ALA M 186 27.12 91.42 71.67
N ARG M 187 27.27 90.38 70.85
CA ARG M 187 28.57 90.14 70.21
C ARG M 187 28.91 91.26 69.23
N GLU M 188 27.90 91.83 68.58
CA GLU M 188 28.11 92.99 67.72
C GLU M 188 28.56 94.20 68.52
N LYS M 189 27.97 94.40 69.69
CA LYS M 189 28.37 95.49 70.57
C LYS M 189 29.80 95.32 71.06
N ALA M 190 30.20 94.07 71.34
CA ALA M 190 31.57 93.81 71.76
C ALA M 190 32.54 94.08 70.63
N GLN M 191 32.19 93.71 69.40
CA GLN M 191 33.05 94.00 68.25
C GLN M 191 33.14 95.50 68.01
N LEU M 192 32.04 96.22 68.22
CA LEU M 192 32.07 97.67 68.05
C LEU M 192 32.92 98.34 69.12
N GLU M 193 32.88 97.82 70.35
CA GLU M 193 33.72 98.36 71.40
C GLU M 193 35.19 98.06 71.14
N LYS M 194 35.50 96.91 70.55
CA LYS M 194 36.88 96.61 70.19
C LYS M 194 37.37 97.53 69.08
N ILE M 195 36.52 97.79 68.08
CA ILE M 195 36.86 98.68 66.99
C ILE M 195 37.06 100.11 67.50
N ASN M 196 36.19 100.55 68.41
CA ASN M 196 36.34 101.86 69.02
C ASN M 196 37.59 101.94 69.89
N GLN M 197 37.94 100.85 70.56
CA GLN M 197 39.14 100.83 71.38
C GLN M 197 40.39 100.85 70.53
N TYR M 198 40.31 100.36 69.30
CA TYR M 198 41.42 100.52 68.37
C TYR M 198 41.44 101.97 67.90
N TYR M 199 42.12 102.80 68.67
CA TYR M 199 42.31 104.19 68.31
C TYR M 199 43.68 104.65 68.79
N LYS M 200 44.26 105.59 68.05
CA LYS M 200 45.50 106.23 68.46
C LYS M 200 45.34 107.73 68.60
N THR M 201 44.16 108.28 68.30
CA THR M 201 43.98 109.71 68.17
C THR M 201 43.20 110.34 69.32
N LEU M 202 42.23 109.65 69.89
CA LEU M 202 41.37 110.19 70.93
C LEU M 202 42.05 110.20 72.29
N LEU M 203 41.25 110.28 73.35
CA LEU M 203 41.75 110.47 74.70
C LEU M 203 42.69 109.36 75.16
N GLN M 204 43.86 109.77 75.62
CA GLN M 204 44.89 108.90 76.19
C GLN M 204 45.82 109.83 76.95
N ASP M 205 45.97 109.60 78.26
CA ASP M 205 46.58 110.59 79.13
C ASP M 205 48.06 110.76 78.81
N LYS M 206 48.44 111.99 78.49
CA LYS M 206 49.74 112.32 77.96
C LYS M 206 50.44 113.34 78.88
N GLU M 207 51.59 113.82 78.43
CA GLU M 207 52.34 114.79 79.20
C GLU M 207 51.65 116.14 79.16
N GLN M 208 52.18 117.07 79.97
CA GLN M 208 51.51 118.34 80.19
C GLN M 208 51.49 119.21 78.94
N GLU M 209 52.53 119.10 78.10
CA GLU M 209 52.57 119.85 76.85
C GLU M 209 51.46 119.43 75.90
N TYR M 210 51.11 118.15 75.89
CA TYR M 210 49.96 117.72 75.11
C TYR M 210 48.67 118.14 75.79
N THR M 211 48.55 117.87 77.10
CA THR M 211 47.25 117.96 77.75
C THR M 211 46.78 119.40 77.96
N THR M 212 47.71 120.35 78.17
CA THR M 212 47.27 121.73 78.31
C THR M 212 46.80 122.29 76.99
N ARG M 213 47.48 121.93 75.90
CA ARG M 213 47.00 122.28 74.57
C ARG M 213 45.64 121.65 74.30
N LYS M 214 45.44 120.41 74.75
CA LYS M 214 44.17 119.72 74.60
C LYS M 214 43.04 120.45 75.30
N ASN M 215 43.24 120.75 76.58
CA ASN M 215 42.23 121.42 77.39
C ASN M 215 41.94 122.81 76.86
N ASN M 216 42.97 123.49 76.34
CA ASN M 216 42.75 124.78 75.72
C ASN M 216 41.94 124.66 74.43
N GLN M 217 42.14 123.61 73.64
CA GLN M 217 41.35 123.49 72.42
C GLN M 217 39.90 123.19 72.74
N ARG M 218 39.67 122.35 73.76
CA ARG M 218 38.32 122.10 74.23
C ARG M 218 37.63 123.39 74.68
N GLU M 219 38.32 124.22 75.47
CA GLU M 219 37.68 125.39 76.04
C GLU M 219 37.43 126.48 74.99
N ILE M 220 38.47 126.81 74.21
CA ILE M 220 38.32 127.82 73.16
C ILE M 220 37.32 127.35 72.10
N LEU M 221 37.21 126.05 71.91
CA LEU M 221 36.30 125.51 70.94
C LEU M 221 34.85 125.47 71.43
N GLU M 222 34.64 125.22 72.71
CA GLU M 222 33.28 125.34 73.21
C GLU M 222 32.80 126.78 73.13
N THR M 223 33.72 127.73 73.34
CA THR M 223 33.36 129.13 73.09
C THR M 223 33.13 129.40 71.60
N LEU M 224 33.87 128.72 70.72
CA LEU M 224 33.68 128.91 69.28
C LEU M 224 32.35 128.32 68.81
N SER M 225 32.00 127.16 69.34
CA SER M 225 30.71 126.55 69.00
C SER M 225 29.56 127.41 69.52
N ASN M 226 29.73 128.02 70.70
CA ASN M 226 28.71 128.94 71.15
C ASN M 226 28.69 130.22 70.33
N ARG M 227 29.83 130.63 69.78
CA ARG M 227 29.85 131.82 68.92
C ARG M 227 29.15 131.55 67.59
N ALA M 228 29.38 130.38 67.01
CA ALA M 228 28.68 130.02 65.78
C ALA M 228 27.19 129.82 66.05
N GLY M 229 26.85 129.27 67.22
CA GLY M 229 25.45 129.19 67.61
C GLY M 229 24.83 130.55 67.83
N TYR M 230 25.61 131.52 68.31
CA TYR M 230 25.09 132.87 68.48
C TYR M 230 24.89 133.55 67.13
N GLN M 231 25.80 133.34 66.18
CA GLN M 231 25.63 133.90 64.85
C GLN M 231 24.49 133.24 64.07
N MET M 232 24.19 131.97 64.36
CA MET M 232 23.13 131.27 63.64
C MET M 232 21.77 131.43 64.30
N ARG M 233 21.73 131.48 65.65
CA ARG M 233 20.49 131.44 66.42
C ARG M 233 19.69 132.70 66.24
N GLN M 234 20.34 133.85 66.13
CA GLN M 234 19.66 135.12 65.92
C GLN M 234 19.76 135.47 64.45
N ASN M 235 19.04 134.74 63.63
CA ASN M 235 18.86 135.16 62.25
C ASN M 235 17.72 136.17 62.20
N VAL M 236 17.69 136.95 61.11
CA VAL M 236 16.60 137.89 60.91
C VAL M 236 15.30 137.12 60.60
N ILE M 237 15.43 135.93 60.03
CA ILE M 237 14.25 135.14 59.69
C ILE M 237 13.69 134.38 60.89
N SER M 238 14.46 134.21 61.96
CA SER M 238 14.05 133.34 63.06
C SER M 238 14.14 134.10 64.38
N SER M 239 13.71 133.40 65.44
CA SER M 239 13.86 133.82 66.84
C SER M 239 13.17 135.17 67.10
N GLU M 240 11.89 135.25 66.73
CA GLU M 240 11.17 136.50 66.84
C GLU M 240 9.70 136.18 67.10
N ILE M 241 8.83 137.16 66.88
CA ILE M 241 7.42 137.03 67.18
C ILE M 241 6.69 136.48 65.96
N PHE M 242 6.47 135.16 65.96
CA PHE M 242 5.51 134.52 65.06
C PHE M 242 4.13 134.45 65.69
N LYS M 243 3.94 135.10 66.83
CA LYS M 243 2.69 134.99 67.55
C LYS M 243 1.56 135.68 66.80
N ASN M 244 1.84 136.84 66.22
CA ASN M 244 0.87 137.46 65.32
C ASN M 244 0.73 136.67 64.01
N GLY M 245 1.83 136.07 63.55
CA GLY M 245 1.82 135.35 62.29
C GLY M 245 0.96 134.10 62.32
N ASN M 246 0.91 133.44 63.46
CA ASN M 246 -0.05 132.35 63.61
C ASN M 246 -1.36 132.77 64.26
N LEU M 247 -1.40 133.97 64.87
CA LEU M 247 -2.65 134.50 65.39
C LEU M 247 -3.61 134.85 64.26
N ASN M 248 -3.08 135.38 63.16
CA ASN M 248 -3.95 135.64 62.00
C ASN M 248 -4.44 134.33 61.38
N MET M 249 -3.59 133.30 61.37
CA MET M 249 -4.03 131.98 60.91
C MET M 249 -5.10 131.41 61.81
N GLN M 250 -4.97 131.62 63.12
CA GLN M 250 -5.98 131.19 64.07
C GLN M 250 -7.28 131.94 63.88
N ALA M 251 -7.20 133.23 63.55
CA ALA M 251 -8.39 134.03 63.34
C ALA M 251 -9.14 133.59 62.09
N LYS M 252 -8.42 133.34 60.99
CA LYS M 252 -9.10 132.88 59.79
C LYS M 252 -9.57 131.43 59.93
N GLU M 253 -8.92 130.65 60.79
CA GLU M 253 -9.46 129.33 61.13
C GLU M 253 -10.79 129.45 61.86
N GLU M 254 -10.87 130.35 62.84
CA GLU M 254 -12.11 130.53 63.56
C GLU M 254 -13.21 131.07 62.65
N GLU M 255 -12.84 131.90 61.69
CA GLU M 255 -13.84 132.43 60.77
C GLU M 255 -14.33 131.38 59.79
N VAL M 256 -13.45 130.51 59.29
CA VAL M 256 -13.96 129.46 58.40
C VAL M 256 -14.73 128.41 59.19
N ARG M 257 -14.41 128.22 60.48
CA ARG M 257 -15.24 127.35 61.30
C ARG M 257 -16.60 127.98 61.56
N GLU M 258 -16.63 129.31 61.70
CA GLU M 258 -17.87 130.07 61.84
C GLU M 258 -18.76 129.90 60.62
N LYS M 259 -18.20 130.08 59.42
CA LYS M 259 -18.99 129.91 58.20
C LYS M 259 -19.33 128.44 57.97
N LEU M 260 -18.49 127.53 58.48
CA LEU M 260 -18.77 126.11 58.37
C LEU M 260 -19.98 125.73 59.20
N GLN M 261 -20.07 126.26 60.42
CA GLN M 261 -21.25 126.01 61.23
C GLN M 261 -22.47 126.78 60.72
N GLU M 262 -22.22 127.89 60.01
CA GLU M 262 -23.30 128.60 59.33
C GLU M 262 -23.96 127.69 58.30
N GLU M 263 -23.16 127.19 57.37
CA GLU M 263 -23.67 126.26 56.38
C GLU M 263 -24.08 124.91 56.98
N ARG M 264 -23.68 124.61 58.21
CA ARG M 264 -24.08 123.37 58.85
C ARG M 264 -25.46 123.49 59.47
N GLU M 265 -25.63 124.34 60.48
CA GLU M 265 -26.93 124.40 61.12
C GLU M 265 -27.84 125.46 60.51
N ASN M 266 -27.59 125.84 59.25
CA ASN M 266 -28.71 126.21 58.41
C ASN M 266 -29.64 125.03 58.17
N GLU M 267 -29.09 123.81 58.17
CA GLU M 267 -29.87 122.62 57.89
C GLU M 267 -29.81 121.57 58.98
N TYR M 268 -28.96 121.73 59.98
CA TYR M 268 -28.98 120.81 61.11
C TYR M 268 -30.21 121.05 61.97
N LYS N 26 -9.69 19.73 57.84
CA LYS N 26 -10.53 20.92 57.84
C LYS N 26 -9.77 22.12 58.39
N LYS N 27 -10.13 23.31 57.90
CA LYS N 27 -9.53 24.56 58.36
C LYS N 27 -10.62 25.48 58.88
N VAL N 28 -10.37 26.07 60.04
CA VAL N 28 -11.31 26.99 60.69
C VAL N 28 -11.22 28.36 60.04
N VAL N 29 -12.13 29.26 60.40
CA VAL N 29 -12.13 30.62 59.89
C VAL N 29 -11.97 31.65 61.01
N LYS N 30 -11.40 31.24 62.15
CA LYS N 30 -11.11 32.04 63.35
C LYS N 30 -12.30 32.91 63.77
N GLN N 31 -13.33 32.22 64.27
CA GLN N 31 -14.70 32.74 64.37
C GLN N 31 -14.91 34.03 65.16
N LYS N 32 -14.73 34.02 66.48
CA LYS N 32 -15.30 35.12 67.27
C LYS N 32 -14.41 35.56 68.42
N ASN N 33 -14.25 36.88 68.56
CA ASN N 33 -13.68 37.52 69.74
C ASN N 33 -14.74 37.92 70.76
N HIS N 34 -16.00 38.04 70.33
CA HIS N 34 -17.24 38.06 71.12
C HIS N 34 -17.50 39.31 71.94
N VAL N 35 -16.60 40.28 71.96
CA VAL N 35 -16.82 41.53 72.69
C VAL N 35 -16.88 42.67 71.68
N TYR N 36 -17.79 43.61 71.90
CA TYR N 36 -18.03 44.67 70.93
C TYR N 36 -17.73 46.04 71.52
N THR N 37 -17.60 47.01 70.64
CA THR N 37 -17.18 48.36 71.01
C THR N 37 -17.61 49.32 69.90
N PRO N 38 -17.73 50.60 70.20
CA PRO N 38 -17.70 51.60 69.14
C PRO N 38 -16.34 51.63 68.48
N VAL N 39 -16.34 51.98 67.19
CA VAL N 39 -15.10 51.95 66.42
C VAL N 39 -14.18 53.09 66.81
N TYR N 40 -14.64 54.33 66.59
CA TYR N 40 -13.95 55.56 66.97
C TYR N 40 -12.54 55.63 66.40
N ASN N 41 -12.47 55.71 65.07
CA ASN N 41 -11.26 56.16 64.41
C ASN N 41 -10.98 57.56 64.95
N GLU N 42 -9.90 57.69 65.70
CA GLU N 42 -9.79 58.70 66.75
C GLU N 42 -9.70 60.12 66.20
N LEU N 43 -10.46 61.03 66.81
CA LEU N 43 -10.54 62.41 66.34
C LEU N 43 -9.33 63.25 66.77
N ILE N 44 -9.12 63.39 68.08
CA ILE N 44 -8.10 64.29 68.60
C ILE N 44 -6.74 63.64 68.40
N GLU N 45 -5.83 64.36 67.76
CA GLU N 45 -4.55 63.84 67.34
C GLU N 45 -3.45 64.23 68.31
N LYS N 46 -2.47 63.34 68.43
CA LYS N 46 -1.32 63.55 69.30
C LYS N 46 -0.06 63.52 68.47
N TYR N 47 0.96 64.23 68.92
CA TYR N 47 2.22 64.25 68.19
C TYR N 47 2.96 62.94 68.46
N SER N 48 3.49 62.35 67.41
CA SER N 48 3.98 60.98 67.47
C SER N 48 5.51 60.96 67.46
N GLU N 49 6.10 61.08 68.64
CA GLU N 49 7.55 61.05 68.74
C GLU N 49 8.08 59.66 68.45
N ILE N 50 9.30 59.59 67.91
CA ILE N 50 9.80 58.32 67.43
C ILE N 50 10.59 57.68 68.56
N PRO N 51 10.18 56.51 69.03
CA PRO N 51 10.80 55.88 70.19
C PRO N 51 11.93 54.93 69.84
N LEU N 52 12.81 55.35 68.93
CA LEU N 52 13.92 54.49 68.56
C LEU N 52 15.14 54.84 69.40
N ASN N 53 14.97 54.78 70.72
CA ASN N 53 16.01 55.18 71.65
C ASN N 53 16.38 53.93 72.44
N ASP N 54 17.29 53.15 71.87
CA ASP N 54 17.56 51.82 72.41
C ASP N 54 18.56 51.83 73.56
N LYS N 55 19.81 52.19 73.29
CA LYS N 55 20.81 52.14 74.34
C LYS N 55 21.65 53.41 74.39
N LEU N 56 21.84 54.05 73.24
CA LEU N 56 22.66 55.24 73.20
C LEU N 56 21.94 56.48 73.68
N LYS N 57 20.68 56.35 74.12
CA LYS N 57 20.07 57.42 74.89
C LYS N 57 20.65 57.52 76.29
N ASP N 58 21.47 56.55 76.71
CA ASP N 58 22.19 56.61 77.96
C ASP N 58 23.70 56.76 77.78
N THR N 59 24.26 56.38 76.65
CA THR N 59 25.69 56.52 76.44
C THR N 59 26.02 57.98 76.18
N PRO N 60 26.98 58.55 76.90
CA PRO N 60 27.22 59.99 76.80
C PRO N 60 28.10 60.34 75.60
N PHE N 61 27.78 61.47 74.98
CA PHE N 61 28.57 62.01 73.89
C PHE N 61 28.33 63.50 73.78
N MET N 62 29.27 64.19 73.17
CA MET N 62 29.16 65.61 72.87
C MET N 62 29.65 65.87 71.45
N VAL N 63 29.17 65.06 70.51
CA VAL N 63 29.75 64.99 69.19
C VAL N 63 29.39 66.23 68.38
N GLN N 64 30.32 66.68 67.55
CA GLN N 64 30.21 67.95 66.84
C GLN N 64 30.10 67.68 65.35
N VAL N 65 29.02 68.16 64.74
CA VAL N 65 28.75 67.95 63.33
C VAL N 65 28.74 69.30 62.63
N LYS N 66 29.53 69.42 61.57
CA LYS N 66 29.52 70.62 60.76
C LYS N 66 28.36 70.56 59.79
N LEU N 67 27.91 71.74 59.35
CA LEU N 67 26.78 71.82 58.44
C LEU N 67 27.07 72.87 57.39
N PRO N 68 27.33 72.46 56.16
CA PRO N 68 27.59 73.43 55.09
C PRO N 68 26.32 74.11 54.58
N ASN N 69 26.46 74.85 53.48
CA ASN N 69 25.53 75.91 53.12
C ASN N 69 25.01 75.73 51.70
N TYR N 70 24.45 74.58 51.38
CA TYR N 70 23.92 74.29 50.05
C TYR N 70 22.73 75.17 49.71
N LYS N 71 22.24 75.02 48.48
CA LYS N 71 21.05 75.73 48.02
C LYS N 71 19.81 74.94 48.43
N ASP N 72 19.12 75.44 49.46
CA ASP N 72 17.72 75.14 49.78
C ASP N 72 17.46 73.71 50.26
N TYR N 73 18.47 72.83 50.25
CA TYR N 73 18.27 71.45 50.67
C TYR N 73 18.78 71.18 52.07
N LEU N 74 19.77 71.95 52.54
CA LEU N 74 20.21 72.09 53.93
C LEU N 74 20.74 70.84 54.63
N LEU N 75 20.79 69.70 53.95
CA LEU N 75 21.45 68.52 54.47
C LEU N 75 21.93 67.69 53.29
N ASP N 76 22.28 66.44 53.56
CA ASP N 76 22.80 65.55 52.54
C ASP N 76 22.21 64.16 52.71
N ASN N 77 21.75 63.57 51.60
CA ASN N 77 21.38 62.18 51.64
C ASN N 77 22.62 61.30 51.76
N LYS N 78 23.80 61.85 51.44
CA LYS N 78 25.05 61.27 51.91
C LYS N 78 25.10 61.24 53.42
N GLN N 79 24.77 62.36 54.07
CA GLN N 79 24.88 62.47 55.52
C GLN N 79 23.57 63.00 56.09
N VAL N 80 22.59 62.12 56.27
CA VAL N 80 21.34 62.45 56.91
C VAL N 80 21.03 61.54 58.09
N VAL N 81 21.26 60.23 57.93
CA VAL N 81 20.93 59.32 59.02
C VAL N 81 21.93 59.43 60.16
N LEU N 82 23.20 59.69 59.82
CA LEU N 82 24.22 59.85 60.84
C LEU N 82 24.02 61.11 61.64
N THR N 83 23.52 62.16 61.00
CA THR N 83 23.28 63.40 61.71
C THR N 83 21.86 63.51 62.23
N PHE N 84 21.01 62.52 61.98
CA PHE N 84 19.76 62.49 62.69
C PHE N 84 19.74 61.53 63.86
N LYS N 85 20.60 60.52 63.86
CA LYS N 85 20.69 59.63 65.01
C LYS N 85 21.10 60.39 66.26
N LEU N 86 22.03 61.33 66.10
CA LEU N 86 22.51 62.11 67.25
C LEU N 86 21.44 63.06 67.76
N VAL N 87 20.68 63.68 66.87
CA VAL N 87 19.65 64.60 67.35
C VAL N 87 18.45 63.86 67.89
N HIS N 88 18.19 62.65 67.41
CA HIS N 88 17.11 61.88 68.01
C HIS N 88 17.49 61.39 69.40
N HIS N 89 18.71 60.89 69.55
CA HIS N 89 19.11 60.28 70.80
C HIS N 89 19.81 61.23 71.74
N SER N 90 19.94 62.50 71.40
CA SER N 90 20.67 63.38 72.28
C SER N 90 19.74 63.98 73.31
N LYS N 91 20.31 64.77 74.21
CA LYS N 91 19.53 65.44 75.24
C LYS N 91 19.70 66.93 75.26
N LYS N 92 20.85 67.47 74.85
CA LYS N 92 21.05 68.92 74.76
C LYS N 92 21.89 69.17 73.52
N ILE N 93 21.36 69.88 72.54
CA ILE N 93 22.18 70.23 71.39
C ILE N 93 22.30 71.75 71.31
N THR N 94 23.39 72.19 70.71
CA THR N 94 23.65 73.61 70.55
C THR N 94 24.03 73.89 69.10
N LEU N 95 23.83 75.14 68.71
CA LEU N 95 23.92 75.59 67.34
C LEU N 95 24.70 76.90 67.27
N ILE N 96 25.75 76.90 66.46
CA ILE N 96 26.63 78.05 66.29
C ILE N 96 26.61 78.44 64.83
N GLY N 97 26.27 79.68 64.54
CA GLY N 97 26.37 80.11 63.16
C GLY N 97 25.53 81.36 62.91
N ASP N 98 25.01 81.44 61.69
CA ASP N 98 24.17 82.56 61.30
C ASP N 98 22.84 82.48 62.02
N ALA N 99 22.18 83.64 62.13
CA ALA N 99 21.00 83.77 62.98
C ALA N 99 19.81 83.00 62.44
N ASN N 100 19.35 83.37 61.25
CA ASN N 100 18.21 82.67 60.66
C ASN N 100 18.56 81.25 60.26
N LYS N 101 19.84 80.96 60.02
CA LYS N 101 20.22 79.59 59.70
C LYS N 101 20.09 78.68 60.91
N ILE N 102 20.55 79.12 62.08
CA ILE N 102 20.34 78.27 63.25
C ILE N 102 18.88 78.26 63.66
N LEU N 103 18.13 79.32 63.33
CA LEU N 103 16.69 79.31 63.60
C LEU N 103 15.99 78.25 62.78
N GLN N 104 16.24 78.23 61.46
CA GLN N 104 15.59 77.24 60.63
C GLN N 104 16.15 75.85 60.86
N TYR N 105 17.37 75.71 61.39
CA TYR N 105 17.82 74.37 61.72
C TYR N 105 17.17 73.86 62.99
N LYS N 106 16.92 74.73 63.96
CA LYS N 106 16.14 74.33 65.12
C LYS N 106 14.72 73.96 64.70
N ASN N 107 14.14 74.76 63.80
CA ASN N 107 12.79 74.47 63.31
C ASN N 107 12.76 73.16 62.56
N TYR N 108 13.78 72.89 61.74
CA TYR N 108 13.80 71.68 60.94
C TYR N 108 13.99 70.45 61.80
N PHE N 109 14.87 70.52 62.79
CA PHE N 109 15.10 69.36 63.65
C PHE N 109 13.90 69.09 64.53
N GLN N 110 13.32 70.13 65.13
CA GLN N 110 12.16 69.92 65.97
C GLN N 110 10.94 69.50 65.17
N ALA N 111 10.84 69.93 63.92
CA ALA N 111 9.69 69.58 63.11
C ALA N 111 9.87 68.25 62.40
N ASN N 112 11.10 67.77 62.27
CA ASN N 112 11.32 66.52 61.58
C ASN N 112 11.49 65.36 62.55
N GLY N 113 12.43 65.45 63.47
CA GLY N 113 12.71 64.26 64.25
C GLY N 113 13.06 64.43 65.71
N ALA N 114 13.11 65.66 66.19
CA ALA N 114 13.53 65.83 67.58
C ALA N 114 12.37 65.57 68.52
N ARG N 115 12.59 65.88 69.79
CA ARG N 115 11.55 65.76 70.79
C ARG N 115 11.48 67.06 71.57
N SER N 116 10.59 67.10 72.54
CA SER N 116 10.20 68.36 73.18
C SER N 116 10.97 68.66 74.45
N ASP N 117 12.15 68.09 74.62
CA ASP N 117 12.92 68.35 75.82
C ASP N 117 14.41 68.45 75.53
N ILE N 118 14.76 68.90 74.33
CA ILE N 118 16.17 68.94 73.96
C ILE N 118 16.84 70.19 74.50
N ASP N 119 16.08 71.28 74.67
CA ASP N 119 16.57 72.59 75.12
C ASP N 119 17.71 73.07 74.21
N PHE N 120 17.31 73.37 72.97
CA PHE N 120 18.19 73.87 71.93
C PHE N 120 18.92 75.12 72.39
N TYR N 121 20.23 75.04 72.46
CA TYR N 121 21.06 76.16 72.90
C TYR N 121 21.59 76.86 71.66
N LEU N 122 21.17 78.09 71.43
CA LEU N 122 21.60 78.83 70.26
C LEU N 122 22.56 79.94 70.65
N GLN N 123 23.72 79.98 70.00
CA GLN N 123 24.66 81.09 70.19
C GLN N 123 25.04 81.55 68.79
N PRO N 124 24.48 82.66 68.33
CA PRO N 124 24.71 83.08 66.94
C PRO N 124 26.03 83.81 66.77
N THR N 125 26.53 83.77 65.54
CA THR N 125 27.75 84.49 65.18
C THR N 125 27.52 85.34 63.94
N LEU N 126 28.59 85.95 63.44
CA LEU N 126 28.52 86.77 62.23
C LEU N 126 29.35 86.20 61.10
N ASN N 127 30.64 86.02 61.31
CA ASN N 127 31.56 85.56 60.27
C ASN N 127 31.70 84.05 60.43
N GLN N 128 30.75 83.31 59.88
CA GLN N 128 30.75 81.85 60.01
C GLN N 128 30.12 81.28 58.75
N LYS N 129 30.96 80.91 57.79
CA LYS N 129 30.48 80.26 56.58
C LYS N 129 30.13 78.82 56.94
N GLY N 130 28.85 78.53 57.00
CA GLY N 130 28.38 77.27 57.54
C GLY N 130 27.85 77.45 58.96
N VAL N 131 27.43 76.32 59.53
CA VAL N 131 26.84 76.33 60.86
C VAL N 131 27.13 75.00 61.53
N VAL N 132 27.65 75.05 62.75
CA VAL N 132 28.15 73.86 63.42
C VAL N 132 27.25 73.55 64.60
N MET N 133 26.97 72.27 64.80
CA MET N 133 26.10 71.82 65.87
C MET N 133 26.86 70.87 66.78
N ILE N 134 26.52 70.91 68.06
CA ILE N 134 27.13 70.02 69.04
C ILE N 134 26.02 69.32 69.80
N ALA N 135 25.94 68.01 69.64
CA ALA N 135 24.91 67.20 70.27
C ALA N 135 25.49 66.48 71.47
N SER N 136 24.88 66.67 72.64
CA SER N 136 25.35 66.07 73.87
C SER N 136 24.23 65.29 74.52
N ASN N 137 24.61 64.24 75.23
CA ASN N 137 23.66 63.32 75.86
C ASN N 137 24.11 63.07 77.29
N TYR N 138 23.57 63.85 78.21
CA TYR N 138 23.68 63.49 79.62
C TYR N 138 22.88 62.23 79.88
N ASN N 139 23.32 61.45 80.85
CA ASN N 139 22.69 60.15 81.06
C ASN N 139 21.32 60.29 81.72
N ASP N 140 21.30 60.81 82.95
CA ASP N 140 20.10 61.18 83.71
C ASP N 140 19.15 60.02 83.94
N ASN N 141 19.64 58.79 83.87
CA ASN N 141 18.84 57.61 84.18
C ASN N 141 19.24 57.06 85.54
N PRO N 142 18.29 56.69 86.39
CA PRO N 142 18.58 56.50 87.82
C PRO N 142 19.06 55.12 88.25
N ASN N 143 19.44 54.21 87.34
CA ASN N 143 19.75 52.87 87.83
C ASN N 143 21.16 52.77 88.38
N SER N 144 22.19 52.74 87.51
CA SER N 144 23.55 52.85 88.00
C SER N 144 24.31 53.98 87.33
N LYS N 145 24.59 53.79 86.04
CA LYS N 145 24.90 54.83 85.06
C LYS N 145 26.15 55.65 85.46
N GLU N 146 27.30 54.97 85.45
CA GLU N 146 28.58 55.60 85.75
C GLU N 146 29.47 55.67 84.53
N LYS N 147 30.40 56.63 84.55
CA LYS N 147 31.29 56.89 83.42
C LYS N 147 32.51 56.00 83.50
N PRO N 148 32.88 55.29 82.42
CA PRO N 148 34.05 54.42 82.48
C PRO N 148 35.38 55.17 82.38
N GLN N 149 36.04 55.32 83.55
CA GLN N 149 37.39 55.84 83.80
C GLN N 149 37.81 57.08 83.04
N THR N 150 36.85 57.91 82.59
CA THR N 150 37.07 59.08 81.72
C THR N 150 37.97 58.79 80.51
N PHE N 151 37.95 57.53 80.05
CA PHE N 151 38.61 56.99 78.85
C PHE N 151 40.03 57.50 78.62
N ASP N 152 40.92 57.29 79.59
CA ASP N 152 42.34 57.40 79.27
C ASP N 152 42.72 56.14 78.50
N VAL N 153 42.54 56.20 77.18
CA VAL N 153 42.70 55.04 76.32
C VAL N 153 43.30 55.51 75.00
N LEU N 154 44.36 54.82 74.57
CA LEU N 154 44.99 55.10 73.30
C LEU N 154 44.31 54.39 72.14
N GLN N 155 43.56 53.32 72.42
CA GLN N 155 42.83 52.66 71.36
C GLN N 155 41.62 53.48 70.92
N GLY N 156 40.76 53.83 71.86
CA GLY N 156 39.52 54.52 71.54
C GLY N 156 39.68 56.02 71.65
N SER N 157 38.80 56.74 70.95
CA SER N 157 38.71 58.17 71.13
C SER N 157 37.74 58.48 72.26
N GLN N 158 38.03 59.54 73.00
CA GLN N 158 37.21 59.87 74.15
C GLN N 158 35.86 60.43 73.68
N PRO N 159 34.76 60.06 74.33
CA PRO N 159 33.44 60.38 73.82
C PRO N 159 32.92 61.74 74.28
N MET N 160 33.77 62.76 74.20
CA MET N 160 33.28 64.12 74.29
C MET N 160 33.48 64.85 72.98
N LEU N 161 34.72 64.99 72.51
CA LEU N 161 34.96 65.45 71.16
C LEU N 161 35.85 64.42 70.51
N GLY N 162 35.34 63.75 69.47
CA GLY N 162 35.94 62.52 69.00
C GLY N 162 37.31 62.69 68.40
N ALA N 163 37.47 63.72 67.56
CA ALA N 163 38.67 64.00 66.78
C ALA N 163 39.08 62.75 66.00
N ASN N 164 38.22 62.36 65.08
CA ASN N 164 38.33 61.07 64.40
C ASN N 164 39.49 61.08 63.45
N THR N 165 40.52 60.29 63.76
CA THR N 165 41.65 60.08 62.87
C THR N 165 41.58 58.62 62.45
N LYS N 166 41.07 58.36 61.26
CA LYS N 166 40.97 57.01 60.72
C LYS N 166 40.84 57.04 59.21
N ASN N 167 41.63 56.21 58.54
CA ASN N 167 41.16 55.57 57.32
C ASN N 167 41.15 54.06 57.48
N LEU N 168 42.23 53.51 58.02
CA LEU N 168 42.26 52.15 58.54
C LEU N 168 42.61 52.12 60.02
N HIS N 169 43.73 52.74 60.41
CA HIS N 169 44.30 52.47 61.72
C HIS N 169 44.69 53.69 62.55
N GLY N 170 44.46 54.92 62.08
CA GLY N 170 44.73 56.06 62.95
C GLY N 170 45.88 56.96 62.57
N TYR N 171 45.59 58.22 62.23
CA TYR N 171 46.56 59.16 61.69
C TYR N 171 47.57 59.62 62.74
N ASP N 172 47.11 60.46 63.69
CA ASP N 172 47.75 60.71 64.98
C ASP N 172 49.20 61.17 64.88
N VAL N 173 49.48 62.11 63.97
CA VAL N 173 50.86 62.49 63.68
C VAL N 173 51.04 64.01 63.73
N SER N 174 51.67 64.48 64.80
CA SER N 174 52.06 65.87 64.99
C SER N 174 53.05 65.94 66.15
N GLY N 175 53.78 67.05 66.21
CA GLY N 175 54.55 67.42 67.38
C GLY N 175 55.85 66.69 67.59
N ALA N 176 56.02 65.50 67.04
CA ALA N 176 57.24 64.73 67.18
C ALA N 176 58.22 64.96 66.04
N ASN N 177 58.13 66.11 65.38
CA ASN N 177 59.00 66.41 64.26
C ASN N 177 59.91 67.60 64.48
N ASN N 178 59.58 68.50 65.40
CA ASN N 178 60.46 69.61 65.69
C ASN N 178 61.75 69.14 66.32
N LYS N 179 61.68 68.06 67.10
CA LYS N 179 62.88 67.44 67.66
C LYS N 179 63.75 66.87 66.55
N GLN N 180 63.12 66.30 65.53
CA GLN N 180 63.84 65.76 64.39
C GLN N 180 64.47 66.86 63.56
N VAL N 181 63.75 67.98 63.39
CA VAL N 181 64.31 69.12 62.67
C VAL N 181 65.46 69.73 63.47
N ILE N 182 65.37 69.71 64.80
CA ILE N 182 66.48 70.12 65.66
C ILE N 182 67.69 69.22 65.44
N ASN N 183 67.44 67.92 65.27
CA ASN N 183 68.52 66.99 64.96
C ASN N 183 69.16 67.29 63.60
N GLU N 184 68.33 67.61 62.61
CA GLU N 184 68.86 67.93 61.29
C GLU N 184 69.68 69.21 61.31
N VAL N 185 69.23 70.20 62.07
CA VAL N 185 69.99 71.44 62.13
C VAL N 185 71.23 71.27 63.00
N ALA N 186 71.24 70.30 63.91
CA ALA N 186 72.46 70.04 64.67
C ALA N 186 73.50 69.35 63.80
N ARG N 187 73.07 68.41 62.95
CA ARG N 187 74.01 67.84 61.98
C ARG N 187 74.46 68.89 60.97
N GLU N 188 73.58 69.83 60.63
CA GLU N 188 73.96 70.94 59.77
C GLU N 188 74.98 71.85 60.44
N LYS N 189 74.81 72.09 61.73
CA LYS N 189 75.77 72.89 62.50
C LYS N 189 77.12 72.19 62.58
N ALA N 190 77.12 70.87 62.71
CA ALA N 190 78.37 70.13 62.73
C ALA N 190 79.07 70.19 61.39
N GLN N 191 78.32 70.09 60.29
CA GLN N 191 78.91 70.22 58.97
C GLN N 191 79.46 71.62 58.73
N LEU N 192 78.76 72.64 59.25
CA LEU N 192 79.26 74.00 59.11
C LEU N 192 80.51 74.23 59.93
N GLU N 193 80.60 73.61 61.11
CA GLU N 193 81.81 73.73 61.90
C GLU N 193 82.97 72.99 61.25
N LYS N 194 82.71 71.88 60.58
CA LYS N 194 83.76 71.18 59.85
C LYS N 194 84.25 72.02 58.67
N ILE N 195 83.32 72.65 57.94
CA ILE N 195 83.67 73.50 56.82
C ILE N 195 84.46 74.71 57.28
N ASN N 196 84.06 75.30 58.41
CA ASN N 196 84.81 76.41 58.97
C ASN N 196 86.18 75.98 59.48
N GLN N 197 86.28 74.76 60.00
CA GLN N 197 87.55 74.27 60.47
C GLN N 197 88.50 73.96 59.32
N TYR N 198 87.95 73.67 58.14
CA TYR N 198 88.78 73.57 56.95
C TYR N 198 89.18 74.97 56.51
N TYR N 199 90.27 75.44 57.09
CA TYR N 199 90.84 76.72 56.72
C TYR N 199 92.35 76.65 56.82
N LYS N 200 93.02 77.42 55.98
CA LYS N 200 94.46 77.58 56.04
C LYS N 200 94.87 79.01 56.26
N THR N 201 93.93 79.95 56.29
CA THR N 201 94.23 81.37 56.25
C THR N 201 94.03 82.09 57.58
N LEU N 202 93.05 81.68 58.38
CA LEU N 202 92.71 82.37 59.63
C LEU N 202 93.67 82.00 60.75
N LEU N 203 93.24 82.22 61.98
CA LEU N 203 94.09 82.08 63.16
C LEU N 203 94.66 80.68 63.32
N GLN N 204 95.98 80.62 63.44
CA GLN N 204 96.75 79.41 63.70
C GLN N 204 98.10 79.89 64.21
N ASP N 205 98.48 79.47 65.41
CA ASP N 205 99.59 80.11 66.12
C ASP N 205 100.91 79.82 65.41
N LYS N 206 101.60 80.88 65.02
CA LYS N 206 102.77 80.83 64.17
C LYS N 206 103.96 81.44 64.89
N GLU N 207 105.08 81.56 64.16
CA GLU N 207 106.28 82.14 64.71
C GLU N 207 106.12 83.65 64.89
N GLN N 208 107.11 84.26 65.54
CA GLN N 208 107.00 85.64 65.96
C GLN N 208 106.98 86.60 64.78
N GLU N 209 107.67 86.26 63.70
CA GLU N 209 107.66 87.08 62.49
C GLU N 209 106.28 87.16 61.87
N TYR N 210 105.51 86.07 61.93
CA TYR N 210 104.13 86.13 61.49
C TYR N 210 103.26 86.88 62.50
N THR N 211 103.39 86.52 63.78
CA THR N 211 102.41 86.96 64.75
C THR N 211 102.53 88.43 65.12
N THR N 212 103.75 88.99 65.10
CA THR N 212 103.87 90.42 65.38
C THR N 212 103.31 91.26 64.24
N ARG N 213 103.54 90.81 63.00
CA ARG N 213 102.90 91.44 61.86
C ARG N 213 101.38 91.32 61.95
N LYS N 214 100.88 90.18 62.42
CA LYS N 214 99.45 89.96 62.59
C LYS N 214 98.85 90.94 63.60
N ASN N 215 99.45 91.01 64.78
CA ASN N 215 98.97 91.88 65.85
C ASN N 215 99.06 93.35 65.45
N ASN N 216 100.10 93.71 64.68
CA ASN N 216 100.20 95.06 64.17
C ASN N 216 99.10 95.36 63.15
N GLN N 217 98.73 94.38 62.31
CA GLN N 217 97.67 94.67 61.34
C GLN N 217 96.33 94.83 62.04
N ARG N 218 96.08 94.00 63.05
CA ARG N 218 94.89 94.16 63.88
C ARG N 218 94.83 95.55 64.52
N GLU N 219 95.94 96.00 65.10
CA GLU N 219 95.90 97.26 65.86
C GLU N 219 95.79 98.46 64.94
N ILE N 220 96.65 98.54 63.91
CA ILE N 220 96.61 99.65 62.96
C ILE N 220 95.28 99.65 62.21
N LEU N 221 94.68 98.49 62.03
CA LEU N 221 93.43 98.39 61.32
C LEU N 221 92.24 98.77 62.19
N GLU N 222 92.27 98.47 63.48
CA GLU N 222 91.19 98.97 64.33
C GLU N 222 91.25 100.48 64.40
N THR N 223 92.45 101.06 64.38
CA THR N 223 92.56 102.52 64.27
C THR N 223 92.07 103.00 62.91
N LEU N 224 92.29 102.22 61.84
CA LEU N 224 91.83 102.63 60.52
C LEU N 224 90.31 102.56 60.41
N SER N 225 89.70 101.53 60.99
CA SER N 225 88.26 101.42 61.00
C SER N 225 87.64 102.55 61.82
N ASN N 226 88.29 102.92 62.93
CA ASN N 226 87.80 104.08 63.66
C ASN N 226 88.02 105.38 62.90
N ARG N 227 89.07 105.45 62.07
CA ARG N 227 89.27 106.65 61.27
C ARG N 227 88.23 106.78 60.17
N ALA N 228 87.88 105.68 59.51
CA ALA N 228 86.82 105.71 58.52
C ALA N 228 85.47 105.98 59.17
N GLY N 229 85.26 105.45 60.38
CA GLY N 229 84.08 105.78 61.14
C GLY N 229 84.03 107.24 61.55
N TYR N 230 85.18 107.83 61.81
CA TYR N 230 85.23 109.25 62.15
C TYR N 230 84.94 110.11 60.93
N GLN N 231 85.46 109.71 59.76
CA GLN N 231 85.18 110.46 58.54
C GLN N 231 83.73 110.28 58.07
N MET N 232 83.09 109.17 58.40
CA MET N 232 81.71 108.94 57.99
C MET N 232 80.69 109.47 59.01
N ARG N 233 81.00 109.36 60.30
CA ARG N 233 80.06 109.65 61.37
C ARG N 233 79.72 111.12 61.45
N GLN N 234 80.69 112.00 61.20
CA GLN N 234 80.47 113.43 61.21
C GLN N 234 80.31 113.90 59.77
N ASN N 235 79.20 113.54 59.15
CA ASN N 235 78.84 114.15 57.89
C ASN N 235 78.15 115.47 58.16
N VAL N 236 78.13 116.33 57.15
CA VAL N 236 77.40 117.60 57.27
C VAL N 236 75.91 117.33 57.32
N ILE N 237 75.45 116.24 56.69
CA ILE N 237 74.03 115.92 56.68
C ILE N 237 73.56 115.26 57.96
N SER N 238 74.45 114.74 58.78
CA SER N 238 74.06 113.94 59.94
C SER N 238 74.72 114.47 61.19
N SER N 239 74.36 113.82 62.31
CA SER N 239 74.98 114.02 63.62
C SER N 239 74.90 115.47 64.09
N GLU N 240 73.69 116.01 64.09
CA GLU N 240 73.49 117.42 64.41
C GLU N 240 72.11 117.56 65.06
N ILE N 241 71.61 118.80 65.10
CA ILE N 241 70.35 119.10 65.76
C ILE N 241 69.19 118.95 64.79
N PHE N 242 68.54 117.80 64.81
CA PHE N 242 67.24 117.61 64.20
C PHE N 242 66.12 117.92 65.17
N LYS N 243 66.45 118.47 66.32
CA LYS N 243 65.45 118.70 67.37
C LYS N 243 64.49 119.80 66.96
N ASN N 244 65.00 120.86 66.34
CA ASN N 244 64.11 121.86 65.76
C ASN N 244 63.40 121.31 64.53
N GLY N 245 64.07 120.44 63.77
CA GLY N 245 63.50 119.92 62.54
C GLY N 245 62.30 119.02 62.78
N ASN N 246 62.29 118.28 63.88
CA ASN N 246 61.09 117.56 64.26
C ASN N 246 60.22 118.32 65.25
N LEU N 247 60.74 119.39 65.87
CA LEU N 247 59.92 120.22 66.72
C LEU N 247 58.90 121.00 65.91
N ASN N 248 59.28 121.45 64.71
CA ASN N 248 58.31 122.10 63.84
C ASN N 248 57.26 121.11 63.34
N MET N 249 57.65 119.86 63.09
CA MET N 249 56.70 118.82 62.73
C MET N 249 55.74 118.54 63.88
N GLN N 250 56.26 118.54 65.10
CA GLN N 250 55.44 118.36 66.29
C GLN N 250 54.47 119.53 66.46
N ALA N 251 54.91 120.74 66.16
CA ALA N 251 54.05 121.91 66.30
C ALA N 251 52.92 121.88 65.28
N LYS N 252 53.22 121.54 64.02
CA LYS N 252 52.14 121.46 63.04
C LYS N 252 51.25 120.25 63.27
N GLU N 253 51.77 119.20 63.91
CA GLU N 253 50.93 118.10 64.35
C GLU N 253 49.94 118.55 65.42
N GLU N 254 50.42 119.32 66.40
CA GLU N 254 49.53 119.83 67.44
C GLU N 254 48.50 120.79 66.87
N GLU N 255 48.88 121.55 65.86
CA GLU N 255 47.94 122.48 65.26
C GLU N 255 46.88 121.77 64.42
N VAL N 256 47.25 120.72 63.69
CA VAL N 256 46.21 120.01 62.95
C VAL N 256 45.35 119.17 63.89
N ARG N 257 45.89 118.75 65.04
CA ARG N 257 45.05 118.12 66.05
C ARG N 257 44.09 119.14 66.67
N GLU N 258 44.56 120.36 66.84
CA GLU N 258 43.74 121.47 67.33
C GLU N 258 42.57 121.74 66.39
N LYS N 259 42.85 121.87 65.09
CA LYS N 259 41.77 122.09 64.13
C LYS N 259 40.90 120.85 63.97
N LEU N 260 41.47 119.68 64.21
CA LEU N 260 40.69 118.45 64.15
C LEU N 260 39.67 118.39 65.27
N GLN N 261 40.07 118.78 66.48
CA GLN N 261 39.11 118.84 67.57
C GLN N 261 38.16 120.02 67.42
N GLU N 262 38.59 121.06 66.71
CA GLU N 262 37.69 122.15 66.36
C GLU N 262 36.52 121.65 65.53
N GLU N 263 36.84 121.00 64.40
CA GLU N 263 35.82 120.41 63.56
C GLU N 263 35.13 119.22 64.23
N ARG N 264 35.70 118.67 65.30
CA ARG N 264 35.06 117.56 66.00
C ARG N 264 34.00 118.05 66.98
N GLU N 265 34.40 118.79 68.01
CA GLU N 265 33.39 119.20 68.98
C GLU N 265 32.80 120.57 68.66
N ASN N 266 32.84 120.97 67.39
CA ASN N 266 31.74 121.80 66.88
C ASN N 266 30.44 121.01 66.88
N GLU N 267 30.51 119.69 66.70
CA GLU N 267 29.31 118.86 66.62
C GLU N 267 29.28 117.74 67.64
N TYR N 268 30.35 117.50 68.38
CA TYR N 268 30.30 116.51 69.45
C TYR N 268 29.48 117.05 70.61
#